data_7PX0
#
_entry.id   7PX0
#
_cell.length_a   144.663
_cell.length_b   127.914
_cell.length_c   152.547
_cell.angle_alpha   90.000
_cell.angle_beta   110.629
_cell.angle_gamma   90.000
#
_symmetry.space_group_name_H-M   'P 1 21 1'
#
loop_
_entity.id
_entity.type
_entity.pdbx_description
1 polymer 'Aldehyde oxidase 1'
2 non-polymer 'FE2/S2 (INORGANIC) CLUSTER'
3 non-polymer 'PHOSPHONIC ACIDMONO-(2-AMINO-5,6-DIMERCAPTO-4-OXO-3,7,8A,9,10,10A-HEXAHYDRO-4H-8-OXA-1,3,9,10-TETRAAZA-ANTHRACEN-7-YLMETHYL)ESTER'
4 non-polymer 'DIOXOTHIOMOLYBDENUM(VI) ION'
5 non-polymer 'FLAVIN-ADENINE DINUCLEOTIDE'
6 non-polymer GLYCEROL
7 non-polymer DI(HYDROXYETHYL)ETHER
8 non-polymer 'AMMONIUM ION'
9 water water
#
_entity_poly.entity_id   1
_entity_poly.type   'polypeptide(L)'
_entity_poly.pdbx_seq_one_letter_code
;MAGRITINGTSHEVNLSALPADISLNTFIREYAGLTGTKFMCQEGGCGVCVCTLTGIHPETGELRTWAVNSCLTLLNTCL
GLEVTTSEGLGNKRVGYHAIQQRLAKMNGTQCGYCSPGIVMNMYGLLKSKGGKVTMEEVENSFGGNICRCTGYRPILDAM
KSFAVDSNIQVPAECIDIEDLSTKKCPKTGQTCSGSCKKQQPKGSQLYPDGSRWSWPVSLGDLFAALQGAVKEKLPYMLV
AGNTAHGVYRRSPDIKAFIDVSGLAELKGHKLSADNSSLTLGGNLSLSETMELCRQLENTKGFEYLSQVWQHLDWIANVP
VRNAGTLAGNLSIKHAHPEFPSDVFIVLEALDAQVIVQEAVDKQQTVSLASYLGSSMEGKIIRGLVLRAYPKERFAFDSY
KIMPRAQNAHAYVNAAFLVEFTADAKVKSARICFGGIHPEFVHATAIENLIRDKNPFENGLVEKAFGQLSTLLQPDAVLP
DASPVYRRKLACGLFYKFLLKIAAQRKQGLGSRFVTGGSLLKRPVSSGQQSFETFQEHYPVTKATEKHEGLIQCSGEATY
SNDLPTQHNQLWAAFVIAKKVGAKVTKVDTQPALDLPGVVAYLDAKDIPGPNYVGPKIRDQFFFPKDEELFATGEIKFYG
QPVGIILANSNSLANRAAELVKLTYEGGAEEILPSLKAVLDKVGSEAGNNKRLEQPIKSTIDVLQLEEPFDVSSSGQLDM
GLQYHYYMEPQTTVVLPFEGGLQVYAATQWMDLTQDTIANVLNLKSNDVQVKTRRIGGGYGGKATRCNLAAAAAALAAHK
LNRPIRFVQSLESIMTSLGKRWAFHCDYDFFVQKSGKISGIVSRFYEDAGYLANESPIGHTVLLSKNCYEFSDNYKLDGY
LVCTDSPSNTPCRAPGSVEGIAMMENIIEHIAFETGVDPADVRFANLLPAHKMGDMMPRFLESTKYRERKAEAIAHNKEN
RWHKRGLGLCIMEYQIGYFGQYPATVAIYHSDGTVVVSHGGIEMGQGMNTKISQVAAHTLGIPMEQVRIEASDTINGANS
MVTGGAVGSETLCFAVRKACETLNERLKPVREEVKPENWQDLIQEAYNRKINLIASDQCKQGDMDPYSVCGLCLTEVELD
VLTGNYIVGRVDILEDTGESLNPNVDIGQIEGAFMMGLGYWTSEQVIADPKTGECLTNRTWTYKPPGAKDIPTDLRIELL
PKSPNKAGFMRSKATGEPAICLSIAVAFALQQALQSARDDAGVPKSWVTLTAPMTPEHLVLHSGTEPSQFKLN
;
_entity_poly.pdbx_strand_id   A,B,C,D
#
# COMPACT_ATOMS: atom_id res chain seq x y z
N GLY A 3 -0.06 -66.61 9.17
CA GLY A 3 -0.01 -65.30 9.92
C GLY A 3 -1.19 -64.40 9.59
N ARG A 4 -1.91 -63.92 10.61
CA ARG A 4 -3.26 -63.30 10.47
C ARG A 4 -3.44 -62.12 11.45
N ILE A 5 -3.79 -60.94 10.95
CA ILE A 5 -4.23 -59.82 11.84
C ILE A 5 -5.46 -59.15 11.22
N THR A 6 -6.42 -58.71 12.04
CA THR A 6 -7.60 -57.90 11.61
C THR A 6 -7.36 -56.42 11.96
N ILE A 7 -7.58 -55.53 11.00
CA ILE A 7 -7.48 -54.06 11.21
C ILE A 7 -8.76 -53.42 10.69
N ASN A 8 -9.53 -52.77 11.59
CA ASN A 8 -10.73 -51.96 11.22
C ASN A 8 -11.73 -52.85 10.48
N GLY A 9 -11.89 -54.10 10.92
CA GLY A 9 -12.91 -55.05 10.44
C GLY A 9 -12.48 -55.84 9.22
N THR A 10 -11.29 -55.62 8.67
CA THR A 10 -10.73 -56.25 7.44
C THR A 10 -9.56 -57.17 7.84
N SER A 11 -9.60 -58.39 7.34
CA SER A 11 -8.55 -59.42 7.57
C SER A 11 -7.34 -59.13 6.65
N HIS A 12 -6.13 -59.28 7.19
CA HIS A 12 -4.84 -59.20 6.47
C HIS A 12 -4.08 -60.51 6.70
N GLU A 13 -3.75 -61.23 5.62
CA GLU A 13 -2.79 -62.35 5.67
C GLU A 13 -1.39 -61.75 5.82
N VAL A 14 -0.66 -62.17 6.84
CA VAL A 14 0.72 -61.71 7.20
C VAL A 14 1.68 -62.82 6.83
N ASN A 15 2.55 -62.60 5.86
CA ASN A 15 3.66 -63.53 5.57
C ASN A 15 4.83 -63.12 6.48
N LEU A 16 4.99 -63.81 7.60
CA LEU A 16 5.96 -63.51 8.68
C LEU A 16 7.41 -63.59 8.15
N SER A 17 7.78 -64.70 7.48
CA SER A 17 9.13 -64.96 6.89
C SER A 17 9.67 -63.69 6.19
N ALA A 18 8.79 -62.95 5.51
CA ALA A 18 9.09 -61.75 4.70
C ALA A 18 9.23 -60.48 5.55
N LEU A 19 8.76 -60.47 6.81
CA LEU A 19 8.78 -59.24 7.66
C LEU A 19 9.95 -59.33 8.63
N PRO A 20 10.49 -58.18 9.11
CA PRO A 20 11.40 -58.21 10.25
C PRO A 20 10.75 -58.94 11.45
N ALA A 21 11.58 -59.66 12.20
CA ALA A 21 11.14 -60.39 13.41
C ALA A 21 10.61 -59.36 14.40
N ASP A 22 11.26 -58.19 14.46
CA ASP A 22 10.95 -57.12 15.44
C ASP A 22 10.13 -55.97 14.82
N ILE A 23 9.36 -56.20 13.76
CA ILE A 23 8.48 -55.14 13.18
C ILE A 23 7.40 -54.75 14.21
N SER A 24 7.21 -53.45 14.41
CA SER A 24 6.22 -52.84 15.33
C SER A 24 4.84 -52.86 14.66
N LEU A 25 3.78 -52.79 15.47
CA LEU A 25 2.38 -52.68 14.98
C LEU A 25 2.23 -51.37 14.20
N ASN A 26 2.92 -50.31 14.64
CA ASN A 26 2.96 -49.02 13.93
C ASN A 26 3.47 -49.21 12.50
N THR A 27 4.66 -49.77 12.31
CA THR A 27 5.26 -49.98 10.97
C THR A 27 4.29 -50.79 10.12
N PHE A 28 3.64 -51.78 10.71
CA PHE A 28 2.72 -52.65 9.97
C PHE A 28 1.49 -51.84 9.56
N ILE A 29 0.89 -51.11 10.50
CA ILE A 29 -0.32 -50.28 10.24
C ILE A 29 -0.02 -49.30 9.09
N ARG A 30 1.11 -48.59 9.15
CA ARG A 30 1.41 -47.43 8.25
C ARG A 30 1.84 -47.93 6.87
N GLU A 31 2.73 -48.93 6.80
CA GLU A 31 3.48 -49.30 5.57
C GLU A 31 2.91 -50.54 4.88
N TYR A 32 2.19 -51.41 5.59
CA TYR A 32 1.65 -52.68 5.04
C TYR A 32 0.13 -52.60 4.89
N ALA A 33 -0.60 -52.09 5.89
CA ALA A 33 -2.05 -51.82 5.76
C ALA A 33 -2.26 -50.47 5.07
N GLY A 34 -1.28 -49.58 5.07
CA GLY A 34 -1.35 -48.32 4.31
C GLY A 34 -2.22 -47.29 4.99
N LEU A 35 -2.46 -47.40 6.31
CA LEU A 35 -3.32 -46.49 7.08
C LEU A 35 -2.46 -45.50 7.86
N THR A 36 -2.44 -44.24 7.45
CA THR A 36 -1.47 -43.22 7.91
C THR A 36 -2.07 -42.34 9.02
N GLY A 37 -3.30 -42.60 9.41
CA GLY A 37 -3.94 -41.95 10.57
C GLY A 37 -3.09 -42.11 11.82
N THR A 38 -2.57 -43.30 12.06
CA THR A 38 -1.76 -43.60 13.27
C THR A 38 -0.36 -43.03 13.06
N LYS A 39 0.03 -42.03 13.85
CA LYS A 39 1.31 -41.31 13.64
C LYS A 39 2.45 -41.99 14.41
N PHE A 40 3.64 -41.40 14.38
CA PHE A 40 4.72 -41.68 15.34
C PHE A 40 5.52 -40.39 15.45
N MET A 41 6.27 -40.31 16.52
CA MET A 41 7.17 -39.20 16.86
C MET A 41 8.29 -39.71 17.80
N CYS A 42 7.95 -40.09 19.05
CA CYS A 42 8.98 -40.49 20.06
C CYS A 42 9.45 -41.95 19.86
N GLN A 43 8.60 -42.83 19.35
CA GLN A 43 8.95 -44.28 19.19
C GLN A 43 9.25 -44.95 20.55
N GLU A 44 8.82 -44.41 21.70
CA GLU A 44 9.23 -44.95 23.02
C GLU A 44 8.10 -44.90 24.07
N GLY A 45 6.85 -44.66 23.69
CA GLY A 45 5.69 -44.79 24.59
C GLY A 45 5.33 -43.49 25.30
N GLY A 46 6.09 -42.42 25.08
CA GLY A 46 5.97 -41.21 25.90
C GLY A 46 4.96 -40.19 25.37
N CYS A 47 4.63 -40.21 24.07
CA CYS A 47 3.96 -39.05 23.39
C CYS A 47 2.50 -39.35 23.02
N GLY A 48 2.15 -40.58 22.67
CA GLY A 48 0.75 -41.01 22.39
C GLY A 48 0.25 -40.83 20.96
N VAL A 49 1.07 -40.31 20.01
CA VAL A 49 0.52 -40.00 18.65
C VAL A 49 0.22 -41.31 17.92
N CYS A 50 0.80 -42.43 18.39
CA CYS A 50 0.72 -43.75 17.71
C CYS A 50 -0.35 -44.63 18.36
N VAL A 51 -1.12 -44.10 19.31
CA VAL A 51 -2.05 -44.93 20.11
C VAL A 51 -3.16 -45.48 19.21
N CYS A 52 -3.38 -46.80 19.29
CA CYS A 52 -4.53 -47.51 18.69
C CYS A 52 -5.12 -48.44 19.76
N THR A 53 -6.18 -49.19 19.45
CA THR A 53 -6.77 -50.20 20.38
C THR A 53 -6.62 -51.61 19.80
N LEU A 54 -6.43 -52.58 20.67
CA LEU A 54 -6.56 -54.02 20.36
C LEU A 54 -7.87 -54.52 20.98
N THR A 55 -8.50 -55.50 20.35
CA THR A 55 -9.68 -56.23 20.87
C THR A 55 -9.34 -57.72 20.79
N GLY A 56 -9.60 -58.46 21.89
CA GLY A 56 -9.41 -59.91 22.02
C GLY A 56 -10.33 -60.51 23.07
N ILE A 57 -10.34 -61.84 23.19
CA ILE A 57 -11.24 -62.59 24.11
C ILE A 57 -10.61 -62.62 25.51
N THR A 61 -13.00 -65.72 30.89
CA THR A 61 -14.33 -65.06 30.89
C THR A 61 -15.04 -65.26 29.53
N GLY A 62 -14.30 -65.37 28.43
CA GLY A 62 -14.84 -65.53 27.07
C GLY A 62 -15.53 -64.27 26.57
N GLU A 63 -15.18 -63.11 27.13
CA GLU A 63 -15.77 -61.78 26.77
C GLU A 63 -14.76 -60.96 25.97
N LEU A 64 -15.23 -60.02 25.15
CA LEU A 64 -14.36 -59.12 24.36
C LEU A 64 -13.86 -57.99 25.26
N ARG A 65 -12.54 -57.87 25.40
CA ARG A 65 -11.84 -56.72 26.01
C ARG A 65 -11.22 -55.88 24.88
N THR A 66 -11.35 -54.56 24.97
CA THR A 66 -10.66 -53.58 24.11
C THR A 66 -9.82 -52.69 25.04
N TRP A 67 -8.56 -52.48 24.68
CA TRP A 67 -7.61 -51.62 25.42
C TRP A 67 -6.72 -50.84 24.42
N ALA A 68 -6.31 -49.63 24.77
CA ALA A 68 -5.32 -48.83 24.02
C ALA A 68 -3.92 -49.41 24.20
N VAL A 69 -3.11 -49.37 23.15
CA VAL A 69 -1.64 -49.67 23.21
C VAL A 69 -0.91 -48.58 22.42
N ASN A 70 0.38 -48.43 22.69
CA ASN A 70 1.30 -47.63 21.84
C ASN A 70 1.72 -48.48 20.65
N SER A 71 1.27 -48.17 19.44
CA SER A 71 1.62 -48.97 18.23
C SER A 71 3.15 -48.98 18.01
N CYS A 72 3.90 -47.96 18.45
CA CYS A 72 5.38 -47.86 18.30
C CYS A 72 6.11 -48.96 19.11
N LEU A 73 5.55 -49.37 20.26
CA LEU A 73 6.14 -50.36 21.20
C LEU A 73 5.58 -51.76 20.92
N THR A 74 4.27 -51.90 20.75
CA THR A 74 3.65 -53.22 20.55
C THR A 74 4.30 -53.88 19.32
N LEU A 75 4.76 -55.13 19.48
CA LEU A 75 5.29 -55.96 18.35
C LEU A 75 4.14 -56.64 17.64
N LEU A 76 4.11 -56.49 16.31
CA LEU A 76 3.13 -57.16 15.41
C LEU A 76 2.91 -58.61 15.81
N ASN A 77 3.98 -59.35 16.07
CA ASN A 77 3.92 -60.83 16.24
C ASN A 77 3.13 -61.18 17.50
N THR A 78 2.96 -60.26 18.46
CA THR A 78 2.11 -60.51 19.66
C THR A 78 0.64 -60.14 19.38
N CYS A 79 0.32 -59.60 18.21
CA CYS A 79 -1.06 -59.12 17.91
C CYS A 79 -1.81 -60.10 17.00
N LEU A 80 -1.19 -61.20 16.60
CA LEU A 80 -1.79 -62.16 15.63
C LEU A 80 -3.15 -62.59 16.19
N GLY A 81 -4.17 -62.56 15.35
CA GLY A 81 -5.55 -62.95 15.71
C GLY A 81 -6.33 -61.86 16.44
N LEU A 82 -5.70 -60.76 16.84
CA LEU A 82 -6.41 -59.65 17.51
C LEU A 82 -7.03 -58.77 16.42
N GLU A 83 -8.01 -57.97 16.81
CA GLU A 83 -8.59 -56.89 15.96
C GLU A 83 -7.98 -55.55 16.39
N VAL A 84 -7.33 -54.86 15.46
CA VAL A 84 -6.68 -53.54 15.64
C VAL A 84 -7.68 -52.48 15.17
N THR A 85 -7.93 -51.45 15.98
CA THR A 85 -8.78 -50.30 15.57
C THR A 85 -7.94 -49.02 15.53
N THR A 86 -8.01 -48.28 14.43
CA THR A 86 -7.39 -46.94 14.29
C THR A 86 -8.54 -45.94 14.12
N SER A 87 -8.22 -44.64 14.04
CA SER A 87 -9.25 -43.59 13.91
C SER A 87 -10.08 -43.83 12.65
N GLU A 88 -9.42 -44.18 11.54
CA GLU A 88 -10.09 -44.48 10.26
C GLU A 88 -11.18 -45.55 10.47
N GLY A 89 -10.96 -46.45 11.43
CA GLY A 89 -11.89 -47.54 11.78
C GLY A 89 -13.17 -47.04 12.41
N LEU A 90 -13.17 -45.84 12.99
CA LEU A 90 -14.36 -45.35 13.73
C LEU A 90 -15.27 -44.54 12.81
N GLY A 91 -14.76 -43.92 11.75
CA GLY A 91 -15.59 -43.11 10.85
C GLY A 91 -14.78 -42.42 9.78
N ASN A 92 -15.46 -41.84 8.80
CA ASN A 92 -14.82 -41.11 7.67
C ASN A 92 -15.90 -40.24 7.05
N LYS A 93 -15.53 -39.38 6.09
CA LYS A 93 -16.49 -38.43 5.47
C LYS A 93 -17.73 -39.17 4.94
N ARG A 94 -17.53 -40.29 4.25
CA ARG A 94 -18.64 -40.94 3.50
C ARG A 94 -19.62 -41.60 4.49
N VAL A 95 -19.13 -42.43 5.42
CA VAL A 95 -19.99 -43.27 6.30
C VAL A 95 -20.43 -42.45 7.52
N GLY A 96 -19.88 -41.24 7.72
CA GLY A 96 -20.17 -40.44 8.94
C GLY A 96 -19.08 -40.62 9.99
N TYR A 97 -18.75 -39.53 10.65
CA TYR A 97 -17.69 -39.45 11.67
C TYR A 97 -18.23 -40.03 12.96
N HIS A 98 -17.34 -40.67 13.73
CA HIS A 98 -17.67 -41.23 15.07
C HIS A 98 -17.97 -40.08 16.04
N ALA A 99 -18.89 -40.32 16.99
CA ALA A 99 -19.19 -39.41 18.11
C ALA A 99 -17.91 -38.77 18.66
N ILE A 100 -16.89 -39.56 19.01
CA ILE A 100 -15.60 -39.06 19.60
C ILE A 100 -14.87 -38.13 18.61
N GLN A 101 -14.74 -38.52 17.35
CA GLN A 101 -14.11 -37.69 16.28
C GLN A 101 -14.85 -36.35 16.19
N GLN A 102 -16.16 -36.42 16.09
CA GLN A 102 -17.04 -35.24 15.90
C GLN A 102 -17.02 -34.36 17.14
N ARG A 103 -16.95 -34.94 18.35
CA ARG A 103 -16.99 -34.16 19.60
C ARG A 103 -15.68 -33.36 19.73
N LEU A 104 -14.55 -33.99 19.42
CA LEU A 104 -13.21 -33.33 19.45
C LEU A 104 -13.14 -32.19 18.41
N ALA A 105 -13.73 -32.35 17.22
CA ALA A 105 -13.67 -31.31 16.19
C ALA A 105 -14.62 -30.17 16.57
N LYS A 106 -15.86 -30.48 16.95
CA LYS A 106 -16.91 -29.44 17.07
C LYS A 106 -16.67 -28.63 18.36
N MET A 107 -15.88 -29.15 19.30
CA MET A 107 -15.59 -28.46 20.57
C MET A 107 -14.17 -27.91 20.60
N ASN A 108 -13.53 -27.79 19.44
CA ASN A 108 -12.35 -26.92 19.20
C ASN A 108 -11.11 -27.52 19.85
N GLY A 109 -10.94 -28.84 19.75
CA GLY A 109 -9.89 -29.61 20.45
C GLY A 109 -8.86 -30.15 19.50
N THR A 110 -8.73 -29.57 18.31
CA THR A 110 -7.71 -29.97 17.31
C THR A 110 -7.16 -28.73 16.60
N GLN A 111 -5.85 -28.58 16.60
CA GLN A 111 -5.16 -27.45 15.92
C GLN A 111 -4.33 -28.04 14.80
N CYS A 112 -3.05 -28.35 15.02
CA CYS A 112 -2.18 -28.99 13.99
C CYS A 112 -2.75 -30.35 13.63
N GLY A 113 -3.33 -31.06 14.61
CA GLY A 113 -4.11 -32.28 14.38
C GLY A 113 -3.27 -33.54 14.52
N TYR A 114 -1.97 -33.42 14.77
CA TYR A 114 -1.09 -34.59 14.71
C TYR A 114 -1.36 -35.57 15.85
N CYS A 115 -1.79 -35.06 17.01
CA CYS A 115 -2.17 -35.83 18.24
C CYS A 115 -3.63 -36.30 18.19
N SER A 116 -4.44 -35.81 17.25
CA SER A 116 -5.91 -35.97 17.34
C SER A 116 -6.31 -37.44 17.19
N PRO A 117 -5.77 -38.22 16.23
CA PRO A 117 -6.13 -39.63 16.12
C PRO A 117 -5.74 -40.42 17.38
N GLY A 118 -4.56 -40.13 17.93
CA GLY A 118 -4.05 -40.79 19.14
C GLY A 118 -4.95 -40.54 20.34
N ILE A 119 -5.50 -39.32 20.43
CA ILE A 119 -6.47 -38.84 21.47
C ILE A 119 -7.78 -39.61 21.27
N VAL A 120 -8.29 -39.64 20.06
CA VAL A 120 -9.58 -40.31 19.75
C VAL A 120 -9.48 -41.78 20.16
N MET A 121 -8.40 -42.46 19.80
CA MET A 121 -8.27 -43.91 20.04
C MET A 121 -8.02 -44.16 21.54
N ASN A 122 -7.37 -43.24 22.23
CA ASN A 122 -7.22 -43.37 23.70
C ASN A 122 -8.61 -43.35 24.33
N MET A 123 -9.45 -42.41 23.94
CA MET A 123 -10.80 -42.23 24.50
C MET A 123 -11.60 -43.50 24.18
N TYR A 124 -11.58 -43.94 22.92
CA TYR A 124 -12.24 -45.19 22.47
C TYR A 124 -11.77 -46.34 23.37
N GLY A 125 -10.46 -46.48 23.59
CA GLY A 125 -9.94 -47.54 24.47
C GLY A 125 -10.57 -47.45 25.85
N LEU A 126 -10.60 -46.24 26.40
CA LEU A 126 -11.07 -45.98 27.77
C LEU A 126 -12.55 -46.36 27.84
N LEU A 127 -13.35 -45.83 26.93
CA LEU A 127 -14.82 -46.02 26.97
C LEU A 127 -15.10 -47.52 26.85
N LYS A 128 -14.42 -48.21 25.93
CA LYS A 128 -14.69 -49.65 25.67
C LYS A 128 -14.29 -50.48 26.89
N SER A 129 -13.17 -50.18 27.54
CA SER A 129 -12.65 -50.96 28.70
C SER A 129 -13.61 -50.81 29.88
N LYS A 130 -14.50 -49.81 29.88
CA LYS A 130 -15.34 -49.44 31.03
C LYS A 130 -16.82 -49.59 30.66
N GLY A 131 -17.10 -50.34 29.61
CA GLY A 131 -18.47 -50.56 29.11
C GLY A 131 -19.20 -49.25 28.86
N GLY A 132 -18.49 -48.18 28.49
CA GLY A 132 -19.08 -46.87 28.11
C GLY A 132 -19.40 -45.99 29.31
N LYS A 133 -19.04 -46.39 30.53
CA LYS A 133 -19.37 -45.63 31.77
C LYS A 133 -18.07 -45.14 32.43
N VAL A 134 -17.82 -43.84 32.36
CA VAL A 134 -16.63 -43.19 32.98
C VAL A 134 -17.11 -41.92 33.67
N THR A 135 -16.33 -41.44 34.64
CA THR A 135 -16.53 -40.15 35.34
C THR A 135 -15.64 -39.11 34.66
N MET A 136 -15.94 -37.82 34.87
CA MET A 136 -15.12 -36.72 34.33
C MET A 136 -13.71 -36.87 34.90
N GLU A 137 -13.62 -37.18 36.19
CA GLU A 137 -12.34 -37.37 36.89
C GLU A 137 -11.50 -38.45 36.17
N GLU A 138 -12.11 -39.58 35.85
CA GLU A 138 -11.41 -40.72 35.17
C GLU A 138 -10.92 -40.28 33.79
N VAL A 139 -11.78 -39.60 33.06
CA VAL A 139 -11.43 -39.06 31.73
C VAL A 139 -10.19 -38.17 31.88
N GLU A 140 -10.21 -37.18 32.78
CA GLU A 140 -9.07 -36.24 33.01
C GLU A 140 -7.81 -36.98 33.46
N ASN A 141 -7.95 -38.16 34.06
CA ASN A 141 -6.82 -38.96 34.58
C ASN A 141 -6.12 -39.80 33.51
N SER A 142 -6.68 -39.87 32.30
CA SER A 142 -6.42 -40.95 31.32
C SER A 142 -5.58 -40.51 30.12
N PHE A 143 -5.15 -39.24 30.06
CA PHE A 143 -4.47 -38.65 28.87
C PHE A 143 -3.04 -38.23 29.22
N GLY A 144 -2.46 -38.87 30.23
CA GLY A 144 -1.06 -38.67 30.65
C GLY A 144 -0.10 -39.07 29.53
N GLY A 145 -0.50 -40.03 28.68
CA GLY A 145 0.31 -40.52 27.55
C GLY A 145 0.10 -39.75 26.25
N ASN A 146 -0.80 -38.76 26.19
CA ASN A 146 -1.09 -37.95 24.97
C ASN A 146 -0.56 -36.53 25.18
N ILE A 147 0.56 -36.21 24.57
CA ILE A 147 1.08 -34.82 24.59
C ILE A 147 0.45 -34.06 23.42
N CYS A 148 -0.16 -32.93 23.74
CA CYS A 148 -0.62 -31.91 22.77
C CYS A 148 0.14 -30.62 23.06
N ARG A 149 0.78 -30.08 22.03
CA ARG A 149 1.65 -28.88 22.08
C ARG A 149 0.89 -27.62 21.58
N CYS A 150 -0.35 -27.78 21.09
CA CYS A 150 -1.15 -26.69 20.43
C CYS A 150 -2.29 -26.19 21.32
N THR A 151 -3.07 -27.06 21.98
CA THR A 151 -4.42 -26.70 22.50
C THR A 151 -4.40 -26.23 23.95
N GLY A 152 -3.36 -26.54 24.71
CA GLY A 152 -3.40 -26.34 26.17
C GLY A 152 -4.43 -27.25 26.82
N TYR A 153 -4.92 -28.24 26.06
CA TYR A 153 -5.67 -29.43 26.53
C TYR A 153 -7.10 -29.13 26.96
N ARG A 154 -7.38 -27.97 27.55
CA ARG A 154 -8.73 -27.57 28.00
C ARG A 154 -9.81 -28.04 27.03
N PRO A 155 -9.84 -27.67 25.73
CA PRO A 155 -10.93 -28.10 24.85
C PRO A 155 -10.93 -29.63 24.65
N ILE A 156 -9.78 -30.28 24.69
CA ILE A 156 -9.67 -31.77 24.57
C ILE A 156 -10.40 -32.38 25.77
N LEU A 157 -10.09 -31.86 26.96
CA LEU A 157 -10.71 -32.32 28.22
C LEU A 157 -12.22 -32.01 28.21
N ASP A 158 -12.69 -30.85 27.73
CA ASP A 158 -14.15 -30.53 27.66
C ASP A 158 -14.84 -31.58 26.75
N ALA A 159 -14.32 -31.79 25.54
CA ALA A 159 -14.83 -32.76 24.55
C ALA A 159 -14.88 -34.18 25.14
N MET A 160 -13.79 -34.68 25.70
CA MET A 160 -13.77 -36.09 26.18
C MET A 160 -14.59 -36.23 27.47
N LYS A 161 -14.61 -35.20 28.33
CA LYS A 161 -15.38 -35.25 29.60
C LYS A 161 -16.89 -35.34 29.31
N SER A 162 -17.34 -34.82 28.17
CA SER A 162 -18.79 -34.74 27.87
C SER A 162 -19.35 -36.14 27.65
N PHE A 163 -18.51 -37.18 27.56
CA PHE A 163 -18.95 -38.60 27.40
C PHE A 163 -19.18 -39.24 28.76
N ALA A 164 -18.81 -38.57 29.85
CA ALA A 164 -18.87 -39.10 31.23
C ALA A 164 -20.33 -39.16 31.74
N VAL A 165 -20.62 -40.09 32.66
CA VAL A 165 -22.00 -40.24 33.24
C VAL A 165 -22.36 -38.96 34.02
N ASP A 166 -21.35 -38.31 34.60
CA ASP A 166 -21.52 -37.12 35.47
C ASP A 166 -21.18 -35.85 34.67
N SER A 167 -21.13 -35.92 33.33
CA SER A 167 -20.73 -34.74 32.51
C SER A 167 -21.55 -33.53 32.93
N ASN A 168 -20.90 -32.39 33.11
CA ASN A 168 -21.56 -31.06 33.28
C ASN A 168 -21.18 -30.15 32.10
N ILE A 169 -20.68 -30.73 31.02
CA ILE A 169 -20.16 -30.01 29.81
C ILE A 169 -21.31 -29.66 28.85
N GLN A 170 -21.35 -28.41 28.39
CA GLN A 170 -22.25 -27.95 27.30
C GLN A 170 -21.75 -28.52 25.97
N VAL A 171 -22.52 -29.40 25.32
CA VAL A 171 -22.17 -30.04 24.02
C VAL A 171 -22.93 -29.30 22.92
N PRO A 172 -22.29 -28.86 21.81
CA PRO A 172 -23.03 -28.29 20.69
C PRO A 172 -24.14 -29.23 20.18
N ALA A 173 -25.29 -28.66 19.77
CA ALA A 173 -26.53 -29.40 19.42
C ALA A 173 -26.35 -30.26 18.16
N GLU A 174 -25.42 -29.96 17.25
CA GLU A 174 -25.16 -30.78 16.03
C GLU A 174 -24.36 -32.05 16.37
N CYS A 175 -23.81 -32.19 17.57
CA CYS A 175 -23.01 -33.38 17.95
C CYS A 175 -23.92 -34.60 18.07
N ILE A 176 -23.54 -35.72 17.44
CA ILE A 176 -24.29 -37.01 17.50
C ILE A 176 -23.95 -37.75 18.79
N ASP A 177 -24.78 -38.75 19.08
CA ASP A 177 -24.70 -39.58 20.30
C ASP A 177 -23.80 -40.78 20.02
N ILE A 178 -23.00 -41.14 21.02
CA ILE A 178 -22.16 -42.36 20.97
C ILE A 178 -23.11 -43.58 20.93
N GLU A 179 -22.67 -44.62 20.22
CA GLU A 179 -23.30 -45.96 20.20
C GLU A 179 -23.27 -46.54 21.62
N ASP A 180 -23.96 -47.67 21.83
CA ASP A 180 -23.89 -48.46 23.08
C ASP A 180 -22.57 -49.23 23.12
N LEU A 181 -21.72 -48.93 24.10
CA LEU A 181 -20.40 -49.58 24.28
C LEU A 181 -20.44 -50.57 25.45
N SER A 182 -21.61 -50.82 26.06
CA SER A 182 -21.77 -51.71 27.25
C SER A 182 -21.48 -53.16 26.84
N THR A 183 -20.71 -53.91 27.66
CA THR A 183 -20.24 -55.29 27.39
C THR A 183 -21.42 -56.26 27.47
N CYS A 197 -12.04 -60.86 18.43
CA CYS A 197 -11.45 -62.01 17.67
C CYS A 197 -10.46 -62.77 18.59
N LYS A 198 -10.25 -64.08 18.36
CA LYS A 198 -9.44 -64.98 19.25
C LYS A 198 -7.94 -64.87 18.92
N LYS A 199 -7.09 -64.89 19.95
CA LYS A 199 -5.61 -64.76 19.79
C LYS A 199 -5.08 -65.99 19.04
N GLN A 200 -4.36 -65.77 17.93
CA GLN A 200 -3.73 -66.81 17.08
C GLN A 200 -2.38 -67.19 17.70
N GLN A 201 -2.17 -68.50 17.91
CA GLN A 201 -0.97 -69.05 18.59
C GLN A 201 -0.49 -70.27 17.82
N PRO A 202 0.19 -70.05 16.66
CA PRO A 202 0.78 -71.15 15.89
C PRO A 202 1.67 -72.05 16.76
N LYS A 203 1.83 -73.31 16.32
CA LYS A 203 2.62 -74.36 17.02
C LYS A 203 4.05 -74.38 16.47
N GLY A 204 5.00 -74.74 17.34
CA GLY A 204 6.45 -74.64 17.08
C GLY A 204 6.86 -73.20 16.85
N SER A 205 8.05 -73.03 16.26
CA SER A 205 8.69 -71.73 15.99
C SER A 205 8.23 -71.12 14.66
N GLN A 206 8.79 -69.97 14.31
CA GLN A 206 8.86 -69.40 12.95
C GLN A 206 10.27 -68.86 12.79
N LEU A 207 11.04 -69.40 11.83
CA LEU A 207 12.43 -68.97 11.58
C LEU A 207 12.43 -67.74 10.67
N TYR A 208 13.51 -66.98 10.71
CA TYR A 208 13.73 -65.72 9.96
C TYR A 208 15.09 -65.82 9.28
N PRO A 209 15.20 -65.35 8.01
CA PRO A 209 16.49 -65.27 7.31
C PRO A 209 17.70 -64.90 8.17
N ASP A 210 17.54 -63.95 9.11
CA ASP A 210 18.62 -63.41 9.99
C ASP A 210 18.88 -64.33 11.18
N GLY A 211 18.23 -65.49 11.27
CA GLY A 211 18.45 -66.50 12.32
C GLY A 211 17.64 -66.26 13.59
N SER A 212 16.53 -65.50 13.49
CA SER A 212 15.60 -65.13 14.59
C SER A 212 14.47 -66.15 14.64
N ARG A 213 13.86 -66.33 15.82
CA ARG A 213 12.75 -67.29 16.07
C ARG A 213 11.67 -66.59 16.89
N TRP A 214 10.41 -66.83 16.52
CA TRP A 214 9.25 -66.52 17.36
C TRP A 214 8.61 -67.85 17.80
N SER A 215 8.20 -67.95 19.06
CA SER A 215 7.33 -69.04 19.56
C SER A 215 6.13 -68.41 20.26
N TRP A 216 4.97 -69.04 20.10
CA TRP A 216 3.69 -68.60 20.72
C TRP A 216 3.21 -69.69 21.67
N PRO A 217 3.93 -69.95 22.79
CA PRO A 217 3.52 -70.99 23.74
C PRO A 217 2.15 -70.75 24.35
N VAL A 218 1.34 -71.81 24.42
CA VAL A 218 -0.03 -71.83 24.99
C VAL A 218 0.01 -72.34 26.43
N SER A 219 0.96 -73.23 26.74
CA SER A 219 1.13 -73.83 28.08
C SER A 219 2.53 -73.51 28.59
N LEU A 220 2.78 -73.76 29.88
CA LEU A 220 4.10 -73.54 30.50
C LEU A 220 5.10 -74.59 30.00
N GLY A 221 4.61 -75.82 29.75
CA GLY A 221 5.35 -76.85 28.98
C GLY A 221 5.92 -76.29 27.69
N ASP A 222 5.06 -75.75 26.82
CA ASP A 222 5.44 -75.07 25.56
C ASP A 222 6.49 -73.97 25.85
N LEU A 223 6.27 -73.15 26.88
CA LEU A 223 7.18 -72.00 27.19
C LEU A 223 8.57 -72.55 27.48
N PHE A 224 8.66 -73.57 28.34
CA PHE A 224 9.94 -74.13 28.83
C PHE A 224 10.62 -74.90 27.68
N ALA A 225 9.86 -75.56 26.81
CA ALA A 225 10.36 -76.12 25.54
C ALA A 225 11.09 -75.00 24.75
N ALA A 226 10.36 -73.95 24.37
CA ALA A 226 10.92 -72.77 23.65
C ALA A 226 12.13 -72.20 24.40
N LEU A 227 12.01 -72.04 25.72
CA LEU A 227 13.03 -71.32 26.53
C LEU A 227 14.31 -72.17 26.63
N GLN A 228 14.15 -73.48 26.92
CA GLN A 228 15.25 -74.48 26.97
C GLN A 228 15.93 -74.55 25.59
N GLY A 229 15.09 -74.67 24.54
CA GLY A 229 15.47 -74.50 23.13
C GLY A 229 16.46 -73.35 22.94
N ALA A 230 16.04 -72.10 23.21
CA ALA A 230 16.86 -70.87 23.08
C ALA A 230 18.17 -70.96 23.88
N VAL A 231 18.12 -71.49 25.11
CA VAL A 231 19.32 -71.56 26.01
C VAL A 231 20.35 -72.53 25.43
N LYS A 232 19.93 -73.71 24.97
CA LYS A 232 20.83 -74.81 24.51
C LYS A 232 21.52 -74.46 23.19
N GLU A 233 20.88 -73.65 22.33
CA GLU A 233 21.43 -73.22 21.01
C GLU A 233 22.15 -71.88 21.16
N LYS A 234 22.26 -71.40 22.40
CA LYS A 234 23.02 -70.18 22.80
C LYS A 234 22.46 -68.97 22.01
N LEU A 235 21.13 -68.90 21.93
CA LEU A 235 20.39 -67.73 21.40
C LEU A 235 20.01 -66.81 22.57
N PRO A 236 20.42 -65.52 22.53
CA PRO A 236 19.81 -64.51 23.40
C PRO A 236 18.28 -64.52 23.24
N TYR A 237 17.52 -64.49 24.34
CA TYR A 237 16.05 -64.59 24.29
C TYR A 237 15.39 -63.39 24.99
N MET A 238 14.09 -63.25 24.76
CA MET A 238 13.19 -62.26 25.39
C MET A 238 11.84 -62.96 25.58
N LEU A 239 11.24 -62.82 26.75
CA LEU A 239 9.85 -63.24 27.02
C LEU A 239 8.98 -62.01 26.74
N VAL A 240 8.39 -61.95 25.57
CA VAL A 240 7.73 -60.73 25.06
C VAL A 240 6.32 -60.67 25.64
N ALA A 241 6.04 -59.65 26.46
CA ALA A 241 4.67 -59.17 26.76
C ALA A 241 4.46 -57.89 25.96
N GLY A 242 4.47 -56.71 26.60
CA GLY A 242 4.08 -55.43 25.96
C GLY A 242 5.19 -54.81 25.11
N ASN A 243 6.44 -55.28 25.28
CA ASN A 243 7.67 -54.73 24.66
C ASN A 243 7.80 -53.26 25.05
N THR A 244 7.36 -52.89 26.26
CA THR A 244 7.43 -51.48 26.73
C THR A 244 8.81 -51.20 27.34
N ALA A 245 9.59 -52.21 27.74
CA ALA A 245 10.88 -51.99 28.43
C ALA A 245 11.85 -51.28 27.47
N HIS A 246 11.81 -51.65 26.18
CA HIS A 246 12.46 -50.98 25.04
C HIS A 246 12.34 -49.45 25.18
N GLY A 247 11.18 -48.96 25.61
CA GLY A 247 10.91 -47.53 25.83
C GLY A 247 11.87 -46.88 26.80
N VAL A 248 12.42 -47.65 27.75
CA VAL A 248 13.26 -47.14 28.87
C VAL A 248 14.73 -47.41 28.56
N TYR A 249 15.05 -48.66 28.25
CA TYR A 249 16.37 -49.15 27.78
C TYR A 249 16.13 -49.85 26.45
N ARG A 250 16.75 -49.38 25.38
CA ARG A 250 16.51 -49.95 24.03
C ARG A 250 16.85 -51.43 24.07
N ARG A 251 15.94 -52.23 23.53
CA ARG A 251 16.09 -53.69 23.31
C ARG A 251 17.39 -53.90 22.51
N SER A 252 18.29 -54.74 23.04
CA SER A 252 19.53 -55.21 22.37
C SER A 252 19.20 -55.73 20.97
N PRO A 253 20.03 -55.42 19.95
CA PRO A 253 19.88 -56.01 18.62
C PRO A 253 20.24 -57.52 18.56
N ASP A 254 20.88 -58.04 19.61
CA ASP A 254 21.44 -59.41 19.73
C ASP A 254 20.30 -60.40 20.05
N ILE A 255 19.09 -59.90 20.34
CA ILE A 255 17.90 -60.73 20.69
C ILE A 255 17.47 -61.51 19.44
N LYS A 256 17.37 -62.84 19.55
CA LYS A 256 17.09 -63.77 18.42
C LYS A 256 15.83 -64.60 18.68
N ALA A 257 15.68 -65.18 19.86
CA ALA A 257 14.49 -65.96 20.26
C ALA A 257 13.50 -65.03 20.97
N PHE A 258 12.42 -64.72 20.27
CA PHE A 258 11.24 -64.03 20.80
C PHE A 258 10.25 -65.09 21.23
N ILE A 259 9.86 -65.07 22.51
CA ILE A 259 8.81 -65.97 23.05
C ILE A 259 7.66 -65.11 23.59
N ASP A 260 6.56 -65.05 22.86
CA ASP A 260 5.34 -64.35 23.30
C ASP A 260 4.81 -65.00 24.59
N VAL A 261 4.78 -64.29 25.72
CA VAL A 261 4.16 -64.83 26.97
C VAL A 261 2.81 -64.16 27.27
N SER A 262 2.33 -63.30 26.37
CA SER A 262 1.05 -62.55 26.54
C SER A 262 -0.14 -63.51 26.39
N GLY A 263 0.10 -64.79 26.05
CA GLY A 263 -0.96 -65.77 25.77
C GLY A 263 -1.04 -66.89 26.78
N LEU A 264 -0.25 -66.86 27.86
CA LEU A 264 -0.27 -67.93 28.90
C LEU A 264 -1.19 -67.51 30.06
N ALA A 265 -2.37 -68.13 30.16
CA ALA A 265 -3.30 -68.05 31.32
C ALA A 265 -2.54 -68.24 32.65
N GLU A 266 -1.58 -69.17 32.69
CA GLU A 266 -0.90 -69.58 33.93
C GLU A 266 -0.07 -68.41 34.47
N LEU A 267 0.32 -67.44 33.60
CA LEU A 267 1.10 -66.24 33.97
C LEU A 267 0.21 -65.02 34.18
N LYS A 268 -1.11 -65.18 34.04
CA LYS A 268 -2.14 -64.14 34.34
C LYS A 268 -2.89 -64.54 35.62
N GLY A 269 -4.09 -63.98 35.81
CA GLY A 269 -4.95 -64.32 36.96
C GLY A 269 -4.31 -64.03 38.31
N HIS A 270 -4.96 -64.53 39.36
CA HIS A 270 -4.64 -64.26 40.79
C HIS A 270 -5.34 -65.30 41.67
N LYS A 271 -4.85 -65.52 42.88
CA LYS A 271 -5.55 -66.39 43.87
C LYS A 271 -5.46 -65.75 45.25
N LEU A 272 -6.61 -65.35 45.80
CA LEU A 272 -6.79 -65.11 47.25
C LEU A 272 -6.69 -66.44 47.97
N SER A 273 -5.74 -66.62 48.87
CA SER A 273 -5.62 -67.84 49.72
C SER A 273 -6.94 -68.05 50.48
N ALA A 274 -7.16 -69.27 50.98
CA ALA A 274 -8.43 -69.71 51.61
C ALA A 274 -8.82 -68.76 52.75
N ASP A 275 -7.87 -68.46 53.65
CA ASP A 275 -8.02 -67.66 54.89
C ASP A 275 -7.81 -66.16 54.63
N ASN A 276 -7.60 -65.75 53.37
CA ASN A 276 -7.40 -64.32 52.99
C ASN A 276 -6.11 -63.79 53.62
N SER A 277 -5.14 -64.67 53.84
CA SER A 277 -3.80 -64.35 54.42
C SER A 277 -2.80 -63.95 53.32
N SER A 278 -2.93 -64.46 52.09
CA SER A 278 -2.01 -64.08 50.99
C SER A 278 -2.78 -63.89 49.67
N LEU A 279 -2.23 -63.02 48.80
CA LEU A 279 -2.70 -62.82 47.40
C LEU A 279 -1.54 -63.13 46.43
N THR A 280 -1.72 -64.13 45.57
CA THR A 280 -0.77 -64.48 44.48
C THR A 280 -1.20 -63.79 43.19
N LEU A 281 -0.31 -63.00 42.58
CA LEU A 281 -0.52 -62.29 41.28
C LEU A 281 0.27 -62.98 40.17
N GLY A 282 -0.37 -63.22 39.01
CA GLY A 282 0.33 -63.64 37.78
C GLY A 282 1.47 -62.69 37.45
N GLY A 283 2.67 -63.23 37.20
CA GLY A 283 3.86 -62.47 36.80
C GLY A 283 3.57 -61.48 35.69
N ASN A 284 2.74 -61.87 34.72
CA ASN A 284 2.52 -61.12 33.46
C ASN A 284 1.09 -60.61 33.43
N LEU A 285 0.47 -60.38 34.60
CA LEU A 285 -0.64 -59.42 34.73
C LEU A 285 -0.11 -58.09 34.19
N SER A 286 -0.90 -57.38 33.40
CA SER A 286 -0.58 -55.99 33.03
C SER A 286 -0.74 -55.09 34.27
N LEU A 287 -0.07 -53.94 34.26
CA LEU A 287 -0.24 -52.96 35.35
C LEU A 287 -1.73 -52.58 35.43
N SER A 288 -2.43 -52.47 34.30
CA SER A 288 -3.88 -52.09 34.26
C SER A 288 -4.73 -53.18 34.91
N GLU A 289 -4.44 -54.45 34.65
CA GLU A 289 -5.11 -55.61 35.27
C GLU A 289 -4.82 -55.64 36.78
N THR A 290 -3.58 -55.35 37.19
CA THR A 290 -3.20 -55.28 38.62
C THR A 290 -4.06 -54.22 39.30
N MET A 291 -4.23 -53.08 38.63
CA MET A 291 -5.03 -51.92 39.13
C MET A 291 -6.52 -52.30 39.27
N GLU A 292 -7.10 -52.95 38.27
CA GLU A 292 -8.51 -53.42 38.34
C GLU A 292 -8.66 -54.43 39.50
N LEU A 293 -7.67 -55.31 39.66
CA LEU A 293 -7.60 -56.33 40.75
C LEU A 293 -7.57 -55.61 42.12
N CYS A 294 -6.79 -54.52 42.23
CA CYS A 294 -6.72 -53.66 43.44
C CYS A 294 -8.11 -53.09 43.73
N ARG A 295 -8.83 -52.56 42.74
CA ARG A 295 -10.17 -51.97 43.01
C ARG A 295 -11.12 -53.07 43.53
N GLN A 296 -10.97 -54.32 43.10
CA GLN A 296 -11.88 -55.42 43.47
C GLN A 296 -11.60 -55.88 44.89
N LEU A 297 -10.33 -55.90 45.32
CA LEU A 297 -9.92 -56.53 46.61
C LEU A 297 -9.70 -55.46 47.69
N GLU A 298 -9.83 -54.16 47.39
CA GLU A 298 -9.50 -53.08 48.36
C GLU A 298 -10.56 -53.00 49.46
N ASN A 299 -11.70 -53.67 49.33
CA ASN A 299 -12.76 -53.73 50.38
C ASN A 299 -12.66 -55.06 51.14
N THR A 300 -11.65 -55.88 50.84
CA THR A 300 -11.35 -57.16 51.53
C THR A 300 -10.42 -56.88 52.71
N LYS A 301 -10.83 -57.28 53.92
CA LYS A 301 -10.07 -57.03 55.17
C LYS A 301 -8.67 -57.59 54.96
N GLY A 302 -7.65 -56.82 55.30
CA GLY A 302 -6.24 -57.22 55.11
C GLY A 302 -5.69 -56.77 53.76
N PHE A 303 -6.52 -56.31 52.82
CA PHE A 303 -6.06 -55.82 51.51
C PHE A 303 -6.62 -54.43 51.19
N GLU A 304 -7.00 -53.66 52.22
CA GLU A 304 -7.45 -52.25 52.05
C GLU A 304 -6.25 -51.45 51.53
N TYR A 305 -5.03 -51.88 51.83
CA TYR A 305 -3.77 -51.22 51.44
C TYR A 305 -3.59 -51.26 49.89
N LEU A 306 -4.34 -52.12 49.20
CA LEU A 306 -4.27 -52.22 47.72
C LEU A 306 -4.85 -50.96 47.07
N SER A 307 -5.56 -50.10 47.81
CA SER A 307 -5.94 -48.75 47.29
C SER A 307 -4.67 -47.88 47.15
N GLN A 308 -3.67 -48.09 48.00
CA GLN A 308 -2.39 -47.35 47.89
C GLN A 308 -1.56 -47.94 46.76
N VAL A 309 -1.60 -49.26 46.59
CA VAL A 309 -0.89 -49.94 45.46
C VAL A 309 -1.51 -49.44 44.15
N TRP A 310 -2.83 -49.35 44.09
CA TRP A 310 -3.57 -48.80 42.93
C TRP A 310 -3.06 -47.38 42.63
N GLN A 311 -3.04 -46.51 43.63
CA GLN A 311 -2.55 -45.11 43.49
C GLN A 311 -1.10 -45.09 42.95
N HIS A 312 -0.23 -45.96 43.45
CA HIS A 312 1.20 -45.95 43.03
C HIS A 312 1.29 -46.50 41.59
N LEU A 313 0.47 -47.48 41.23
CA LEU A 313 0.46 -48.00 39.84
C LEU A 313 -0.12 -46.90 38.93
N ASP A 314 -1.08 -46.12 39.40
CA ASP A 314 -1.67 -45.01 38.62
C ASP A 314 -0.62 -43.89 38.39
N TRP A 315 0.46 -43.86 39.16
CA TRP A 315 1.56 -42.90 38.94
C TRP A 315 2.55 -43.42 37.90
N ILE A 316 2.45 -44.67 37.48
CA ILE A 316 3.46 -45.30 36.58
C ILE A 316 3.04 -45.03 35.14
N ALA A 317 3.97 -44.53 34.32
CA ALA A 317 3.83 -44.44 32.86
C ALA A 317 2.52 -43.73 32.54
N ASN A 318 1.62 -44.40 31.82
CA ASN A 318 0.38 -43.81 31.24
C ASN A 318 -0.56 -44.97 30.86
N VAL A 319 -1.73 -44.68 30.32
CA VAL A 319 -2.75 -45.74 30.13
C VAL A 319 -2.23 -46.84 29.20
N PRO A 320 -1.84 -46.55 27.94
CA PRO A 320 -1.42 -47.62 27.02
C PRO A 320 -0.21 -48.44 27.48
N VAL A 321 0.77 -47.81 28.14
CA VAL A 321 1.99 -48.54 28.62
C VAL A 321 1.55 -49.46 29.76
N ARG A 322 0.63 -49.00 30.61
CA ARG A 322 0.12 -49.82 31.74
C ARG A 322 -0.78 -50.94 31.21
N ASN A 323 -1.50 -50.72 30.10
CA ASN A 323 -2.34 -51.79 29.49
C ASN A 323 -1.45 -52.90 28.92
N ALA A 324 -0.31 -52.55 28.32
CA ALA A 324 0.58 -53.49 27.60
C ALA A 324 1.63 -54.03 28.55
N GLY A 325 2.17 -53.18 29.41
CA GLY A 325 3.33 -53.50 30.28
C GLY A 325 2.89 -54.36 31.45
N THR A 326 3.79 -55.20 31.94
CA THR A 326 3.51 -56.25 32.95
C THR A 326 4.41 -56.09 34.16
N LEU A 327 3.98 -56.69 35.27
CA LEU A 327 4.72 -56.73 36.56
C LEU A 327 6.09 -57.35 36.35
N ALA A 328 6.16 -58.54 35.73
CA ALA A 328 7.44 -59.27 35.53
C ALA A 328 8.34 -58.49 34.59
N GLY A 329 7.78 -57.91 33.52
CA GLY A 329 8.56 -57.05 32.61
C GLY A 329 9.29 -55.95 33.38
N ASN A 330 8.58 -55.27 34.28
CA ASN A 330 9.13 -54.13 35.06
C ASN A 330 10.27 -54.67 35.94
N LEU A 331 9.99 -55.73 36.68
CA LEU A 331 11.00 -56.29 37.64
C LEU A 331 12.21 -56.78 36.83
N SER A 332 12.03 -57.33 35.63
CA SER A 332 13.15 -57.75 34.74
C SER A 332 14.05 -56.54 34.40
N ILE A 333 13.48 -55.34 34.26
CA ILE A 333 14.28 -54.09 34.08
C ILE A 333 15.14 -53.90 35.35
N LYS A 334 14.51 -53.92 36.52
CA LYS A 334 15.24 -53.71 37.81
C LYS A 334 16.36 -54.77 37.93
N HIS A 335 16.07 -56.01 37.56
CA HIS A 335 17.03 -57.15 37.59
C HIS A 335 18.24 -56.82 36.71
N ALA A 336 18.00 -56.44 35.46
CA ALA A 336 19.08 -56.15 34.49
C ALA A 336 19.80 -54.86 34.84
N HIS A 337 19.09 -53.90 35.45
CA HIS A 337 19.57 -52.49 35.64
C HIS A 337 19.24 -52.04 37.06
N PRO A 338 20.11 -52.37 38.03
CA PRO A 338 19.91 -51.98 39.43
C PRO A 338 19.71 -50.48 39.66
N GLU A 339 20.30 -49.65 38.81
CA GLU A 339 20.18 -48.16 38.88
C GLU A 339 18.74 -47.76 38.57
N PHE A 340 17.94 -48.62 37.93
CA PHE A 340 16.55 -48.27 37.52
C PHE A 340 15.65 -48.16 38.75
N PRO A 341 15.12 -46.96 39.08
CA PRO A 341 14.29 -46.80 40.28
C PRO A 341 12.83 -47.23 40.03
N SER A 342 12.64 -48.54 39.77
CA SER A 342 11.32 -49.15 39.50
C SER A 342 10.35 -48.77 40.64
N ASP A 343 9.17 -48.30 40.29
CA ASP A 343 8.07 -48.00 41.23
C ASP A 343 7.42 -49.31 41.64
N VAL A 344 7.36 -50.29 40.76
CA VAL A 344 6.81 -51.62 41.11
C VAL A 344 7.74 -52.21 42.17
N PHE A 345 9.06 -52.14 41.93
CA PHE A 345 10.08 -52.63 42.89
C PHE A 345 9.88 -52.01 44.28
N ILE A 346 9.79 -50.68 44.37
CA ILE A 346 9.82 -49.97 45.69
C ILE A 346 8.55 -50.29 46.47
N VAL A 347 7.41 -50.43 45.78
CA VAL A 347 6.12 -50.81 46.40
C VAL A 347 6.22 -52.24 46.93
N LEU A 348 6.69 -53.15 46.10
CA LEU A 348 6.73 -54.60 46.43
C LEU A 348 7.79 -54.85 47.51
N GLU A 349 8.90 -54.12 47.48
CA GLU A 349 9.98 -54.27 48.49
C GLU A 349 9.45 -53.83 49.86
N ALA A 350 8.71 -52.72 49.92
CA ALA A 350 8.16 -52.19 51.18
C ALA A 350 7.11 -53.17 51.72
N LEU A 351 6.41 -53.92 50.85
CA LEU A 351 5.39 -54.90 51.31
C LEU A 351 6.00 -56.30 51.52
N ASP A 352 7.30 -56.47 51.30
CA ASP A 352 8.04 -57.76 51.48
C ASP A 352 7.39 -58.82 50.57
N ALA A 353 7.03 -58.42 49.35
CA ALA A 353 6.48 -59.32 48.30
C ALA A 353 7.46 -60.49 48.11
N GLN A 354 6.93 -61.70 47.91
CA GLN A 354 7.72 -62.90 47.54
C GLN A 354 7.60 -63.09 46.02
N VAL A 355 8.66 -63.58 45.38
CA VAL A 355 8.69 -63.86 43.91
C VAL A 355 8.64 -65.38 43.69
N ILE A 356 7.64 -65.87 42.97
CA ILE A 356 7.63 -67.29 42.51
C ILE A 356 8.48 -67.41 41.26
N VAL A 357 9.72 -67.87 41.42
CA VAL A 357 10.69 -68.19 40.33
C VAL A 357 10.46 -69.64 39.90
N GLN A 358 10.10 -69.86 38.64
CA GLN A 358 9.80 -71.19 38.03
C GLN A 358 10.87 -71.48 36.98
N GLU A 359 11.48 -72.67 37.00
CA GLU A 359 12.62 -73.02 36.11
C GLU A 359 12.33 -74.29 35.30
N ALA A 360 11.13 -74.87 35.44
CA ALA A 360 10.56 -75.97 34.61
C ALA A 360 9.11 -76.17 35.04
N VAL A 361 8.31 -76.95 34.30
CA VAL A 361 6.86 -77.16 34.54
C VAL A 361 6.60 -77.63 35.98
N ASP A 362 7.56 -78.33 36.60
CA ASP A 362 7.37 -78.98 37.92
C ASP A 362 8.48 -78.56 38.89
N LYS A 363 9.14 -77.42 38.66
CA LYS A 363 10.32 -76.97 39.45
C LYS A 363 10.19 -75.46 39.70
N GLN A 364 9.91 -75.06 40.96
CA GLN A 364 9.71 -73.64 41.33
C GLN A 364 10.01 -73.39 42.81
N GLN A 365 10.50 -72.19 43.11
CA GLN A 365 10.97 -71.70 44.43
C GLN A 365 10.25 -70.36 44.67
N THR A 366 9.74 -70.12 45.88
CA THR A 366 9.21 -68.81 46.35
C THR A 366 10.31 -68.12 47.17
N VAL A 367 10.76 -66.94 46.74
CA VAL A 367 11.93 -66.25 47.33
C VAL A 367 11.58 -64.79 47.59
N SER A 368 12.42 -64.11 48.36
CA SER A 368 12.27 -62.66 48.64
C SER A 368 12.56 -61.90 47.33
N LEU A 369 11.95 -60.72 47.18
CA LEU A 369 12.28 -59.77 46.07
C LEU A 369 13.81 -59.65 45.99
N ALA A 370 14.47 -59.38 47.11
CA ALA A 370 15.94 -59.16 47.17
C ALA A 370 16.69 -60.37 46.59
N SER A 371 16.23 -61.58 46.92
CA SER A 371 16.85 -62.87 46.50
C SER A 371 16.71 -63.05 44.98
N TYR A 372 15.51 -62.84 44.44
CA TYR A 372 15.22 -62.81 42.97
C TYR A 372 16.29 -61.94 42.29
N LEU A 373 16.45 -60.72 42.77
CA LEU A 373 17.33 -59.68 42.17
C LEU A 373 18.80 -60.11 42.24
N GLY A 374 19.21 -60.88 43.26
CA GLY A 374 20.62 -61.26 43.49
C GLY A 374 21.03 -62.53 42.76
N SER A 375 20.06 -63.28 42.21
CA SER A 375 20.27 -64.60 41.56
C SER A 375 20.00 -64.51 40.05
N SER A 376 20.70 -65.33 39.26
CA SER A 376 20.59 -65.43 37.78
C SER A 376 19.15 -65.81 37.40
N MET A 377 18.63 -65.28 36.29
CA MET A 377 17.26 -65.63 35.80
C MET A 377 17.35 -66.37 34.45
N GLU A 378 18.57 -66.66 33.98
CA GLU A 378 18.81 -67.39 32.72
C GLU A 378 18.04 -68.71 32.78
N GLY A 379 17.12 -68.93 31.84
CA GLY A 379 16.31 -70.15 31.77
C GLY A 379 15.13 -70.14 32.72
N LYS A 380 14.97 -69.09 33.53
CA LYS A 380 13.90 -69.02 34.57
C LYS A 380 12.90 -67.91 34.22
N ILE A 381 11.67 -68.06 34.68
CA ILE A 381 10.58 -67.06 34.58
C ILE A 381 10.19 -66.62 35.99
N ILE A 382 9.60 -65.42 36.11
CA ILE A 382 8.70 -65.06 37.22
C ILE A 382 7.32 -65.65 36.91
N ARG A 383 6.87 -66.59 37.73
CA ARG A 383 5.54 -67.22 37.60
C ARG A 383 4.51 -66.31 38.28
N GLY A 384 4.88 -65.67 39.39
CA GLY A 384 3.93 -64.85 40.15
C GLY A 384 4.57 -64.09 41.28
N LEU A 385 3.78 -63.25 41.93
CA LEU A 385 4.20 -62.41 43.09
C LEU A 385 3.22 -62.69 44.22
N VAL A 386 3.73 -62.84 45.45
CA VAL A 386 2.89 -63.18 46.64
C VAL A 386 2.91 -62.00 47.60
N LEU A 387 1.74 -61.40 47.81
CA LEU A 387 1.50 -60.30 48.79
C LEU A 387 0.75 -60.87 49.98
N ARG A 388 1.13 -60.49 51.20
CA ARG A 388 0.41 -60.93 52.41
C ARG A 388 -0.59 -59.86 52.82
N ALA A 389 -1.57 -60.25 53.62
CA ALA A 389 -2.59 -59.35 54.20
C ALA A 389 -1.88 -58.44 55.20
N TYR A 390 -2.24 -57.16 55.20
CA TYR A 390 -1.80 -56.15 56.20
C TYR A 390 -3.04 -55.42 56.70
N PRO A 391 -3.65 -55.90 57.81
CA PRO A 391 -4.87 -55.29 58.33
C PRO A 391 -4.72 -53.79 58.61
N LYS A 392 -5.77 -53.01 58.38
CA LYS A 392 -5.80 -51.53 58.36
C LYS A 392 -5.11 -50.92 59.60
N GLU A 393 -5.51 -51.20 60.84
CA GLU A 393 -5.06 -50.37 61.99
C GLU A 393 -3.67 -50.85 62.45
N ARG A 394 -3.38 -52.15 62.33
CA ARG A 394 -2.08 -52.71 62.77
C ARG A 394 -0.99 -52.25 61.79
N PHE A 395 -1.33 -52.00 60.53
CA PHE A 395 -0.33 -51.66 59.48
C PHE A 395 -0.68 -50.32 58.84
N ALA A 396 0.31 -49.44 58.75
CA ALA A 396 0.26 -48.17 57.99
C ALA A 396 1.16 -48.36 56.77
N PHE A 397 0.58 -48.34 55.56
CA PHE A 397 1.33 -48.44 54.29
C PHE A 397 1.06 -47.19 53.50
N ASP A 398 2.13 -46.53 53.06
CA ASP A 398 2.02 -45.33 52.21
C ASP A 398 3.22 -45.31 51.28
N SER A 399 3.11 -44.59 50.16
CA SER A 399 4.12 -44.57 49.08
C SER A 399 4.00 -43.26 48.31
N TYR A 400 5.10 -42.88 47.68
CA TYR A 400 5.29 -41.57 47.01
C TYR A 400 6.04 -41.80 45.71
N LYS A 401 5.71 -41.03 44.68
CA LYS A 401 6.52 -40.88 43.46
C LYS A 401 6.52 -39.41 43.10
N ILE A 402 7.62 -38.72 43.36
CA ILE A 402 7.69 -37.26 43.12
C ILE A 402 8.30 -37.07 41.73
N MET A 403 7.53 -36.43 40.86
CA MET A 403 7.81 -36.26 39.42
C MET A 403 7.90 -34.77 39.12
N PRO A 404 8.54 -34.38 37.99
CA PRO A 404 8.66 -32.99 37.60
C PRO A 404 7.40 -32.41 36.93
N ARG A 405 6.42 -33.26 36.63
CA ARG A 405 5.08 -32.84 36.12
C ARG A 405 4.04 -33.84 36.65
N ALA A 406 2.76 -33.65 36.31
CA ALA A 406 1.64 -34.37 36.96
C ALA A 406 1.70 -35.87 36.65
N GLN A 407 2.02 -36.28 35.42
CA GLN A 407 1.93 -37.71 35.02
C GLN A 407 3.03 -38.07 34.01
N ASN A 408 3.30 -39.36 33.84
CA ASN A 408 4.07 -39.91 32.70
C ASN A 408 5.47 -39.30 32.75
N ALA A 409 6.08 -39.25 33.93
CA ALA A 409 7.49 -38.84 34.13
C ALA A 409 8.12 -39.72 35.19
N HIS A 410 9.37 -40.11 35.00
CA HIS A 410 10.09 -40.97 35.96
C HIS A 410 10.36 -40.11 37.20
N ALA A 411 10.62 -40.76 38.33
CA ALA A 411 10.69 -40.13 39.66
C ALA A 411 12.06 -39.48 39.85
N TYR A 412 12.10 -38.33 40.50
CA TYR A 412 13.28 -37.78 41.21
C TYR A 412 13.67 -38.74 42.34
N VAL A 413 12.67 -39.06 43.16
CA VAL A 413 12.73 -40.01 44.29
C VAL A 413 11.35 -40.67 44.34
N ASN A 414 11.30 -41.98 44.56
CA ASN A 414 10.07 -42.68 45.00
C ASN A 414 10.35 -43.34 46.35
N ALA A 415 9.32 -43.83 47.01
CA ALA A 415 9.44 -44.30 48.40
C ALA A 415 8.20 -45.11 48.74
N ALA A 416 8.37 -46.09 49.61
CA ALA A 416 7.25 -46.88 50.14
C ALA A 416 7.57 -47.21 51.60
N PHE A 417 6.60 -47.02 52.48
CA PHE A 417 6.77 -47.11 53.95
C PHE A 417 5.68 -48.06 54.48
N LEU A 418 6.13 -49.10 55.20
CA LEU A 418 5.26 -50.07 55.92
C LEU A 418 5.64 -50.09 57.40
N VAL A 419 4.74 -49.60 58.26
CA VAL A 419 4.96 -49.57 59.73
C VAL A 419 3.87 -50.41 60.40
N GLU A 420 4.28 -51.43 61.15
CA GLU A 420 3.36 -52.23 62.02
C GLU A 420 3.37 -51.60 63.44
N PHE A 421 2.19 -51.34 64.00
CA PHE A 421 1.99 -50.80 65.38
C PHE A 421 1.50 -51.92 66.32
N THR A 422 2.07 -51.97 67.52
CA THR A 422 1.61 -52.83 68.65
C THR A 422 0.36 -52.19 69.27
N ALA A 423 -0.26 -52.88 70.23
CA ALA A 423 -1.46 -52.40 70.96
C ALA A 423 -1.16 -51.07 71.67
N ASP A 424 0.04 -50.84 72.19
CA ASP A 424 0.37 -49.60 72.95
C ASP A 424 1.08 -48.60 72.02
N ALA A 425 0.71 -48.56 70.73
CA ALA A 425 1.04 -47.50 69.75
C ALA A 425 2.56 -47.39 69.55
N LYS A 426 3.27 -48.51 69.64
CA LYS A 426 4.73 -48.58 69.39
C LYS A 426 4.99 -49.28 68.05
N VAL A 427 6.14 -49.04 67.46
CA VAL A 427 6.56 -49.74 66.21
C VAL A 427 7.01 -51.18 66.51
N LYS A 428 6.27 -52.18 66.04
CA LYS A 428 6.75 -53.58 66.02
C LYS A 428 7.81 -53.73 64.91
N SER A 429 7.55 -53.23 63.71
CA SER A 429 8.54 -53.24 62.59
C SER A 429 8.25 -52.10 61.60
N ALA A 430 9.28 -51.77 60.84
CA ALA A 430 9.26 -50.73 59.80
C ALA A 430 10.10 -51.20 58.60
N ARG A 431 9.54 -51.01 57.40
CA ARG A 431 10.24 -51.12 56.09
C ARG A 431 10.19 -49.72 55.47
N ILE A 432 11.34 -49.04 55.46
CA ILE A 432 11.48 -47.65 54.95
C ILE A 432 12.39 -47.70 53.72
N CYS A 433 11.80 -47.60 52.54
CA CYS A 433 12.47 -47.82 51.25
C CYS A 433 12.40 -46.54 50.39
N PHE A 434 13.52 -46.14 49.78
CA PHE A 434 13.65 -45.08 48.75
C PHE A 434 14.25 -45.62 47.45
N GLY A 435 13.79 -45.08 46.32
CA GLY A 435 14.50 -45.13 45.01
C GLY A 435 14.91 -43.74 44.54
N GLY A 436 15.90 -43.68 43.65
CA GLY A 436 16.49 -42.43 43.14
C GLY A 436 17.58 -41.91 44.06
N ILE A 437 18.07 -42.74 44.98
CA ILE A 437 19.19 -42.35 45.87
C ILE A 437 20.53 -42.79 45.24
N HIS A 438 20.86 -44.07 45.31
CA HIS A 438 22.01 -44.66 44.57
C HIS A 438 21.72 -46.12 44.33
N PRO A 439 22.40 -46.75 43.34
CA PRO A 439 22.00 -48.07 42.82
C PRO A 439 21.92 -49.22 43.83
N GLU A 440 22.58 -49.09 44.98
CA GLU A 440 22.65 -50.16 46.00
C GLU A 440 21.85 -49.74 47.25
N PHE A 441 21.20 -48.57 47.24
CA PHE A 441 20.33 -48.09 48.36
C PHE A 441 18.90 -48.58 48.15
N VAL A 442 18.32 -49.21 49.16
CA VAL A 442 16.90 -49.68 49.14
C VAL A 442 16.27 -49.21 50.46
N HIS A 443 16.67 -49.83 51.57
CA HIS A 443 16.15 -49.59 52.94
C HIS A 443 16.98 -48.55 53.67
N ALA A 444 16.31 -47.67 54.42
CA ALA A 444 16.90 -46.78 55.46
C ALA A 444 17.00 -47.57 56.77
N THR A 445 17.95 -48.50 56.85
CA THR A 445 18.06 -49.55 57.88
C THR A 445 18.25 -48.92 59.27
N ALA A 446 19.14 -47.94 59.41
CA ALA A 446 19.41 -47.28 60.70
C ALA A 446 18.13 -46.62 61.26
N ILE A 447 17.22 -46.19 60.38
CA ILE A 447 15.96 -45.53 60.79
C ILE A 447 14.97 -46.62 61.22
N GLU A 448 14.88 -47.74 60.49
CA GLU A 448 13.98 -48.86 60.91
C GLU A 448 14.36 -49.32 62.33
N ASN A 449 15.66 -49.42 62.62
CA ASN A 449 16.19 -49.90 63.92
C ASN A 449 15.99 -48.84 65.00
N LEU A 450 16.05 -47.56 64.65
CA LEU A 450 15.88 -46.42 65.57
C LEU A 450 14.48 -46.44 66.18
N ILE A 451 13.45 -46.54 65.34
CA ILE A 451 12.03 -46.34 65.75
C ILE A 451 11.44 -47.66 66.27
N ARG A 452 12.07 -48.80 65.98
CA ARG A 452 11.65 -50.15 66.47
C ARG A 452 11.41 -50.12 67.99
N ASP A 453 10.25 -50.61 68.44
CA ASP A 453 9.83 -50.72 69.87
C ASP A 453 9.60 -49.34 70.52
N LYS A 454 9.58 -48.25 69.75
CA LYS A 454 9.24 -46.91 70.27
C LYS A 454 7.88 -46.44 69.70
N ASN A 455 7.29 -45.46 70.39
CA ASN A 455 6.20 -44.62 69.85
C ASN A 455 6.86 -43.57 68.95
N PRO A 456 6.57 -43.53 67.64
CA PRO A 456 7.19 -42.57 66.73
C PRO A 456 6.92 -41.10 67.11
N PHE A 457 5.84 -40.87 67.85
CA PHE A 457 5.38 -39.51 68.26
C PHE A 457 5.92 -39.10 69.64
N GLU A 458 6.71 -39.93 70.31
CA GLU A 458 7.30 -39.62 71.66
C GLU A 458 8.33 -38.50 71.46
N ASN A 459 8.57 -37.73 72.51
CA ASN A 459 9.39 -36.49 72.46
C ASN A 459 10.73 -36.85 71.82
N GLY A 460 11.17 -36.05 70.84
CA GLY A 460 12.54 -36.04 70.30
C GLY A 460 12.83 -37.11 69.26
N LEU A 461 11.95 -38.08 69.02
CA LEU A 461 12.29 -39.24 68.15
C LEU A 461 12.37 -38.81 66.68
N VAL A 462 11.35 -38.12 66.15
CA VAL A 462 11.30 -37.71 64.71
C VAL A 462 12.46 -36.73 64.45
N GLU A 463 12.79 -35.86 65.40
CA GLU A 463 13.92 -34.91 65.25
C GLU A 463 15.19 -35.73 65.04
N LYS A 464 15.37 -36.78 65.83
CA LYS A 464 16.59 -37.62 65.79
C LYS A 464 16.57 -38.41 64.47
N ALA A 465 15.41 -38.95 64.13
CA ALA A 465 15.21 -39.75 62.90
C ALA A 465 15.64 -38.94 61.66
N PHE A 466 15.13 -37.72 61.45
CA PHE A 466 15.71 -36.80 60.43
C PHE A 466 16.99 -36.27 61.05
N GLY A 467 18.01 -35.96 60.29
CA GLY A 467 19.33 -35.79 60.94
C GLY A 467 20.09 -37.06 60.69
N GLN A 468 19.66 -38.15 61.31
CA GLN A 468 20.16 -39.50 60.97
C GLN A 468 19.86 -39.85 59.51
N LEU A 469 18.60 -39.74 59.07
CA LEU A 469 18.18 -40.05 57.68
C LEU A 469 18.94 -39.14 56.71
N SER A 470 19.04 -37.85 57.06
CA SER A 470 19.65 -36.81 56.23
C SER A 470 21.14 -37.15 56.03
N THR A 471 21.82 -37.59 57.08
CA THR A 471 23.23 -38.05 57.03
C THR A 471 23.38 -39.34 56.21
N LEU A 472 22.48 -40.30 56.32
CA LEU A 472 22.74 -41.62 55.69
C LEU A 472 22.37 -41.58 54.20
N LEU A 473 21.66 -40.55 53.73
CA LEU A 473 21.35 -40.41 52.29
C LEU A 473 22.53 -39.72 51.61
N GLN A 474 23.22 -40.46 50.76
CA GLN A 474 24.36 -39.98 49.96
C GLN A 474 24.01 -40.27 48.51
N PRO A 475 23.13 -39.46 47.87
CA PRO A 475 22.71 -39.73 46.50
C PRO A 475 23.90 -39.59 45.53
N ASP A 476 23.88 -40.36 44.44
CA ASP A 476 24.87 -40.25 43.34
C ASP A 476 24.50 -38.98 42.55
N ALA A 477 25.23 -38.67 41.49
CA ALA A 477 25.13 -37.41 40.72
C ALA A 477 25.42 -37.69 39.25
N VAL A 478 24.62 -38.55 38.64
CA VAL A 478 24.72 -38.96 37.21
C VAL A 478 23.73 -38.11 36.40
N LEU A 479 24.21 -37.10 35.66
CA LEU A 479 23.36 -36.27 34.77
C LEU A 479 22.66 -37.21 33.80
N PRO A 480 21.41 -36.92 33.35
CA PRO A 480 20.66 -35.70 33.72
C PRO A 480 19.72 -35.80 34.93
N ASP A 481 20.03 -36.64 35.92
CA ASP A 481 19.27 -36.72 37.19
C ASP A 481 19.45 -35.41 37.95
N ALA A 482 18.52 -35.11 38.86
CA ALA A 482 18.49 -33.87 39.64
C ALA A 482 19.66 -33.87 40.64
N SER A 483 19.94 -32.71 41.22
CA SER A 483 20.97 -32.48 42.27
C SER A 483 20.83 -33.50 43.40
N PRO A 484 21.95 -34.08 43.88
CA PRO A 484 21.94 -34.96 45.05
C PRO A 484 21.32 -34.25 46.27
N VAL A 485 21.56 -32.94 46.40
CA VAL A 485 21.07 -32.13 47.55
C VAL A 485 19.54 -32.10 47.50
N TYR A 486 18.93 -31.96 46.31
CA TYR A 486 17.46 -31.95 46.20
C TYR A 486 16.96 -33.33 46.59
N ARG A 487 17.56 -34.37 46.03
CA ARG A 487 17.09 -35.75 46.24
C ARG A 487 17.17 -36.16 47.73
N ARG A 488 18.19 -35.71 48.46
CA ARG A 488 18.30 -35.96 49.91
C ARG A 488 17.17 -35.21 50.64
N LYS A 489 17.01 -33.90 50.38
CA LYS A 489 15.97 -33.08 51.04
C LYS A 489 14.58 -33.64 50.70
N LEU A 490 14.42 -34.20 49.52
CA LEU A 490 13.11 -34.75 49.07
C LEU A 490 12.82 -36.04 49.85
N ALA A 491 13.75 -37.00 49.91
CA ALA A 491 13.59 -38.29 50.63
C ALA A 491 13.22 -38.02 52.08
N CYS A 492 13.91 -37.09 52.74
CA CYS A 492 13.61 -36.65 54.13
C CYS A 492 12.17 -36.15 54.24
N GLY A 493 11.81 -35.13 53.44
CA GLY A 493 10.46 -34.55 53.40
C GLY A 493 9.38 -35.61 53.23
N LEU A 494 9.59 -36.58 52.35
CA LEU A 494 8.65 -37.72 52.14
C LEU A 494 8.42 -38.49 53.44
N PHE A 495 9.46 -38.89 54.18
CA PHE A 495 9.32 -39.63 55.45
C PHE A 495 8.54 -38.76 56.46
N TYR A 496 8.84 -37.47 56.50
CA TYR A 496 8.17 -36.48 57.36
C TYR A 496 6.68 -36.42 57.01
N LYS A 497 6.43 -36.35 55.70
CA LYS A 497 5.08 -36.27 55.11
C LYS A 497 4.29 -37.50 55.58
N PHE A 498 4.92 -38.68 55.55
CA PHE A 498 4.32 -39.97 55.97
C PHE A 498 3.91 -39.88 57.45
N LEU A 499 4.84 -39.45 58.29
CA LEU A 499 4.61 -39.36 59.74
C LEU A 499 3.50 -38.34 60.01
N LEU A 500 3.49 -37.22 59.31
CA LEU A 500 2.39 -36.23 59.44
C LEU A 500 1.06 -36.87 59.03
N LYS A 501 1.02 -37.60 57.91
CA LYS A 501 -0.23 -38.24 57.41
C LYS A 501 -0.70 -39.23 58.49
N ILE A 502 0.15 -40.15 58.96
CA ILE A 502 -0.35 -41.22 59.86
C ILE A 502 -0.68 -40.63 61.23
N ALA A 503 0.02 -39.57 61.67
CA ALA A 503 -0.35 -38.79 62.87
C ALA A 503 -1.81 -38.36 62.74
N ALA A 504 -2.16 -37.72 61.64
CA ALA A 504 -3.54 -37.24 61.38
C ALA A 504 -4.51 -38.42 61.46
N GLN A 505 -4.18 -39.54 60.82
CA GLN A 505 -5.09 -40.73 60.75
C GLN A 505 -5.31 -41.35 62.12
N ARG A 506 -4.28 -41.35 62.98
CA ARG A 506 -4.30 -42.04 64.30
C ARG A 506 -4.62 -41.05 65.41
N LYS A 507 -4.96 -39.81 65.05
CA LYS A 507 -5.35 -38.70 65.96
C LYS A 507 -4.24 -38.40 66.98
N GLN A 508 -2.99 -38.51 66.52
CA GLN A 508 -1.83 -37.92 67.23
C GLN A 508 -1.88 -36.39 67.09
N GLY A 509 -1.69 -35.68 68.20
CA GLY A 509 -1.68 -34.22 68.23
C GLY A 509 -0.58 -33.63 67.35
N LEU A 510 -0.95 -32.72 66.44
CA LEU A 510 -0.01 -31.92 65.63
C LEU A 510 -0.26 -30.43 65.84
N GLY A 511 0.80 -29.63 65.70
CA GLY A 511 0.76 -28.17 65.59
C GLY A 511 -0.05 -27.76 64.39
N SER A 512 -0.97 -26.85 64.60
CA SER A 512 -1.85 -26.22 63.58
C SER A 512 -1.08 -25.97 62.28
N ARG A 513 0.14 -25.44 62.34
CA ARG A 513 0.87 -24.97 61.14
C ARG A 513 1.53 -26.12 60.38
N PHE A 514 1.65 -27.31 60.99
CA PHE A 514 2.31 -28.49 60.38
C PHE A 514 1.30 -29.46 59.74
N VAL A 515 0.01 -29.40 60.08
CA VAL A 515 -0.98 -30.46 59.71
C VAL A 515 -0.94 -30.73 58.19
N THR A 516 -1.06 -29.70 57.36
CA THR A 516 -1.26 -29.87 55.89
C THR A 516 0.01 -30.43 55.24
N GLY A 517 1.13 -30.38 55.93
CA GLY A 517 2.37 -31.03 55.47
C GLY A 517 2.13 -32.50 55.18
N GLY A 518 1.18 -33.15 55.86
CA GLY A 518 0.90 -34.58 55.65
C GLY A 518 -0.10 -34.89 54.54
N SER A 519 -0.63 -33.86 53.87
CA SER A 519 -1.63 -33.93 52.76
C SER A 519 -0.96 -33.83 51.40
N LEU A 520 -1.57 -34.42 50.37
CA LEU A 520 -1.17 -34.12 48.96
C LEU A 520 -2.10 -33.01 48.47
N LEU A 521 -1.61 -32.20 47.52
CA LEU A 521 -2.31 -30.97 47.05
C LEU A 521 -3.67 -31.38 46.46
N LYS A 522 -4.71 -30.57 46.70
CA LYS A 522 -6.06 -30.79 46.08
C LYS A 522 -6.02 -30.29 44.63
N ARG A 523 -6.25 -31.19 43.68
CA ARG A 523 -6.48 -30.86 42.23
C ARG A 523 -7.91 -31.24 41.87
N PRO A 524 -8.86 -30.28 41.77
CA PRO A 524 -10.21 -30.61 41.36
C PRO A 524 -10.25 -30.83 39.84
N VAL A 525 -11.31 -31.44 39.36
CA VAL A 525 -11.58 -31.59 37.91
C VAL A 525 -11.43 -30.19 37.31
N SER A 526 -10.55 -30.06 36.32
CA SER A 526 -10.23 -28.79 35.64
C SER A 526 -11.49 -28.27 34.90
N SER A 527 -11.53 -26.99 34.58
CA SER A 527 -12.61 -26.33 33.81
C SER A 527 -12.05 -25.09 33.13
N GLY A 528 -12.74 -24.61 32.11
CA GLY A 528 -12.42 -23.30 31.51
C GLY A 528 -13.68 -22.49 31.28
N GLN A 529 -13.50 -21.18 31.13
CA GLN A 529 -14.53 -20.21 30.67
C GLN A 529 -13.91 -19.34 29.60
N GLN A 530 -14.69 -19.00 28.60
CA GLN A 530 -14.26 -18.11 27.51
C GLN A 530 -15.30 -17.01 27.42
N SER A 531 -14.86 -15.76 27.36
CA SER A 531 -15.73 -14.59 27.11
C SER A 531 -15.24 -13.90 25.85
N PHE A 532 -16.15 -13.66 24.91
CA PHE A 532 -15.86 -12.97 23.64
C PHE A 532 -17.16 -12.46 23.02
N GLU A 533 -16.99 -11.52 22.09
CA GLU A 533 -18.07 -10.96 21.24
C GLU A 533 -17.98 -11.61 19.85
N THR A 534 -19.12 -11.75 19.17
CA THR A 534 -19.26 -12.00 17.71
C THR A 534 -20.22 -10.94 17.15
N PHE A 535 -20.08 -10.62 15.86
CA PHE A 535 -20.87 -9.62 15.12
C PHE A 535 -21.48 -10.27 13.89
N GLN A 536 -22.77 -10.61 13.95
CA GLN A 536 -23.47 -11.28 12.82
C GLN A 536 -23.30 -10.45 11.55
N GLU A 537 -23.27 -9.11 11.65
CA GLU A 537 -23.14 -8.20 10.49
C GLU A 537 -21.82 -8.42 9.74
N HIS A 538 -20.83 -9.10 10.32
CA HIS A 538 -19.56 -9.41 9.60
C HIS A 538 -19.52 -10.89 9.20
N TYR A 539 -20.44 -11.73 9.70
CA TYR A 539 -20.43 -13.18 9.44
C TYR A 539 -20.20 -13.43 7.94
N PRO A 540 -19.44 -14.47 7.57
CA PRO A 540 -18.86 -15.44 8.52
C PRO A 540 -17.65 -15.01 9.37
N VAL A 541 -17.05 -13.86 9.10
CA VAL A 541 -15.95 -13.27 9.93
C VAL A 541 -16.50 -12.85 11.31
N THR A 542 -15.70 -13.08 12.36
CA THR A 542 -16.02 -12.93 13.80
C THR A 542 -16.91 -14.06 14.30
N LYS A 543 -17.35 -14.97 13.45
CA LYS A 543 -18.04 -16.19 13.94
C LYS A 543 -17.01 -17.13 14.61
N ALA A 544 -17.41 -17.80 15.68
CA ALA A 544 -16.65 -18.87 16.38
C ALA A 544 -16.94 -20.22 15.69
N THR A 545 -15.96 -20.87 15.06
CA THR A 545 -16.20 -22.06 14.20
C THR A 545 -15.26 -23.21 14.56
N GLU A 546 -15.65 -24.41 14.15
CA GLU A 546 -14.71 -25.55 14.10
C GLU A 546 -13.58 -25.17 13.13
N LYS A 547 -12.50 -25.95 13.20
CA LYS A 547 -11.30 -25.77 12.33
C LYS A 547 -11.64 -26.29 10.92
N HIS A 548 -11.11 -25.62 9.90
CA HIS A 548 -11.30 -25.96 8.48
C HIS A 548 -11.05 -27.45 8.27
N GLU A 549 -9.98 -27.99 8.90
CA GLU A 549 -9.51 -29.39 8.75
C GLU A 549 -9.84 -30.24 9.99
N GLY A 550 -10.72 -29.77 10.87
CA GLY A 550 -10.93 -30.36 12.20
C GLY A 550 -11.31 -31.82 12.08
N LEU A 551 -12.35 -32.11 11.30
CA LEU A 551 -12.86 -33.50 11.19
C LEU A 551 -11.84 -34.41 10.54
N ILE A 552 -11.19 -34.02 9.42
CA ILE A 552 -10.16 -34.88 8.77
C ILE A 552 -8.97 -35.05 9.72
N GLN A 553 -8.69 -34.07 10.58
CA GLN A 553 -7.59 -34.22 11.56
C GLN A 553 -7.95 -35.34 12.55
N CYS A 554 -9.20 -35.41 13.00
CA CYS A 554 -9.65 -36.32 14.08
C CYS A 554 -9.86 -37.73 13.51
N SER A 555 -10.21 -37.84 12.24
CA SER A 555 -10.54 -39.14 11.58
C SER A 555 -9.26 -39.82 11.07
N GLY A 556 -8.14 -39.11 11.00
CA GLY A 556 -6.92 -39.63 10.37
C GLY A 556 -6.98 -39.57 8.84
N GLU A 557 -7.95 -38.87 8.26
CA GLU A 557 -8.00 -38.61 6.79
C GLU A 557 -6.88 -37.62 6.41
N ALA A 558 -6.58 -36.67 7.28
CA ALA A 558 -5.65 -35.56 7.01
C ALA A 558 -4.27 -36.14 6.77
N THR A 559 -3.60 -35.68 5.71
CA THR A 559 -2.25 -36.19 5.34
C THR A 559 -1.18 -35.14 5.69
N TYR A 560 -0.04 -35.64 6.16
CA TYR A 560 1.17 -34.85 6.45
C TYR A 560 2.25 -35.38 5.52
N SER A 561 3.42 -34.76 5.49
CA SER A 561 4.54 -35.09 4.58
C SER A 561 4.80 -36.60 4.56
N ASN A 562 4.95 -37.25 5.72
CA ASN A 562 5.37 -38.68 5.73
C ASN A 562 4.15 -39.57 5.55
N ASP A 563 2.97 -39.01 5.29
CA ASP A 563 1.77 -39.83 5.01
C ASP A 563 1.69 -40.13 3.52
N LEU A 564 2.64 -39.63 2.73
CA LEU A 564 2.79 -40.03 1.31
C LEU A 564 2.88 -41.55 1.28
N PRO A 565 2.12 -42.20 0.37
CA PRO A 565 2.18 -43.65 0.24
C PRO A 565 3.60 -44.15 0.00
N THR A 566 3.85 -45.41 0.33
CA THR A 566 5.05 -46.21 -0.03
C THR A 566 5.35 -46.02 -1.52
N GLN A 567 6.58 -45.64 -1.84
CA GLN A 567 7.10 -45.48 -3.22
C GLN A 567 8.00 -46.70 -3.46
N HIS A 568 8.03 -47.25 -4.67
CA HIS A 568 8.90 -48.40 -5.06
CA HIS A 568 8.90 -48.43 -4.96
C HIS A 568 10.38 -48.01 -4.86
N ASN A 569 11.17 -48.87 -4.19
CA ASN A 569 12.63 -48.73 -3.93
C ASN A 569 12.93 -47.60 -2.94
N GLN A 570 11.96 -47.16 -2.13
CA GLN A 570 12.22 -46.09 -1.15
C GLN A 570 13.23 -46.58 -0.11
N LEU A 571 14.07 -45.66 0.35
CA LEU A 571 14.97 -45.86 1.50
C LEU A 571 14.67 -44.77 2.54
N TRP A 572 15.15 -44.98 3.74
CA TRP A 572 15.06 -44.05 4.87
C TRP A 572 16.47 -43.56 5.20
N ALA A 573 16.58 -42.32 5.65
CA ALA A 573 17.85 -41.66 6.00
C ALA A 573 17.86 -41.40 7.50
N ALA A 574 19.09 -41.36 8.06
CA ALA A 574 19.42 -40.91 9.42
C ALA A 574 20.84 -40.33 9.40
N PHE A 575 21.08 -39.30 10.19
CA PHE A 575 22.41 -38.64 10.31
C PHE A 575 23.39 -39.57 11.00
N VAL A 576 24.65 -39.55 10.56
CA VAL A 576 25.84 -40.02 11.32
C VAL A 576 26.43 -38.76 11.93
N ILE A 577 26.68 -38.76 13.24
CA ILE A 577 27.07 -37.53 13.99
C ILE A 577 28.50 -37.65 14.49
N ALA A 578 29.18 -36.51 14.60
CA ALA A 578 30.44 -36.32 15.34
C ALA A 578 30.09 -36.05 16.80
N LYS A 579 30.94 -36.51 17.71
CA LYS A 579 30.71 -36.48 19.18
C LYS A 579 31.89 -35.85 19.93
N LYS A 580 32.85 -35.29 19.19
CA LYS A 580 34.14 -34.77 19.75
C LYS A 580 34.29 -33.31 19.34
N VAL A 581 33.90 -32.40 20.23
CA VAL A 581 33.93 -30.94 19.92
C VAL A 581 35.39 -30.50 19.76
N GLY A 582 35.67 -29.75 18.69
CA GLY A 582 36.97 -29.13 18.43
C GLY A 582 37.90 -30.04 17.63
N ALA A 583 37.58 -31.34 17.56
CA ALA A 583 38.33 -32.39 16.85
C ALA A 583 37.98 -32.33 15.36
N LYS A 584 38.78 -32.98 14.52
CA LYS A 584 38.49 -33.18 13.08
C LYS A 584 38.36 -34.67 12.85
N VAL A 585 37.42 -35.08 12.02
CA VAL A 585 37.21 -36.48 11.60
C VAL A 585 38.19 -36.74 10.45
N THR A 586 39.11 -37.70 10.64
CA THR A 586 40.19 -38.04 9.69
C THR A 586 39.86 -39.30 8.90
N LYS A 587 39.01 -40.18 9.45
CA LYS A 587 38.71 -41.51 8.86
C LYS A 587 37.27 -41.90 9.24
N VAL A 588 36.53 -42.48 8.30
CA VAL A 588 35.15 -42.99 8.54
C VAL A 588 35.11 -44.43 8.10
N ASP A 589 34.71 -45.36 8.98
CA ASP A 589 34.51 -46.79 8.64
C ASP A 589 33.01 -47.09 8.63
N THR A 590 32.45 -47.29 7.44
CA THR A 590 31.02 -47.53 7.17
C THR A 590 30.72 -49.04 7.15
N GLN A 591 31.76 -49.88 7.20
CA GLN A 591 31.64 -51.36 7.00
C GLN A 591 30.65 -51.97 7.99
N PRO A 592 30.69 -51.62 9.30
CA PRO A 592 29.75 -52.18 10.28
C PRO A 592 28.29 -51.85 9.91
N ALA A 593 28.03 -50.65 9.37
CA ALA A 593 26.69 -50.24 8.89
C ALA A 593 26.34 -51.08 7.66
N LEU A 594 27.22 -51.11 6.66
CA LEU A 594 26.94 -51.78 5.35
C LEU A 594 26.84 -53.30 5.49
N ASP A 595 27.38 -53.91 6.56
CA ASP A 595 27.30 -55.37 6.83
C ASP A 595 25.86 -55.76 7.16
N LEU A 596 25.05 -54.84 7.68
CA LEU A 596 23.62 -55.16 7.96
C LEU A 596 22.90 -55.27 6.62
N PRO A 597 22.24 -56.39 6.32
CA PRO A 597 21.45 -56.48 5.10
C PRO A 597 20.30 -55.46 5.15
N GLY A 598 20.07 -54.75 4.05
CA GLY A 598 19.08 -53.67 3.91
C GLY A 598 19.67 -52.29 4.09
N VAL A 599 20.95 -52.19 4.46
CA VAL A 599 21.65 -50.88 4.48
C VAL A 599 22.29 -50.71 3.11
N VAL A 600 22.09 -49.56 2.47
CA VAL A 600 22.41 -49.39 1.02
C VAL A 600 23.66 -48.53 0.83
N ALA A 601 23.85 -47.46 1.62
CA ALA A 601 24.86 -46.44 1.30
C ALA A 601 25.05 -45.44 2.43
N TYR A 602 26.23 -44.82 2.42
CA TYR A 602 26.62 -43.68 3.26
C TYR A 602 27.01 -42.54 2.32
N LEU A 603 26.54 -41.32 2.62
CA LEU A 603 26.81 -40.08 1.87
C LEU A 603 27.28 -39.02 2.86
N ASP A 604 28.27 -38.23 2.45
CA ASP A 604 28.92 -37.16 3.26
C ASP A 604 29.19 -35.95 2.33
N ALA A 605 29.97 -34.98 2.79
CA ALA A 605 30.26 -33.70 2.07
C ALA A 605 30.81 -34.00 0.66
N LYS A 606 31.60 -35.06 0.50
CA LYS A 606 32.29 -35.38 -0.77
C LYS A 606 31.23 -35.62 -1.85
N ASP A 607 30.00 -35.94 -1.46
CA ASP A 607 28.91 -36.29 -2.40
C ASP A 607 28.14 -35.02 -2.80
N ILE A 608 28.35 -33.88 -2.15
CA ILE A 608 27.57 -32.65 -2.41
C ILE A 608 28.11 -32.02 -3.69
N PRO A 609 27.32 -31.94 -4.78
CA PRO A 609 27.77 -31.29 -6.01
C PRO A 609 28.04 -29.79 -5.86
N GLY A 610 27.14 -29.11 -5.16
CA GLY A 610 27.15 -27.65 -5.01
C GLY A 610 27.81 -27.26 -3.70
N PRO A 611 27.67 -25.99 -3.26
CA PRO A 611 28.25 -25.56 -2.00
C PRO A 611 27.70 -26.38 -0.82
N ASN A 612 28.57 -26.78 0.11
CA ASN A 612 28.17 -27.48 1.35
C ASN A 612 27.62 -26.40 2.28
N TYR A 613 26.40 -25.96 2.01
CA TYR A 613 25.77 -24.77 2.65
C TYR A 613 24.25 -24.97 2.78
N VAL A 614 23.74 -24.78 3.99
CA VAL A 614 22.28 -24.82 4.31
C VAL A 614 21.76 -23.38 4.30
N GLY A 615 21.30 -22.92 3.13
CA GLY A 615 20.63 -21.63 2.98
C GLY A 615 20.46 -21.25 1.52
N PRO A 616 20.00 -20.01 1.23
CA PRO A 616 19.65 -19.61 -0.13
C PRO A 616 20.91 -19.21 -0.93
N LYS A 617 20.79 -19.04 -2.25
CA LYS A 617 21.91 -18.50 -3.08
C LYS A 617 22.22 -17.08 -2.62
N ILE A 618 21.21 -16.22 -2.42
CA ILE A 618 21.41 -14.81 -1.97
C ILE A 618 20.99 -14.71 -0.51
N ARG A 619 21.94 -14.32 0.35
CA ARG A 619 21.85 -14.34 1.82
C ARG A 619 21.58 -12.92 2.34
N ASP A 620 21.07 -12.81 3.57
CA ASP A 620 20.77 -11.54 4.29
C ASP A 620 21.65 -11.44 5.54
N GLN A 621 21.32 -10.56 6.47
CA GLN A 621 22.10 -10.32 7.71
C GLN A 621 21.31 -10.78 8.94
N PHE A 622 20.06 -11.23 8.81
CA PHE A 622 19.24 -11.73 9.96
C PHE A 622 19.29 -13.28 10.02
N PHE A 623 18.75 -13.97 9.02
CA PHE A 623 18.68 -15.45 8.98
C PHE A 623 20.04 -16.07 8.70
N PHE A 624 20.80 -15.53 7.73
CA PHE A 624 21.89 -16.29 7.05
C PHE A 624 23.25 -15.58 7.02
N PRO A 625 23.60 -14.73 8.02
CA PRO A 625 24.89 -14.04 7.99
C PRO A 625 26.13 -14.96 8.13
N LYS A 626 25.98 -16.12 8.77
CA LYS A 626 27.10 -17.06 9.04
C LYS A 626 26.92 -18.36 8.24
N ASP A 627 28.03 -18.86 7.69
CA ASP A 627 28.07 -20.13 6.91
C ASP A 627 27.66 -21.26 7.83
N GLU A 628 26.87 -22.19 7.30
CA GLU A 628 26.44 -23.41 8.00
C GLU A 628 26.52 -24.54 6.98
N GLU A 629 27.34 -25.55 7.30
CA GLU A 629 27.54 -26.78 6.49
C GLU A 629 26.33 -27.72 6.67
N LEU A 630 25.94 -28.38 5.58
CA LEU A 630 25.03 -29.55 5.64
C LEU A 630 25.76 -30.68 6.36
N PHE A 631 27.00 -30.97 5.96
CA PHE A 631 27.85 -32.01 6.60
C PHE A 631 29.18 -31.39 7.05
N ALA A 632 29.53 -31.53 8.33
CA ALA A 632 30.81 -31.05 8.90
C ALA A 632 32.00 -31.60 8.12
N THR A 633 32.91 -30.70 7.69
CA THR A 633 34.19 -31.05 7.03
C THR A 633 35.40 -30.59 7.85
N GLY A 634 35.25 -29.76 8.90
CA GLY A 634 36.41 -29.24 9.65
C GLY A 634 36.37 -29.59 11.13
N GLU A 635 36.64 -28.61 11.99
CA GLU A 635 36.47 -28.75 13.44
C GLU A 635 34.98 -28.97 13.73
N ILE A 636 34.68 -30.02 14.48
CA ILE A 636 33.29 -30.32 14.93
C ILE A 636 32.90 -29.21 15.90
N LYS A 637 31.72 -28.62 15.67
CA LYS A 637 31.30 -27.36 16.32
C LYS A 637 30.45 -27.65 17.56
N PHE A 638 29.81 -28.80 17.60
CA PHE A 638 28.95 -29.24 18.75
C PHE A 638 28.81 -30.76 18.70
N TYR A 639 28.61 -31.37 19.86
CA TYR A 639 28.24 -32.80 19.95
C TYR A 639 26.89 -32.97 19.22
N GLY A 640 26.86 -33.82 18.21
CA GLY A 640 25.65 -34.15 17.43
C GLY A 640 25.71 -33.60 16.03
N GLN A 641 26.81 -32.95 15.65
CA GLN A 641 26.95 -32.32 14.31
C GLN A 641 27.01 -33.41 13.26
N PRO A 642 26.03 -33.47 12.33
CA PRO A 642 26.07 -34.47 11.26
C PRO A 642 27.30 -34.36 10.36
N VAL A 643 27.85 -35.51 10.03
CA VAL A 643 28.97 -35.64 9.06
C VAL A 643 28.46 -36.36 7.81
N GLY A 644 27.30 -37.01 7.90
CA GLY A 644 26.70 -37.70 6.75
C GLY A 644 25.37 -38.39 7.08
N ILE A 645 24.92 -39.26 6.17
CA ILE A 645 23.64 -39.98 6.29
C ILE A 645 23.89 -41.42 5.86
N ILE A 646 23.21 -42.34 6.55
CA ILE A 646 23.02 -43.74 6.10
C ILE A 646 21.62 -43.80 5.45
N LEU A 647 21.48 -44.58 4.39
CA LEU A 647 20.18 -44.92 3.77
C LEU A 647 20.01 -46.42 3.92
N ALA A 648 18.83 -46.86 4.37
CA ALA A 648 18.49 -48.28 4.53
C ALA A 648 17.00 -48.47 4.23
N ASN A 649 16.57 -49.73 4.17
CA ASN A 649 15.24 -50.13 3.63
C ASN A 649 14.18 -50.04 4.74
N SER A 650 14.51 -49.51 5.91
CA SER A 650 13.54 -49.27 7.02
C SER A 650 14.08 -48.13 7.88
N ASN A 651 13.18 -47.40 8.51
CA ASN A 651 13.56 -46.24 9.38
C ASN A 651 14.38 -46.77 10.57
N SER A 652 13.97 -47.93 11.10
CA SER A 652 14.61 -48.61 12.27
C SER A 652 16.05 -48.96 11.92
N LEU A 653 16.26 -49.55 10.75
CA LEU A 653 17.59 -49.99 10.27
C LEU A 653 18.50 -48.78 9.96
N ALA A 654 17.95 -47.71 9.36
CA ALA A 654 18.72 -46.48 9.07
C ALA A 654 19.27 -45.89 10.36
N ASN A 655 18.43 -45.83 11.39
CA ASN A 655 18.77 -45.23 12.70
C ASN A 655 19.82 -46.12 13.40
N ARG A 656 19.61 -47.43 13.41
CA ARG A 656 20.56 -48.40 14.02
C ARG A 656 21.89 -48.40 13.25
N ALA A 657 21.87 -48.49 11.92
CA ALA A 657 23.10 -48.51 11.08
C ALA A 657 23.90 -47.22 11.29
N ALA A 658 23.26 -46.06 11.41
CA ALA A 658 23.95 -44.74 11.55
C ALA A 658 24.78 -44.72 12.83
N GLU A 659 24.31 -45.37 13.90
CA GLU A 659 25.05 -45.48 15.18
C GLU A 659 26.29 -46.37 15.03
N LEU A 660 26.37 -47.20 13.98
CA LEU A 660 27.43 -48.24 13.79
C LEU A 660 28.59 -47.74 12.94
N VAL A 661 28.47 -46.56 12.32
CA VAL A 661 29.57 -45.96 11.50
C VAL A 661 30.62 -45.46 12.47
N LYS A 662 31.87 -45.88 12.34
CA LYS A 662 32.94 -45.52 13.33
C LYS A 662 33.67 -44.29 12.78
N LEU A 663 33.75 -43.24 13.59
CA LEU A 663 34.54 -42.03 13.26
C LEU A 663 35.83 -42.07 14.06
N THR A 664 36.94 -41.82 13.40
CA THR A 664 38.26 -41.55 14.01
C THR A 664 38.47 -40.03 13.99
N TYR A 665 38.71 -39.47 15.16
CA TYR A 665 38.93 -38.04 15.45
C TYR A 665 40.44 -37.78 15.57
N GLU A 666 40.85 -36.56 15.27
CA GLU A 666 42.24 -36.07 15.46
C GLU A 666 42.11 -34.77 16.26
N GLY A 667 42.62 -34.76 17.48
CA GLY A 667 42.62 -33.58 18.36
C GLY A 667 41.35 -33.54 19.20
N GLY A 668 40.84 -32.34 19.44
CA GLY A 668 39.75 -32.09 20.40
C GLY A 668 40.06 -30.84 21.19
N ALA A 669 39.06 -30.00 21.44
CA ALA A 669 39.15 -28.81 22.33
C ALA A 669 39.40 -29.27 23.76
N GLU A 670 40.33 -28.62 24.47
CA GLU A 670 40.62 -28.97 25.88
C GLU A 670 39.62 -28.26 26.79
N GLU A 671 38.89 -27.24 26.28
CA GLU A 671 37.76 -26.60 27.00
C GLU A 671 36.50 -26.62 26.11
N ILE A 672 35.49 -27.40 26.48
CA ILE A 672 34.15 -27.40 25.81
C ILE A 672 33.19 -26.56 26.66
N LEU A 673 32.54 -25.57 26.05
CA LEU A 673 31.66 -24.59 26.76
C LEU A 673 30.29 -24.67 26.10
N PRO A 674 29.51 -25.74 26.43
CA PRO A 674 28.26 -26.04 25.72
C PRO A 674 27.00 -25.33 26.24
N SER A 675 27.15 -24.36 27.14
CA SER A 675 25.99 -23.65 27.76
C SER A 675 26.36 -22.19 27.95
N LEU A 676 25.35 -21.33 28.04
CA LEU A 676 25.49 -19.89 28.34
C LEU A 676 26.28 -19.68 29.64
N LYS A 677 25.96 -20.42 30.71
CA LYS A 677 26.70 -20.42 31.98
C LYS A 677 28.18 -20.79 31.76
N ALA A 678 28.48 -21.84 30.99
CA ALA A 678 29.87 -22.28 30.77
C ALA A 678 30.69 -21.13 30.17
N VAL A 679 30.13 -20.41 29.19
CA VAL A 679 30.86 -19.33 28.47
C VAL A 679 31.01 -18.13 29.41
N LEU A 680 29.95 -17.76 30.12
CA LEU A 680 29.91 -16.51 30.94
C LEU A 680 30.80 -16.66 32.18
N ASP A 681 30.90 -17.87 32.74
CA ASP A 681 31.73 -18.19 33.94
C ASP A 681 33.22 -18.05 33.61
N LYS A 682 33.58 -18.08 32.33
CA LYS A 682 34.96 -18.12 31.78
C LYS A 682 35.38 -16.74 31.23
N VAL A 683 34.58 -15.69 31.48
CA VAL A 683 34.80 -14.33 30.90
C VAL A 683 35.46 -13.45 31.96
N ASN A 690 36.77 -11.53 24.11
CA ASN A 690 36.52 -12.97 23.82
C ASN A 690 35.68 -13.11 22.55
N LYS A 691 36.09 -13.99 21.64
CA LYS A 691 35.51 -14.19 20.28
C LYS A 691 34.05 -14.68 20.37
N ARG A 692 33.67 -15.34 21.45
CA ARG A 692 32.31 -15.93 21.64
C ARG A 692 31.29 -14.84 21.98
N LEU A 693 31.72 -13.67 22.50
CA LEU A 693 30.83 -12.53 22.85
C LEU A 693 30.81 -11.46 21.76
N GLU A 694 29.64 -11.05 21.30
CA GLU A 694 29.44 -9.86 20.42
C GLU A 694 28.46 -8.95 21.16
N GLN A 695 28.49 -7.66 20.89
CA GLN A 695 27.62 -6.67 21.57
C GLN A 695 26.80 -5.91 20.53
N PRO A 696 25.71 -6.48 19.98
CA PRO A 696 24.86 -5.76 19.05
C PRO A 696 24.10 -4.57 19.69
N ILE A 697 23.79 -4.65 20.99
CA ILE A 697 23.07 -3.57 21.70
C ILE A 697 24.03 -2.86 22.66
N LYS A 698 24.38 -1.63 22.30
CA LYS A 698 25.31 -0.78 23.09
C LYS A 698 24.53 0.50 23.42
N SER A 699 24.17 0.65 24.70
CA SER A 699 23.47 1.84 25.25
C SER A 699 24.20 3.12 24.85
N THR A 700 23.46 4.20 24.59
CA THR A 700 24.02 5.57 24.40
C THR A 700 24.36 6.15 25.78
N ILE A 701 23.87 5.54 26.87
CA ILE A 701 24.26 5.91 28.26
C ILE A 701 25.43 5.00 28.67
N ASP A 702 26.64 5.57 28.75
CA ASP A 702 27.89 4.83 29.10
C ASP A 702 27.88 4.46 30.59
N VAL A 703 27.59 5.43 31.47
CA VAL A 703 27.34 5.20 32.92
C VAL A 703 26.02 5.87 33.27
N LEU A 704 25.10 5.16 33.90
CA LEU A 704 23.82 5.77 34.36
C LEU A 704 24.16 6.90 35.34
N GLN A 705 23.63 8.10 35.08
CA GLN A 705 23.92 9.36 35.82
C GLN A 705 23.08 9.46 37.10
N LEU A 706 21.87 8.90 37.12
CA LEU A 706 20.80 9.01 38.16
C LEU A 706 20.96 10.29 39.01
N GLU A 707 20.59 11.42 38.42
CA GLU A 707 20.49 12.72 39.12
C GLU A 707 19.25 12.74 40.03
N GLU A 708 18.20 11.96 39.69
CA GLU A 708 16.99 11.78 40.54
C GLU A 708 17.38 11.14 41.88
N PRO A 709 16.71 11.50 43.00
CA PRO A 709 16.93 10.82 44.29
C PRO A 709 16.24 9.45 44.29
N PHE A 710 16.72 8.52 45.11
CA PHE A 710 16.15 7.14 45.20
C PHE A 710 16.21 6.66 46.64
N ASP A 711 15.25 5.85 47.07
CA ASP A 711 15.09 5.39 48.48
C ASP A 711 15.56 3.95 48.61
N VAL A 712 15.37 3.15 47.56
CA VAL A 712 15.70 1.70 47.55
C VAL A 712 16.48 1.40 46.28
N SER A 713 17.53 0.59 46.40
CA SER A 713 18.29 0.04 45.25
C SER A 713 18.63 -1.41 45.56
N SER A 714 18.85 -2.18 44.52
CA SER A 714 19.31 -3.58 44.64
C SER A 714 19.79 -4.04 43.28
N SER A 715 20.42 -5.19 43.29
CA SER A 715 20.95 -5.91 42.11
C SER A 715 20.27 -7.26 42.10
N GLY A 716 20.06 -7.80 40.90
CA GLY A 716 19.46 -9.14 40.75
C GLY A 716 19.84 -9.73 39.42
N GLN A 717 19.34 -10.93 39.18
CA GLN A 717 19.57 -11.73 37.95
C GLN A 717 18.26 -12.36 37.52
N LEU A 718 18.19 -12.69 36.23
CA LEU A 718 17.13 -13.49 35.59
C LEU A 718 17.82 -14.53 34.72
N ASP A 719 17.47 -15.80 34.89
CA ASP A 719 18.12 -16.88 34.11
C ASP A 719 17.06 -17.77 33.47
N MET A 720 17.04 -17.84 32.13
CA MET A 720 16.05 -18.63 31.35
C MET A 720 16.78 -19.55 30.34
N GLY A 721 16.47 -20.84 30.38
CA GLY A 721 17.17 -21.89 29.62
C GLY A 721 16.70 -22.04 28.19
N LEU A 722 17.15 -23.09 27.52
CA LEU A 722 16.65 -23.40 26.16
C LEU A 722 15.23 -23.92 26.30
N GLN A 723 14.45 -23.90 25.22
CA GLN A 723 13.16 -24.61 25.13
C GLN A 723 13.15 -25.38 23.82
N TYR A 724 12.89 -26.70 23.88
CA TYR A 724 12.61 -27.54 22.69
C TYR A 724 11.15 -27.29 22.24
N HIS A 725 10.99 -27.03 20.94
CA HIS A 725 9.71 -26.72 20.27
C HIS A 725 8.68 -27.82 20.57
N TYR A 726 9.12 -29.07 20.54
CA TYR A 726 8.27 -30.27 20.76
C TYR A 726 7.03 -30.23 19.85
N TYR A 727 7.20 -29.89 18.56
CA TYR A 727 6.18 -30.15 17.52
C TYR A 727 5.92 -31.66 17.52
N MET A 728 4.67 -32.11 17.40
CA MET A 728 4.36 -33.55 17.52
C MET A 728 4.62 -34.28 16.20
N GLU A 729 4.69 -33.56 15.07
CA GLU A 729 5.24 -34.11 13.80
C GLU A 729 6.75 -33.88 13.78
N PRO A 730 7.59 -34.93 13.72
CA PRO A 730 9.03 -34.73 13.79
C PRO A 730 9.44 -34.01 12.50
N GLN A 731 10.67 -33.49 12.47
CA GLN A 731 11.32 -33.00 11.23
C GLN A 731 11.21 -34.13 10.20
N THR A 732 10.69 -33.80 9.01
CA THR A 732 10.28 -34.77 7.98
C THR A 732 10.46 -34.16 6.59
N THR A 733 11.13 -34.88 5.70
CA THR A 733 11.08 -34.62 4.23
C THR A 733 11.09 -35.95 3.49
N VAL A 734 10.21 -36.07 2.50
CA VAL A 734 10.20 -37.13 1.47
C VAL A 734 10.55 -36.52 0.11
N VAL A 735 11.52 -37.09 -0.58
CA VAL A 735 11.92 -36.58 -1.92
C VAL A 735 11.81 -37.70 -2.95
N LEU A 736 11.06 -37.48 -4.02
CA LEU A 736 10.90 -38.42 -5.16
C LEU A 736 11.67 -37.87 -6.34
N PRO A 737 12.62 -38.64 -6.94
CA PRO A 737 13.13 -38.32 -8.27
C PRO A 737 11.91 -38.35 -9.21
N PHE A 738 11.73 -37.35 -10.06
CA PHE A 738 10.55 -37.24 -10.94
C PHE A 738 10.89 -36.48 -12.24
N GLU A 739 10.80 -37.17 -13.38
CA GLU A 739 10.97 -36.58 -14.75
C GLU A 739 12.20 -35.66 -14.77
N GLY A 740 13.34 -36.15 -14.24
CA GLY A 740 14.65 -35.46 -14.24
C GLY A 740 14.74 -34.31 -13.25
N GLY A 741 13.74 -34.15 -12.39
CA GLY A 741 13.78 -33.18 -11.29
C GLY A 741 13.44 -33.88 -10.00
N LEU A 742 12.98 -33.12 -9.00
CA LEU A 742 12.65 -33.64 -7.66
C LEU A 742 11.28 -33.10 -7.26
N GLN A 743 10.48 -33.96 -6.64
CA GLN A 743 9.25 -33.62 -5.88
C GLN A 743 9.58 -33.77 -4.41
N VAL A 744 9.46 -32.68 -3.67
CA VAL A 744 9.82 -32.57 -2.24
C VAL A 744 8.56 -32.35 -1.38
N TYR A 745 8.32 -33.24 -0.44
CA TYR A 745 7.19 -33.23 0.52
C TYR A 745 7.79 -32.95 1.89
N ALA A 746 7.90 -31.67 2.23
CA ALA A 746 8.70 -31.18 3.37
C ALA A 746 7.77 -30.57 4.41
N ALA A 747 7.94 -30.94 5.66
CA ALA A 747 7.30 -30.28 6.81
C ALA A 747 8.11 -29.01 7.10
N THR A 748 7.79 -27.93 6.37
CA THR A 748 8.50 -26.62 6.41
C THR A 748 7.49 -25.48 6.58
N GLN A 749 7.91 -24.42 7.29
CA GLN A 749 7.14 -23.15 7.40
C GLN A 749 7.59 -22.20 6.27
N TRP A 750 8.52 -22.61 5.43
CA TRP A 750 9.13 -21.76 4.38
C TRP A 750 9.57 -22.62 3.20
N MET A 751 8.62 -23.00 2.34
CA MET A 751 8.87 -23.85 1.16
C MET A 751 9.98 -23.22 0.32
N ASP A 752 9.90 -21.92 0.08
CA ASP A 752 10.82 -21.22 -0.83
C ASP A 752 12.26 -21.47 -0.38
N LEU A 753 12.55 -21.40 0.92
CA LEU A 753 13.95 -21.60 1.43
C LEU A 753 14.32 -23.08 1.24
N THR A 754 13.39 -24.01 1.48
CA THR A 754 13.63 -25.45 1.20
C THR A 754 14.05 -25.63 -0.27
N GLN A 755 13.33 -24.98 -1.18
CA GLN A 755 13.53 -25.12 -2.64
C GLN A 755 14.91 -24.54 -3.00
N ASP A 756 15.15 -23.33 -2.53
CA ASP A 756 16.38 -22.54 -2.77
C ASP A 756 17.53 -23.45 -2.30
N THR A 757 17.50 -23.92 -1.03
CA THR A 757 18.61 -24.71 -0.41
C THR A 757 18.86 -25.98 -1.24
N ILE A 758 17.82 -26.69 -1.64
CA ILE A 758 18.00 -28.00 -2.32
C ILE A 758 18.63 -27.73 -3.69
N ALA A 759 18.13 -26.74 -4.42
CA ALA A 759 18.59 -26.42 -5.79
C ALA A 759 20.06 -26.00 -5.73
N ASN A 760 20.43 -25.24 -4.72
CA ASN A 760 21.79 -24.72 -4.56
C ASN A 760 22.74 -25.89 -4.25
N VAL A 761 22.40 -26.71 -3.26
CA VAL A 761 23.28 -27.82 -2.78
C VAL A 761 23.44 -28.86 -3.90
N LEU A 762 22.47 -29.03 -4.81
CA LEU A 762 22.55 -30.06 -5.87
C LEU A 762 22.85 -29.46 -7.24
N ASN A 763 23.06 -28.15 -7.35
CA ASN A 763 23.27 -27.49 -8.67
C ASN A 763 22.09 -27.80 -9.59
N LEU A 764 20.86 -27.57 -9.14
CA LEU A 764 19.68 -27.79 -10.03
C LEU A 764 19.01 -26.44 -10.27
N LYS A 765 18.09 -26.41 -11.22
CA LYS A 765 17.16 -25.30 -11.45
C LYS A 765 16.00 -25.43 -10.46
N SER A 766 15.59 -24.31 -9.88
CA SER A 766 14.49 -24.22 -8.89
C SER A 766 13.19 -24.76 -9.48
N ASN A 767 12.96 -24.57 -10.77
CA ASN A 767 11.67 -24.96 -11.39
C ASN A 767 11.61 -26.48 -11.48
N ASP A 768 12.75 -27.16 -11.31
CA ASP A 768 12.88 -28.65 -11.28
C ASP A 768 12.82 -29.17 -9.83
N VAL A 769 12.70 -28.30 -8.84
CA VAL A 769 12.62 -28.67 -7.39
C VAL A 769 11.27 -28.17 -6.86
N GLN A 770 10.26 -29.01 -7.00
CA GLN A 770 8.88 -28.63 -6.62
C GLN A 770 8.64 -29.13 -5.19
N VAL A 771 8.26 -28.20 -4.32
CA VAL A 771 7.95 -28.45 -2.90
C VAL A 771 6.44 -28.35 -2.73
N LYS A 772 5.88 -29.32 -2.02
CA LYS A 772 4.45 -29.36 -1.63
C LYS A 772 4.37 -29.56 -0.12
N THR A 773 3.68 -28.63 0.53
CA THR A 773 3.42 -28.64 1.98
C THR A 773 1.94 -28.37 2.21
N ARG A 774 1.15 -29.42 2.33
CA ARG A 774 -0.30 -29.30 2.59
C ARG A 774 -0.47 -28.74 4.01
N ARG A 775 0.26 -29.30 4.97
CA ARG A 775 0.20 -28.92 6.40
C ARG A 775 1.40 -29.51 7.15
N ILE A 776 1.67 -28.98 8.34
CA ILE A 776 2.69 -29.50 9.27
C ILE A 776 2.03 -29.64 10.65
N GLY A 777 2.47 -30.65 11.40
CA GLY A 777 2.08 -30.97 12.79
C GLY A 777 2.88 -30.14 13.76
N GLY A 778 2.63 -28.84 13.76
CA GLY A 778 3.34 -27.85 14.59
C GLY A 778 4.66 -27.43 13.96
N GLY A 779 5.09 -26.21 14.26
CA GLY A 779 6.42 -25.68 13.90
C GLY A 779 6.96 -24.83 15.03
N TYR A 780 6.22 -23.80 15.40
CA TYR A 780 6.51 -22.84 16.49
C TYR A 780 7.84 -22.13 16.21
N GLY A 781 8.32 -22.13 14.97
CA GLY A 781 9.64 -21.57 14.59
C GLY A 781 10.67 -22.64 14.26
N GLY A 782 10.55 -23.83 14.85
CA GLY A 782 11.56 -24.89 14.69
C GLY A 782 11.56 -25.49 13.30
N LYS A 783 10.53 -25.24 12.49
CA LYS A 783 10.49 -25.73 11.08
C LYS A 783 10.63 -24.54 10.12
N ALA A 784 11.09 -23.38 10.61
CA ALA A 784 11.36 -22.20 9.77
C ALA A 784 12.59 -22.49 8.90
N THR A 785 13.68 -22.98 9.51
CA THR A 785 14.99 -23.23 8.86
C THR A 785 15.57 -24.61 9.20
N ARG A 786 15.36 -25.15 10.39
CA ARG A 786 16.07 -26.41 10.79
C ARG A 786 15.48 -27.62 10.08
N CYS A 787 14.36 -27.48 9.36
CA CYS A 787 13.80 -28.53 8.48
C CYS A 787 14.80 -28.84 7.36
N ASN A 788 15.76 -27.95 7.09
CA ASN A 788 16.51 -28.03 5.80
C ASN A 788 17.76 -28.90 5.89
N LEU A 789 18.26 -29.21 7.09
CA LEU A 789 19.37 -30.19 7.17
C LEU A 789 18.86 -31.54 6.61
N ALA A 790 17.74 -32.04 7.10
CA ALA A 790 17.08 -33.28 6.66
C ALA A 790 16.55 -33.16 5.22
N ALA A 791 15.95 -32.04 4.85
CA ALA A 791 15.37 -31.85 3.50
C ALA A 791 16.51 -31.93 2.48
N ALA A 792 17.61 -31.23 2.75
CA ALA A 792 18.77 -31.18 1.83
C ALA A 792 19.47 -32.53 1.84
N ALA A 793 19.58 -33.20 3.01
CA ALA A 793 20.18 -34.55 3.08
C ALA A 793 19.35 -35.55 2.25
N ALA A 794 18.03 -35.56 2.43
CA ALA A 794 17.09 -36.44 1.70
C ALA A 794 17.21 -36.22 0.19
N ALA A 795 17.28 -34.97 -0.24
CA ALA A 795 17.29 -34.59 -1.68
C ALA A 795 18.61 -35.01 -2.28
N LEU A 796 19.72 -34.72 -1.59
CA LEU A 796 21.05 -35.24 -1.99
C LEU A 796 20.96 -36.74 -2.28
N ALA A 797 20.40 -37.53 -1.37
CA ALA A 797 20.34 -38.99 -1.48
C ALA A 797 19.45 -39.37 -2.67
N ALA A 798 18.30 -38.70 -2.83
CA ALA A 798 17.34 -39.05 -3.89
C ALA A 798 18.02 -38.80 -5.24
N HIS A 799 18.72 -37.67 -5.34
CA HIS A 799 19.47 -37.26 -6.54
C HIS A 799 20.55 -38.30 -6.87
N LYS A 800 21.42 -38.66 -5.92
CA LYS A 800 22.58 -39.57 -6.15
C LYS A 800 22.12 -41.02 -6.43
N LEU A 801 21.19 -41.56 -5.63
CA LEU A 801 20.80 -42.98 -5.68
C LEU A 801 19.67 -43.17 -6.69
N ASN A 802 19.03 -42.08 -7.12
CA ASN A 802 17.91 -42.08 -8.09
C ASN A 802 16.75 -42.96 -7.59
N ARG A 803 16.30 -42.68 -6.38
CA ARG A 803 15.22 -43.42 -5.66
C ARG A 803 14.57 -42.45 -4.68
N PRO A 804 13.32 -42.76 -4.30
CA PRO A 804 12.64 -42.06 -3.21
C PRO A 804 13.41 -42.16 -1.91
N ILE A 805 13.52 -41.05 -1.19
CA ILE A 805 14.18 -41.03 0.14
C ILE A 805 13.20 -40.41 1.13
N ARG A 806 13.05 -41.09 2.27
CA ARG A 806 12.24 -40.63 3.43
C ARG A 806 13.20 -40.29 4.56
N PHE A 807 13.13 -39.06 5.06
CA PHE A 807 13.92 -38.61 6.22
C PHE A 807 12.96 -38.07 7.28
N VAL A 808 12.64 -38.94 8.23
CA VAL A 808 11.82 -38.67 9.43
C VAL A 808 12.81 -38.74 10.58
N GLN A 809 13.32 -37.58 10.99
CA GLN A 809 14.30 -37.45 12.09
C GLN A 809 13.73 -38.05 13.39
N SER A 810 14.52 -38.87 14.08
CA SER A 810 14.18 -39.39 15.42
C SER A 810 14.15 -38.20 16.39
N LEU A 811 13.44 -38.35 17.50
CA LEU A 811 13.41 -37.28 18.53
C LEU A 811 14.84 -37.02 19.02
N GLU A 812 15.61 -38.09 19.26
CA GLU A 812 17.04 -38.02 19.71
C GLU A 812 17.87 -37.26 18.67
N SER A 813 17.68 -37.50 17.37
CA SER A 813 18.41 -36.75 16.32
C SER A 813 18.07 -35.26 16.43
N ILE A 814 16.77 -34.94 16.52
CA ILE A 814 16.22 -33.55 16.56
C ILE A 814 16.81 -32.82 17.78
N MET A 815 16.68 -33.43 18.94
CA MET A 815 17.06 -32.75 20.20
C MET A 815 18.59 -32.74 20.33
N THR A 816 19.30 -33.66 19.70
CA THR A 816 20.78 -33.73 19.84
C THR A 816 21.43 -32.72 18.86
N SER A 817 20.95 -32.65 17.63
CA SER A 817 21.65 -32.01 16.49
C SER A 817 21.06 -30.65 16.12
N LEU A 818 19.79 -30.38 16.43
CA LEU A 818 19.10 -29.11 16.06
C LEU A 818 18.93 -28.23 17.30
N GLY A 819 18.80 -26.93 17.05
CA GLY A 819 18.71 -25.88 18.08
C GLY A 819 17.33 -25.72 18.67
N LYS A 820 17.21 -24.69 19.48
CA LYS A 820 16.11 -24.52 20.45
C LYS A 820 15.93 -23.02 20.70
N ARG A 821 14.89 -22.64 21.42
CA ARG A 821 14.76 -21.25 21.91
C ARG A 821 16.12 -20.85 22.48
N TRP A 822 16.59 -19.66 22.16
CA TRP A 822 17.83 -19.05 22.70
C TRP A 822 17.72 -18.91 24.23
N ALA A 823 18.70 -19.38 25.00
CA ALA A 823 18.80 -19.14 26.47
C ALA A 823 19.12 -17.66 26.70
N PHE A 824 18.74 -17.14 27.87
CA PHE A 824 18.74 -15.71 28.21
C PHE A 824 19.24 -15.58 29.64
N HIS A 825 20.22 -14.71 29.84
CA HIS A 825 20.68 -14.33 31.20
C HIS A 825 20.72 -12.81 31.25
N CYS A 826 20.21 -12.25 32.34
CA CYS A 826 20.21 -10.82 32.63
C CYS A 826 20.77 -10.53 34.04
N ASP A 827 21.68 -9.56 34.12
CA ASP A 827 22.16 -8.91 35.36
C ASP A 827 21.73 -7.46 35.32
N TYR A 828 21.14 -6.97 36.41
CA TYR A 828 20.52 -5.63 36.48
C TYR A 828 20.73 -5.01 37.87
N ASP A 829 20.69 -3.69 37.89
CA ASP A 829 20.58 -2.90 39.13
C ASP A 829 19.32 -2.07 38.94
N PHE A 830 18.56 -1.84 40.01
CA PHE A 830 17.46 -0.87 39.94
C PHE A 830 17.58 0.12 41.09
N PHE A 831 17.02 1.30 40.85
CA PHE A 831 16.97 2.41 41.82
C PHE A 831 15.55 2.94 41.75
N VAL A 832 14.85 2.93 42.89
CA VAL A 832 13.41 3.27 42.94
C VAL A 832 13.14 4.17 44.16
N GLN A 833 12.08 5.00 44.07
CA GLN A 833 11.43 5.68 45.22
C GLN A 833 10.64 4.62 45.98
N LYS A 834 10.25 4.92 47.21
CA LYS A 834 9.60 3.95 48.13
C LYS A 834 8.22 3.53 47.61
N SER A 835 7.64 4.30 46.66
CA SER A 835 6.38 3.97 45.94
C SER A 835 6.61 2.83 44.94
N GLY A 836 7.87 2.52 44.57
CA GLY A 836 8.22 1.56 43.52
C GLY A 836 8.48 2.23 42.18
N LYS A 837 8.22 3.55 42.11
CA LYS A 837 8.53 4.44 40.95
C LYS A 837 10.01 4.34 40.61
N ILE A 838 10.33 4.04 39.35
CA ILE A 838 11.72 3.80 38.90
C ILE A 838 12.46 5.13 38.66
N SER A 839 13.60 5.27 39.34
CA SER A 839 14.59 6.37 39.15
C SER A 839 15.67 5.94 38.15
N GLY A 840 16.04 4.66 38.14
CA GLY A 840 17.03 4.18 37.16
C GLY A 840 17.06 2.68 37.05
N ILE A 841 17.51 2.19 35.91
CA ILE A 841 17.82 0.76 35.67
C ILE A 841 19.12 0.69 34.87
N VAL A 842 19.99 -0.23 35.29
CA VAL A 842 21.12 -0.73 34.48
C VAL A 842 20.85 -2.21 34.24
N SER A 843 20.85 -2.65 32.98
CA SER A 843 20.62 -4.07 32.63
C SER A 843 21.64 -4.52 31.59
N ARG A 844 22.25 -5.67 31.86
CA ARG A 844 23.07 -6.39 30.87
C ARG A 844 22.37 -7.72 30.61
N PHE A 845 22.21 -8.08 29.35
CA PHE A 845 21.65 -9.42 29.02
C PHE A 845 22.53 -10.07 27.95
N TYR A 846 22.50 -11.39 27.98
CA TYR A 846 23.27 -12.32 27.13
C TYR A 846 22.26 -13.35 26.60
N GLU A 847 22.29 -13.59 25.29
CA GLU A 847 21.43 -14.59 24.65
C GLU A 847 22.34 -15.63 24.03
N ASP A 848 22.01 -16.91 24.25
CA ASP A 848 22.81 -18.08 23.83
C ASP A 848 22.42 -18.45 22.40
N ALA A 849 23.36 -18.23 21.46
CA ALA A 849 23.15 -18.39 20.02
C ALA A 849 23.33 -19.83 19.60
N GLY A 850 23.96 -20.66 20.44
CA GLY A 850 24.66 -21.86 19.95
C GLY A 850 25.90 -21.48 19.13
N TYR A 851 26.34 -22.33 18.23
CA TYR A 851 27.68 -22.17 17.63
C TYR A 851 27.68 -21.11 16.54
N LEU A 852 26.52 -20.72 16.00
CA LEU A 852 26.38 -19.67 14.94
C LEU A 852 25.51 -18.50 15.42
N ALA A 853 25.86 -17.30 14.98
CA ALA A 853 25.20 -16.03 15.33
C ALA A 853 23.86 -15.86 14.60
N ASN A 854 23.48 -16.78 13.71
CA ASN A 854 22.24 -16.68 12.87
C ASN A 854 20.98 -16.55 13.72
N GLU A 855 20.00 -15.79 13.22
CA GLU A 855 18.57 -15.74 13.65
C GLU A 855 18.48 -15.15 15.06
N SER A 856 19.23 -14.08 15.34
CA SER A 856 19.25 -13.41 16.67
C SER A 856 17.87 -12.90 17.03
N PRO A 857 17.36 -13.18 18.24
CA PRO A 857 16.11 -12.58 18.70
C PRO A 857 16.28 -11.26 19.44
N ILE A 858 17.50 -10.73 19.49
CA ILE A 858 17.89 -9.63 20.42
C ILE A 858 17.11 -8.35 20.06
N GLY A 859 16.83 -8.11 18.77
CA GLY A 859 15.99 -6.97 18.37
C GLY A 859 14.69 -6.92 19.16
N HIS A 860 13.99 -8.03 19.28
CA HIS A 860 12.64 -8.05 19.89
C HIS A 860 12.77 -7.96 21.42
N THR A 861 13.85 -8.47 21.97
CA THR A 861 14.15 -8.33 23.42
C THR A 861 14.19 -6.83 23.74
N VAL A 862 14.84 -6.06 22.87
CA VAL A 862 15.08 -4.62 23.07
C VAL A 862 13.75 -3.91 22.89
N LEU A 863 13.00 -4.32 21.87
CA LEU A 863 11.71 -3.70 21.46
C LEU A 863 10.75 -3.71 22.65
N LEU A 864 10.80 -4.76 23.49
CA LEU A 864 9.78 -4.99 24.54
C LEU A 864 10.41 -4.77 25.92
N SER A 865 11.65 -4.25 25.97
CA SER A 865 12.45 -4.10 27.22
C SER A 865 11.83 -3.11 28.20
N LYS A 866 11.02 -2.18 27.71
CA LYS A 866 10.36 -1.14 28.54
C LYS A 866 8.93 -1.53 28.84
N ASN A 867 8.42 -2.53 28.13
CA ASN A 867 7.03 -2.99 28.26
C ASN A 867 6.11 -1.77 28.19
N CYS A 868 5.33 -1.45 29.24
CA CYS A 868 4.35 -0.33 29.25
C CYS A 868 4.72 0.74 30.26
N TYR A 869 5.99 0.86 30.62
CA TYR A 869 6.47 1.72 31.72
C TYR A 869 7.17 2.94 31.15
N GLU A 870 7.15 4.01 31.93
CA GLU A 870 7.66 5.35 31.56
C GLU A 870 9.10 5.43 32.05
N PHE A 871 10.00 5.69 31.12
CA PHE A 871 11.45 5.94 31.31
C PHE A 871 11.74 7.36 30.80
N SER A 872 12.84 7.95 31.27
CA SER A 872 13.28 9.31 30.90
C SER A 872 14.79 9.38 31.09
N ASP A 873 15.56 8.94 30.10
CA ASP A 873 17.05 8.99 30.09
C ASP A 873 17.63 8.21 31.28
N ASN A 874 16.99 7.13 31.73
CA ASN A 874 17.33 6.50 33.03
C ASN A 874 17.31 4.97 32.91
N TYR A 875 17.45 4.42 31.71
CA TYR A 875 17.41 2.97 31.44
C TYR A 875 18.59 2.62 30.55
N LYS A 876 19.69 2.18 31.15
CA LYS A 876 20.90 1.77 30.41
C LYS A 876 20.76 0.27 30.06
N LEU A 877 20.70 -0.05 28.78
CA LEU A 877 20.50 -1.46 28.34
C LEU A 877 21.64 -1.86 27.41
N ASP A 878 22.35 -2.91 27.79
CA ASP A 878 23.47 -3.48 27.00
C ASP A 878 23.14 -4.95 26.73
N GLY A 879 23.33 -5.41 25.49
CA GLY A 879 22.92 -6.76 25.05
C GLY A 879 24.02 -7.45 24.27
N TYR A 880 24.29 -8.69 24.61
CA TYR A 880 25.38 -9.50 24.00
C TYR A 880 24.82 -10.76 23.39
N LEU A 881 25.36 -11.10 22.23
CA LEU A 881 25.13 -12.40 21.58
C LEU A 881 26.30 -13.31 21.98
N VAL A 882 26.00 -14.52 22.44
CA VAL A 882 27.00 -15.45 23.01
C VAL A 882 26.98 -16.75 22.22
N CYS A 883 28.11 -17.14 21.62
CA CYS A 883 28.27 -18.43 20.89
C CYS A 883 28.77 -19.50 21.88
N THR A 884 28.05 -20.61 21.96
CA THR A 884 28.31 -21.79 22.83
C THR A 884 28.59 -22.98 21.92
N ASP A 885 29.24 -24.02 22.45
CA ASP A 885 29.52 -25.30 21.75
C ASP A 885 28.25 -26.18 21.83
N SER A 886 27.27 -25.83 21.01
CA SER A 886 25.91 -26.44 21.01
C SER A 886 25.25 -26.15 19.69
N PRO A 887 24.23 -26.93 19.31
CA PRO A 887 23.49 -26.66 18.07
C PRO A 887 23.05 -25.20 17.94
N SER A 888 23.04 -24.73 16.70
CA SER A 888 22.64 -23.36 16.31
C SER A 888 21.20 -23.13 16.75
N ASN A 889 20.97 -22.17 17.65
CA ASN A 889 19.61 -21.94 18.19
C ASN A 889 18.81 -21.16 17.15
N THR A 890 17.49 -21.25 17.25
CA THR A 890 16.52 -20.90 16.17
C THR A 890 15.33 -20.18 16.80
N PRO A 891 14.45 -19.53 16.00
CA PRO A 891 13.22 -18.97 16.54
C PRO A 891 12.33 -20.04 17.20
N CYS A 892 11.71 -19.65 18.30
CA CYS A 892 10.70 -20.45 19.05
C CYS A 892 9.66 -19.46 19.55
N ARG A 893 8.40 -19.84 19.40
CA ARG A 893 7.21 -19.00 19.67
C ARG A 893 7.54 -17.74 20.49
N ALA A 894 7.41 -16.59 19.84
CA ALA A 894 7.65 -15.24 20.39
C ALA A 894 9.13 -15.03 20.74
N PRO A 895 10.07 -15.28 19.79
CA PRO A 895 11.51 -15.13 20.05
C PRO A 895 11.88 -13.68 20.39
N GLY A 896 12.69 -13.49 21.44
CA GLY A 896 13.09 -12.14 21.91
C GLY A 896 12.02 -11.47 22.75
N SER A 897 10.78 -11.48 22.29
CA SER A 897 9.57 -10.90 22.95
C SER A 897 9.41 -11.48 24.37
N VAL A 898 9.52 -12.79 24.48
CA VAL A 898 9.40 -13.48 25.79
C VAL A 898 10.44 -12.94 26.77
N GLU A 899 11.70 -12.83 26.35
CA GLU A 899 12.83 -12.39 27.23
C GLU A 899 12.67 -10.90 27.56
N GLY A 900 12.30 -10.08 26.57
CA GLY A 900 12.04 -8.64 26.75
C GLY A 900 10.99 -8.39 27.82
N ILE A 901 9.83 -9.03 27.72
CA ILE A 901 8.75 -8.91 28.74
C ILE A 901 9.22 -9.52 30.06
N ALA A 902 9.80 -10.72 30.03
CA ALA A 902 10.31 -11.41 31.24
C ALA A 902 11.27 -10.47 31.99
N MET A 903 12.27 -9.92 31.29
CA MET A 903 13.30 -9.01 31.85
C MET A 903 12.63 -7.86 32.60
N MET A 904 11.71 -7.12 31.97
CA MET A 904 11.07 -5.92 32.55
C MET A 904 10.12 -6.31 33.69
N GLU A 905 9.31 -7.36 33.50
CA GLU A 905 8.31 -7.77 34.51
C GLU A 905 9.07 -8.32 35.73
N ASN A 906 10.17 -9.03 35.52
CA ASN A 906 11.02 -9.52 36.64
C ASN A 906 11.45 -8.31 37.50
N ILE A 907 11.99 -7.27 36.88
CA ILE A 907 12.50 -6.09 37.62
C ILE A 907 11.32 -5.47 38.38
N ILE A 908 10.14 -5.35 37.75
CA ILE A 908 8.91 -4.87 38.45
C ILE A 908 8.69 -5.71 39.71
N GLU A 909 8.76 -7.01 39.62
CA GLU A 909 8.43 -7.92 40.76
C GLU A 909 9.51 -7.80 41.85
N HIS A 910 10.76 -7.68 41.42
CA HIS A 910 11.91 -7.52 42.33
C HIS A 910 11.76 -6.19 43.09
N ILE A 911 11.40 -5.13 42.39
CA ILE A 911 11.09 -3.80 42.98
C ILE A 911 10.00 -3.95 44.05
N ALA A 912 8.88 -4.59 43.71
CA ALA A 912 7.75 -4.79 44.65
C ALA A 912 8.31 -5.44 45.91
N PHE A 913 9.12 -6.47 45.73
CA PHE A 913 9.68 -7.28 46.84
C PHE A 913 10.50 -6.37 47.75
N GLU A 914 11.44 -5.59 47.22
CA GLU A 914 12.38 -4.76 48.03
C GLU A 914 11.64 -3.62 48.70
N THR A 915 10.59 -3.07 48.06
CA THR A 915 9.91 -1.85 48.55
C THR A 915 8.78 -2.22 49.50
N GLY A 916 8.31 -3.47 49.47
CA GLY A 916 7.13 -3.90 50.24
C GLY A 916 5.83 -3.41 49.57
N VAL A 917 5.90 -2.87 48.36
CA VAL A 917 4.68 -2.35 47.67
C VAL A 917 4.07 -3.51 46.89
N ASP A 918 2.75 -3.61 46.83
CA ASP A 918 2.07 -4.69 46.07
C ASP A 918 2.50 -4.63 44.60
N PRO A 919 2.76 -5.78 43.93
CA PRO A 919 3.14 -5.76 42.51
C PRO A 919 2.20 -4.98 41.55
N ALA A 920 0.88 -4.94 41.75
CA ALA A 920 -0.04 -4.09 40.96
C ALA A 920 0.31 -2.62 41.18
N ASP A 921 0.67 -2.23 42.40
CA ASP A 921 0.94 -0.81 42.73
C ASP A 921 2.28 -0.37 42.11
N VAL A 922 3.28 -1.24 42.04
CA VAL A 922 4.55 -0.86 41.36
C VAL A 922 4.26 -0.59 39.89
N ARG A 923 3.44 -1.44 39.28
CA ARG A 923 3.02 -1.29 37.86
C ARG A 923 2.25 0.02 37.72
N PHE A 924 1.30 0.33 38.59
CA PHE A 924 0.54 1.61 38.51
C PHE A 924 1.52 2.78 38.63
N ALA A 925 2.52 2.65 39.50
CA ALA A 925 3.46 3.76 39.79
C ALA A 925 4.28 4.09 38.54
N ASN A 926 4.38 3.15 37.58
CA ASN A 926 5.35 3.21 36.46
C ASN A 926 4.66 3.23 35.09
N LEU A 927 3.35 2.99 34.98
CA LEU A 927 2.63 2.95 33.67
C LEU A 927 2.91 4.20 32.85
N LEU A 928 3.09 4.02 31.53
CA LEU A 928 2.96 5.12 30.53
C LEU A 928 1.63 5.83 30.72
N PRO A 929 1.58 7.17 30.57
CA PRO A 929 0.32 7.90 30.63
C PRO A 929 -0.53 7.72 29.37
N ALA A 930 -1.84 7.92 29.48
CA ALA A 930 -2.78 7.95 28.34
C ALA A 930 -2.61 6.67 27.51
N HIS A 931 -2.53 5.53 28.20
CA HIS A 931 -2.16 4.20 27.63
C HIS A 931 -3.33 3.24 27.84
N LYS A 932 -3.60 2.38 26.85
CA LYS A 932 -4.68 1.36 26.94
C LYS A 932 -4.53 0.54 28.24
N MET A 933 -3.31 0.19 28.66
CA MET A 933 -3.11 -0.64 29.88
C MET A 933 -3.69 0.09 31.11
N GLY A 934 -3.75 1.43 31.08
CA GLY A 934 -4.36 2.24 32.16
C GLY A 934 -5.88 2.09 32.26
N ASP A 935 -6.56 1.70 31.19
CA ASP A 935 -8.02 1.37 31.27
C ASP A 935 -8.15 -0.11 31.59
N MET A 936 -7.39 -0.96 30.90
CA MET A 936 -7.51 -2.44 31.02
C MET A 936 -7.15 -2.92 32.44
N MET A 937 -6.06 -2.43 33.05
CA MET A 937 -5.54 -3.02 34.32
C MET A 937 -6.54 -2.85 35.47
N PRO A 938 -7.10 -1.67 35.75
CA PRO A 938 -8.04 -1.55 36.87
C PRO A 938 -9.26 -2.44 36.65
N ARG A 939 -9.79 -2.51 35.42
CA ARG A 939 -11.00 -3.35 35.16
C ARG A 939 -10.64 -4.82 35.44
N PHE A 940 -9.43 -5.26 35.06
CA PHE A 940 -8.93 -6.64 35.23
C PHE A 940 -8.77 -6.97 36.72
N LEU A 941 -8.14 -6.08 37.49
CA LEU A 941 -7.96 -6.32 38.95
C LEU A 941 -9.35 -6.36 39.62
N GLU A 942 -10.28 -5.52 39.16
CA GLU A 942 -11.68 -5.52 39.67
C GLU A 942 -12.31 -6.88 39.39
N SER A 943 -12.35 -7.35 38.14
CA SER A 943 -13.11 -8.58 37.77
C SER A 943 -12.46 -9.85 38.33
N THR A 944 -11.14 -9.89 38.47
CA THR A 944 -10.41 -11.10 38.98
C THR A 944 -10.40 -11.11 40.50
N LYS A 945 -10.97 -10.10 41.17
CA LYS A 945 -10.94 -9.95 42.66
C LYS A 945 -9.49 -10.06 43.17
N TYR A 946 -8.56 -9.41 42.46
CA TYR A 946 -7.10 -9.44 42.75
C TYR A 946 -6.83 -9.13 44.23
N ARG A 947 -7.41 -8.08 44.79
CA ARG A 947 -6.96 -7.54 46.11
C ARG A 947 -7.35 -8.53 47.20
N GLU A 948 -8.61 -8.98 47.21
CA GLU A 948 -9.10 -9.93 48.23
C GLU A 948 -8.33 -11.24 48.05
N ARG A 949 -8.01 -11.67 46.82
CA ARG A 949 -7.38 -12.99 46.58
C ARG A 949 -5.90 -12.92 47.02
N LYS A 950 -5.25 -11.79 46.80
CA LYS A 950 -3.87 -11.56 47.29
C LYS A 950 -3.84 -11.59 48.84
N ALA A 951 -4.75 -10.88 49.50
CA ALA A 951 -4.86 -10.87 50.98
C ALA A 951 -5.11 -12.31 51.48
N GLU A 952 -5.90 -13.10 50.75
CA GLU A 952 -6.25 -14.51 51.06
C GLU A 952 -4.99 -15.39 51.03
N ALA A 953 -4.19 -15.31 49.97
CA ALA A 953 -2.95 -16.11 49.85
C ALA A 953 -2.07 -15.81 51.07
N ILE A 954 -1.94 -14.53 51.44
CA ILE A 954 -1.08 -14.08 52.56
C ILE A 954 -1.62 -14.62 53.89
N ALA A 955 -2.94 -14.50 54.17
CA ALA A 955 -3.59 -15.02 55.40
C ALA A 955 -3.37 -16.54 55.52
N HIS A 956 -3.51 -17.29 54.42
CA HIS A 956 -3.33 -18.77 54.35
C HIS A 956 -1.87 -19.10 54.66
N ASN A 957 -0.94 -18.35 54.07
CA ASN A 957 0.50 -18.62 54.21
C ASN A 957 0.91 -18.46 55.68
N LYS A 958 0.26 -17.56 56.41
CA LYS A 958 0.46 -17.30 57.86
C LYS A 958 0.07 -18.52 58.70
N GLU A 959 -0.96 -19.27 58.30
CA GLU A 959 -1.50 -20.41 59.08
C GLU A 959 -0.81 -21.74 58.73
N ASN A 960 0.00 -21.80 57.68
CA ASN A 960 0.55 -23.08 57.16
C ASN A 960 2.03 -23.02 56.78
N ARG A 961 2.79 -23.99 57.27
CA ARG A 961 4.25 -24.04 57.13
C ARG A 961 4.62 -24.69 55.79
N TRP A 962 3.93 -25.75 55.37
CA TRP A 962 4.39 -26.67 54.30
C TRP A 962 3.57 -26.58 53.00
N HIS A 963 2.39 -25.95 53.03
CA HIS A 963 1.54 -25.67 51.85
C HIS A 963 1.40 -24.15 51.72
N LYS A 964 1.90 -23.59 50.63
CA LYS A 964 1.92 -22.13 50.41
C LYS A 964 1.18 -21.75 49.13
N ARG A 965 0.50 -20.61 49.17
CA ARG A 965 -0.25 -20.03 48.04
C ARG A 965 0.56 -18.86 47.53
N GLY A 966 0.57 -18.67 46.21
CA GLY A 966 1.07 -17.46 45.57
C GLY A 966 0.12 -17.01 44.50
N LEU A 967 0.12 -15.72 44.21
CA LEU A 967 -0.61 -15.06 43.11
C LEU A 967 0.45 -14.29 42.33
N GLY A 968 0.50 -14.47 41.01
CA GLY A 968 1.43 -13.74 40.15
C GLY A 968 0.68 -12.97 39.08
N LEU A 969 1.02 -11.69 38.91
CA LEU A 969 0.44 -10.76 37.92
C LEU A 969 1.51 -10.48 36.87
N CYS A 970 1.18 -10.66 35.58
CA CYS A 970 2.02 -10.23 34.44
C CYS A 970 1.17 -9.34 33.53
N ILE A 971 1.69 -8.21 33.08
CA ILE A 971 1.04 -7.38 32.03
C ILE A 971 2.01 -7.29 30.84
N MET A 972 1.51 -6.95 29.65
CA MET A 972 2.37 -6.87 28.43
CA MET A 972 2.38 -6.85 28.44
C MET A 972 1.79 -5.89 27.41
N GLU A 973 2.68 -5.29 26.61
CA GLU A 973 2.36 -4.63 25.33
C GLU A 973 3.27 -5.26 24.29
N TYR A 974 2.72 -6.23 23.55
CA TYR A 974 3.39 -7.00 22.48
C TYR A 974 3.30 -6.19 21.18
N GLN A 975 4.40 -6.07 20.46
CA GLN A 975 4.44 -5.36 19.16
C GLN A 975 4.22 -6.39 18.04
N ILE A 976 3.31 -6.05 17.12
CA ILE A 976 2.99 -6.81 15.88
C ILE A 976 3.45 -5.99 14.69
N GLY A 977 4.28 -6.59 13.84
CA GLY A 977 4.79 -5.99 12.60
C GLY A 977 4.74 -6.97 11.44
N TYR A 978 4.85 -6.47 10.22
CA TYR A 978 4.65 -7.24 8.98
C TYR A 978 5.99 -7.31 8.24
N PHE A 979 6.13 -8.31 7.37
CA PHE A 979 7.36 -8.59 6.60
C PHE A 979 7.02 -9.54 5.47
N GLY A 980 7.80 -9.48 4.40
CA GLY A 980 7.71 -10.39 3.26
C GLY A 980 6.46 -10.17 2.42
N GLN A 981 6.23 -11.08 1.50
CA GLN A 981 5.06 -11.08 0.61
C GLN A 981 4.49 -12.50 0.65
N TYR A 982 3.18 -12.63 0.45
CA TYR A 982 2.42 -13.89 0.50
C TYR A 982 1.39 -13.89 -0.62
N PRO A 983 1.55 -14.77 -1.63
CA PRO A 983 0.58 -14.90 -2.74
C PRO A 983 -0.62 -15.78 -2.38
N ALA A 984 -1.72 -15.61 -3.13
CA ALA A 984 -2.92 -16.46 -3.01
C ALA A 984 -3.63 -16.54 -4.36
N THR A 985 -3.98 -17.76 -4.79
CA THR A 985 -4.86 -18.00 -5.93
C THR A 985 -6.21 -18.53 -5.41
N VAL A 986 -7.29 -17.91 -5.91
CA VAL A 986 -8.71 -18.25 -5.70
C VAL A 986 -9.32 -18.61 -7.08
N ALA A 987 -10.03 -19.74 -7.16
CA ALA A 987 -10.77 -20.19 -8.35
C ALA A 987 -12.20 -20.57 -7.91
N ILE A 988 -13.20 -20.11 -8.65
CA ILE A 988 -14.62 -20.52 -8.51
C ILE A 988 -14.90 -21.53 -9.61
N TYR A 989 -15.42 -22.70 -9.25
CA TYR A 989 -15.84 -23.73 -10.23
C TYR A 989 -17.20 -23.31 -10.78
N HIS A 990 -17.37 -23.36 -12.12
CA HIS A 990 -18.67 -23.03 -12.76
C HIS A 990 -19.66 -24.16 -12.49
N SER A 991 -19.17 -25.38 -12.29
CA SER A 991 -20.04 -26.58 -12.16
C SER A 991 -21.03 -26.37 -11.01
N ASP A 992 -20.57 -25.95 -9.81
CA ASP A 992 -21.45 -25.78 -8.61
C ASP A 992 -21.15 -24.50 -7.79
N GLY A 993 -20.27 -23.61 -8.23
CA GLY A 993 -19.94 -22.36 -7.54
C GLY A 993 -19.10 -22.54 -6.28
N THR A 994 -18.58 -23.74 -6.02
CA THR A 994 -17.62 -23.98 -4.92
C THR A 994 -16.25 -23.37 -5.27
N VAL A 995 -15.44 -23.14 -4.26
CA VAL A 995 -14.24 -22.26 -4.37
C VAL A 995 -13.05 -23.08 -3.84
N VAL A 996 -11.90 -22.90 -4.49
CA VAL A 996 -10.62 -23.46 -4.00
C VAL A 996 -9.63 -22.31 -3.86
N VAL A 997 -8.75 -22.41 -2.86
CA VAL A 997 -7.64 -21.47 -2.61
C VAL A 997 -6.37 -22.29 -2.47
N SER A 998 -5.30 -21.91 -3.17
CA SER A 998 -3.94 -22.43 -2.93
C SER A 998 -3.08 -21.19 -2.75
N HIS A 999 -2.38 -21.11 -1.62
CA HIS A 999 -1.68 -19.87 -1.19
C HIS A 999 -0.26 -20.19 -0.70
N GLY A 1000 0.49 -19.14 -0.36
CA GLY A 1000 1.90 -19.24 0.05
C GLY A 1000 2.06 -19.32 1.55
N GLY A 1001 0.96 -19.41 2.30
CA GLY A 1001 1.02 -19.60 3.76
C GLY A 1001 1.09 -21.08 4.13
N ILE A 1002 1.60 -21.41 5.32
CA ILE A 1002 1.62 -22.80 5.84
C ILE A 1002 0.68 -22.94 7.02
N GLU A 1003 -0.24 -23.90 6.90
CA GLU A 1003 -1.11 -24.30 8.01
C GLU A 1003 -0.31 -25.27 8.88
N MET A 1004 -0.09 -24.87 10.13
CA MET A 1004 0.73 -25.62 11.13
C MET A 1004 -0.09 -25.86 12.41
N GLY A 1005 -1.40 -25.59 12.33
CA GLY A 1005 -2.37 -25.77 13.44
C GLY A 1005 -2.98 -24.44 13.88
N GLN A 1006 -2.50 -23.30 13.38
CA GLN A 1006 -2.89 -21.97 13.92
C GLN A 1006 -4.21 -21.45 13.35
N GLY A 1007 -4.89 -22.18 12.47
CA GLY A 1007 -6.22 -21.81 11.93
C GLY A 1007 -6.16 -20.76 10.82
N MET A 1008 -5.00 -20.58 10.20
CA MET A 1008 -4.84 -19.80 8.96
C MET A 1008 -5.95 -20.19 7.97
N ASN A 1009 -6.11 -21.48 7.71
CA ASN A 1009 -7.11 -21.92 6.71
C ASN A 1009 -8.52 -21.59 7.18
N THR A 1010 -8.83 -21.76 8.48
CA THR A 1010 -10.17 -21.47 9.02
C THR A 1010 -10.50 -20.00 8.70
N LYS A 1011 -9.59 -19.09 9.05
CA LYS A 1011 -9.75 -17.63 8.91
C LYS A 1011 -9.83 -17.29 7.43
N ILE A 1012 -8.98 -17.90 6.60
CA ILE A 1012 -8.99 -17.69 5.11
C ILE A 1012 -10.38 -18.04 4.57
N SER A 1013 -10.93 -19.17 5.00
CA SER A 1013 -12.24 -19.67 4.50
C SER A 1013 -13.31 -18.66 4.88
N GLN A 1014 -13.30 -18.13 6.11
CA GLN A 1014 -14.31 -17.11 6.53
C GLN A 1014 -14.20 -15.86 5.65
N VAL A 1015 -12.99 -15.39 5.35
CA VAL A 1015 -12.75 -14.13 4.59
C VAL A 1015 -13.20 -14.33 3.14
N ALA A 1016 -12.84 -15.45 2.52
CA ALA A 1016 -13.21 -15.73 1.11
C ALA A 1016 -14.74 -15.81 1.01
N ALA A 1017 -15.37 -16.55 1.91
CA ALA A 1017 -16.83 -16.69 2.01
C ALA A 1017 -17.47 -15.32 2.26
N HIS A 1018 -16.95 -14.51 3.20
CA HIS A 1018 -17.55 -13.19 3.53
C HIS A 1018 -17.50 -12.26 2.31
N THR A 1019 -16.33 -12.15 1.68
CA THR A 1019 -16.06 -11.30 0.50
C THR A 1019 -16.90 -11.71 -0.71
N LEU A 1020 -16.91 -13.00 -1.09
CA LEU A 1020 -17.69 -13.49 -2.26
C LEU A 1020 -19.19 -13.48 -1.95
N GLY A 1021 -19.59 -13.52 -0.67
CA GLY A 1021 -20.98 -13.61 -0.25
C GLY A 1021 -21.57 -15.02 -0.33
N ILE A 1022 -20.81 -16.05 0.04
CA ILE A 1022 -21.25 -17.49 -0.03
C ILE A 1022 -20.96 -18.14 1.32
N PRO A 1023 -21.52 -19.34 1.62
CA PRO A 1023 -21.18 -20.04 2.85
C PRO A 1023 -19.74 -20.53 2.90
N MET A 1024 -19.19 -20.54 4.12
CA MET A 1024 -17.85 -21.08 4.47
C MET A 1024 -17.65 -22.49 3.92
N GLU A 1025 -18.69 -23.33 4.04
CA GLU A 1025 -18.65 -24.78 3.67
C GLU A 1025 -18.31 -24.91 2.19
N GLN A 1026 -18.53 -23.88 1.38
CA GLN A 1026 -18.32 -23.93 -0.09
C GLN A 1026 -16.85 -23.60 -0.41
N VAL A 1027 -16.06 -23.23 0.59
CA VAL A 1027 -14.62 -22.90 0.38
C VAL A 1027 -13.74 -24.06 0.84
N ARG A 1028 -12.83 -24.49 -0.03
CA ARG A 1028 -11.80 -25.51 0.28
C ARG A 1028 -10.41 -24.90 0.10
N ILE A 1029 -9.47 -25.18 1.00
CA ILE A 1029 -8.05 -24.77 0.84
C ILE A 1029 -7.24 -26.01 0.46
N GLU A 1030 -6.50 -25.90 -0.64
CA GLU A 1030 -5.58 -26.92 -1.18
C GLU A 1030 -4.16 -26.72 -0.64
N ALA A 1031 -3.29 -27.68 -0.97
CA ALA A 1031 -1.90 -27.77 -0.50
C ALA A 1031 -1.18 -26.49 -0.92
N SER A 1032 -0.27 -26.03 -0.07
CA SER A 1032 0.70 -24.97 -0.43
C SER A 1032 1.83 -25.62 -1.24
N ASP A 1033 2.22 -24.99 -2.34
CA ASP A 1033 3.31 -25.50 -3.22
C ASP A 1033 4.07 -24.31 -3.80
N THR A 1034 5.11 -24.62 -4.58
CA THR A 1034 6.06 -23.63 -5.13
C THR A 1034 5.57 -23.12 -6.49
N ILE A 1035 4.30 -23.35 -6.84
CA ILE A 1035 3.64 -22.72 -8.02
C ILE A 1035 2.81 -21.55 -7.51
N ASN A 1036 1.66 -21.83 -6.89
CA ASN A 1036 0.75 -20.76 -6.38
C ASN A 1036 1.36 -20.11 -5.13
N GLY A 1037 2.36 -20.75 -4.52
CA GLY A 1037 3.12 -20.19 -3.38
C GLY A 1037 4.51 -19.76 -3.75
N ALA A 1038 4.85 -19.65 -5.03
CA ALA A 1038 6.22 -19.29 -5.48
C ALA A 1038 6.73 -18.08 -4.69
N ASN A 1039 7.94 -18.18 -4.14
CA ASN A 1039 8.72 -17.06 -3.53
C ASN A 1039 8.19 -16.67 -2.13
N SER A 1040 7.14 -17.32 -1.63
CA SER A 1040 6.38 -16.81 -0.46
C SER A 1040 7.32 -16.77 0.75
N MET A 1041 7.20 -15.74 1.59
CA MET A 1041 8.03 -15.58 2.81
C MET A 1041 7.58 -16.65 3.81
N VAL A 1042 8.42 -16.92 4.81
CA VAL A 1042 8.17 -17.87 5.93
C VAL A 1042 6.88 -17.48 6.65
N THR A 1043 6.06 -18.46 6.97
CA THR A 1043 4.91 -18.28 7.88
C THR A 1043 5.48 -18.21 9.30
N GLY A 1044 5.38 -17.04 9.91
CA GLY A 1044 5.77 -16.74 11.30
C GLY A 1044 5.41 -15.29 11.69
N GLY A 1045 5.82 -14.87 12.88
CA GLY A 1045 5.56 -13.50 13.39
C GLY A 1045 4.11 -13.26 13.80
N ALA A 1046 3.28 -14.33 13.87
CA ALA A 1046 1.88 -14.30 14.35
C ALA A 1046 0.95 -13.61 13.35
N VAL A 1047 1.48 -13.04 12.28
CA VAL A 1047 0.73 -12.21 11.29
C VAL A 1047 0.42 -13.01 10.03
N GLY A 1048 0.92 -14.25 9.95
CA GLY A 1048 0.67 -15.17 8.82
C GLY A 1048 -0.80 -15.16 8.44
N SER A 1049 -1.68 -15.48 9.40
CA SER A 1049 -3.13 -15.69 9.16
C SER A 1049 -3.74 -14.39 8.56
N GLU A 1050 -3.59 -13.24 9.22
CA GLU A 1050 -4.16 -11.97 8.74
C GLU A 1050 -3.50 -11.55 7.42
N THR A 1051 -2.25 -11.93 7.15
CA THR A 1051 -1.55 -11.57 5.89
C THR A 1051 -2.18 -12.35 4.73
N LEU A 1052 -2.35 -13.66 4.86
CA LEU A 1052 -2.95 -14.49 3.79
C LEU A 1052 -4.41 -14.07 3.64
N CYS A 1053 -5.10 -13.67 4.73
CA CYS A 1053 -6.50 -13.18 4.67
C CYS A 1053 -6.59 -11.89 3.82
N PHE A 1054 -5.60 -11.01 3.94
CA PHE A 1054 -5.52 -9.79 3.10
C PHE A 1054 -5.33 -10.20 1.64
N ALA A 1055 -4.42 -11.13 1.34
CA ALA A 1055 -4.20 -11.62 -0.04
C ALA A 1055 -5.52 -12.21 -0.58
N VAL A 1056 -6.17 -13.09 0.16
CA VAL A 1056 -7.36 -13.83 -0.35
C VAL A 1056 -8.50 -12.85 -0.59
N ARG A 1057 -8.72 -11.90 0.33
CA ARG A 1057 -9.80 -10.92 0.19
C ARG A 1057 -9.53 -10.06 -1.06
N LYS A 1058 -8.30 -9.65 -1.31
CA LYS A 1058 -7.94 -8.88 -2.55
C LYS A 1058 -8.26 -9.67 -3.84
N ALA A 1059 -7.86 -10.95 -3.93
CA ALA A 1059 -8.18 -11.85 -5.05
C ALA A 1059 -9.70 -11.98 -5.23
N CYS A 1060 -10.44 -12.18 -4.13
CA CYS A 1060 -11.92 -12.31 -4.12
C CYS A 1060 -12.56 -10.97 -4.54
N GLU A 1061 -12.00 -9.81 -4.14
CA GLU A 1061 -12.52 -8.48 -4.59
C GLU A 1061 -12.35 -8.36 -6.11
N THR A 1062 -11.28 -8.93 -6.68
CA THR A 1062 -11.09 -8.98 -8.15
C THR A 1062 -12.19 -9.85 -8.76
N LEU A 1063 -12.48 -11.01 -8.17
CA LEU A 1063 -13.56 -11.89 -8.70
C LEU A 1063 -14.89 -11.13 -8.66
N ASN A 1064 -15.22 -10.45 -7.55
CA ASN A 1064 -16.43 -9.62 -7.35
C ASN A 1064 -16.54 -8.56 -8.46
N GLU A 1065 -15.47 -7.85 -8.77
CA GLU A 1065 -15.41 -6.81 -9.83
C GLU A 1065 -15.76 -7.43 -11.20
N ARG A 1066 -15.29 -8.65 -11.50
CA ARG A 1066 -15.55 -9.32 -12.80
C ARG A 1066 -17.00 -9.77 -12.85
N LEU A 1067 -17.56 -10.17 -11.70
CA LEU A 1067 -18.94 -10.69 -11.61
C LEU A 1067 -19.96 -9.55 -11.64
N LYS A 1068 -19.58 -8.33 -11.24
CA LYS A 1068 -20.54 -7.21 -11.06
C LYS A 1068 -21.35 -6.97 -12.34
N PRO A 1069 -20.73 -6.77 -13.53
CA PRO A 1069 -21.50 -6.51 -14.73
C PRO A 1069 -22.51 -7.65 -15.04
N VAL A 1070 -22.16 -8.91 -14.73
CA VAL A 1070 -23.03 -10.08 -15.03
C VAL A 1070 -24.23 -10.04 -14.07
N ARG A 1071 -24.00 -9.74 -12.78
CA ARG A 1071 -25.07 -9.47 -11.77
C ARG A 1071 -26.06 -8.45 -12.33
N GLU A 1072 -25.56 -7.26 -12.68
CA GLU A 1072 -26.43 -6.14 -13.10
C GLU A 1072 -27.25 -6.55 -14.32
N GLU A 1073 -26.68 -7.27 -15.30
CA GLU A 1073 -27.36 -7.57 -16.60
C GLU A 1073 -28.35 -8.74 -16.45
N VAL A 1074 -27.96 -9.89 -15.87
CA VAL A 1074 -28.87 -11.08 -15.84
C VAL A 1074 -29.65 -11.12 -14.51
N LYS A 1075 -29.31 -10.28 -13.53
CA LYS A 1075 -29.96 -10.26 -12.19
C LYS A 1075 -30.25 -11.70 -11.76
N PRO A 1076 -29.23 -12.50 -11.37
CA PRO A 1076 -29.45 -13.91 -11.04
C PRO A 1076 -30.12 -14.08 -9.67
N GLU A 1077 -30.80 -15.20 -9.48
CA GLU A 1077 -31.62 -15.49 -8.29
C GLU A 1077 -30.75 -16.18 -7.23
N ASN A 1078 -29.56 -16.67 -7.61
CA ASN A 1078 -28.65 -17.37 -6.67
C ASN A 1078 -27.23 -17.37 -7.25
N TRP A 1079 -26.26 -17.84 -6.46
CA TRP A 1079 -24.81 -17.85 -6.79
C TRP A 1079 -24.49 -18.79 -7.96
N GLN A 1080 -25.11 -19.98 -7.99
CA GLN A 1080 -24.84 -21.02 -9.01
C GLN A 1080 -25.15 -20.44 -10.40
N ASP A 1081 -26.29 -19.79 -10.53
CA ASP A 1081 -26.77 -19.14 -11.78
C ASP A 1081 -25.82 -17.99 -12.16
N LEU A 1082 -25.43 -17.14 -11.21
CA LEU A 1082 -24.49 -16.03 -11.50
C LEU A 1082 -23.22 -16.59 -12.12
N ILE A 1083 -22.70 -17.69 -11.54
CA ILE A 1083 -21.37 -18.24 -11.92
C ILE A 1083 -21.44 -18.95 -13.28
N GLN A 1084 -22.54 -19.64 -13.58
CA GLN A 1084 -22.70 -20.33 -14.89
C GLN A 1084 -22.89 -19.24 -15.95
N GLU A 1085 -23.64 -18.18 -15.65
CA GLU A 1085 -23.83 -17.04 -16.59
C GLU A 1085 -22.47 -16.37 -16.85
N ALA A 1086 -21.58 -16.32 -15.86
CA ALA A 1086 -20.25 -15.70 -16.03
C ALA A 1086 -19.36 -16.63 -16.87
N TYR A 1087 -19.45 -17.94 -16.64
CA TYR A 1087 -18.80 -19.01 -17.45
C TYR A 1087 -19.27 -18.90 -18.89
N ASN A 1088 -20.58 -18.77 -19.15
CA ASN A 1088 -21.11 -18.57 -20.52
C ASN A 1088 -20.51 -17.31 -21.17
N ARG A 1089 -20.23 -16.27 -20.41
CA ARG A 1089 -19.61 -15.01 -20.92
C ARG A 1089 -18.09 -15.12 -20.90
N LYS A 1090 -17.48 -16.22 -20.45
CA LYS A 1090 -16.00 -16.42 -20.42
C LYS A 1090 -15.34 -15.41 -19.48
N ILE A 1091 -16.01 -15.02 -18.40
CA ILE A 1091 -15.39 -14.30 -17.27
C ILE A 1091 -14.32 -15.24 -16.69
N ASN A 1092 -13.09 -14.78 -16.50
CA ASN A 1092 -12.02 -15.50 -15.79
C ASN A 1092 -12.41 -15.61 -14.31
N LEU A 1093 -12.72 -16.83 -13.84
CA LEU A 1093 -13.09 -17.06 -12.42
C LEU A 1093 -11.87 -17.46 -11.59
N ILE A 1094 -10.66 -17.18 -12.06
CA ILE A 1094 -9.37 -17.42 -11.33
C ILE A 1094 -8.71 -16.05 -11.06
N ALA A 1095 -8.41 -15.75 -9.79
CA ALA A 1095 -7.65 -14.53 -9.44
C ALA A 1095 -6.47 -14.88 -8.53
N SER A 1096 -5.29 -14.39 -8.89
CA SER A 1096 -4.04 -14.52 -8.12
C SER A 1096 -3.64 -13.12 -7.64
N ASP A 1097 -3.49 -12.93 -6.34
CA ASP A 1097 -2.95 -11.68 -5.77
C ASP A 1097 -1.97 -12.01 -4.64
N GLN A 1098 -1.66 -11.01 -3.82
CA GLN A 1098 -0.67 -11.13 -2.74
C GLN A 1098 -0.97 -10.06 -1.69
N CYS A 1099 -0.32 -10.23 -0.56
CA CYS A 1099 -0.17 -9.22 0.48
C CYS A 1099 1.31 -9.05 0.75
N LYS A 1100 1.78 -7.80 0.90
CA LYS A 1100 3.21 -7.48 1.15
C LYS A 1100 3.29 -6.50 2.31
N GLN A 1101 4.44 -6.44 2.95
CA GLN A 1101 4.72 -5.48 4.01
C GLN A 1101 4.28 -4.09 3.54
N GLY A 1102 3.52 -3.37 4.36
CA GLY A 1102 3.02 -2.02 4.02
C GLY A 1102 1.57 -2.03 3.60
N ASP A 1103 1.00 -3.16 3.14
CA ASP A 1103 -0.46 -3.26 2.84
C ASP A 1103 -1.29 -2.95 4.10
N MET A 1104 -0.74 -3.21 5.30
CA MET A 1104 -1.45 -3.02 6.58
C MET A 1104 -0.53 -2.31 7.57
N ASP A 1105 -1.12 -1.55 8.49
CA ASP A 1105 -0.38 -0.82 9.55
C ASP A 1105 -0.13 -1.76 10.73
N PRO A 1106 1.06 -1.65 11.34
CA PRO A 1106 1.43 -2.45 12.51
C PRO A 1106 0.73 -1.89 13.75
N TYR A 1107 0.80 -2.60 14.86
CA TYR A 1107 0.00 -2.28 16.07
C TYR A 1107 0.56 -3.08 17.23
N SER A 1108 -0.06 -2.93 18.39
CA SER A 1108 0.37 -3.63 19.62
C SER A 1108 -0.81 -4.43 20.19
N VAL A 1109 -0.49 -5.43 20.99
CA VAL A 1109 -1.47 -6.27 21.71
C VAL A 1109 -1.15 -6.14 23.20
N CYS A 1110 -2.06 -5.55 23.97
CA CYS A 1110 -2.04 -5.51 25.45
C CYS A 1110 -2.69 -6.78 26.00
N GLY A 1111 -2.04 -7.37 26.99
CA GLY A 1111 -2.52 -8.54 27.73
C GLY A 1111 -2.14 -8.45 29.20
N LEU A 1112 -2.94 -9.12 30.03
CA LEU A 1112 -2.76 -9.27 31.50
C LEU A 1112 -3.05 -10.73 31.85
N CYS A 1113 -2.22 -11.30 32.71
CA CYS A 1113 -2.44 -12.63 33.30
C CYS A 1113 -2.37 -12.48 34.81
N LEU A 1114 -3.29 -13.14 35.51
CA LEU A 1114 -3.19 -13.43 36.95
C LEU A 1114 -3.27 -14.94 37.15
N THR A 1115 -2.20 -15.50 37.75
CA THR A 1115 -2.03 -16.95 38.04
C THR A 1115 -1.99 -17.22 39.54
N GLU A 1116 -2.67 -18.28 39.98
CA GLU A 1116 -2.68 -18.73 41.38
C GLU A 1116 -2.08 -20.13 41.49
N VAL A 1117 -1.14 -20.32 42.42
CA VAL A 1117 -0.47 -21.64 42.69
C VAL A 1117 -0.65 -22.03 44.16
N GLU A 1118 -0.62 -23.34 44.40
CA GLU A 1118 -0.38 -23.95 45.72
C GLU A 1118 0.92 -24.75 45.61
N LEU A 1119 1.91 -24.44 46.44
CA LEU A 1119 3.24 -25.11 46.51
C LEU A 1119 3.27 -26.07 47.72
N ASP A 1120 3.61 -27.35 47.46
CA ASP A 1120 3.98 -28.30 48.53
C ASP A 1120 5.47 -28.09 48.82
N VAL A 1121 5.77 -27.39 49.92
CA VAL A 1121 7.16 -26.95 50.26
C VAL A 1121 8.06 -28.17 50.40
N LEU A 1122 7.53 -29.29 50.90
CA LEU A 1122 8.37 -30.48 51.25
C LEU A 1122 8.79 -31.25 50.00
N THR A 1123 8.04 -31.18 48.89
CA THR A 1123 8.36 -31.94 47.66
C THR A 1123 8.80 -31.02 46.54
N GLY A 1124 8.31 -29.79 46.54
CA GLY A 1124 8.53 -28.82 45.44
C GLY A 1124 7.39 -28.86 44.44
N ASN A 1125 6.45 -29.76 44.61
CA ASN A 1125 5.36 -29.96 43.63
C ASN A 1125 4.36 -28.84 43.85
N TYR A 1126 3.69 -28.43 42.78
CA TYR A 1126 2.68 -27.35 42.86
C TYR A 1126 1.49 -27.69 41.99
N ILE A 1127 0.37 -27.06 42.24
CA ILE A 1127 -0.80 -27.15 41.35
C ILE A 1127 -1.14 -25.73 40.92
N VAL A 1128 -1.18 -25.50 39.62
CA VAL A 1128 -1.61 -24.18 39.07
C VAL A 1128 -3.13 -24.17 39.17
N GLY A 1129 -3.70 -23.20 39.89
CA GLY A 1129 -5.14 -23.13 40.15
C GLY A 1129 -5.83 -22.22 39.15
N ARG A 1130 -6.47 -21.16 39.62
CA ARG A 1130 -7.19 -20.25 38.71
C ARG A 1130 -6.19 -19.39 37.92
N VAL A 1131 -6.36 -19.33 36.59
CA VAL A 1131 -5.56 -18.43 35.72
C VAL A 1131 -6.56 -17.58 34.96
N ASP A 1132 -6.36 -16.27 34.99
CA ASP A 1132 -7.22 -15.30 34.28
C ASP A 1132 -6.36 -14.63 33.21
N ILE A 1133 -6.83 -14.64 31.97
CA ILE A 1133 -6.16 -13.96 30.82
C ILE A 1133 -7.17 -13.03 30.16
N LEU A 1134 -6.77 -11.77 29.98
CA LEU A 1134 -7.42 -10.71 29.21
C LEU A 1134 -6.45 -10.27 28.12
N GLU A 1135 -6.85 -10.40 26.87
CA GLU A 1135 -6.01 -10.00 25.71
C GLU A 1135 -6.88 -9.16 24.77
N ASP A 1136 -6.31 -8.08 24.24
CA ASP A 1136 -6.88 -7.32 23.10
C ASP A 1136 -6.64 -8.14 21.83
N THR A 1137 -7.68 -8.80 21.31
CA THR A 1137 -7.64 -9.45 19.98
C THR A 1137 -8.37 -8.57 18.94
N GLY A 1138 -8.59 -7.28 19.24
CA GLY A 1138 -9.47 -6.43 18.42
C GLY A 1138 -10.88 -7.02 18.32
N GLU A 1139 -11.50 -6.94 17.14
CA GLU A 1139 -12.68 -7.78 16.80
C GLU A 1139 -12.11 -9.06 16.21
N SER A 1140 -12.14 -10.16 16.98
CA SER A 1140 -11.54 -11.45 16.59
C SER A 1140 -12.15 -11.96 15.27
N LEU A 1141 -11.32 -12.35 14.29
CA LEU A 1141 -11.77 -13.00 13.03
C LEU A 1141 -12.51 -14.29 13.38
N ASN A 1142 -12.09 -14.99 14.44
CA ASN A 1142 -12.68 -16.28 14.87
C ASN A 1142 -12.32 -16.52 16.32
N PRO A 1143 -13.22 -16.23 17.29
CA PRO A 1143 -12.89 -16.40 18.71
C PRO A 1143 -12.43 -17.81 19.03
N ASN A 1144 -12.97 -18.82 18.37
CA ASN A 1144 -12.52 -20.21 18.66
C ASN A 1144 -11.03 -20.33 18.33
N VAL A 1145 -10.63 -19.80 17.18
CA VAL A 1145 -9.22 -19.93 16.73
C VAL A 1145 -8.37 -19.17 17.75
N ASP A 1146 -8.84 -17.98 18.15
CA ASP A 1146 -8.05 -17.03 18.95
C ASP A 1146 -7.99 -17.47 20.41
N ILE A 1147 -9.05 -18.07 20.96
CA ILE A 1147 -9.02 -18.70 22.32
C ILE A 1147 -7.96 -19.81 22.31
N GLY A 1148 -7.96 -20.64 21.26
CA GLY A 1148 -7.05 -21.77 21.12
C GLY A 1148 -5.62 -21.31 20.96
N GLN A 1149 -5.39 -20.19 20.28
CA GLN A 1149 -4.04 -19.64 20.13
C GLN A 1149 -3.57 -19.16 21.49
N ILE A 1150 -4.43 -18.48 22.27
CA ILE A 1150 -4.06 -17.93 23.61
C ILE A 1150 -3.74 -19.08 24.59
N GLU A 1151 -4.55 -20.14 24.60
CA GLU A 1151 -4.38 -21.30 25.52
C GLU A 1151 -3.07 -22.02 25.18
N GLY A 1152 -2.84 -22.27 23.90
CA GLY A 1152 -1.65 -22.97 23.41
C GLY A 1152 -0.39 -22.21 23.74
N ALA A 1153 -0.37 -20.92 23.40
CA ALA A 1153 0.77 -20.02 23.63
C ALA A 1153 1.05 -19.96 25.14
N PHE A 1154 0.05 -19.69 25.94
CA PHE A 1154 0.18 -19.65 27.43
C PHE A 1154 0.73 -20.99 27.91
N MET A 1155 0.19 -22.09 27.41
CA MET A 1155 0.57 -23.42 27.93
C MET A 1155 2.01 -23.75 27.55
N MET A 1156 2.49 -23.33 26.37
CA MET A 1156 3.90 -23.60 25.97
C MET A 1156 4.83 -22.83 26.91
N GLY A 1157 4.46 -21.58 27.22
CA GLY A 1157 5.10 -20.72 28.23
C GLY A 1157 4.99 -21.29 29.64
N LEU A 1158 3.83 -21.85 30.02
CA LEU A 1158 3.71 -22.48 31.36
C LEU A 1158 4.75 -23.63 31.43
N GLY A 1159 4.96 -24.34 30.33
CA GLY A 1159 6.00 -25.39 30.25
C GLY A 1159 7.40 -24.84 30.52
N TYR A 1160 7.74 -23.75 29.84
CA TYR A 1160 9.04 -23.03 29.94
C TYR A 1160 9.30 -22.69 31.40
N TRP A 1161 8.29 -22.22 32.12
CA TRP A 1161 8.45 -21.78 33.54
C TRP A 1161 8.22 -22.90 34.56
N THR A 1162 7.93 -24.14 34.18
CA THR A 1162 7.59 -25.19 35.18
C THR A 1162 8.51 -26.42 35.05
N SER A 1163 8.33 -27.24 34.01
CA SER A 1163 8.87 -28.62 33.94
C SER A 1163 9.88 -28.81 32.82
N GLU A 1164 9.89 -27.94 31.81
CA GLU A 1164 10.78 -28.12 30.62
C GLU A 1164 12.18 -27.70 31.01
N GLN A 1165 13.16 -28.53 30.69
CA GLN A 1165 14.55 -28.38 31.17
C GLN A 1165 15.48 -29.06 30.16
N VAL A 1166 16.45 -28.32 29.66
CA VAL A 1166 17.47 -28.86 28.75
C VAL A 1166 18.81 -28.90 29.50
N ILE A 1167 19.45 -30.08 29.53
CA ILE A 1167 20.74 -30.29 30.23
C ILE A 1167 21.79 -30.72 29.20
N ALA A 1168 22.87 -29.97 29.13
CA ALA A 1168 24.04 -30.25 28.26
C ALA A 1168 25.14 -30.83 29.15
N ASP A 1169 25.70 -31.97 28.75
CA ASP A 1169 26.84 -32.62 29.45
C ASP A 1169 28.01 -31.64 29.50
N PRO A 1170 28.48 -31.20 30.69
CA PRO A 1170 29.50 -30.16 30.77
C PRO A 1170 30.90 -30.55 30.28
N LYS A 1171 31.15 -31.85 30.03
CA LYS A 1171 32.45 -32.39 29.56
C LYS A 1171 32.39 -32.71 28.06
N THR A 1172 31.30 -33.28 27.53
CA THR A 1172 31.17 -33.71 26.10
C THR A 1172 30.41 -32.67 25.25
N GLY A 1173 29.53 -31.86 25.86
CA GLY A 1173 28.63 -30.91 25.17
C GLY A 1173 27.32 -31.55 24.69
N GLU A 1174 27.10 -32.84 24.95
CA GLU A 1174 25.94 -33.61 24.41
C GLU A 1174 24.67 -33.08 25.08
N CYS A 1175 23.62 -32.80 24.31
CA CYS A 1175 22.27 -32.52 24.86
C CYS A 1175 21.75 -33.80 25.50
N LEU A 1176 21.70 -33.86 26.82
CA LEU A 1176 21.41 -35.12 27.54
C LEU A 1176 19.90 -35.32 27.60
N THR A 1177 19.12 -34.25 27.51
CA THR A 1177 17.63 -34.27 27.57
C THR A 1177 17.12 -34.34 26.14
N ASN A 1178 17.12 -35.53 25.57
CA ASN A 1178 16.99 -35.73 24.09
C ASN A 1178 15.90 -36.75 23.77
N ARG A 1179 14.99 -37.02 24.70
CA ARG A 1179 13.79 -37.86 24.43
C ARG A 1179 12.68 -37.55 25.45
N THR A 1180 11.53 -38.18 25.28
CA THR A 1180 10.35 -37.93 26.12
C THR A 1180 10.67 -38.34 27.54
N TRP A 1181 11.48 -39.40 27.71
CA TRP A 1181 11.92 -39.91 29.03
C TRP A 1181 12.55 -38.78 29.83
N THR A 1182 13.27 -37.88 29.14
CA THR A 1182 14.17 -36.84 29.74
C THR A 1182 13.74 -35.42 29.35
N TYR A 1183 12.57 -35.22 28.72
CA TYR A 1183 12.07 -33.86 28.39
C TYR A 1183 10.55 -33.87 28.49
N LYS A 1184 10.04 -32.94 29.31
CA LYS A 1184 8.71 -33.00 29.97
C LYS A 1184 7.95 -31.68 29.76
N PRO A 1185 7.27 -31.47 28.61
CA PRO A 1185 6.31 -30.37 28.48
C PRO A 1185 5.00 -30.62 29.24
N PRO A 1186 4.11 -29.61 29.33
CA PRO A 1186 2.81 -29.78 29.99
C PRO A 1186 1.99 -30.95 29.42
N GLY A 1187 1.46 -31.73 30.35
CA GLY A 1187 0.39 -32.74 30.13
C GLY A 1187 -0.95 -32.17 30.49
N ALA A 1188 -1.99 -32.96 30.27
CA ALA A 1188 -3.42 -32.66 30.53
C ALA A 1188 -3.64 -32.17 31.96
N LYS A 1189 -2.92 -32.71 32.95
CA LYS A 1189 -3.14 -32.34 34.37
C LYS A 1189 -2.14 -31.26 34.79
N ASP A 1190 -1.29 -30.75 33.90
CA ASP A 1190 -0.31 -29.70 34.24
C ASP A 1190 -0.94 -28.33 34.02
N ILE A 1191 -2.14 -28.29 33.44
CA ILE A 1191 -2.81 -27.02 33.05
C ILE A 1191 -3.47 -26.40 34.27
N PRO A 1192 -3.82 -25.10 34.21
CA PRO A 1192 -4.59 -24.46 35.26
C PRO A 1192 -5.90 -25.23 35.47
N THR A 1193 -6.32 -25.37 36.74
CA THR A 1193 -7.55 -26.08 37.13
C THR A 1193 -8.75 -25.22 36.75
N ASP A 1194 -8.55 -23.91 36.60
CA ASP A 1194 -9.63 -22.93 36.31
C ASP A 1194 -9.04 -21.91 35.35
N LEU A 1195 -9.23 -22.11 34.05
CA LEU A 1195 -8.64 -21.30 32.96
C LEU A 1195 -9.70 -20.36 32.38
N ARG A 1196 -9.63 -19.07 32.68
CA ARG A 1196 -10.65 -18.10 32.23
C ARG A 1196 -10.02 -17.11 31.26
N ILE A 1197 -10.52 -17.11 30.01
CA ILE A 1197 -9.97 -16.26 28.94
C ILE A 1197 -11.05 -15.29 28.49
N GLU A 1198 -10.68 -14.01 28.46
CA GLU A 1198 -11.50 -12.91 27.94
C GLU A 1198 -10.79 -12.22 26.75
N LEU A 1199 -11.47 -12.17 25.62
CA LEU A 1199 -11.11 -11.31 24.46
C LEU A 1199 -11.72 -9.93 24.74
N LEU A 1200 -10.90 -8.89 24.89
CA LEU A 1200 -11.39 -7.56 25.35
C LEU A 1200 -12.52 -7.11 24.41
N PRO A 1201 -13.69 -6.66 24.94
CA PRO A 1201 -14.79 -6.19 24.10
C PRO A 1201 -14.63 -4.72 23.67
N LYS A 1202 -15.48 -4.27 22.74
CA LYS A 1202 -15.56 -2.85 22.29
C LYS A 1202 -14.14 -2.32 22.01
N SER A 1203 -13.27 -3.08 21.33
CA SER A 1203 -11.85 -2.72 21.14
C SER A 1203 -11.39 -3.03 19.72
N PRO A 1204 -12.04 -2.40 18.70
CA PRO A 1204 -11.67 -2.60 17.29
C PRO A 1204 -10.31 -1.97 16.98
N ASN A 1205 -9.49 -2.72 16.24
CA ASN A 1205 -8.14 -2.30 15.80
C ASN A 1205 -8.32 -1.28 14.66
N LYS A 1206 -7.75 -0.09 14.81
CA LYS A 1206 -7.67 0.94 13.74
C LYS A 1206 -6.68 0.49 12.66
N ALA A 1207 -5.75 -0.41 12.99
CA ALA A 1207 -4.69 -0.91 12.09
C ALA A 1207 -4.98 -2.37 11.69
N GLY A 1208 -4.02 -3.05 11.07
CA GLY A 1208 -4.13 -4.48 10.75
C GLY A 1208 -5.28 -4.78 9.78
N PHE A 1209 -5.98 -5.90 10.04
CA PHE A 1209 -6.96 -6.52 9.11
C PHE A 1209 -8.31 -6.66 9.79
N MET A 1210 -9.32 -5.96 9.25
CA MET A 1210 -10.74 -6.15 9.61
C MET A 1210 -10.91 -5.99 11.13
N ARG A 1211 -10.17 -5.03 11.73
CA ARG A 1211 -10.35 -4.54 13.12
C ARG A 1211 -9.84 -5.58 14.13
N SER A 1212 -9.10 -6.60 13.67
CA SER A 1212 -8.67 -7.79 14.46
C SER A 1212 -7.20 -7.65 14.89
N LYS A 1213 -6.80 -8.39 15.92
CA LYS A 1213 -5.36 -8.45 16.32
C LYS A 1213 -4.90 -9.91 16.38
N ALA A 1214 -3.64 -10.14 16.01
CA ALA A 1214 -2.96 -11.47 16.07
C ALA A 1214 -2.97 -12.00 17.50
N THR A 1215 -2.93 -13.34 17.63
CA THR A 1215 -3.05 -14.13 18.88
C THR A 1215 -2.02 -15.25 18.95
N GLY A 1216 -1.31 -15.55 17.87
CA GLY A 1216 -0.43 -16.73 17.76
C GLY A 1216 0.74 -16.72 18.74
N GLU A 1217 1.25 -15.53 19.09
CA GLU A 1217 2.49 -15.37 19.91
C GLU A 1217 2.26 -14.64 21.23
N PRO A 1218 1.50 -13.55 21.33
CA PRO A 1218 1.61 -12.71 22.53
C PRO A 1218 1.42 -13.41 23.88
N ALA A 1219 0.49 -14.37 24.03
CA ALA A 1219 0.10 -14.89 25.36
C ALA A 1219 1.26 -15.67 25.99
N ILE A 1220 2.22 -16.17 25.23
CA ILE A 1220 3.37 -16.92 25.81
C ILE A 1220 4.22 -16.00 26.72
N CYS A 1221 4.22 -14.69 26.48
CA CYS A 1221 4.93 -13.66 27.29
C CYS A 1221 4.27 -13.43 28.67
N LEU A 1222 3.01 -13.83 28.85
CA LEU A 1222 2.24 -13.68 30.12
C LEU A 1222 2.52 -14.86 31.08
N SER A 1223 3.12 -15.94 30.59
CA SER A 1223 3.28 -17.25 31.29
C SER A 1223 4.19 -17.14 32.52
N ILE A 1224 5.09 -16.16 32.53
CA ILE A 1224 5.97 -15.84 33.69
C ILE A 1224 5.11 -15.53 34.93
N ALA A 1225 3.87 -15.07 34.78
CA ALA A 1225 2.93 -14.96 35.92
C ALA A 1225 3.00 -16.24 36.77
N VAL A 1226 3.13 -17.43 36.17
CA VAL A 1226 3.24 -18.70 36.93
C VAL A 1226 4.48 -18.63 37.85
N ALA A 1227 5.63 -18.18 37.34
CA ALA A 1227 6.90 -18.10 38.10
C ALA A 1227 6.74 -17.09 39.22
N PHE A 1228 6.06 -15.96 38.94
CA PHE A 1228 5.79 -14.90 39.93
C PHE A 1228 4.93 -15.49 41.05
N ALA A 1229 3.99 -16.37 40.73
CA ALA A 1229 3.09 -16.98 41.73
C ALA A 1229 3.89 -17.94 42.59
N LEU A 1230 4.72 -18.80 42.00
CA LEU A 1230 5.59 -19.72 42.78
C LEU A 1230 6.57 -18.88 43.62
N GLN A 1231 6.98 -17.70 43.14
CA GLN A 1231 7.98 -16.87 43.85
C GLN A 1231 7.36 -16.35 45.16
N GLN A 1232 6.10 -15.96 45.17
CA GLN A 1232 5.47 -15.52 46.44
C GLN A 1232 5.39 -16.70 47.39
N ALA A 1233 5.12 -17.91 46.88
CA ALA A 1233 4.90 -19.12 47.71
C ALA A 1233 6.24 -19.48 48.35
N LEU A 1234 7.29 -19.49 47.55
CA LEU A 1234 8.69 -19.81 47.92
C LEU A 1234 9.19 -18.77 48.94
N GLN A 1235 8.88 -17.49 48.75
CA GLN A 1235 9.27 -16.42 49.72
C GLN A 1235 8.62 -16.64 51.08
N SER A 1236 7.36 -17.08 51.14
CA SER A 1236 6.66 -17.36 52.42
C SER A 1236 7.34 -18.52 53.14
N ALA A 1237 7.75 -19.58 52.43
CA ALA A 1237 8.52 -20.72 53.00
C ALA A 1237 9.85 -20.20 53.58
N ARG A 1238 10.61 -19.44 52.80
CA ARG A 1238 11.88 -18.83 53.26
C ARG A 1238 11.61 -18.04 54.55
N ASP A 1239 10.57 -17.22 54.61
CA ASP A 1239 10.22 -16.42 55.83
C ASP A 1239 10.09 -17.37 57.02
N ASP A 1240 9.33 -18.45 56.87
CA ASP A 1240 9.05 -19.46 57.93
C ASP A 1240 10.35 -20.16 58.32
N ALA A 1241 11.27 -20.28 57.37
CA ALA A 1241 12.59 -20.93 57.52
C ALA A 1241 13.56 -19.99 58.24
N GLY A 1242 13.20 -18.74 58.44
CA GLY A 1242 14.08 -17.76 59.12
C GLY A 1242 15.13 -17.20 58.17
N VAL A 1243 15.02 -17.45 56.86
CA VAL A 1243 15.96 -16.84 55.87
C VAL A 1243 15.77 -15.32 55.93
N PRO A 1244 16.84 -14.49 56.03
CA PRO A 1244 16.69 -13.04 55.93
C PRO A 1244 16.02 -12.69 54.59
N LYS A 1245 15.01 -11.84 54.63
CA LYS A 1245 14.14 -11.51 53.47
C LYS A 1245 15.04 -11.14 52.29
N SER A 1246 15.15 -11.99 51.25
CA SER A 1246 16.07 -11.77 50.11
C SER A 1246 15.51 -12.36 48.81
N TRP A 1247 15.83 -11.72 47.69
CA TRP A 1247 15.29 -12.10 46.36
C TRP A 1247 16.00 -13.37 45.91
N VAL A 1248 15.26 -14.32 45.31
CA VAL A 1248 15.83 -15.50 44.62
C VAL A 1248 15.65 -15.29 43.11
N THR A 1249 16.76 -15.37 42.37
CA THR A 1249 16.80 -15.36 40.89
C THR A 1249 15.64 -16.19 40.35
N LEU A 1250 14.81 -15.58 39.53
CA LEU A 1250 13.73 -16.29 38.77
C LEU A 1250 14.38 -17.13 37.66
N THR A 1251 13.93 -18.36 37.47
CA THR A 1251 14.54 -19.31 36.51
C THR A 1251 13.42 -19.91 35.67
N ALA A 1252 13.58 -19.90 34.35
CA ALA A 1252 12.91 -20.81 33.42
C ALA A 1252 13.78 -22.05 33.33
N PRO A 1253 13.43 -23.18 33.97
CA PRO A 1253 12.14 -23.38 34.66
C PRO A 1253 12.14 -23.28 36.19
N MET A 1254 10.95 -23.17 36.79
CA MET A 1254 10.74 -23.22 38.27
C MET A 1254 10.36 -24.68 38.63
N THR A 1255 11.32 -25.60 38.55
CA THR A 1255 11.09 -27.04 38.80
C THR A 1255 10.86 -27.26 40.29
N PRO A 1256 10.18 -28.37 40.69
CA PRO A 1256 10.17 -28.81 42.09
C PRO A 1256 11.55 -28.77 42.74
N GLU A 1257 12.57 -29.21 41.99
CA GLU A 1257 13.98 -29.23 42.42
C GLU A 1257 14.41 -27.80 42.77
N HIS A 1258 14.14 -26.81 41.90
CA HIS A 1258 14.52 -25.38 42.10
C HIS A 1258 13.88 -24.83 43.39
N LEU A 1259 12.61 -25.11 43.62
CA LEU A 1259 11.84 -24.53 44.74
C LEU A 1259 12.32 -25.12 46.08
N VAL A 1260 12.46 -26.43 46.20
CA VAL A 1260 13.06 -27.06 47.43
C VAL A 1260 14.51 -26.58 47.65
N LEU A 1261 15.33 -26.46 46.61
CA LEU A 1261 16.72 -25.96 46.79
C LEU A 1261 16.75 -24.54 47.39
N HIS A 1262 15.74 -23.68 47.19
CA HIS A 1262 15.76 -22.25 47.62
C HIS A 1262 14.71 -21.95 48.70
N SER A 1263 14.06 -22.97 49.26
CA SER A 1263 12.97 -22.79 50.25
C SER A 1263 13.52 -22.57 51.67
N GLY A 1264 14.84 -22.71 51.90
CA GLY A 1264 15.47 -22.62 53.23
C GLY A 1264 15.08 -23.76 54.15
N THR A 1265 14.52 -24.84 53.62
CA THR A 1265 14.08 -26.01 54.40
C THR A 1265 15.33 -26.75 54.90
N GLU A 1266 15.34 -27.14 56.18
CA GLU A 1266 16.38 -27.99 56.81
C GLU A 1266 15.62 -29.05 57.61
N PRO A 1267 16.06 -30.33 57.62
CA PRO A 1267 15.31 -31.38 58.32
C PRO A 1267 15.16 -31.17 59.84
N SER A 1268 15.93 -30.28 60.46
CA SER A 1268 15.74 -29.79 61.86
C SER A 1268 14.40 -29.06 62.01
N GLN A 1269 13.82 -28.55 60.92
CA GLN A 1269 12.52 -27.83 60.95
C GLN A 1269 11.34 -28.82 61.00
N PHE A 1270 11.61 -30.11 60.80
CA PHE A 1270 10.55 -31.16 60.68
C PHE A 1270 10.04 -31.49 62.09
N LYS A 1271 9.00 -30.80 62.52
CA LYS A 1271 8.41 -30.93 63.87
C LYS A 1271 6.98 -31.46 63.74
N LEU A 1272 6.49 -32.17 64.74
CA LEU A 1272 5.06 -32.51 64.92
C LEU A 1272 4.33 -31.39 65.70
N ASN A 1273 5.01 -30.62 66.57
CA ASN A 1273 4.38 -29.60 67.49
C ASN A 1273 5.28 -28.39 67.81
N GLY B 3 13.59 -68.06 -7.32
CA GLY B 3 13.47 -67.37 -8.66
C GLY B 3 14.29 -66.09 -8.73
N ARG B 4 15.00 -65.85 -9.85
CA ARG B 4 15.91 -64.68 -10.02
C ARG B 4 15.75 -64.08 -11.43
N ILE B 5 15.64 -62.77 -11.53
CA ILE B 5 15.72 -62.05 -12.84
C ILE B 5 16.50 -60.75 -12.64
N THR B 6 17.22 -60.33 -13.67
CA THR B 6 17.93 -59.03 -13.70
C THR B 6 17.17 -58.07 -14.62
N ILE B 7 16.94 -56.86 -14.13
CA ILE B 7 16.37 -55.73 -14.92
C ILE B 7 17.32 -54.57 -14.81
N ASN B 8 17.83 -54.07 -15.94
CA ASN B 8 18.69 -52.86 -15.98
C ASN B 8 19.89 -53.06 -15.05
N GLY B 9 20.50 -54.25 -15.03
CA GLY B 9 21.71 -54.54 -14.23
C GLY B 9 21.44 -54.80 -12.74
N THR B 10 20.18 -54.92 -12.31
CA THR B 10 19.79 -55.13 -10.88
C THR B 10 19.06 -56.48 -10.74
N SER B 11 19.56 -57.31 -9.82
CA SER B 11 18.99 -58.63 -9.44
C SER B 11 17.76 -58.42 -8.56
N HIS B 12 16.66 -59.08 -8.89
CA HIS B 12 15.44 -59.20 -8.04
C HIS B 12 15.29 -60.67 -7.63
N GLU B 13 15.20 -60.97 -6.33
CA GLU B 13 14.81 -62.32 -5.85
C GLU B 13 13.29 -62.38 -6.05
N VAL B 14 12.80 -63.42 -6.70
CA VAL B 14 11.37 -63.55 -7.08
C VAL B 14 10.78 -64.71 -6.28
N ASN B 15 9.91 -64.37 -5.32
CA ASN B 15 9.07 -65.30 -4.55
C ASN B 15 7.93 -65.78 -5.45
N LEU B 16 8.16 -66.87 -6.18
CA LEU B 16 7.25 -67.37 -7.26
C LEU B 16 5.84 -67.68 -6.73
N SER B 17 5.72 -68.30 -5.55
CA SER B 17 4.45 -68.82 -4.96
C SER B 17 3.47 -67.68 -4.65
N ALA B 18 3.96 -66.48 -4.36
CA ALA B 18 3.19 -65.25 -4.08
C ALA B 18 2.65 -64.58 -5.37
N LEU B 19 3.20 -64.89 -6.56
CA LEU B 19 2.82 -64.25 -7.85
C LEU B 19 1.77 -65.09 -8.56
N PRO B 20 0.94 -64.53 -9.45
CA PRO B 20 0.14 -65.35 -10.35
C PRO B 20 1.11 -66.20 -11.20
N ALA B 21 0.69 -67.44 -11.49
CA ALA B 21 1.44 -68.45 -12.29
C ALA B 21 1.68 -67.88 -13.69
N ASP B 22 0.73 -67.13 -14.23
CA ASP B 22 0.80 -66.57 -15.60
C ASP B 22 1.13 -65.07 -15.57
N ILE B 23 1.71 -64.54 -14.50
CA ILE B 23 2.11 -63.10 -14.51
C ILE B 23 2.97 -62.84 -15.75
N SER B 24 2.71 -61.75 -16.47
CA SER B 24 3.46 -61.29 -17.65
C SER B 24 4.75 -60.60 -17.20
N LEU B 25 5.78 -60.58 -18.05
CA LEU B 25 7.01 -59.75 -17.85
C LEU B 25 6.62 -58.29 -17.65
N ASN B 26 5.63 -57.82 -18.41
CA ASN B 26 5.12 -56.42 -18.38
C ASN B 26 4.59 -56.11 -16.98
N THR B 27 3.68 -56.93 -16.44
CA THR B 27 3.14 -56.70 -15.08
C THR B 27 4.27 -56.67 -14.06
N PHE B 28 5.24 -57.59 -14.16
CA PHE B 28 6.37 -57.63 -13.20
C PHE B 28 7.20 -56.35 -13.31
N ILE B 29 7.58 -55.95 -14.52
CA ILE B 29 8.40 -54.73 -14.75
C ILE B 29 7.68 -53.52 -14.13
N ARG B 30 6.41 -53.31 -14.49
CA ARG B 30 5.63 -52.11 -14.07
C ARG B 30 5.35 -52.17 -12.56
N GLU B 31 4.77 -53.26 -12.06
CA GLU B 31 4.14 -53.26 -10.72
C GLU B 31 5.11 -53.73 -9.63
N TYR B 32 6.07 -54.57 -9.99
CA TYR B 32 6.98 -55.23 -9.02
C TYR B 32 8.32 -54.49 -9.03
N ALA B 33 8.91 -54.21 -10.19
CA ALA B 33 10.18 -53.44 -10.33
C ALA B 33 9.90 -51.93 -10.30
N GLY B 34 8.65 -51.49 -10.45
CA GLY B 34 8.24 -50.09 -10.38
C GLY B 34 8.75 -49.25 -11.54
N LEU B 35 9.02 -49.85 -12.71
CA LEU B 35 9.61 -49.15 -13.89
C LEU B 35 8.50 -48.96 -14.92
N THR B 36 8.00 -47.74 -15.07
CA THR B 36 6.74 -47.46 -15.83
C THR B 36 7.02 -46.97 -17.25
N GLY B 37 8.29 -46.85 -17.66
CA GLY B 37 8.69 -46.55 -19.04
C GLY B 37 8.12 -47.54 -20.05
N THR B 38 8.09 -48.83 -19.72
CA THR B 38 7.53 -49.93 -20.54
C THR B 38 6.01 -49.93 -20.41
N LYS B 39 5.32 -49.51 -21.48
CA LYS B 39 3.86 -49.25 -21.48
C LYS B 39 3.11 -50.55 -21.79
N PHE B 40 1.79 -50.45 -21.95
CA PHE B 40 0.90 -51.48 -22.52
C PHE B 40 -0.35 -50.80 -23.07
N MET B 41 -0.96 -51.47 -24.04
CA MET B 41 -2.19 -51.04 -24.73
C MET B 41 -2.95 -52.31 -25.22
N CYS B 42 -2.48 -52.97 -26.28
CA CYS B 42 -3.21 -54.08 -26.94
C CYS B 42 -3.10 -55.39 -26.13
N GLN B 43 -1.96 -55.64 -25.48
CA GLN B 43 -1.73 -56.88 -24.68
C GLN B 43 -1.85 -58.14 -25.54
N GLU B 44 -1.51 -58.08 -26.83
CA GLU B 44 -1.62 -59.23 -27.77
C GLU B 44 -0.54 -59.19 -28.85
N GLY B 45 0.52 -58.40 -28.70
CA GLY B 45 1.76 -58.49 -29.48
C GLY B 45 1.72 -57.65 -30.74
N GLY B 46 0.66 -56.86 -30.94
CA GLY B 46 0.39 -56.16 -32.20
C GLY B 46 0.86 -54.72 -32.25
N CYS B 47 1.12 -54.05 -31.11
CA CYS B 47 1.26 -52.57 -31.07
C CYS B 47 2.68 -52.09 -30.76
N GLY B 48 3.47 -52.83 -29.99
CA GLY B 48 4.90 -52.51 -29.72
C GLY B 48 5.19 -51.66 -28.49
N VAL B 49 4.21 -51.15 -27.75
CA VAL B 49 4.48 -50.11 -26.70
C VAL B 49 5.18 -50.77 -25.51
N CYS B 50 5.02 -52.08 -25.37
CA CYS B 50 5.52 -52.89 -24.23
C CYS B 50 6.86 -53.51 -24.55
N VAL B 51 7.43 -53.28 -25.73
CA VAL B 51 8.65 -53.99 -26.17
C VAL B 51 9.82 -53.63 -25.27
N CYS B 52 10.62 -54.65 -24.96
CA CYS B 52 11.87 -54.56 -24.18
C CYS B 52 12.79 -55.66 -24.73
N THR B 53 13.99 -55.83 -24.20
CA THR B 53 14.94 -56.87 -24.67
C THR B 53 15.25 -57.87 -23.55
N LEU B 54 15.52 -59.11 -23.92
CA LEU B 54 16.17 -60.14 -23.06
C LEU B 54 17.62 -60.34 -23.53
N THR B 55 18.53 -60.52 -22.60
CA THR B 55 19.91 -60.96 -22.85
C THR B 55 20.11 -62.29 -22.12
N GLY B 56 20.49 -63.32 -22.87
CA GLY B 56 20.83 -64.65 -22.31
C GLY B 56 21.95 -65.31 -23.08
N ILE B 57 22.51 -66.38 -22.53
CA ILE B 57 23.61 -67.19 -23.14
C ILE B 57 22.98 -68.10 -24.21
N HIS B 58 23.60 -68.20 -25.39
CA HIS B 58 23.31 -69.25 -26.41
C HIS B 58 24.63 -69.73 -27.02
N GLU B 60 24.16 -73.72 -28.52
CA GLU B 60 24.95 -73.20 -27.37
C GLU B 60 26.42 -73.03 -27.76
N THR B 61 26.82 -71.79 -28.08
CA THR B 61 28.18 -71.37 -28.51
C THR B 61 28.88 -70.59 -27.38
N GLY B 62 28.17 -70.33 -26.27
CA GLY B 62 28.67 -69.60 -25.09
C GLY B 62 28.58 -68.08 -25.25
N GLU B 63 27.98 -67.58 -26.33
CA GLU B 63 27.89 -66.13 -26.65
C GLU B 63 26.57 -65.55 -26.10
N LEU B 64 26.64 -64.33 -25.55
CA LEU B 64 25.48 -63.50 -25.19
C LEU B 64 24.65 -63.23 -26.43
N ARG B 65 23.32 -63.37 -26.31
CA ARG B 65 22.34 -62.89 -27.30
C ARG B 65 21.41 -61.90 -26.61
N THR B 66 21.07 -60.82 -27.33
CA THR B 66 20.05 -59.82 -26.95
C THR B 66 18.98 -59.77 -28.05
N TRP B 67 17.71 -59.68 -27.66
CA TRP B 67 16.58 -59.71 -28.64
C TRP B 67 15.35 -59.04 -28.02
N ALA B 68 14.55 -58.33 -28.82
CA ALA B 68 13.30 -57.66 -28.39
C ALA B 68 12.21 -58.70 -28.14
N VAL B 69 11.38 -58.50 -27.10
CA VAL B 69 10.10 -59.24 -26.89
C VAL B 69 9.02 -58.23 -26.58
N ASN B 70 7.78 -58.63 -26.82
CA ASN B 70 6.57 -57.99 -26.27
C ASN B 70 6.44 -58.51 -24.83
N SER B 71 6.79 -57.67 -23.85
CA SER B 71 6.62 -57.95 -22.40
C SER B 71 5.16 -58.32 -22.07
N CYS B 72 4.19 -57.90 -22.86
CA CYS B 72 2.77 -58.21 -22.58
C CYS B 72 2.52 -59.71 -22.79
N LEU B 73 3.24 -60.34 -23.72
CA LEU B 73 3.11 -61.78 -24.09
C LEU B 73 4.15 -62.62 -23.34
N THR B 74 5.38 -62.15 -23.16
CA THR B 74 6.43 -62.96 -22.46
C THR B 74 6.00 -63.23 -21.00
N LEU B 75 5.95 -64.49 -20.58
CA LEU B 75 5.62 -64.84 -19.17
C LEU B 75 6.89 -64.70 -18.34
N LEU B 76 6.77 -64.08 -17.17
CA LEU B 76 7.91 -63.85 -16.26
C LEU B 76 8.65 -65.18 -16.03
N ASN B 77 7.91 -66.29 -15.94
CA ASN B 77 8.48 -67.58 -15.45
C ASN B 77 9.44 -68.17 -16.49
N THR B 78 9.38 -67.74 -17.76
CA THR B 78 10.34 -68.18 -18.81
C THR B 78 11.55 -67.24 -18.86
N CYS B 79 11.63 -66.20 -18.02
CA CYS B 79 12.71 -65.17 -18.07
C CYS B 79 13.68 -65.30 -16.90
N LEU B 80 13.46 -66.27 -16.02
CA LEU B 80 14.35 -66.50 -14.84
C LEU B 80 15.79 -66.69 -15.34
N GLY B 81 16.75 -65.98 -14.72
CA GLY B 81 18.19 -66.04 -15.05
C GLY B 81 18.59 -65.01 -16.09
N LEU B 82 17.64 -64.58 -16.93
CA LEU B 82 17.92 -63.69 -18.08
C LEU B 82 18.09 -62.24 -17.57
N GLU B 83 18.55 -61.35 -18.45
CA GLU B 83 18.63 -59.91 -18.12
C GLU B 83 17.60 -59.18 -18.98
N VAL B 84 16.66 -58.50 -18.34
CA VAL B 84 15.69 -57.60 -19.02
C VAL B 84 16.33 -56.21 -19.14
N THR B 85 16.25 -55.59 -20.32
CA THR B 85 16.55 -54.14 -20.50
C THR B 85 15.29 -53.39 -20.93
N THR B 86 14.96 -52.31 -20.21
CA THR B 86 13.93 -51.32 -20.56
C THR B 86 14.62 -50.00 -20.90
N SER B 87 13.89 -49.00 -21.39
CA SER B 87 14.52 -47.72 -21.83
C SER B 87 15.18 -47.04 -20.62
N GLU B 88 14.57 -47.07 -19.43
CA GLU B 88 15.20 -46.55 -18.19
C GLU B 88 16.61 -47.14 -18.04
N GLY B 89 16.81 -48.40 -18.46
CA GLY B 89 18.10 -49.12 -18.37
C GLY B 89 19.16 -48.56 -19.30
N LEU B 90 18.76 -47.89 -20.39
CA LEU B 90 19.73 -47.39 -21.39
C LEU B 90 20.22 -45.99 -21.04
N GLY B 91 19.46 -45.24 -20.23
CA GLY B 91 19.81 -43.86 -19.84
C GLY B 91 18.68 -43.13 -19.15
N ASN B 92 19.01 -42.00 -18.54
CA ASN B 92 18.12 -41.09 -17.77
C ASN B 92 18.87 -39.78 -17.60
N LYS B 93 18.33 -38.76 -16.90
CA LYS B 93 19.02 -37.45 -16.77
C LYS B 93 20.24 -37.59 -15.84
N ARG B 94 20.26 -38.58 -14.96
CA ARG B 94 21.38 -38.75 -14.00
C ARG B 94 22.63 -39.24 -14.76
N VAL B 95 22.58 -40.48 -15.25
CA VAL B 95 23.73 -41.17 -15.90
C VAL B 95 23.92 -40.64 -17.34
N GLY B 96 22.98 -39.85 -17.88
CA GLY B 96 23.00 -39.37 -19.27
C GLY B 96 22.19 -40.28 -20.19
N TYR B 97 21.71 -39.73 -21.30
CA TYR B 97 20.77 -40.36 -22.27
C TYR B 97 21.56 -41.25 -23.24
N HIS B 98 20.99 -42.40 -23.57
CA HIS B 98 21.52 -43.32 -24.60
C HIS B 98 21.50 -42.68 -25.99
N ALA B 99 22.47 -42.99 -26.84
CA ALA B 99 22.55 -42.45 -28.23
C ALA B 99 21.20 -42.62 -28.93
N ILE B 100 20.55 -43.78 -28.72
CA ILE B 100 19.25 -44.09 -29.37
C ILE B 100 18.15 -43.16 -28.83
N GLN B 101 18.15 -42.87 -27.53
CA GLN B 101 17.17 -41.96 -26.88
C GLN B 101 17.37 -40.53 -27.40
N GLN B 102 18.60 -40.05 -27.42
CA GLN B 102 18.90 -38.65 -27.86
C GLN B 102 18.59 -38.54 -29.35
N ARG B 103 18.83 -39.61 -30.12
CA ARG B 103 18.68 -39.55 -31.60
C ARG B 103 17.20 -39.39 -31.91
N LEU B 104 16.35 -40.17 -31.25
CA LEU B 104 14.89 -40.12 -31.48
C LEU B 104 14.36 -38.73 -31.09
N ALA B 105 14.82 -38.19 -29.95
CA ALA B 105 14.34 -36.89 -29.44
C ALA B 105 14.85 -35.77 -30.35
N LYS B 106 16.15 -35.74 -30.66
CA LYS B 106 16.77 -34.60 -31.37
C LYS B 106 16.39 -34.60 -32.85
N MET B 107 15.81 -35.68 -33.38
CA MET B 107 15.42 -35.77 -34.82
C MET B 107 13.89 -35.82 -34.97
N ASN B 108 13.18 -35.35 -33.93
CA ASN B 108 11.72 -35.00 -33.95
C ASN B 108 10.87 -36.24 -34.19
N GLY B 109 11.27 -37.40 -33.66
CA GLY B 109 10.53 -38.67 -33.80
C GLY B 109 9.68 -39.02 -32.57
N THR B 110 9.36 -38.07 -31.71
CA THR B 110 8.52 -38.34 -30.50
C THR B 110 7.48 -37.23 -30.32
N GLN B 111 6.21 -37.62 -30.31
CA GLN B 111 5.10 -36.65 -30.14
C GLN B 111 4.41 -36.92 -28.80
N CYS B 112 3.35 -37.73 -28.75
CA CYS B 112 2.68 -38.05 -27.47
C CYS B 112 3.69 -38.78 -26.58
N GLY B 113 4.61 -39.54 -27.20
CA GLY B 113 5.74 -40.20 -26.52
C GLY B 113 5.40 -41.60 -25.99
N TYR B 114 4.17 -42.07 -26.16
CA TYR B 114 3.75 -43.33 -25.53
C TYR B 114 4.42 -44.50 -26.27
N CYS B 115 4.71 -44.38 -27.57
CA CYS B 115 5.37 -45.44 -28.37
C CYS B 115 6.89 -45.41 -28.21
N SER B 116 7.46 -44.37 -27.63
CA SER B 116 8.90 -44.03 -27.83
C SER B 116 9.77 -45.08 -27.15
N PRO B 117 9.48 -45.51 -25.90
CA PRO B 117 10.35 -46.50 -25.26
C PRO B 117 10.38 -47.84 -25.98
N GLY B 118 9.26 -48.28 -26.54
CA GLY B 118 9.20 -49.49 -27.38
C GLY B 118 9.98 -49.28 -28.67
N ILE B 119 9.98 -48.08 -29.22
CA ILE B 119 10.80 -47.78 -30.43
C ILE B 119 12.27 -47.94 -30.03
N VAL B 120 12.67 -47.33 -28.92
CA VAL B 120 14.09 -47.32 -28.47
C VAL B 120 14.53 -48.76 -28.25
N MET B 121 13.74 -49.58 -27.57
CA MET B 121 14.15 -50.94 -27.17
C MET B 121 14.08 -51.89 -28.38
N ASN B 122 13.16 -51.69 -29.30
CA ASN B 122 13.16 -52.48 -30.56
C ASN B 122 14.47 -52.22 -31.31
N MET B 123 14.91 -50.97 -31.35
CA MET B 123 16.13 -50.58 -32.08
C MET B 123 17.32 -51.19 -31.33
N TYR B 124 17.35 -51.07 -30.01
CA TYR B 124 18.43 -51.65 -29.17
C TYR B 124 18.49 -53.17 -29.41
N GLY B 125 17.32 -53.83 -29.41
CA GLY B 125 17.22 -55.25 -29.79
C GLY B 125 17.84 -55.48 -31.15
N LEU B 126 17.48 -54.68 -32.16
CA LEU B 126 17.94 -54.92 -33.55
C LEU B 126 19.47 -54.84 -33.57
N LEU B 127 20.01 -53.71 -33.12
CA LEU B 127 21.46 -53.44 -33.14
C LEU B 127 22.21 -54.55 -32.39
N LYS B 128 21.83 -54.85 -31.16
CA LYS B 128 22.53 -55.87 -30.35
C LYS B 128 22.49 -57.22 -31.07
N SER B 129 21.37 -57.57 -31.66
CA SER B 129 21.21 -58.89 -32.32
C SER B 129 22.06 -58.97 -33.60
N LYS B 130 22.61 -57.86 -34.08
CA LYS B 130 23.37 -57.81 -35.36
C LYS B 130 24.78 -57.26 -35.13
N GLY B 131 25.29 -57.35 -33.89
CA GLY B 131 26.61 -56.85 -33.50
C GLY B 131 26.84 -55.38 -33.82
N GLY B 132 25.75 -54.59 -33.95
CA GLY B 132 25.81 -53.14 -34.19
C GLY B 132 25.80 -52.76 -35.66
N LYS B 133 25.72 -53.74 -36.56
CA LYS B 133 25.87 -53.57 -38.03
C LYS B 133 24.54 -53.90 -38.73
N VAL B 134 23.80 -52.87 -39.15
CA VAL B 134 22.52 -52.98 -39.90
C VAL B 134 22.59 -52.04 -41.10
N THR B 135 21.77 -52.31 -42.12
CA THR B 135 21.55 -51.44 -43.29
C THR B 135 20.28 -50.61 -43.07
N MET B 136 20.15 -49.50 -43.78
CA MET B 136 18.92 -48.66 -43.68
C MET B 136 17.70 -49.53 -44.00
N GLU B 137 17.85 -50.46 -44.94
CA GLU B 137 16.77 -51.33 -45.44
C GLU B 137 16.31 -52.26 -44.33
N GLU B 138 17.23 -52.81 -43.53
CA GLU B 138 16.83 -53.80 -42.50
C GLU B 138 16.25 -53.01 -41.32
N VAL B 139 16.67 -51.77 -41.09
CA VAL B 139 16.06 -50.88 -40.06
C VAL B 139 14.60 -50.63 -40.44
N GLU B 140 14.35 -50.22 -41.69
CA GLU B 140 13.00 -49.84 -42.16
C GLU B 140 12.09 -51.05 -42.14
N ASN B 141 12.67 -52.25 -42.14
CA ASN B 141 11.91 -53.53 -42.22
C ASN B 141 11.53 -54.06 -40.82
N SER B 142 12.04 -53.41 -39.75
CA SER B 142 12.12 -53.97 -38.39
C SER B 142 11.04 -53.39 -37.45
N PHE B 143 10.17 -52.50 -37.90
CA PHE B 143 9.24 -51.75 -37.02
C PHE B 143 7.77 -52.03 -37.38
N GLY B 144 7.50 -53.15 -38.04
CA GLY B 144 6.13 -53.64 -38.32
C GLY B 144 5.33 -53.86 -37.04
N GLY B 145 6.02 -54.10 -35.94
CA GLY B 145 5.36 -54.38 -34.63
C GLY B 145 5.26 -53.15 -33.75
N ASN B 146 5.70 -51.98 -34.22
CA ASN B 146 5.63 -50.70 -33.45
C ASN B 146 4.69 -49.75 -34.17
N ILE B 147 3.47 -49.58 -33.66
CA ILE B 147 2.48 -48.61 -34.19
C ILE B 147 2.69 -47.24 -33.55
N CYS B 148 2.81 -46.20 -34.37
CA CYS B 148 2.85 -44.79 -33.92
C CYS B 148 1.69 -44.06 -34.58
N ARG B 149 0.85 -43.41 -33.79
CA ARG B 149 -0.39 -42.76 -34.29
C ARG B 149 -0.17 -41.27 -34.50
N CYS B 150 0.98 -40.71 -34.07
CA CYS B 150 1.24 -39.25 -34.01
C CYS B 150 2.14 -38.78 -35.17
N THR B 151 3.27 -39.44 -35.43
CA THR B 151 4.44 -38.87 -36.17
C THR B 151 4.38 -39.17 -37.68
N GLY B 152 3.63 -40.19 -38.09
CA GLY B 152 3.65 -40.67 -39.49
C GLY B 152 4.99 -41.29 -39.85
N TYR B 153 5.77 -41.70 -38.84
CA TYR B 153 6.92 -42.64 -38.93
C TYR B 153 8.19 -41.99 -39.53
N ARG B 154 8.06 -41.14 -40.55
CA ARG B 154 9.22 -40.55 -41.28
C ARG B 154 10.38 -40.17 -40.36
N PRO B 155 10.22 -39.29 -39.33
CA PRO B 155 11.36 -38.90 -38.51
C PRO B 155 11.89 -40.03 -37.60
N ILE B 156 11.03 -40.99 -37.22
CA ILE B 156 11.46 -42.19 -36.46
C ILE B 156 12.42 -42.98 -37.35
N LEU B 157 12.05 -43.21 -38.61
CA LEU B 157 12.89 -43.92 -39.59
C LEU B 157 14.17 -43.10 -39.84
N ASP B 158 14.11 -41.79 -40.05
CA ASP B 158 15.36 -40.98 -40.15
C ASP B 158 16.30 -41.31 -38.98
N ALA B 159 15.82 -41.17 -37.74
CA ALA B 159 16.59 -41.38 -36.50
C ALA B 159 17.25 -42.76 -36.49
N MET B 160 16.48 -43.83 -36.71
CA MET B 160 16.99 -45.20 -36.49
C MET B 160 17.90 -45.58 -37.67
N LYS B 161 17.52 -45.16 -38.88
CA LYS B 161 18.36 -45.37 -40.11
C LYS B 161 19.73 -44.71 -39.94
N SER B 162 19.83 -43.64 -39.15
CA SER B 162 21.12 -42.92 -38.97
C SER B 162 22.14 -43.81 -38.27
N PHE B 163 21.74 -44.96 -37.72
CA PHE B 163 22.65 -45.91 -37.02
C PHE B 163 23.16 -47.01 -37.96
N ALA B 164 22.61 -47.07 -39.17
CA ALA B 164 22.97 -48.03 -40.24
C ALA B 164 24.38 -47.78 -40.77
N VAL B 165 25.10 -48.85 -41.14
CA VAL B 165 26.46 -48.79 -41.75
C VAL B 165 26.40 -47.97 -43.05
N ASP B 166 25.26 -47.97 -43.77
CA ASP B 166 25.12 -47.28 -45.07
C ASP B 166 24.33 -45.96 -44.92
N SER B 167 24.27 -45.37 -43.72
CA SER B 167 23.40 -44.21 -43.45
C SER B 167 23.77 -43.08 -44.43
N ASN B 168 22.77 -42.44 -45.04
CA ASN B 168 22.90 -41.16 -45.77
C ASN B 168 22.10 -40.08 -45.01
N ILE B 169 21.83 -40.31 -43.72
CA ILE B 169 20.95 -39.47 -42.86
C ILE B 169 21.81 -38.36 -42.26
N GLN B 170 21.41 -37.10 -42.43
CA GLN B 170 21.98 -35.95 -41.70
C GLN B 170 21.47 -35.98 -40.25
N VAL B 171 22.41 -35.90 -39.33
CA VAL B 171 22.24 -36.09 -37.87
C VAL B 171 22.66 -34.78 -37.21
N PRO B 172 21.86 -34.21 -36.28
CA PRO B 172 22.30 -33.00 -35.56
C PRO B 172 23.63 -33.21 -34.81
N ALA B 173 24.49 -32.19 -34.77
CA ALA B 173 25.90 -32.28 -34.34
C ALA B 173 25.98 -32.59 -32.84
N GLU B 174 24.96 -32.21 -32.05
CA GLU B 174 24.93 -32.39 -30.57
C GLU B 174 24.54 -33.82 -30.22
N CYS B 175 24.27 -34.68 -31.21
CA CYS B 175 23.97 -36.12 -31.01
C CYS B 175 25.26 -36.89 -30.74
N ILE B 176 25.23 -37.80 -29.79
CA ILE B 176 26.42 -38.56 -29.31
C ILE B 176 26.53 -39.82 -30.17
N ASP B 177 27.72 -40.42 -30.22
CA ASP B 177 27.95 -41.71 -30.91
C ASP B 177 27.42 -42.81 -30.00
N ILE B 178 26.90 -43.88 -30.62
CA ILE B 178 26.52 -45.14 -29.92
C ILE B 178 27.81 -45.83 -29.47
N GLU B 179 27.78 -46.43 -28.29
CA GLU B 179 28.84 -47.32 -27.78
C GLU B 179 29.12 -48.40 -28.84
N ASP B 180 30.32 -48.99 -28.81
CA ASP B 180 30.69 -50.18 -29.61
C ASP B 180 29.82 -51.35 -29.13
N LEU B 181 29.00 -51.88 -30.04
CA LEU B 181 28.26 -53.16 -29.91
C LEU B 181 28.94 -54.18 -30.82
N CYS B 197 22.05 -63.23 -17.88
CA CYS B 197 22.97 -64.15 -18.59
C CYS B 197 22.40 -65.58 -18.61
N LYS B 198 22.69 -66.40 -17.60
CA LYS B 198 22.50 -67.88 -17.63
C LYS B 198 21.05 -68.21 -17.25
N LYS B 199 20.28 -68.80 -18.18
CA LYS B 199 18.85 -69.12 -17.94
C LYS B 199 18.74 -70.00 -16.69
N GLN B 200 17.75 -69.73 -15.83
CA GLN B 200 17.52 -70.47 -14.56
C GLN B 200 16.49 -71.56 -14.83
N GLN B 201 16.88 -72.82 -14.59
CA GLN B 201 15.98 -74.00 -14.57
C GLN B 201 15.89 -74.55 -13.14
N PRO B 202 14.92 -74.06 -12.32
CA PRO B 202 14.66 -74.68 -11.02
C PRO B 202 14.31 -76.16 -11.21
N LYS B 203 14.68 -77.02 -10.26
CA LYS B 203 14.46 -78.49 -10.37
C LYS B 203 12.99 -78.81 -10.02
N GLY B 204 12.48 -79.91 -10.60
CA GLY B 204 11.09 -80.35 -10.43
C GLY B 204 10.10 -79.23 -10.71
N SER B 205 9.12 -79.08 -9.83
CA SER B 205 7.93 -78.21 -10.03
C SER B 205 7.82 -77.15 -8.93
N GLN B 206 7.31 -75.97 -9.33
CA GLN B 206 6.76 -74.93 -8.43
C GLN B 206 5.24 -75.10 -8.42
N LEU B 207 4.65 -75.37 -7.26
CA LEU B 207 3.18 -75.48 -7.10
C LEU B 207 2.64 -74.13 -6.64
N TYR B 208 1.48 -73.75 -7.14
CA TYR B 208 0.78 -72.49 -6.81
C TYR B 208 -0.46 -72.83 -6.00
N PRO B 209 -0.91 -71.92 -5.12
CA PRO B 209 -2.12 -72.12 -4.32
C PRO B 209 -3.40 -72.26 -5.15
N ASP B 210 -3.42 -71.85 -6.42
CA ASP B 210 -4.62 -71.98 -7.29
C ASP B 210 -4.62 -73.34 -8.01
N GLY B 211 -3.61 -74.19 -7.77
CA GLY B 211 -3.45 -75.52 -8.40
C GLY B 211 -2.64 -75.47 -9.71
N SER B 212 -2.10 -74.31 -10.09
CA SER B 212 -1.13 -74.20 -11.21
C SER B 212 0.23 -74.78 -10.78
N ARG B 213 1.01 -75.27 -11.73
CA ARG B 213 2.41 -75.71 -11.48
C ARG B 213 3.26 -75.31 -12.68
N TRP B 214 4.51 -74.95 -12.42
CA TRP B 214 5.55 -74.70 -13.44
C TRP B 214 6.62 -75.79 -13.39
N SER B 215 7.10 -76.23 -14.55
CA SER B 215 8.34 -77.03 -14.69
C SER B 215 9.25 -76.34 -15.71
N TRP B 216 10.54 -76.54 -15.53
CA TRP B 216 11.62 -76.02 -16.38
C TRP B 216 12.50 -77.18 -16.82
N PRO B 217 11.99 -78.09 -17.66
CA PRO B 217 12.74 -79.31 -17.99
C PRO B 217 14.03 -78.96 -18.75
N VAL B 218 15.13 -79.63 -18.42
CA VAL B 218 16.44 -79.45 -19.12
C VAL B 218 16.59 -80.51 -20.21
N SER B 219 16.10 -81.73 -19.96
CA SER B 219 16.16 -82.89 -20.90
C SER B 219 14.75 -83.25 -21.38
N LEU B 220 14.66 -84.02 -22.46
CA LEU B 220 13.38 -84.59 -22.97
C LEU B 220 12.76 -85.56 -21.94
N GLY B 221 13.56 -86.18 -21.07
CA GLY B 221 13.07 -87.04 -19.97
C GLY B 221 12.32 -86.22 -18.94
N ASP B 222 12.90 -85.10 -18.54
CA ASP B 222 12.22 -84.04 -17.74
C ASP B 222 10.91 -83.63 -18.42
N LEU B 223 10.93 -83.35 -19.73
CA LEU B 223 9.72 -82.87 -20.44
C LEU B 223 8.62 -83.92 -20.31
N PHE B 224 8.90 -85.18 -20.66
CA PHE B 224 7.87 -86.25 -20.69
C PHE B 224 7.39 -86.56 -19.25
N ALA B 225 8.27 -86.46 -18.26
CA ALA B 225 7.91 -86.60 -16.84
C ALA B 225 6.89 -85.51 -16.48
N ALA B 226 7.22 -84.24 -16.74
CA ALA B 226 6.32 -83.08 -16.56
C ALA B 226 4.98 -83.35 -17.24
N LEU B 227 5.02 -83.86 -18.46
CA LEU B 227 3.86 -84.00 -19.38
C LEU B 227 3.00 -85.20 -19.00
N GLN B 228 3.58 -86.30 -18.49
CA GLN B 228 2.80 -87.46 -17.98
C GLN B 228 2.26 -87.12 -16.60
N GLY B 229 3.00 -86.33 -15.82
CA GLY B 229 2.50 -85.68 -14.59
C GLY B 229 1.19 -84.97 -14.87
N ALA B 230 1.20 -83.96 -15.76
CA ALA B 230 0.00 -83.15 -16.09
C ALA B 230 -1.16 -84.08 -16.45
N VAL B 231 -0.97 -84.94 -17.44
CA VAL B 231 -2.01 -85.86 -17.99
C VAL B 231 -2.47 -86.85 -16.89
N LYS B 232 -1.57 -87.26 -15.98
CA LYS B 232 -1.94 -88.09 -14.80
C LYS B 232 -2.90 -87.32 -13.88
N GLU B 233 -2.54 -86.11 -13.40
CA GLU B 233 -3.39 -85.28 -12.49
C GLU B 233 -4.48 -84.54 -13.30
N LYS B 234 -4.70 -84.95 -14.56
CA LYS B 234 -5.73 -84.39 -15.47
C LYS B 234 -5.69 -82.85 -15.44
N LEU B 235 -4.49 -82.27 -15.49
CA LEU B 235 -4.27 -80.80 -15.60
C LEU B 235 -4.13 -80.44 -17.08
N PRO B 236 -4.97 -79.54 -17.64
CA PRO B 236 -4.74 -79.04 -18.99
C PRO B 236 -3.37 -78.36 -18.95
N TYR B 237 -2.55 -78.57 -19.99
CA TYR B 237 -1.11 -78.24 -19.95
C TYR B 237 -0.77 -77.34 -21.15
N MET B 238 0.39 -76.72 -21.06
CA MET B 238 0.90 -75.80 -22.10
C MET B 238 2.40 -76.00 -22.17
N LEU B 239 2.91 -76.28 -23.36
CA LEU B 239 4.36 -76.30 -23.64
C LEU B 239 4.74 -74.85 -23.98
N VAL B 240 5.30 -74.14 -23.01
CA VAL B 240 5.51 -72.67 -23.09
C VAL B 240 6.81 -72.39 -23.81
N ALA B 241 6.75 -71.66 -24.90
CA ALA B 241 7.94 -71.04 -25.53
C ALA B 241 7.75 -69.53 -25.45
N GLY B 242 7.16 -68.91 -26.47
CA GLY B 242 7.03 -67.44 -26.55
C GLY B 242 5.80 -66.92 -25.85
N ASN B 243 4.82 -67.80 -25.64
CA ASN B 243 3.41 -67.48 -25.26
C ASN B 243 2.80 -66.44 -26.24
N THR B 244 3.16 -66.46 -27.51
CA THR B 244 2.60 -65.53 -28.53
C THR B 244 1.29 -66.08 -29.10
N ALA B 245 1.00 -67.38 -29.00
CA ALA B 245 -0.29 -67.92 -29.48
C ALA B 245 -1.44 -67.11 -28.86
N HIS B 246 -1.35 -66.84 -27.56
CA HIS B 246 -2.26 -66.00 -26.74
C HIS B 246 -2.74 -64.77 -27.54
N GLY B 247 -1.84 -64.19 -28.33
CA GLY B 247 -2.12 -63.02 -29.18
C GLY B 247 -3.23 -63.28 -30.16
N VAL B 248 -3.31 -64.50 -30.72
CA VAL B 248 -4.30 -64.84 -31.80
C VAL B 248 -5.57 -65.41 -31.17
N TYR B 249 -5.39 -66.45 -30.35
CA TYR B 249 -6.42 -67.10 -29.49
C TYR B 249 -5.93 -67.02 -28.04
N ARG B 250 -6.69 -66.34 -27.20
CA ARG B 250 -6.34 -66.16 -25.76
C ARG B 250 -6.19 -67.56 -25.14
N ARG B 251 -5.16 -67.71 -24.31
CA ARG B 251 -4.89 -68.93 -23.52
C ARG B 251 -6.13 -69.22 -22.68
N SER B 252 -6.59 -70.46 -22.67
CA SER B 252 -7.70 -70.88 -21.79
C SER B 252 -7.28 -70.63 -20.34
N PRO B 253 -8.20 -70.11 -19.50
CA PRO B 253 -7.98 -70.09 -18.06
C PRO B 253 -7.91 -71.52 -17.49
N ASP B 254 -8.29 -72.55 -18.26
CA ASP B 254 -8.25 -73.97 -17.81
C ASP B 254 -6.79 -74.46 -17.69
N ILE B 255 -5.84 -73.84 -18.39
CA ILE B 255 -4.41 -74.27 -18.39
C ILE B 255 -3.91 -74.17 -16.95
N LYS B 256 -3.29 -75.25 -16.45
CA LYS B 256 -2.78 -75.36 -15.05
C LYS B 256 -1.29 -75.74 -15.05
N ALA B 257 -0.87 -76.65 -15.92
CA ALA B 257 0.51 -77.18 -16.03
C ALA B 257 1.30 -76.41 -17.11
N PHE B 258 2.11 -75.44 -16.66
CA PHE B 258 3.04 -74.65 -17.51
C PHE B 258 4.38 -75.37 -17.53
N ILE B 259 4.81 -75.79 -18.71
CA ILE B 259 6.09 -76.52 -18.94
C ILE B 259 6.92 -75.64 -19.88
N ASP B 260 7.92 -74.95 -19.36
CA ASP B 260 8.82 -74.08 -20.16
C ASP B 260 9.64 -74.98 -21.08
N VAL B 261 9.46 -74.91 -22.40
CA VAL B 261 10.24 -75.76 -23.36
C VAL B 261 11.32 -74.90 -24.02
N SER B 262 11.62 -73.72 -23.49
CA SER B 262 12.45 -72.70 -24.22
C SER B 262 13.95 -72.98 -23.96
N GLY B 263 14.28 -73.79 -22.95
CA GLY B 263 15.69 -74.12 -22.61
C GLY B 263 15.97 -75.60 -22.82
N LEU B 264 15.33 -76.22 -23.80
CA LEU B 264 15.59 -77.62 -24.22
C LEU B 264 16.37 -77.57 -25.55
N ALA B 265 17.70 -77.77 -25.48
CA ALA B 265 18.59 -77.83 -26.65
C ALA B 265 18.00 -78.80 -27.67
N GLU B 266 17.48 -79.93 -27.20
CA GLU B 266 16.99 -81.01 -28.09
C GLU B 266 15.86 -80.49 -28.97
N LEU B 267 15.19 -79.38 -28.63
CA LEU B 267 14.05 -78.86 -29.45
C LEU B 267 14.51 -77.66 -30.29
N LYS B 268 15.77 -77.28 -30.17
CA LYS B 268 16.39 -76.16 -30.94
C LYS B 268 17.36 -76.74 -31.96
N GLY B 269 18.20 -75.90 -32.57
CA GLY B 269 19.18 -76.33 -33.58
C GLY B 269 18.57 -77.05 -34.78
N HIS B 270 19.44 -77.58 -35.62
CA HIS B 270 19.14 -78.04 -36.99
C HIS B 270 20.17 -79.10 -37.35
N LYS B 271 19.89 -79.91 -38.37
CA LYS B 271 20.83 -80.91 -38.92
C LYS B 271 20.56 -81.03 -40.42
N LEU B 272 21.46 -80.49 -41.24
CA LEU B 272 21.57 -80.77 -42.70
C LEU B 272 22.25 -82.14 -42.86
N SER B 273 21.51 -83.15 -43.34
CA SER B 273 22.01 -84.55 -43.51
C SER B 273 23.32 -84.54 -44.31
N ALA B 274 24.18 -85.53 -44.05
CA ALA B 274 25.47 -85.78 -44.75
C ALA B 274 25.26 -85.65 -46.28
N ASP B 275 24.23 -86.31 -46.82
CA ASP B 275 24.00 -86.39 -48.29
C ASP B 275 23.34 -85.11 -48.83
N ASN B 276 23.00 -84.14 -47.96
CA ASN B 276 22.32 -82.88 -48.35
C ASN B 276 20.91 -83.18 -48.90
N SER B 277 20.28 -84.28 -48.49
CA SER B 277 18.95 -84.68 -49.04
C SER B 277 17.82 -84.17 -48.12
N SER B 278 18.12 -83.83 -46.87
CA SER B 278 17.11 -83.42 -45.85
C SER B 278 17.71 -82.41 -44.88
N LEU B 279 16.95 -81.35 -44.57
CA LEU B 279 17.23 -80.38 -43.47
C LEU B 279 16.21 -80.64 -42.36
N THR B 280 16.69 -80.89 -41.13
CA THR B 280 15.90 -81.09 -39.88
C THR B 280 15.93 -79.82 -39.01
N LEU B 281 14.75 -79.26 -38.70
CA LEU B 281 14.52 -78.08 -37.82
C LEU B 281 13.93 -78.56 -36.49
N GLY B 282 14.57 -78.23 -35.37
CA GLY B 282 13.97 -78.29 -34.02
C GLY B 282 12.64 -77.55 -33.97
N GLY B 283 11.60 -78.18 -33.41
CA GLY B 283 10.22 -77.66 -33.38
C GLY B 283 10.11 -76.30 -32.69
N ASN B 284 11.00 -76.02 -31.74
CA ASN B 284 10.95 -74.78 -30.92
C ASN B 284 12.08 -73.83 -31.35
N LEU B 285 12.59 -73.96 -32.59
CA LEU B 285 13.34 -72.87 -33.26
C LEU B 285 12.40 -71.66 -33.33
N SER B 286 12.88 -70.47 -32.96
CA SER B 286 12.10 -69.22 -33.11
C SER B 286 11.99 -68.95 -34.61
N LEU B 287 11.01 -68.17 -35.05
CA LEU B 287 10.89 -67.81 -36.48
C LEU B 287 12.14 -66.98 -36.85
N SER B 288 12.65 -66.18 -35.91
CA SER B 288 13.92 -65.43 -36.10
C SER B 288 15.08 -66.42 -36.35
N GLU B 289 15.27 -67.40 -35.47
CA GLU B 289 16.36 -68.42 -35.63
C GLU B 289 16.22 -69.13 -36.98
N THR B 290 15.00 -69.48 -37.39
CA THR B 290 14.71 -70.19 -38.66
C THR B 290 15.14 -69.33 -39.85
N MET B 291 14.80 -68.04 -39.82
CA MET B 291 15.16 -67.07 -40.88
C MET B 291 16.69 -66.98 -40.95
N GLU B 292 17.37 -66.93 -39.82
CA GLU B 292 18.85 -66.82 -39.78
C GLU B 292 19.44 -68.06 -40.46
N LEU B 293 18.86 -69.22 -40.19
CA LEU B 293 19.29 -70.53 -40.75
C LEU B 293 19.03 -70.54 -42.27
N CYS B 294 17.89 -69.99 -42.71
CA CYS B 294 17.54 -69.84 -44.15
C CYS B 294 18.55 -68.95 -44.87
N ARG B 295 19.10 -67.93 -44.21
CA ARG B 295 20.14 -67.06 -44.83
C ARG B 295 21.42 -67.88 -44.99
N GLN B 296 21.69 -68.82 -44.08
CA GLN B 296 22.96 -69.58 -44.01
C GLN B 296 22.98 -70.75 -45.01
N LEU B 297 21.83 -71.25 -45.48
CA LEU B 297 21.77 -72.48 -46.32
C LEU B 297 21.10 -72.20 -47.67
N GLU B 298 20.83 -70.93 -48.02
CA GLU B 298 20.21 -70.53 -49.33
C GLU B 298 21.24 -70.60 -50.46
N ASN B 299 22.52 -70.78 -50.11
CA ASN B 299 23.66 -70.95 -51.04
C ASN B 299 24.13 -72.40 -51.05
N THR B 300 23.46 -73.29 -50.30
CA THR B 300 23.67 -74.75 -50.40
C THR B 300 22.79 -75.29 -51.53
N LYS B 301 23.39 -76.10 -52.42
CA LYS B 301 22.72 -76.68 -53.62
C LYS B 301 21.63 -77.64 -53.13
N GLY B 302 20.40 -77.46 -53.64
CA GLY B 302 19.20 -78.17 -53.22
C GLY B 302 18.36 -77.39 -52.21
N PHE B 303 18.86 -76.26 -51.67
CA PHE B 303 18.19 -75.48 -50.59
C PHE B 303 18.09 -73.98 -50.91
N GLU B 304 18.15 -73.63 -52.20
CA GLU B 304 18.05 -72.24 -52.70
C GLU B 304 16.64 -71.70 -52.38
N TYR B 305 15.65 -72.60 -52.33
CA TYR B 305 14.23 -72.27 -52.08
C TYR B 305 14.02 -71.68 -50.67
N LEU B 306 14.96 -71.88 -49.75
CA LEU B 306 14.94 -71.25 -48.40
C LEU B 306 15.00 -69.72 -48.50
N SER B 307 15.43 -69.19 -49.64
CA SER B 307 15.43 -67.72 -49.87
C SER B 307 13.96 -67.29 -49.87
N GLN B 308 13.07 -68.14 -50.37
CA GLN B 308 11.62 -67.83 -50.41
C GLN B 308 11.00 -68.13 -49.04
N VAL B 309 11.45 -69.16 -48.33
CA VAL B 309 10.97 -69.43 -46.94
C VAL B 309 11.30 -68.21 -46.09
N TRP B 310 12.54 -67.72 -46.14
CA TRP B 310 12.96 -66.47 -45.46
C TRP B 310 11.95 -65.35 -45.77
N GLN B 311 11.64 -65.15 -47.04
CA GLN B 311 10.71 -64.09 -47.49
C GLN B 311 9.37 -64.27 -46.75
N HIS B 312 8.84 -65.48 -46.72
CA HIS B 312 7.47 -65.75 -46.20
C HIS B 312 7.48 -65.50 -44.69
N LEU B 313 8.54 -65.93 -43.99
CA LEU B 313 8.64 -65.80 -42.51
C LEU B 313 8.75 -64.30 -42.19
N ASP B 314 9.36 -63.51 -43.07
CA ASP B 314 9.49 -62.04 -42.92
C ASP B 314 8.12 -61.38 -43.06
N TRP B 315 7.15 -62.05 -43.68
CA TRP B 315 5.77 -61.52 -43.81
C TRP B 315 4.92 -61.90 -42.60
N ILE B 316 5.45 -62.78 -41.73
CA ILE B 316 4.76 -63.27 -40.50
C ILE B 316 5.02 -62.29 -39.36
N ALA B 317 3.95 -61.77 -38.75
CA ALA B 317 3.98 -61.07 -37.44
C ALA B 317 4.94 -59.88 -37.53
N ASN B 318 5.87 -59.78 -36.57
CA ASN B 318 6.81 -58.65 -36.38
C ASN B 318 8.08 -59.19 -35.72
N VAL B 319 9.05 -58.33 -35.47
CA VAL B 319 10.38 -58.80 -34.98
C VAL B 319 10.20 -59.47 -33.62
N PRO B 320 9.64 -58.81 -32.58
CA PRO B 320 9.55 -59.41 -31.25
C PRO B 320 8.73 -60.72 -31.19
N VAL B 321 7.65 -60.83 -31.96
CA VAL B 321 6.84 -62.08 -31.97
C VAL B 321 7.71 -63.16 -32.61
N ARG B 322 8.36 -62.89 -33.75
CA ARG B 322 9.21 -63.91 -34.46
C ARG B 322 10.39 -64.25 -33.56
N ASN B 323 10.88 -63.30 -32.77
CA ASN B 323 11.97 -63.58 -31.79
C ASN B 323 11.50 -64.58 -30.73
N ALA B 324 10.24 -64.51 -30.28
CA ALA B 324 9.80 -65.33 -29.12
C ALA B 324 9.00 -66.53 -29.61
N GLY B 325 8.21 -66.35 -30.67
CA GLY B 325 7.34 -67.42 -31.21
C GLY B 325 8.16 -68.46 -31.92
N THR B 326 7.63 -69.68 -32.05
CA THR B 326 8.34 -70.87 -32.57
C THR B 326 7.50 -71.58 -33.62
N LEU B 327 8.14 -72.43 -34.41
CA LEU B 327 7.52 -73.26 -35.47
C LEU B 327 6.46 -74.14 -34.84
N ALA B 328 6.84 -74.94 -33.85
CA ALA B 328 5.91 -75.90 -33.21
C ALA B 328 4.71 -75.14 -32.67
N GLY B 329 4.95 -73.99 -32.01
CA GLY B 329 3.88 -73.14 -31.44
C GLY B 329 2.87 -72.76 -32.51
N ASN B 330 3.38 -72.37 -33.68
CA ASN B 330 2.51 -71.89 -34.78
C ASN B 330 1.66 -73.06 -35.31
N LEU B 331 2.27 -74.21 -35.58
CA LEU B 331 1.54 -75.44 -36.06
C LEU B 331 0.54 -75.90 -35.00
N SER B 332 0.82 -75.72 -33.71
CA SER B 332 -0.13 -76.05 -32.63
C SER B 332 -1.39 -75.17 -32.77
N ILE B 333 -1.29 -73.92 -33.22
CA ILE B 333 -2.50 -73.09 -33.47
C ILE B 333 -3.31 -73.75 -34.58
N LYS B 334 -2.65 -74.19 -35.66
CA LYS B 334 -3.34 -74.81 -36.82
C LYS B 334 -3.98 -76.14 -36.39
N HIS B 335 -3.33 -76.87 -35.50
CA HIS B 335 -3.85 -78.14 -34.95
C HIS B 335 -5.18 -77.90 -34.23
N ALA B 336 -5.23 -76.90 -33.33
CA ALA B 336 -6.39 -76.60 -32.46
C ALA B 336 -7.44 -75.80 -33.23
N HIS B 337 -7.04 -75.05 -34.25
CA HIS B 337 -7.92 -74.13 -34.99
C HIS B 337 -7.67 -74.27 -36.49
N PRO B 338 -8.30 -75.29 -37.14
CA PRO B 338 -8.11 -75.56 -38.56
C PRO B 338 -8.35 -74.32 -39.44
N GLU B 339 -9.28 -73.45 -39.03
CA GLU B 339 -9.66 -72.21 -39.75
C GLU B 339 -8.53 -71.17 -39.69
N PHE B 340 -7.53 -71.36 -38.84
CA PHE B 340 -6.38 -70.42 -38.75
C PHE B 340 -5.51 -70.57 -39.99
N PRO B 341 -5.39 -69.50 -40.82
CA PRO B 341 -4.58 -69.56 -42.05
C PRO B 341 -3.08 -69.42 -41.81
N SER B 342 -2.50 -70.35 -41.05
CA SER B 342 -1.07 -70.40 -40.69
C SER B 342 -0.19 -70.27 -41.95
N ASP B 343 0.71 -69.31 -41.93
CA ASP B 343 1.67 -69.07 -43.03
C ASP B 343 2.77 -70.14 -42.95
N VAL B 344 3.21 -70.50 -41.74
CA VAL B 344 4.21 -71.59 -41.58
C VAL B 344 3.60 -72.87 -42.18
N PHE B 345 2.30 -73.10 -41.99
CA PHE B 345 1.64 -74.32 -42.47
C PHE B 345 1.65 -74.33 -44.00
N ILE B 346 1.23 -73.22 -44.59
CA ILE B 346 0.99 -73.21 -46.06
C ILE B 346 2.33 -73.46 -46.74
N VAL B 347 3.42 -72.95 -46.18
CA VAL B 347 4.78 -73.07 -46.78
C VAL B 347 5.27 -74.50 -46.60
N LEU B 348 5.10 -75.08 -45.41
CA LEU B 348 5.57 -76.46 -45.12
C LEU B 348 4.70 -77.46 -45.87
N GLU B 349 3.41 -77.22 -46.05
CA GLU B 349 2.50 -78.12 -46.78
C GLU B 349 2.93 -78.14 -48.25
N ALA B 350 3.17 -76.98 -48.86
CA ALA B 350 3.57 -76.90 -50.28
C ALA B 350 4.94 -77.58 -50.43
N LEU B 351 5.79 -77.56 -49.40
CA LEU B 351 7.14 -78.20 -49.44
C LEU B 351 7.09 -79.68 -49.01
N ASP B 352 5.90 -80.17 -48.68
CA ASP B 352 5.67 -81.58 -48.25
C ASP B 352 6.60 -81.92 -47.09
N ALA B 353 6.81 -80.98 -46.17
CA ALA B 353 7.63 -81.17 -44.95
C ALA B 353 7.00 -82.23 -44.05
N GLN B 354 7.84 -82.93 -43.29
CA GLN B 354 7.45 -84.07 -42.42
C GLN B 354 7.57 -83.60 -40.97
N VAL B 355 6.67 -84.07 -40.10
CA VAL B 355 6.63 -83.68 -38.66
C VAL B 355 7.12 -84.88 -37.85
N ILE B 356 8.22 -84.71 -37.11
CA ILE B 356 8.73 -85.68 -36.12
C ILE B 356 7.86 -85.48 -34.87
N VAL B 357 6.84 -86.32 -34.71
CA VAL B 357 5.98 -86.39 -33.48
C VAL B 357 6.61 -87.40 -32.50
N GLN B 358 6.88 -86.97 -31.28
CA GLN B 358 7.48 -87.78 -30.18
C GLN B 358 6.45 -87.96 -29.05
N GLU B 359 6.11 -89.19 -28.68
CA GLU B 359 5.10 -89.55 -27.64
C GLU B 359 5.77 -89.91 -26.32
N ALA B 360 7.10 -90.09 -26.32
CA ALA B 360 7.89 -90.43 -25.11
C ALA B 360 9.37 -90.30 -25.44
N VAL B 361 10.26 -90.39 -24.45
CA VAL B 361 11.73 -90.26 -24.68
C VAL B 361 12.20 -91.30 -25.70
N ASP B 362 11.51 -92.44 -25.81
CA ASP B 362 11.94 -93.64 -26.56
C ASP B 362 10.92 -94.03 -27.65
N LYS B 363 10.07 -93.10 -28.10
CA LYS B 363 9.03 -93.35 -29.13
C LYS B 363 8.83 -92.09 -30.00
N GLN B 364 9.15 -92.17 -31.30
CA GLN B 364 8.96 -91.10 -32.31
C GLN B 364 8.43 -91.69 -33.61
N GLN B 365 7.60 -90.94 -34.32
CA GLN B 365 7.21 -91.23 -35.72
C GLN B 365 7.45 -89.96 -36.54
N THR B 366 7.82 -90.10 -37.81
CA THR B 366 7.91 -89.00 -38.80
C THR B 366 6.73 -89.11 -39.75
N VAL B 367 5.78 -88.15 -39.71
CA VAL B 367 4.48 -88.25 -40.43
C VAL B 367 4.39 -87.06 -41.39
N SER B 368 3.42 -87.07 -42.29
CA SER B 368 3.12 -85.88 -43.13
C SER B 368 2.50 -84.81 -42.22
N LEU B 369 2.62 -83.55 -42.63
CA LEU B 369 1.91 -82.41 -42.01
C LEU B 369 0.42 -82.76 -41.87
N ALA B 370 -0.22 -83.27 -42.92
CA ALA B 370 -1.68 -83.57 -42.95
C ALA B 370 -1.99 -84.65 -41.91
N SER B 371 -1.07 -85.57 -41.71
CA SER B 371 -1.23 -86.71 -40.76
C SER B 371 -1.14 -86.18 -39.32
N TYR B 372 -0.15 -85.34 -39.05
CA TYR B 372 0.00 -84.54 -37.80
C TYR B 372 -1.33 -83.84 -37.46
N LEU B 373 -1.90 -83.09 -38.40
CA LEU B 373 -3.14 -82.29 -38.17
C LEU B 373 -4.34 -83.19 -37.92
N GLY B 374 -4.36 -84.39 -38.51
CA GLY B 374 -5.50 -85.33 -38.40
C GLY B 374 -5.48 -86.19 -37.15
N SER B 375 -4.37 -86.28 -36.41
CA SER B 375 -4.25 -87.14 -35.20
C SER B 375 -4.20 -86.30 -33.90
N SER B 376 -4.50 -86.94 -32.78
CA SER B 376 -4.34 -86.38 -31.41
C SER B 376 -2.87 -85.99 -31.17
N MET B 377 -2.64 -84.97 -30.34
CA MET B 377 -1.28 -84.51 -29.92
C MET B 377 -1.20 -84.55 -28.40
N GLU B 378 -2.24 -85.11 -27.77
CA GLU B 378 -2.34 -85.35 -26.32
C GLU B 378 -1.12 -86.13 -25.82
N GLY B 379 -0.28 -85.49 -25.01
CA GLY B 379 0.92 -86.10 -24.42
C GLY B 379 2.05 -86.23 -25.44
N LYS B 380 1.95 -85.54 -26.57
CA LYS B 380 2.97 -85.58 -27.63
C LYS B 380 3.54 -84.18 -27.85
N ILE B 381 4.77 -84.12 -28.39
CA ILE B 381 5.46 -82.87 -28.79
C ILE B 381 5.79 -82.97 -30.28
N ILE B 382 5.87 -81.84 -30.96
CA ILE B 382 6.63 -81.72 -32.23
C ILE B 382 8.11 -81.66 -31.84
N ARG B 383 8.86 -82.70 -32.19
CA ARG B 383 10.32 -82.79 -31.91
C ARG B 383 11.07 -81.93 -32.93
N GLY B 384 10.67 -82.03 -34.20
CA GLY B 384 11.39 -81.39 -35.31
C GLY B 384 10.56 -81.41 -36.55
N LEU B 385 10.99 -80.68 -37.58
CA LEU B 385 10.37 -80.70 -38.94
C LEU B 385 11.46 -81.10 -39.95
N VAL B 386 11.11 -81.89 -40.95
CA VAL B 386 12.09 -82.43 -41.94
C VAL B 386 11.73 -81.84 -43.30
N LEU B 387 12.69 -81.16 -43.92
CA LEU B 387 12.53 -80.51 -45.24
C LEU B 387 13.46 -81.20 -46.25
N ARG B 388 12.90 -81.55 -47.41
CA ARG B 388 13.58 -82.31 -48.49
C ARG B 388 14.25 -81.29 -49.43
N ALA B 389 15.47 -81.59 -49.89
CA ALA B 389 16.18 -80.84 -50.94
C ALA B 389 15.39 -80.89 -52.25
N TYR B 390 15.22 -79.74 -52.91
CA TYR B 390 14.48 -79.56 -54.17
C TYR B 390 15.37 -78.78 -55.14
N PRO B 391 16.15 -79.43 -56.05
CA PRO B 391 17.10 -78.72 -56.90
C PRO B 391 16.46 -77.64 -57.78
N LYS B 392 17.05 -76.43 -57.83
CA LYS B 392 16.42 -75.24 -58.46
C LYS B 392 16.33 -75.44 -59.99
N GLU B 393 17.19 -76.28 -60.58
CA GLU B 393 17.14 -76.63 -62.03
C GLU B 393 15.79 -77.31 -62.35
N ARG B 394 15.23 -78.10 -61.42
CA ARG B 394 14.03 -78.96 -61.65
C ARG B 394 12.78 -78.41 -60.92
N PHE B 395 12.94 -77.62 -59.86
CA PHE B 395 11.82 -77.20 -58.96
C PHE B 395 11.73 -75.68 -58.85
N ALA B 396 10.57 -75.14 -59.18
CA ALA B 396 10.13 -73.76 -58.88
C ALA B 396 9.24 -73.78 -57.62
N PHE B 397 9.70 -73.13 -56.54
CA PHE B 397 8.92 -72.81 -55.32
C PHE B 397 8.67 -71.30 -55.21
N ASP B 398 7.41 -70.89 -55.05
CA ASP B 398 7.03 -69.48 -54.74
C ASP B 398 5.90 -69.46 -53.71
N SER B 399 5.79 -68.40 -52.90
CA SER B 399 4.69 -68.25 -51.91
C SER B 399 4.24 -66.78 -51.80
N TYR B 400 2.99 -66.57 -51.38
CA TYR B 400 2.32 -65.27 -51.27
C TYR B 400 1.57 -65.20 -49.94
N LYS B 401 1.56 -64.00 -49.35
CA LYS B 401 0.70 -63.66 -48.19
C LYS B 401 0.11 -62.28 -48.45
N ILE B 402 -1.15 -62.20 -48.82
CA ILE B 402 -1.79 -60.91 -49.21
C ILE B 402 -2.48 -60.34 -47.98
N MET B 403 -2.04 -59.14 -47.58
CA MET B 403 -2.37 -58.44 -46.31
C MET B 403 -3.03 -57.10 -46.64
N PRO B 404 -3.83 -56.54 -45.70
CA PRO B 404 -4.46 -55.25 -45.92
C PRO B 404 -3.50 -54.07 -45.72
N ARG B 405 -2.28 -54.32 -45.24
CA ARG B 405 -1.22 -53.31 -45.06
C ARG B 405 0.14 -54.02 -45.14
N ALA B 406 1.23 -53.25 -45.14
CA ALA B 406 2.61 -53.71 -45.44
C ALA B 406 3.04 -54.84 -44.51
N GLN B 407 2.86 -54.71 -43.19
CA GLN B 407 3.39 -55.74 -42.24
C GLN B 407 2.44 -55.99 -41.06
N ASN B 408 2.69 -57.07 -40.33
CA ASN B 408 2.07 -57.32 -39.00
C ASN B 408 0.56 -57.35 -39.19
N ALA B 409 0.06 -58.06 -40.19
CA ALA B 409 -1.38 -58.24 -40.49
C ALA B 409 -1.62 -59.66 -41.05
N HIS B 410 -2.70 -60.31 -40.61
CA HIS B 410 -3.02 -61.70 -41.05
C HIS B 410 -3.49 -61.67 -42.51
N ALA B 411 -3.26 -62.77 -43.22
CA ALA B 411 -3.55 -62.93 -44.66
C ALA B 411 -5.06 -62.79 -44.91
N TYR B 412 -5.43 -62.13 -45.98
CA TYR B 412 -6.74 -62.33 -46.65
C TYR B 412 -6.74 -63.74 -47.28
N VAL B 413 -5.67 -64.01 -48.02
CA VAL B 413 -5.29 -65.34 -48.57
C VAL B 413 -3.77 -65.47 -48.55
N ASN B 414 -3.26 -66.64 -48.20
CA ASN B 414 -1.84 -67.00 -48.44
C ASN B 414 -1.83 -68.22 -49.38
N ALA B 415 -0.68 -68.47 -50.00
CA ALA B 415 -0.55 -69.49 -51.05
C ALA B 415 0.89 -69.97 -51.09
N ALA B 416 1.10 -71.22 -51.46
CA ALA B 416 2.44 -71.73 -51.79
C ALA B 416 2.32 -72.81 -52.87
N PHE B 417 3.29 -72.78 -53.79
CA PHE B 417 3.31 -73.54 -55.06
C PHE B 417 4.67 -74.21 -55.19
N LEU B 418 4.62 -75.52 -55.43
CA LEU B 418 5.80 -76.30 -55.89
C LEU B 418 5.39 -77.03 -57.16
N VAL B 419 5.95 -76.61 -58.29
CA VAL B 419 5.80 -77.29 -59.60
C VAL B 419 7.18 -77.86 -59.97
N GLU B 420 7.20 -79.14 -60.32
CA GLU B 420 8.38 -79.85 -60.87
C GLU B 420 8.29 -79.81 -62.41
N PHE B 421 9.44 -79.57 -63.05
CA PHE B 421 9.59 -79.64 -64.53
C PHE B 421 10.48 -80.84 -64.90
N THR B 422 10.06 -81.61 -65.89
CA THR B 422 10.89 -82.64 -66.60
C THR B 422 11.97 -81.91 -67.41
N ALA B 423 13.08 -82.57 -67.75
CA ALA B 423 14.07 -82.09 -68.74
C ALA B 423 13.35 -81.72 -70.04
N ASP B 424 12.16 -82.31 -70.24
CA ASP B 424 11.22 -82.09 -71.37
C ASP B 424 10.46 -80.77 -71.22
N ALA B 425 10.53 -80.10 -70.05
CA ALA B 425 9.90 -78.79 -69.73
C ALA B 425 8.36 -78.92 -69.65
N LYS B 426 7.86 -80.01 -69.04
CA LYS B 426 6.43 -80.18 -68.65
C LYS B 426 6.35 -80.52 -67.15
N VAL B 427 5.14 -80.63 -66.60
CA VAL B 427 4.91 -80.79 -65.13
C VAL B 427 5.01 -82.27 -64.76
N LYS B 428 6.06 -82.64 -64.03
CA LYS B 428 6.19 -83.99 -63.39
C LYS B 428 5.17 -84.07 -62.24
N SER B 429 5.16 -83.08 -61.34
CA SER B 429 4.21 -82.97 -60.20
C SER B 429 4.06 -81.50 -59.76
N ALA B 430 2.89 -81.17 -59.19
CA ALA B 430 2.49 -79.83 -58.76
C ALA B 430 1.78 -79.87 -57.40
N ARG B 431 2.22 -79.02 -56.48
CA ARG B 431 1.57 -78.78 -55.16
C ARG B 431 1.07 -77.32 -55.11
N ILE B 432 -0.25 -77.15 -55.20
CA ILE B 432 -0.93 -75.82 -55.24
C ILE B 432 -1.80 -75.67 -53.98
N CYS B 433 -1.33 -74.85 -53.02
CA CYS B 433 -1.91 -74.72 -51.66
C CYS B 433 -2.35 -73.27 -51.38
N PHE B 434 -3.60 -73.13 -50.90
CA PHE B 434 -4.28 -71.87 -50.52
C PHE B 434 -4.73 -71.95 -49.07
N GLY B 435 -4.47 -70.89 -48.30
CA GLY B 435 -5.08 -70.64 -46.98
C GLY B 435 -6.03 -69.46 -47.07
N GLY B 436 -7.10 -69.47 -46.27
CA GLY B 436 -8.07 -68.37 -46.19
C GLY B 436 -9.21 -68.55 -47.17
N ILE B 437 -9.51 -69.80 -47.54
CA ILE B 437 -10.67 -70.20 -48.39
C ILE B 437 -11.75 -70.80 -47.50
N HIS B 438 -11.49 -72.00 -46.95
CA HIS B 438 -12.36 -72.65 -45.95
CA HIS B 438 -12.37 -72.77 -46.05
C HIS B 438 -11.47 -73.55 -45.09
N PRO B 439 -11.88 -73.86 -43.84
CA PRO B 439 -11.04 -74.64 -42.94
C PRO B 439 -10.63 -76.03 -43.46
N GLU B 440 -11.37 -76.55 -44.45
CA GLU B 440 -11.16 -77.92 -45.00
C GLU B 440 -10.40 -77.84 -46.33
N PHE B 441 -10.20 -76.63 -46.86
CA PHE B 441 -9.44 -76.41 -48.12
C PHE B 441 -7.94 -76.30 -47.86
N VAL B 442 -7.13 -77.01 -48.66
CA VAL B 442 -5.64 -76.88 -48.67
C VAL B 442 -5.17 -76.93 -50.13
N HIS B 443 -5.24 -78.11 -50.78
CA HIS B 443 -4.76 -78.32 -52.17
C HIS B 443 -5.90 -78.04 -53.14
N ALA B 444 -5.56 -77.39 -54.26
CA ALA B 444 -6.40 -77.31 -55.47
C ALA B 444 -6.09 -78.55 -56.32
N THR B 445 -6.52 -79.72 -55.83
CA THR B 445 -6.19 -81.07 -56.36
C THR B 445 -6.51 -81.17 -57.85
N ALA B 446 -7.71 -80.74 -58.25
CA ALA B 446 -8.22 -80.76 -59.65
C ALA B 446 -7.23 -80.06 -60.57
N ILE B 447 -6.63 -78.96 -60.12
CA ILE B 447 -5.70 -78.11 -60.93
C ILE B 447 -4.33 -78.79 -61.04
N GLU B 448 -3.83 -79.36 -59.94
CA GLU B 448 -2.52 -80.08 -59.91
C GLU B 448 -2.59 -81.22 -60.92
N ASN B 449 -3.72 -81.92 -60.94
CA ASN B 449 -3.98 -83.08 -61.83
C ASN B 449 -4.07 -82.57 -63.27
N LEU B 450 -4.86 -81.53 -63.50
CA LEU B 450 -5.12 -80.99 -64.87
C LEU B 450 -3.78 -80.71 -65.56
N ILE B 451 -2.85 -80.05 -64.87
CA ILE B 451 -1.63 -79.48 -65.51
C ILE B 451 -0.49 -80.50 -65.47
N ARG B 452 -0.69 -81.67 -64.86
CA ARG B 452 0.37 -82.72 -64.73
C ARG B 452 0.62 -83.35 -66.10
N ASP B 453 1.90 -83.52 -66.47
CA ASP B 453 2.39 -84.07 -67.76
C ASP B 453 1.84 -83.21 -68.91
N LYS B 454 1.96 -81.88 -68.77
CA LYS B 454 1.60 -80.88 -69.81
C LYS B 454 2.48 -79.64 -69.66
N ASN B 455 2.50 -78.80 -70.70
CA ASN B 455 3.13 -77.46 -70.66
C ASN B 455 2.12 -76.54 -70.00
N PRO B 456 2.43 -75.96 -68.82
CA PRO B 456 1.49 -75.10 -68.13
C PRO B 456 1.27 -73.73 -68.80
N PHE B 457 2.11 -73.39 -69.79
CA PHE B 457 2.22 -72.01 -70.38
C PHE B 457 1.46 -71.89 -71.72
N GLU B 458 0.89 -72.98 -72.25
CA GLU B 458 0.01 -72.94 -73.44
C GLU B 458 -1.25 -72.13 -73.08
N ASN B 459 -1.66 -71.18 -73.93
CA ASN B 459 -2.72 -70.18 -73.65
C ASN B 459 -4.09 -70.84 -73.44
N GLY B 460 -4.28 -72.06 -73.95
CA GLY B 460 -5.55 -72.80 -73.86
C GLY B 460 -5.72 -73.50 -72.53
N LEU B 461 -4.67 -74.18 -72.06
CA LEU B 461 -4.65 -74.87 -70.73
C LEU B 461 -4.88 -73.81 -69.65
N VAL B 462 -4.13 -72.71 -69.71
CA VAL B 462 -4.27 -71.52 -68.83
C VAL B 462 -5.75 -71.16 -68.74
N GLU B 463 -6.41 -70.90 -69.87
CA GLU B 463 -7.84 -70.49 -69.95
C GLU B 463 -8.71 -71.50 -69.18
N LYS B 464 -8.32 -72.78 -69.21
CA LYS B 464 -9.08 -73.92 -68.65
C LYS B 464 -8.83 -74.04 -67.14
N ALA B 465 -7.55 -74.01 -66.73
CA ALA B 465 -7.13 -74.18 -65.32
C ALA B 465 -7.84 -73.11 -64.48
N PHE B 466 -7.80 -71.86 -64.94
CA PHE B 466 -8.29 -70.66 -64.21
C PHE B 466 -9.83 -70.63 -64.22
N GLY B 467 -10.46 -71.16 -65.25
CA GLY B 467 -11.92 -71.34 -65.25
C GLY B 467 -12.33 -72.35 -64.19
N GLN B 468 -11.55 -73.42 -64.04
CA GLN B 468 -11.81 -74.54 -63.11
C GLN B 468 -11.48 -74.09 -61.68
N LEU B 469 -10.33 -73.46 -61.46
CA LEU B 469 -9.86 -72.98 -60.14
C LEU B 469 -10.92 -72.05 -59.55
N SER B 470 -11.40 -71.09 -60.35
CA SER B 470 -12.43 -70.09 -59.96
C SER B 470 -13.68 -70.78 -59.39
N THR B 471 -14.20 -71.79 -60.08
CA THR B 471 -15.46 -72.51 -59.69
C THR B 471 -15.15 -73.50 -58.55
N LEU B 472 -13.92 -74.02 -58.49
CA LEU B 472 -13.41 -74.96 -57.46
C LEU B 472 -13.36 -74.29 -56.08
N LEU B 473 -12.89 -73.04 -56.02
CA LEU B 473 -12.73 -72.27 -54.77
C LEU B 473 -14.11 -71.78 -54.32
N GLN B 474 -14.58 -72.25 -53.17
CA GLN B 474 -15.89 -71.84 -52.57
C GLN B 474 -15.63 -71.39 -51.14
N PRO B 475 -14.99 -70.21 -50.94
CA PRO B 475 -14.58 -69.79 -49.61
C PRO B 475 -15.81 -69.51 -48.72
N ASP B 476 -15.70 -69.82 -47.42
CA ASP B 476 -16.73 -69.55 -46.37
C ASP B 476 -16.83 -68.01 -46.19
N ALA B 477 -17.74 -67.55 -45.33
CA ALA B 477 -18.10 -66.13 -45.17
C ALA B 477 -18.30 -65.83 -43.69
N VAL B 478 -17.24 -65.96 -42.91
CA VAL B 478 -17.24 -65.72 -41.44
C VAL B 478 -16.62 -64.33 -41.18
N LEU B 479 -17.46 -63.32 -40.92
CA LEU B 479 -17.04 -61.95 -40.53
C LEU B 479 -16.16 -62.04 -39.27
N PRO B 480 -15.13 -61.19 -39.11
CA PRO B 480 -14.87 -60.09 -40.03
C PRO B 480 -13.91 -60.36 -41.21
N ASP B 481 -13.87 -61.59 -41.73
CA ASP B 481 -13.09 -61.94 -42.95
C ASP B 481 -13.65 -61.21 -44.17
N ALA B 482 -12.83 -61.07 -45.22
CA ALA B 482 -13.15 -60.36 -46.48
C ALA B 482 -14.24 -61.13 -47.26
N SER B 483 -14.83 -60.48 -48.26
CA SER B 483 -15.76 -61.07 -49.25
C SER B 483 -15.20 -62.40 -49.74
N PRO B 484 -16.02 -63.48 -49.81
CA PRO B 484 -15.63 -64.71 -50.52
C PRO B 484 -15.30 -64.49 -52.01
N VAL B 485 -15.95 -63.52 -52.66
CA VAL B 485 -15.68 -63.13 -54.08
C VAL B 485 -14.24 -62.63 -54.19
N TYR B 486 -13.79 -61.77 -53.27
CA TYR B 486 -12.42 -61.19 -53.32
C TYR B 486 -11.38 -62.30 -53.12
N ARG B 487 -11.61 -63.17 -52.14
CA ARG B 487 -10.66 -64.25 -51.80
C ARG B 487 -10.57 -65.24 -52.96
N ARG B 488 -11.67 -65.45 -53.72
CA ARG B 488 -11.66 -66.32 -54.92
C ARG B 488 -10.76 -65.68 -55.99
N LYS B 489 -11.03 -64.45 -56.38
CA LYS B 489 -10.30 -63.73 -57.46
C LYS B 489 -8.83 -63.58 -57.06
N LEU B 490 -8.57 -63.40 -55.78
CA LEU B 490 -7.21 -63.20 -55.23
C LEU B 490 -6.43 -64.50 -55.36
N ALA B 491 -7.01 -65.63 -54.97
CA ALA B 491 -6.36 -66.95 -55.01
C ALA B 491 -6.00 -67.28 -56.47
N CYS B 492 -6.88 -66.96 -57.41
CA CYS B 492 -6.65 -67.16 -58.88
C CYS B 492 -5.52 -66.24 -59.34
N GLY B 493 -5.65 -64.94 -59.08
CA GLY B 493 -4.62 -63.93 -59.41
C GLY B 493 -3.26 -64.40 -58.97
N LEU B 494 -3.19 -65.04 -57.81
CA LEU B 494 -1.93 -65.47 -57.18
C LEU B 494 -1.32 -66.62 -57.99
N PHE B 495 -2.11 -67.61 -58.41
CA PHE B 495 -1.58 -68.75 -59.20
C PHE B 495 -1.11 -68.23 -60.57
N TYR B 496 -1.88 -67.31 -61.16
CA TYR B 496 -1.54 -66.57 -62.40
C TYR B 496 -0.24 -65.77 -62.27
N LYS B 497 -0.04 -65.06 -61.16
CA LYS B 497 1.21 -64.29 -60.93
C LYS B 497 2.38 -65.25 -60.98
N PHE B 498 2.21 -66.41 -60.33
CA PHE B 498 3.22 -67.50 -60.26
C PHE B 498 3.58 -67.97 -61.68
N LEU B 499 2.58 -68.23 -62.52
CA LEU B 499 2.86 -68.73 -63.88
C LEU B 499 3.61 -67.63 -64.64
N LEU B 500 3.16 -66.38 -64.53
CA LEU B 500 3.79 -65.22 -65.22
C LEU B 500 5.25 -65.13 -64.79
N LYS B 501 5.52 -65.27 -63.49
CA LYS B 501 6.88 -65.19 -62.93
C LYS B 501 7.71 -66.34 -63.49
N ILE B 502 7.22 -67.58 -63.35
CA ILE B 502 8.00 -68.81 -63.73
C ILE B 502 8.25 -68.76 -65.24
N ALA B 503 7.19 -68.61 -66.04
CA ALA B 503 7.23 -68.38 -67.50
C ALA B 503 8.37 -67.41 -67.88
N ALA B 504 8.60 -66.34 -67.11
CA ALA B 504 9.64 -65.33 -67.42
C ALA B 504 11.02 -65.83 -67.00
N GLN B 505 11.10 -66.60 -65.91
CA GLN B 505 12.38 -67.18 -65.40
C GLN B 505 12.87 -68.27 -66.37
N ARG B 506 11.94 -68.98 -67.02
CA ARG B 506 12.20 -70.04 -68.03
C ARG B 506 12.17 -69.46 -69.46
N LYS B 507 12.35 -68.14 -69.59
CA LYS B 507 12.49 -67.40 -70.88
C LYS B 507 11.41 -67.83 -71.89
N GLN B 508 10.26 -68.34 -71.42
CA GLN B 508 9.05 -68.53 -72.25
C GLN B 508 8.57 -67.15 -72.72
N GLY B 509 7.91 -67.10 -73.87
CA GLY B 509 7.46 -65.82 -74.45
C GLY B 509 6.19 -65.35 -73.77
N LEU B 510 6.17 -64.09 -73.32
CA LEU B 510 4.98 -63.43 -72.70
C LEU B 510 4.61 -62.17 -73.48
N GLY B 511 3.31 -61.91 -73.64
CA GLY B 511 2.77 -60.58 -74.01
C GLY B 511 3.40 -59.54 -73.11
N SER B 512 3.92 -58.45 -73.65
CA SER B 512 4.77 -57.52 -72.86
C SER B 512 3.89 -56.75 -71.87
N ARG B 513 2.59 -56.64 -72.15
CA ARG B 513 1.56 -56.04 -71.26
C ARG B 513 1.41 -56.86 -69.99
N PHE B 514 1.73 -58.17 -70.01
CA PHE B 514 1.41 -59.13 -68.92
C PHE B 514 2.62 -59.37 -68.01
N VAL B 515 3.83 -59.00 -68.43
CA VAL B 515 5.09 -59.48 -67.79
C VAL B 515 5.14 -59.02 -66.32
N THR B 516 4.86 -57.75 -66.04
CA THR B 516 5.01 -57.16 -64.70
C THR B 516 3.98 -57.81 -63.74
N GLY B 517 2.91 -58.40 -64.28
CA GLY B 517 1.95 -59.23 -63.53
C GLY B 517 2.63 -60.26 -62.62
N GLY B 518 3.81 -60.76 -63.00
CA GLY B 518 4.50 -61.85 -62.30
C GLY B 518 5.48 -61.37 -61.24
N SER B 519 5.69 -60.06 -61.12
CA SER B 519 6.52 -59.45 -60.05
C SER B 519 5.65 -58.86 -58.92
N LEU B 520 6.22 -58.78 -57.71
CA LEU B 520 5.61 -58.06 -56.56
C LEU B 520 6.03 -56.58 -56.66
N LEU B 521 5.18 -55.67 -56.18
CA LEU B 521 5.43 -54.20 -56.27
C LEU B 521 6.78 -53.85 -55.63
N LYS B 522 7.51 -52.95 -56.27
CA LYS B 522 8.82 -52.40 -55.83
C LYS B 522 8.57 -51.32 -54.77
N ARG B 523 9.22 -51.43 -53.61
CA ARG B 523 9.21 -50.36 -52.57
C ARG B 523 10.65 -50.01 -52.21
N PRO B 524 11.18 -48.83 -52.59
CA PRO B 524 12.51 -48.43 -52.19
C PRO B 524 12.51 -48.04 -50.70
N VAL B 525 13.70 -47.79 -50.17
CA VAL B 525 13.90 -47.18 -48.83
C VAL B 525 13.22 -45.81 -48.84
N SER B 526 12.37 -45.55 -47.83
CA SER B 526 11.55 -44.31 -47.70
C SER B 526 12.45 -43.12 -47.38
N SER B 527 11.97 -41.91 -47.66
CA SER B 527 12.70 -40.64 -47.39
C SER B 527 11.68 -39.50 -47.28
N GLY B 528 12.11 -38.39 -46.71
CA GLY B 528 11.29 -37.17 -46.63
C GLY B 528 12.11 -35.94 -46.89
N GLN B 529 11.50 -34.91 -47.44
CA GLN B 529 12.07 -33.55 -47.46
C GLN B 529 11.09 -32.57 -46.82
N GLN B 530 11.64 -31.56 -46.15
CA GLN B 530 10.84 -30.49 -45.49
C GLN B 530 11.39 -29.15 -45.98
N SER B 531 10.50 -28.23 -46.33
CA SER B 531 10.86 -26.83 -46.69
C SER B 531 10.05 -25.90 -45.81
N PHE B 532 10.73 -24.97 -45.14
CA PHE B 532 10.08 -24.00 -44.25
C PHE B 532 11.00 -22.81 -44.05
N GLU B 533 10.38 -21.69 -43.70
CA GLU B 533 11.06 -20.48 -43.17
C GLU B 533 11.21 -20.58 -41.66
N THR B 534 12.24 -19.91 -41.18
CA THR B 534 12.52 -19.65 -39.75
C THR B 534 12.93 -18.18 -39.65
N PHE B 535 12.51 -17.48 -38.59
CA PHE B 535 12.66 -16.02 -38.39
C PHE B 535 13.55 -15.75 -37.18
N GLN B 536 14.85 -15.53 -37.38
CA GLN B 536 15.86 -15.41 -36.27
C GLN B 536 15.45 -14.26 -35.33
N GLU B 537 14.81 -13.22 -35.84
CA GLU B 537 14.51 -11.99 -35.06
C GLU B 537 13.43 -12.30 -34.00
N HIS B 538 12.61 -13.34 -34.21
CA HIS B 538 11.55 -13.77 -33.27
C HIS B 538 12.04 -14.89 -32.33
N TYR B 539 13.27 -15.38 -32.51
CA TYR B 539 13.80 -16.55 -31.77
C TYR B 539 13.63 -16.30 -30.27
N PRO B 540 13.25 -17.33 -29.48
CA PRO B 540 13.08 -18.69 -30.00
C PRO B 540 11.72 -19.00 -30.66
N VAL B 541 10.82 -18.05 -30.83
CA VAL B 541 9.59 -18.31 -31.63
C VAL B 541 10.02 -18.41 -33.10
N THR B 542 9.40 -19.38 -33.80
CA THR B 542 9.62 -19.81 -35.20
C THR B 542 10.87 -20.68 -35.32
N LYS B 543 11.59 -20.93 -34.23
CA LYS B 543 12.73 -21.88 -34.25
C LYS B 543 12.22 -23.32 -34.31
N ALA B 544 12.87 -24.15 -35.11
CA ALA B 544 12.70 -25.61 -35.18
C ALA B 544 13.48 -26.21 -34.02
N THR B 545 12.78 -26.76 -33.03
CA THR B 545 13.35 -27.29 -31.76
C THR B 545 12.82 -28.69 -31.53
N GLU B 546 13.51 -29.44 -30.68
CA GLU B 546 13.02 -30.72 -30.10
C GLU B 546 11.81 -30.41 -29.21
N LYS B 547 11.03 -31.44 -28.89
CA LYS B 547 9.87 -31.34 -27.99
C LYS B 547 10.34 -31.07 -26.54
N HIS B 548 9.63 -30.21 -25.84
CA HIS B 548 9.79 -29.92 -24.39
C HIS B 548 10.01 -31.22 -23.59
N GLU B 549 9.20 -32.26 -23.86
CA GLU B 549 9.21 -33.54 -23.10
C GLU B 549 9.94 -34.64 -23.86
N GLY B 550 10.65 -34.29 -24.95
CA GLY B 550 11.14 -35.27 -25.94
C GLY B 550 12.02 -36.33 -25.32
N LEU B 551 13.05 -35.93 -24.59
CA LEU B 551 14.06 -36.86 -24.03
C LEU B 551 13.42 -37.75 -22.97
N ILE B 552 12.58 -37.19 -22.09
CA ILE B 552 11.91 -38.01 -21.02
C ILE B 552 10.89 -38.97 -21.67
N GLN B 553 10.27 -38.59 -22.77
CA GLN B 553 9.32 -39.50 -23.46
C GLN B 553 10.10 -40.73 -23.95
N CYS B 554 11.33 -40.54 -24.48
CA CYS B 554 12.18 -41.61 -25.08
C CYS B 554 12.89 -42.43 -23.99
N SER B 555 13.15 -41.85 -22.82
CA SER B 555 13.86 -42.52 -21.69
C SER B 555 12.90 -43.33 -20.81
N GLY B 556 11.60 -43.06 -20.85
CA GLY B 556 10.58 -43.67 -19.96
C GLY B 556 10.49 -42.94 -18.62
N GLU B 557 11.17 -41.81 -18.46
CA GLU B 557 11.02 -40.91 -17.28
C GLU B 557 9.64 -40.22 -17.30
N ALA B 558 9.09 -39.89 -18.46
CA ALA B 558 7.78 -39.21 -18.60
C ALA B 558 6.68 -40.11 -18.01
N THR B 559 5.84 -39.53 -17.14
CA THR B 559 4.70 -40.23 -16.51
C THR B 559 3.37 -39.84 -17.17
N TYR B 560 2.52 -40.83 -17.37
CA TYR B 560 1.12 -40.70 -17.83
C TYR B 560 0.25 -41.25 -16.69
N SER B 561 -1.07 -41.20 -16.83
CA SER B 561 -2.03 -41.41 -15.73
C SER B 561 -1.75 -42.73 -15.02
N ASN B 562 -1.54 -43.82 -15.77
CA ASN B 562 -1.34 -45.17 -15.19
C ASN B 562 0.12 -45.42 -14.77
N ASP B 563 1.04 -44.45 -14.91
CA ASP B 563 2.42 -44.55 -14.39
C ASP B 563 2.47 -44.09 -12.92
N LEU B 564 1.36 -43.60 -12.37
CA LEU B 564 1.25 -43.34 -10.92
C LEU B 564 1.67 -44.59 -10.17
N PRO B 565 2.57 -44.47 -9.18
CA PRO B 565 3.03 -45.63 -8.42
C PRO B 565 1.91 -46.52 -7.85
N THR B 566 2.26 -47.77 -7.55
CA THR B 566 1.39 -48.73 -6.83
C THR B 566 0.87 -48.03 -5.56
N GLN B 567 -0.44 -48.04 -5.37
CA GLN B 567 -1.06 -47.52 -4.12
C GLN B 567 -1.49 -48.70 -3.27
N HIS B 568 -1.42 -48.55 -1.94
CA HIS B 568 -1.90 -49.56 -0.96
C HIS B 568 -3.40 -49.82 -1.19
N ASN B 569 -3.75 -51.10 -1.30
CA ASN B 569 -5.16 -51.57 -1.39
C ASN B 569 -5.76 -51.22 -2.76
N GLN B 570 -4.94 -50.94 -3.77
CA GLN B 570 -5.46 -50.56 -5.11
C GLN B 570 -6.17 -51.78 -5.72
N LEU B 571 -7.31 -51.54 -6.36
CA LEU B 571 -7.97 -52.51 -7.25
C LEU B 571 -8.02 -51.93 -8.67
N TRP B 572 -8.25 -52.83 -9.64
CA TRP B 572 -8.43 -52.57 -11.08
C TRP B 572 -9.89 -52.86 -11.44
N ALA B 573 -10.47 -52.00 -12.26
CA ALA B 573 -11.86 -52.08 -12.74
C ALA B 573 -11.87 -52.61 -14.18
N ALA B 574 -12.94 -53.29 -14.54
CA ALA B 574 -13.27 -53.63 -15.92
C ALA B 574 -14.80 -53.60 -16.05
N PHE B 575 -15.31 -53.22 -17.21
CA PHE B 575 -16.77 -53.18 -17.48
C PHE B 575 -17.30 -54.61 -17.69
N VAL B 576 -18.46 -54.89 -17.10
CA VAL B 576 -19.42 -55.96 -17.47
C VAL B 576 -20.42 -55.34 -18.44
N ILE B 577 -20.60 -55.98 -19.59
CA ILE B 577 -21.36 -55.40 -20.74
C ILE B 577 -22.57 -56.28 -21.07
N ALA B 578 -23.66 -55.65 -21.51
CA ALA B 578 -24.84 -56.34 -22.08
C ALA B 578 -24.56 -56.69 -23.55
N LYS B 579 -25.03 -57.85 -24.00
CA LYS B 579 -24.78 -58.39 -25.36
C LYS B 579 -26.08 -58.60 -26.15
N LYS B 580 -27.22 -58.09 -25.68
CA LYS B 580 -28.53 -58.37 -26.34
C LYS B 580 -29.26 -57.06 -26.51
N VAL B 581 -29.16 -56.45 -27.68
CA VAL B 581 -29.74 -55.11 -27.96
C VAL B 581 -31.26 -55.19 -27.86
N GLY B 582 -31.88 -54.24 -27.15
CA GLY B 582 -33.35 -54.15 -26.96
C GLY B 582 -33.88 -55.08 -25.86
N ALA B 583 -33.03 -55.91 -25.27
CA ALA B 583 -33.38 -56.75 -24.10
C ALA B 583 -33.25 -55.93 -22.81
N LYS B 584 -33.90 -56.41 -21.74
CA LYS B 584 -33.74 -55.93 -20.35
C LYS B 584 -32.95 -56.99 -19.58
N VAL B 585 -32.00 -56.57 -18.74
CA VAL B 585 -31.31 -57.49 -17.80
C VAL B 585 -32.24 -57.66 -16.60
N THR B 586 -32.78 -58.86 -16.40
CA THR B 586 -33.69 -59.21 -15.27
C THR B 586 -32.92 -59.80 -14.09
N LYS B 587 -31.75 -60.41 -14.33
CA LYS B 587 -30.93 -61.02 -13.25
C LYS B 587 -29.43 -60.88 -13.57
N VAL B 588 -28.65 -60.68 -12.51
CA VAL B 588 -27.17 -60.63 -12.52
C VAL B 588 -26.63 -61.63 -11.48
N ASP B 589 -25.86 -62.64 -11.93
CA ASP B 589 -25.17 -63.59 -11.01
C ASP B 589 -23.68 -63.29 -11.05
N THR B 590 -23.17 -62.72 -9.96
CA THR B 590 -21.76 -62.31 -9.80
C THR B 590 -20.93 -63.44 -9.18
N GLN B 591 -21.56 -64.51 -8.68
CA GLN B 591 -20.88 -65.52 -7.84
C GLN B 591 -19.73 -66.17 -8.62
N PRO B 592 -19.87 -66.46 -9.94
CA PRO B 592 -18.75 -67.04 -10.69
C PRO B 592 -17.52 -66.13 -10.70
N ALA B 593 -17.69 -64.81 -10.72
CA ALA B 593 -16.59 -63.81 -10.64
C ALA B 593 -16.03 -63.75 -9.21
N LEU B 594 -16.90 -63.56 -8.23
CA LEU B 594 -16.48 -63.35 -6.82
C LEU B 594 -15.91 -64.66 -6.25
N ASP B 595 -16.15 -65.80 -6.90
CA ASP B 595 -15.50 -67.08 -6.49
C ASP B 595 -13.97 -67.02 -6.71
N LEU B 596 -13.47 -66.19 -7.62
CA LEU B 596 -12.01 -66.12 -7.89
C LEU B 596 -11.31 -65.28 -6.81
N PRO B 597 -10.27 -65.83 -6.14
CA PRO B 597 -9.48 -65.07 -5.18
C PRO B 597 -8.90 -63.83 -5.84
N GLY B 598 -9.12 -62.70 -5.20
CA GLY B 598 -8.65 -61.37 -5.64
C GLY B 598 -9.75 -60.52 -6.24
N VAL B 599 -10.86 -61.12 -6.62
CA VAL B 599 -12.09 -60.38 -7.05
C VAL B 599 -12.79 -59.92 -5.79
N VAL B 600 -13.11 -58.62 -5.69
CA VAL B 600 -13.58 -57.99 -4.44
C VAL B 600 -15.05 -57.58 -4.55
N ALA B 601 -15.51 -57.04 -5.68
CA ALA B 601 -16.86 -56.43 -5.75
C ALA B 601 -17.36 -56.24 -7.19
N TYR B 602 -18.67 -56.22 -7.31
CA TYR B 602 -19.39 -55.80 -8.52
C TYR B 602 -20.23 -54.59 -8.16
N LEU B 603 -20.16 -53.52 -8.95
CA LEU B 603 -20.99 -52.29 -8.81
C LEU B 603 -21.75 -52.03 -10.10
N ASP B 604 -22.97 -51.50 -9.96
CA ASP B 604 -23.86 -51.17 -11.10
C ASP B 604 -24.66 -49.93 -10.74
N ALA B 605 -25.77 -49.70 -11.43
CA ALA B 605 -26.54 -48.43 -11.37
C ALA B 605 -27.13 -48.24 -9.97
N LYS B 606 -27.42 -49.34 -9.26
CA LYS B 606 -27.96 -49.31 -7.89
C LYS B 606 -26.97 -48.63 -6.94
N ASP B 607 -25.68 -48.62 -7.26
CA ASP B 607 -24.62 -48.10 -6.35
C ASP B 607 -24.36 -46.61 -6.67
N ILE B 608 -25.07 -46.01 -7.63
CA ILE B 608 -24.79 -44.60 -8.03
C ILE B 608 -25.53 -43.68 -7.08
N PRO B 609 -24.82 -42.82 -6.33
CA PRO B 609 -25.46 -41.92 -5.36
C PRO B 609 -26.36 -40.86 -6.03
N GLY B 610 -25.92 -40.29 -7.16
CA GLY B 610 -26.57 -39.17 -7.87
C GLY B 610 -27.18 -39.62 -9.18
N PRO B 611 -27.31 -38.72 -10.17
CA PRO B 611 -27.90 -39.10 -11.45
C PRO B 611 -27.04 -40.13 -12.20
N ASN B 612 -27.68 -41.13 -12.81
CA ASN B 612 -27.05 -42.13 -13.72
C ASN B 612 -26.90 -41.45 -15.08
N TYR B 613 -25.95 -40.52 -15.18
CA TYR B 613 -25.74 -39.62 -16.35
C TYR B 613 -24.24 -39.29 -16.49
N VAL B 614 -23.65 -39.60 -17.65
CA VAL B 614 -22.27 -39.20 -18.02
C VAL B 614 -22.32 -37.80 -18.66
N GLY B 615 -21.91 -36.77 -17.93
CA GLY B 615 -21.95 -35.37 -18.43
C GLY B 615 -22.07 -34.35 -17.30
N PRO B 616 -22.14 -33.04 -17.64
CA PRO B 616 -22.15 -31.96 -16.65
C PRO B 616 -23.53 -31.76 -15.99
N LYS B 617 -23.56 -30.98 -14.91
CA LYS B 617 -24.79 -30.57 -14.20
C LYS B 617 -25.62 -29.67 -15.12
N ILE B 618 -24.99 -28.78 -15.88
CA ILE B 618 -25.70 -27.87 -16.83
C ILE B 618 -25.25 -28.21 -18.25
N ARG B 619 -26.19 -28.62 -19.09
CA ARG B 619 -25.96 -29.27 -20.41
C ARG B 619 -26.17 -28.23 -21.51
N ASP B 620 -25.57 -28.44 -22.67
CA ASP B 620 -25.65 -27.52 -23.83
C ASP B 620 -26.48 -28.22 -24.93
N GLN B 621 -26.36 -27.80 -26.18
CA GLN B 621 -27.11 -28.37 -27.33
C GLN B 621 -26.18 -29.15 -28.26
N PHE B 622 -24.86 -28.95 -28.14
CA PHE B 622 -23.83 -29.63 -28.97
C PHE B 622 -23.37 -30.93 -28.27
N PHE B 623 -22.75 -30.83 -27.10
CA PHE B 623 -22.08 -31.97 -26.42
C PHE B 623 -23.12 -32.87 -25.73
N PHE B 624 -24.09 -32.28 -25.01
CA PHE B 624 -24.89 -33.03 -24.01
C PHE B 624 -26.40 -32.90 -24.22
N PRO B 625 -26.92 -32.79 -25.46
CA PRO B 625 -28.36 -32.67 -25.65
C PRO B 625 -29.14 -33.93 -25.22
N LYS B 626 -28.53 -35.12 -25.25
CA LYS B 626 -29.23 -36.42 -25.05
C LYS B 626 -28.68 -37.17 -23.84
N ASP B 627 -29.58 -37.80 -23.06
CA ASP B 627 -29.25 -38.56 -21.85
C ASP B 627 -28.31 -39.70 -22.25
N GLU B 628 -27.23 -39.88 -21.49
CA GLU B 628 -26.32 -41.04 -21.59
C GLU B 628 -26.11 -41.58 -20.18
N GLU B 629 -26.38 -42.87 -19.98
CA GLU B 629 -26.21 -43.54 -18.67
C GLU B 629 -24.76 -43.98 -18.48
N LEU B 630 -24.29 -43.94 -17.22
CA LEU B 630 -23.01 -44.56 -16.85
C LEU B 630 -23.18 -46.06 -16.98
N PHE B 631 -24.23 -46.61 -16.38
CA PHE B 631 -24.57 -48.05 -16.42
C PHE B 631 -26.03 -48.23 -16.85
N ALA B 632 -26.26 -48.99 -17.93
CA ALA B 632 -27.59 -49.19 -18.56
C ALA B 632 -28.56 -49.78 -17.54
N THR B 633 -29.85 -49.41 -17.57
CA THR B 633 -30.88 -49.85 -16.56
C THR B 633 -32.15 -50.47 -17.17
N GLY B 634 -32.54 -50.06 -18.38
CA GLY B 634 -33.70 -50.64 -19.09
C GLY B 634 -33.24 -51.35 -20.35
N GLU B 635 -33.76 -50.96 -21.52
CA GLU B 635 -33.39 -51.59 -22.81
C GLU B 635 -31.93 -51.31 -23.13
N ILE B 636 -31.18 -52.36 -23.42
CA ILE B 636 -29.77 -52.27 -23.88
C ILE B 636 -29.77 -51.59 -25.25
N LYS B 637 -28.97 -50.54 -25.42
CA LYS B 637 -29.00 -49.65 -26.62
C LYS B 637 -28.00 -50.11 -27.67
N PHE B 638 -27.01 -50.93 -27.31
CA PHE B 638 -25.94 -51.38 -28.24
C PHE B 638 -25.18 -52.53 -27.58
N TYR B 639 -24.60 -53.43 -28.40
CA TYR B 639 -23.74 -54.55 -27.98
C TYR B 639 -22.45 -53.97 -27.35
N GLY B 640 -22.21 -54.27 -26.08
CA GLY B 640 -21.06 -53.76 -25.35
C GLY B 640 -21.40 -52.60 -24.44
N GLN B 641 -22.69 -52.27 -24.28
CA GLN B 641 -23.08 -51.25 -23.30
C GLN B 641 -22.77 -51.75 -21.87
N PRO B 642 -21.88 -51.06 -21.13
CA PRO B 642 -21.61 -51.42 -19.74
C PRO B 642 -22.87 -51.38 -18.88
N VAL B 643 -23.06 -52.42 -18.07
CA VAL B 643 -24.13 -52.44 -17.03
C VAL B 643 -23.51 -52.32 -15.63
N GLY B 644 -22.22 -52.53 -15.50
CA GLY B 644 -21.52 -52.35 -14.22
C GLY B 644 -20.02 -52.51 -14.36
N ILE B 645 -19.32 -52.62 -13.23
CA ILE B 645 -17.87 -52.92 -13.15
C ILE B 645 -17.63 -54.02 -12.11
N ILE B 646 -16.61 -54.82 -12.38
CA ILE B 646 -15.90 -55.73 -11.44
C ILE B 646 -14.62 -55.02 -10.98
N LEU B 647 -14.30 -55.13 -9.69
CA LEU B 647 -13.04 -54.66 -9.07
C LEU B 647 -12.25 -55.88 -8.58
N ALA B 648 -10.99 -56.02 -8.98
CA ALA B 648 -10.11 -57.15 -8.60
C ALA B 648 -8.69 -56.63 -8.37
N ASN B 649 -7.82 -57.49 -7.84
CA ASN B 649 -6.46 -57.10 -7.37
C ASN B 649 -5.44 -57.16 -8.51
N SER B 650 -5.86 -57.49 -9.74
CA SER B 650 -5.01 -57.28 -10.95
C SER B 650 -5.87 -56.85 -12.15
N ASN B 651 -5.24 -56.27 -13.17
CA ASN B 651 -5.91 -55.87 -14.42
C ASN B 651 -6.43 -57.15 -15.13
N SER B 652 -5.56 -58.14 -15.25
CA SER B 652 -5.89 -59.47 -15.81
C SER B 652 -7.13 -60.04 -15.11
N LEU B 653 -7.11 -60.14 -13.78
CA LEU B 653 -8.21 -60.77 -13.00
C LEU B 653 -9.51 -59.98 -13.21
N ALA B 654 -9.45 -58.64 -13.16
CA ALA B 654 -10.60 -57.74 -13.33
C ALA B 654 -11.25 -58.01 -14.67
N ASN B 655 -10.44 -58.04 -15.73
CA ASN B 655 -10.93 -58.33 -17.11
C ASN B 655 -11.48 -59.76 -17.20
N ARG B 656 -10.81 -60.75 -16.60
CA ARG B 656 -11.32 -62.15 -16.69
C ARG B 656 -12.64 -62.27 -15.91
N ALA B 657 -12.71 -61.67 -14.74
CA ALA B 657 -13.89 -61.78 -13.85
C ALA B 657 -15.09 -61.07 -14.49
N ALA B 658 -14.88 -59.96 -15.19
CA ALA B 658 -15.94 -59.24 -15.93
C ALA B 658 -16.69 -60.23 -16.83
N GLU B 659 -15.99 -61.12 -17.52
CA GLU B 659 -16.57 -62.10 -18.47
C GLU B 659 -17.32 -63.23 -17.73
N LEU B 660 -17.19 -63.37 -16.42
CA LEU B 660 -17.81 -64.49 -15.65
C LEU B 660 -19.14 -64.05 -15.03
N VAL B 661 -19.38 -62.74 -14.95
CA VAL B 661 -20.68 -62.22 -14.41
C VAL B 661 -21.75 -62.64 -15.41
N LYS B 662 -22.77 -63.35 -14.92
CA LYS B 662 -23.78 -64.06 -15.73
C LYS B 662 -25.02 -63.17 -15.79
N LEU B 663 -25.32 -62.59 -16.94
CA LEU B 663 -26.53 -61.76 -17.15
C LEU B 663 -27.66 -62.65 -17.69
N THR B 664 -28.86 -62.46 -17.17
CA THR B 664 -30.13 -63.01 -17.71
C THR B 664 -30.87 -61.88 -18.43
N TYR B 665 -31.28 -62.12 -19.67
CA TYR B 665 -32.01 -61.13 -20.48
C TYR B 665 -33.48 -61.55 -20.62
N GLU B 666 -34.32 -60.56 -20.90
CA GLU B 666 -35.75 -60.71 -21.23
C GLU B 666 -36.02 -59.83 -22.46
N GLY B 667 -36.80 -60.34 -23.41
CA GLY B 667 -37.09 -59.63 -24.67
C GLY B 667 -35.84 -59.49 -25.52
N GLY B 668 -35.80 -58.50 -26.39
CA GLY B 668 -34.73 -58.35 -27.38
C GLY B 668 -35.28 -57.71 -28.63
N ALA B 669 -34.46 -56.92 -29.32
CA ALA B 669 -34.89 -56.09 -30.48
C ALA B 669 -35.39 -57.02 -31.60
N GLU B 670 -36.55 -56.69 -32.18
CA GLU B 670 -37.04 -57.21 -33.48
C GLU B 670 -35.82 -57.31 -34.40
N GLU B 671 -35.29 -56.15 -34.78
CA GLU B 671 -34.19 -56.04 -35.78
C GLU B 671 -33.08 -55.15 -35.23
N ILE B 672 -31.85 -55.66 -35.25
CA ILE B 672 -30.66 -54.89 -34.81
C ILE B 672 -30.08 -54.20 -36.05
N LEU B 673 -29.87 -52.90 -35.95
CA LEU B 673 -29.45 -52.05 -37.08
C LEU B 673 -28.18 -51.32 -36.66
N PRO B 674 -27.01 -52.02 -36.67
CA PRO B 674 -25.79 -51.49 -36.06
C PRO B 674 -24.86 -50.61 -36.93
N SER B 675 -25.29 -50.19 -38.12
CA SER B 675 -24.44 -49.45 -39.09
C SER B 675 -25.32 -48.47 -39.88
N LEU B 676 -24.67 -47.47 -40.47
CA LEU B 676 -25.39 -46.42 -41.25
C LEU B 676 -26.17 -47.09 -42.37
N LYS B 677 -25.51 -47.98 -43.12
CA LYS B 677 -26.10 -48.75 -44.25
C LYS B 677 -27.35 -49.50 -43.77
N ALA B 678 -27.26 -50.22 -42.65
CA ALA B 678 -28.38 -51.02 -42.12
C ALA B 678 -29.62 -50.15 -41.89
N VAL B 679 -29.47 -48.96 -41.30
CA VAL B 679 -30.63 -48.08 -40.94
C VAL B 679 -31.22 -47.51 -42.23
N LEU B 680 -30.40 -47.14 -43.21
CA LEU B 680 -30.94 -46.53 -44.46
C LEU B 680 -31.62 -47.64 -45.30
N ASP B 681 -31.02 -48.82 -45.44
CA ASP B 681 -31.67 -49.97 -46.14
C ASP B 681 -33.03 -50.27 -45.49
N LYS B 682 -33.11 -50.36 -44.16
CA LYS B 682 -34.32 -50.84 -43.46
C LYS B 682 -35.38 -49.73 -43.35
N VAL B 683 -34.96 -48.48 -43.15
CA VAL B 683 -35.89 -47.35 -42.86
C VAL B 683 -36.15 -46.55 -44.14
N GLY B 684 -35.25 -46.59 -45.13
CA GLY B 684 -35.25 -45.72 -46.32
C GLY B 684 -34.54 -44.41 -46.05
N SER B 685 -34.09 -43.73 -47.11
CA SER B 685 -33.36 -42.43 -47.08
C SER B 685 -34.30 -41.25 -46.79
N GLU B 686 -35.62 -41.48 -46.63
CA GLU B 686 -36.68 -40.45 -46.42
C GLU B 686 -37.08 -40.38 -44.95
N ALA B 687 -37.00 -39.19 -44.34
CA ALA B 687 -37.21 -38.96 -42.88
C ALA B 687 -38.70 -38.79 -42.55
N GLY B 688 -39.44 -39.90 -42.43
CA GLY B 688 -40.86 -39.90 -42.03
C GLY B 688 -41.36 -41.29 -41.67
N ASN B 690 -38.85 -41.35 -39.61
CA ASN B 690 -38.54 -42.37 -38.58
C ASN B 690 -37.69 -41.75 -37.46
N LYS B 691 -37.91 -42.18 -36.22
CA LYS B 691 -37.22 -41.67 -35.00
C LYS B 691 -35.69 -41.74 -35.17
N ARG B 692 -35.18 -42.65 -36.00
CA ARG B 692 -33.72 -42.82 -36.22
C ARG B 692 -33.16 -41.75 -37.15
N LEU B 693 -33.96 -41.02 -37.91
CA LEU B 693 -33.42 -40.01 -38.86
C LEU B 693 -33.88 -38.60 -38.48
N GLU B 694 -32.93 -37.70 -38.22
CA GLU B 694 -33.21 -36.25 -38.04
C GLU B 694 -32.63 -35.49 -39.23
N GLN B 695 -33.15 -34.29 -39.50
CA GLN B 695 -32.62 -33.42 -40.57
C GLN B 695 -32.23 -32.10 -39.94
N PRO B 696 -31.05 -32.01 -39.31
CA PRO B 696 -30.55 -30.72 -38.85
C PRO B 696 -30.27 -29.73 -40.00
N ILE B 697 -29.93 -30.23 -41.19
CA ILE B 697 -29.57 -29.37 -42.36
C ILE B 697 -30.60 -29.57 -43.48
N LYS B 698 -31.47 -28.56 -43.63
CA LYS B 698 -32.49 -28.42 -44.68
C LYS B 698 -32.07 -27.24 -45.56
N SER B 699 -31.72 -27.53 -46.81
CA SER B 699 -31.35 -26.47 -47.78
C SER B 699 -32.55 -25.53 -47.93
N THR B 700 -32.31 -24.23 -47.98
CA THR B 700 -33.33 -23.21 -48.32
C THR B 700 -33.86 -23.45 -49.75
N ILE B 701 -33.07 -24.11 -50.62
CA ILE B 701 -33.54 -24.58 -51.97
C ILE B 701 -34.29 -25.91 -51.82
N ASP B 702 -35.60 -25.90 -52.05
CA ASP B 702 -36.47 -27.10 -51.98
C ASP B 702 -36.15 -28.07 -53.13
N VAL B 703 -36.02 -27.54 -54.36
CA VAL B 703 -35.60 -28.26 -55.59
C VAL B 703 -34.67 -27.34 -56.38
N LEU B 704 -33.55 -27.86 -56.90
CA LEU B 704 -32.51 -27.06 -57.58
C LEU B 704 -33.01 -26.60 -58.96
N GLN B 705 -33.02 -25.27 -59.18
CA GLN B 705 -33.23 -24.65 -60.51
C GLN B 705 -31.90 -24.08 -61.01
N LEU B 706 -31.45 -24.55 -62.18
CA LEU B 706 -30.21 -24.05 -62.83
C LEU B 706 -30.51 -22.69 -63.47
N GLU B 707 -29.68 -21.69 -63.18
CA GLU B 707 -29.68 -20.37 -63.88
C GLU B 707 -28.56 -20.35 -64.94
N GLU B 708 -27.79 -21.45 -65.06
CA GLU B 708 -26.71 -21.65 -66.07
C GLU B 708 -27.01 -22.93 -66.83
N PRO B 709 -26.70 -22.99 -68.15
CA PRO B 709 -26.90 -24.22 -68.93
C PRO B 709 -25.75 -25.20 -68.66
N PHE B 710 -25.96 -26.48 -68.97
CA PHE B 710 -24.98 -27.58 -68.68
C PHE B 710 -24.91 -28.54 -69.86
N ASP B 711 -23.78 -29.23 -70.01
CA ASP B 711 -23.49 -30.19 -71.12
C ASP B 711 -23.39 -31.61 -70.56
N VAL B 712 -23.06 -31.77 -69.28
CA VAL B 712 -22.89 -33.09 -68.61
C VAL B 712 -23.56 -33.06 -67.24
N SER B 713 -24.33 -34.09 -66.97
CA SER B 713 -24.93 -34.40 -65.65
C SER B 713 -24.60 -35.85 -65.30
N SER B 714 -24.51 -36.15 -64.02
CA SER B 714 -24.32 -37.53 -63.50
C SER B 714 -24.72 -37.56 -62.02
N SER B 715 -24.92 -38.76 -61.50
CA SER B 715 -25.25 -39.07 -60.09
C SER B 715 -24.14 -39.96 -59.50
N GLY B 716 -23.86 -39.79 -58.23
CA GLY B 716 -22.82 -40.58 -57.56
C GLY B 716 -23.09 -40.75 -56.07
N GLN B 717 -22.22 -41.53 -55.43
CA GLN B 717 -22.23 -41.78 -53.98
C GLN B 717 -20.81 -41.65 -53.44
N LEU B 718 -20.71 -41.36 -52.14
CA LEU B 718 -19.44 -41.33 -51.39
C LEU B 718 -19.72 -42.03 -50.07
N ASP B 719 -18.93 -43.04 -49.72
CA ASP B 719 -19.17 -43.85 -48.50
C ASP B 719 -17.89 -43.85 -47.70
N MET B 720 -17.93 -43.33 -46.49
CA MET B 720 -16.78 -43.32 -45.56
C MET B 720 -17.24 -43.92 -44.23
N GLY B 721 -16.49 -44.88 -43.68
CA GLY B 721 -16.91 -45.66 -42.49
C GLY B 721 -16.42 -45.06 -41.18
N LEU B 722 -16.56 -45.81 -40.08
CA LEU B 722 -16.07 -45.42 -38.74
C LEU B 722 -14.54 -45.43 -38.79
N GLN B 723 -13.89 -44.60 -37.97
CA GLN B 723 -12.44 -44.67 -37.73
C GLN B 723 -12.23 -44.69 -36.22
N TYR B 724 -11.50 -45.69 -35.74
CA TYR B 724 -11.08 -45.79 -34.33
C TYR B 724 -9.86 -44.89 -34.15
N HIS B 725 -9.85 -44.06 -33.10
CA HIS B 725 -8.76 -43.08 -32.79
C HIS B 725 -7.39 -43.77 -32.73
N TYR B 726 -7.31 -44.95 -32.11
CA TYR B 726 -6.05 -45.71 -31.92
C TYR B 726 -5.01 -44.80 -31.23
N TYR B 727 -5.43 -44.11 -30.18
CA TYR B 727 -4.49 -43.45 -29.22
C TYR B 727 -3.70 -44.60 -28.64
N MET B 728 -2.40 -44.43 -28.46
CA MET B 728 -1.53 -45.54 -28.05
C MET B 728 -1.61 -45.71 -26.53
N GLU B 729 -1.97 -44.67 -25.76
CA GLU B 729 -2.36 -44.83 -24.32
C GLU B 729 -3.84 -45.18 -24.25
N PRO B 730 -4.23 -46.35 -23.71
CA PRO B 730 -5.64 -46.68 -23.64
C PRO B 730 -6.38 -45.72 -22.68
N GLN B 731 -7.70 -45.65 -22.84
CA GLN B 731 -8.58 -44.91 -21.92
C GLN B 731 -8.16 -45.31 -20.50
N THR B 732 -7.82 -44.34 -19.67
CA THR B 732 -7.17 -44.58 -18.37
C THR B 732 -7.61 -43.51 -17.38
N THR B 733 -8.03 -43.95 -16.20
CA THR B 733 -8.22 -43.09 -15.01
C THR B 733 -7.81 -43.88 -13.77
N VAL B 734 -7.01 -43.24 -12.91
CA VAL B 734 -6.66 -43.70 -11.53
C VAL B 734 -7.25 -42.69 -10.56
N VAL B 735 -8.10 -43.16 -9.63
CA VAL B 735 -8.77 -42.33 -8.59
C VAL B 735 -8.29 -42.77 -7.21
N LEU B 736 -7.79 -41.81 -6.43
CA LEU B 736 -7.42 -41.99 -5.01
C LEU B 736 -8.45 -41.27 -4.14
N PRO B 737 -8.99 -41.99 -3.13
CA PRO B 737 -9.64 -41.33 -1.99
C PRO B 737 -8.63 -40.41 -1.31
N PHE B 738 -9.05 -39.21 -0.91
CA PHE B 738 -8.10 -38.20 -0.40
C PHE B 738 -8.81 -37.14 0.42
N GLU B 739 -8.60 -37.17 1.75
CA GLU B 739 -9.13 -36.19 2.76
C GLU B 739 -10.63 -35.97 2.52
N GLY B 740 -11.36 -37.07 2.33
CA GLY B 740 -12.82 -37.04 2.21
C GLY B 740 -13.27 -36.70 0.80
N GLY B 741 -12.31 -36.46 -0.09
CA GLY B 741 -12.55 -36.13 -1.50
C GLY B 741 -11.91 -37.15 -2.41
N LEU B 742 -11.65 -36.72 -3.62
CA LEU B 742 -11.00 -37.56 -4.65
C LEU B 742 -9.88 -36.78 -5.32
N GLN B 743 -8.74 -37.48 -5.49
CA GLN B 743 -7.70 -37.15 -6.49
C GLN B 743 -7.90 -38.03 -7.71
N VAL B 744 -8.04 -37.41 -8.88
CA VAL B 744 -8.39 -38.07 -10.16
C VAL B 744 -7.26 -37.88 -11.18
N TYR B 745 -6.58 -38.98 -11.55
CA TYR B 745 -5.52 -39.02 -12.59
C TYR B 745 -6.16 -39.55 -13.85
N ALA B 746 -6.68 -38.65 -14.69
CA ALA B 746 -7.51 -38.96 -15.87
C ALA B 746 -6.74 -38.62 -17.16
N ALA B 747 -6.72 -39.54 -18.10
CA ALA B 747 -6.24 -39.32 -19.48
C ALA B 747 -7.40 -38.65 -20.22
N THR B 748 -7.50 -37.34 -20.12
CA THR B 748 -8.64 -36.55 -20.66
C THR B 748 -8.13 -35.29 -21.40
N GLN B 749 -8.90 -34.84 -22.39
CA GLN B 749 -8.65 -33.58 -23.14
C GLN B 749 -9.42 -32.47 -22.44
N TRP B 750 -10.21 -32.81 -21.41
CA TRP B 750 -11.19 -31.90 -20.77
C TRP B 750 -11.34 -32.23 -19.28
N MET B 751 -10.41 -31.74 -18.47
CA MET B 751 -10.41 -32.02 -17.02
C MET B 751 -11.74 -31.55 -16.40
N ASP B 752 -12.17 -30.34 -16.78
CA ASP B 752 -13.39 -29.71 -16.25
C ASP B 752 -14.58 -30.64 -16.41
N LEU B 753 -14.78 -31.25 -17.58
CA LEU B 753 -15.92 -32.18 -17.77
C LEU B 753 -15.72 -33.41 -16.86
N THR B 754 -14.48 -33.91 -16.73
CA THR B 754 -14.19 -35.11 -15.90
C THR B 754 -14.61 -34.79 -14.45
N GLN B 755 -14.21 -33.62 -13.96
CA GLN B 755 -14.51 -33.13 -12.59
C GLN B 755 -16.02 -32.99 -12.40
N ASP B 756 -16.65 -32.27 -13.33
CA ASP B 756 -18.10 -31.97 -13.31
C ASP B 756 -18.85 -33.32 -13.23
N THR B 757 -18.57 -34.22 -14.17
CA THR B 757 -19.24 -35.53 -14.27
C THR B 757 -19.07 -36.30 -12.95
N ILE B 758 -17.83 -36.44 -12.46
CA ILE B 758 -17.57 -37.28 -11.27
C ILE B 758 -18.35 -36.69 -10.09
N ALA B 759 -18.32 -35.36 -9.96
CA ALA B 759 -18.91 -34.63 -8.82
C ALA B 759 -20.42 -34.79 -8.87
N ASN B 760 -20.99 -34.77 -10.08
CA ASN B 760 -22.45 -34.88 -10.27
C ASN B 760 -22.92 -36.30 -9.89
N VAL B 761 -22.27 -37.32 -10.43
CA VAL B 761 -22.66 -38.76 -10.28
C VAL B 761 -22.49 -39.20 -8.82
N LEU B 762 -21.53 -38.63 -8.10
CA LEU B 762 -21.17 -38.99 -6.70
C LEU B 762 -21.77 -37.98 -5.69
N ASN B 763 -22.51 -36.95 -6.12
CA ASN B 763 -23.09 -35.94 -5.19
C ASN B 763 -21.96 -35.36 -4.32
N LEU B 764 -20.85 -34.92 -4.93
CA LEU B 764 -19.72 -34.27 -4.23
C LEU B 764 -19.63 -32.80 -4.67
N LYS B 765 -18.99 -31.97 -3.85
CA LYS B 765 -18.58 -30.61 -4.24
C LYS B 765 -17.46 -30.73 -5.28
N SER B 766 -17.50 -29.90 -6.31
CA SER B 766 -16.48 -29.86 -7.36
C SER B 766 -15.10 -29.64 -6.74
N ASN B 767 -14.99 -28.82 -5.70
CA ASN B 767 -13.68 -28.42 -5.15
C ASN B 767 -13.04 -29.61 -4.42
N ASP B 768 -13.80 -30.65 -4.11
CA ASP B 768 -13.32 -31.90 -3.45
C ASP B 768 -12.97 -32.98 -4.48
N VAL B 769 -13.08 -32.68 -5.77
CA VAL B 769 -12.73 -33.62 -6.86
C VAL B 769 -11.66 -32.93 -7.68
N GLN B 770 -10.41 -33.18 -7.36
CA GLN B 770 -9.24 -32.57 -8.05
C GLN B 770 -8.73 -33.52 -9.14
N VAL B 771 -8.74 -33.05 -10.38
CA VAL B 771 -8.22 -33.77 -11.58
C VAL B 771 -6.82 -33.23 -11.90
N LYS B 772 -5.88 -34.13 -12.13
CA LYS B 772 -4.51 -33.83 -12.58
C LYS B 772 -4.26 -34.62 -13.86
N THR B 773 -3.86 -33.94 -14.92
CA THR B 773 -3.49 -34.52 -16.22
C THR B 773 -2.16 -33.89 -16.65
N ARG B 774 -1.06 -34.60 -16.51
CA ARG B 774 0.28 -34.08 -16.84
C ARG B 774 0.42 -34.09 -18.35
N ARG B 775 -0.01 -35.19 -18.96
CA ARG B 775 0.01 -35.43 -20.41
C ARG B 775 -0.82 -36.67 -20.70
N ILE B 776 -1.24 -36.81 -21.93
CA ILE B 776 -1.91 -38.03 -22.44
C ILE B 776 -1.11 -38.53 -23.65
N GLY B 777 -1.15 -39.85 -23.84
CA GLY B 777 -0.59 -40.54 -25.02
C GLY B 777 -1.60 -40.58 -26.13
N GLY B 778 -1.82 -39.41 -26.73
CA GLY B 778 -2.73 -39.23 -27.87
C GLY B 778 -4.15 -39.13 -27.39
N GLY B 779 -4.96 -38.36 -28.12
CA GLY B 779 -6.41 -38.21 -27.87
C GLY B 779 -7.18 -38.11 -29.16
N TYR B 780 -6.78 -37.16 -30.01
CA TYR B 780 -7.37 -37.00 -31.37
C TYR B 780 -8.89 -36.81 -31.26
N GLY B 781 -9.42 -36.35 -30.12
CA GLY B 781 -10.88 -36.20 -29.89
C GLY B 781 -11.52 -37.34 -29.10
N GLY B 782 -10.91 -38.54 -29.09
CA GLY B 782 -11.49 -39.71 -28.43
C GLY B 782 -11.40 -39.64 -26.92
N LYS B 783 -10.62 -38.69 -26.39
CA LYS B 783 -10.49 -38.49 -24.94
C LYS B 783 -11.09 -37.12 -24.56
N ALA B 784 -11.91 -36.49 -25.42
CA ALA B 784 -12.68 -35.27 -25.05
C ALA B 784 -13.81 -35.63 -24.09
N THR B 785 -14.55 -36.69 -24.37
CA THR B 785 -15.74 -37.06 -23.54
C THR B 785 -15.78 -38.57 -23.24
N ARG B 786 -15.28 -39.46 -24.10
CA ARG B 786 -15.49 -40.92 -23.89
C ARG B 786 -14.63 -41.45 -22.75
N CYS B 787 -13.68 -40.65 -22.23
CA CYS B 787 -12.85 -40.97 -21.05
C CYS B 787 -13.69 -41.06 -19.77
N ASN B 788 -14.88 -40.45 -19.76
CA ASN B 788 -15.61 -40.20 -18.49
C ASN B 788 -16.47 -41.42 -18.12
N LEU B 789 -16.62 -42.42 -18.99
CA LEU B 789 -17.27 -43.69 -18.60
C LEU B 789 -16.31 -44.40 -17.63
N ALA B 790 -15.06 -44.59 -18.02
CA ALA B 790 -14.05 -45.23 -17.15
C ALA B 790 -13.80 -44.36 -15.90
N ALA B 791 -13.72 -43.03 -16.05
CA ALA B 791 -13.41 -42.09 -14.93
C ALA B 791 -14.55 -42.09 -13.93
N ALA B 792 -15.80 -42.01 -14.37
CA ALA B 792 -16.95 -41.98 -13.45
C ALA B 792 -17.01 -43.31 -12.70
N ALA B 793 -16.81 -44.43 -13.42
CA ALA B 793 -16.85 -45.79 -12.84
C ALA B 793 -15.71 -45.96 -11.83
N ALA B 794 -14.50 -45.55 -12.18
CA ALA B 794 -13.33 -45.68 -11.28
C ALA B 794 -13.59 -44.86 -10.01
N ALA B 795 -14.18 -43.67 -10.15
CA ALA B 795 -14.44 -42.76 -9.01
C ALA B 795 -15.52 -43.36 -8.09
N LEU B 796 -16.58 -43.88 -8.69
CA LEU B 796 -17.71 -44.53 -7.95
C LEU B 796 -17.13 -45.63 -7.06
N ALA B 797 -16.28 -46.47 -7.63
CA ALA B 797 -15.61 -47.58 -6.91
C ALA B 797 -14.70 -47.01 -5.82
N ALA B 798 -13.90 -45.98 -6.11
CA ALA B 798 -12.96 -45.38 -5.14
C ALA B 798 -13.75 -44.81 -3.97
N HIS B 799 -14.89 -44.18 -4.25
CA HIS B 799 -15.69 -43.46 -3.23
C HIS B 799 -16.42 -44.47 -2.36
N LYS B 800 -17.04 -45.47 -2.99
CA LYS B 800 -17.83 -46.52 -2.30
C LYS B 800 -16.89 -47.43 -1.47
N LEU B 801 -15.78 -47.91 -2.04
CA LEU B 801 -14.88 -48.89 -1.38
C LEU B 801 -13.77 -48.20 -0.57
N ASN B 802 -13.62 -46.88 -0.70
CA ASN B 802 -12.57 -46.12 0.02
C ASN B 802 -11.20 -46.79 -0.17
N ARG B 803 -10.84 -47.08 -1.41
CA ARG B 803 -9.50 -47.57 -1.81
C ARG B 803 -9.14 -46.94 -3.16
N PRO B 804 -7.85 -46.98 -3.55
CA PRO B 804 -7.45 -46.56 -4.89
C PRO B 804 -8.00 -47.51 -5.96
N ILE B 805 -8.56 -46.93 -7.02
CA ILE B 805 -9.06 -47.68 -8.21
C ILE B 805 -8.32 -47.23 -9.47
N ARG B 806 -7.78 -48.20 -10.19
CA ARG B 806 -7.14 -48.00 -11.51
C ARG B 806 -8.10 -48.60 -12.52
N PHE B 807 -8.49 -47.81 -13.50
CA PHE B 807 -9.28 -48.28 -14.67
C PHE B 807 -8.44 -48.06 -15.94
N VAL B 808 -7.74 -49.09 -16.39
CA VAL B 808 -7.07 -49.10 -17.73
C VAL B 808 -7.88 -50.02 -18.65
N GLN B 809 -8.63 -49.37 -19.54
CA GLN B 809 -9.63 -50.01 -20.42
C GLN B 809 -8.87 -50.85 -21.45
N SER B 810 -9.25 -52.12 -21.63
CA SER B 810 -8.62 -53.03 -22.62
C SER B 810 -8.96 -52.50 -24.02
N LEU B 811 -8.13 -52.77 -25.03
CA LEU B 811 -8.41 -52.35 -26.42
C LEU B 811 -9.81 -52.86 -26.81
N GLU B 812 -10.15 -54.10 -26.47
CA GLU B 812 -11.43 -54.75 -26.80
C GLU B 812 -12.58 -53.94 -26.19
N SER B 813 -12.42 -53.56 -24.90
CA SER B 813 -13.45 -52.78 -24.16
C SER B 813 -13.65 -51.46 -24.88
N ILE B 814 -12.55 -50.78 -25.21
CA ILE B 814 -12.56 -49.46 -25.90
C ILE B 814 -13.28 -49.57 -27.25
N MET B 815 -12.94 -50.58 -28.07
CA MET B 815 -13.45 -50.68 -29.45
C MET B 815 -14.86 -51.28 -29.45
N THR B 816 -15.23 -52.05 -28.44
CA THR B 816 -16.60 -52.62 -28.31
C THR B 816 -17.58 -51.59 -27.75
N SER B 817 -17.20 -50.83 -26.69
CA SER B 817 -18.18 -50.03 -25.91
C SER B 817 -18.16 -48.54 -26.24
N LEU B 818 -17.07 -48.03 -26.83
CA LEU B 818 -16.90 -46.57 -27.10
C LEU B 818 -16.97 -46.30 -28.61
N GLY B 819 -17.38 -45.08 -28.94
CA GLY B 819 -17.61 -44.67 -30.33
C GLY B 819 -16.35 -44.22 -31.04
N LYS B 820 -16.54 -43.69 -32.23
CA LYS B 820 -15.46 -43.55 -33.25
C LYS B 820 -15.82 -42.35 -34.12
N ARG B 821 -14.96 -42.00 -35.07
CA ARG B 821 -15.30 -41.02 -36.13
C ARG B 821 -16.65 -41.43 -36.70
N TRP B 822 -17.59 -40.48 -36.76
CA TRP B 822 -18.92 -40.65 -37.39
C TRP B 822 -18.71 -41.13 -38.83
N ALA B 823 -19.41 -42.19 -39.24
CA ALA B 823 -19.47 -42.63 -40.64
C ALA B 823 -20.28 -41.63 -41.45
N PHE B 824 -19.99 -41.56 -42.75
CA PHE B 824 -20.57 -40.60 -43.71
C PHE B 824 -21.03 -41.36 -44.95
N HIS B 825 -22.27 -41.14 -45.37
CA HIS B 825 -22.78 -41.52 -46.71
C HIS B 825 -23.25 -40.27 -47.44
N CYS B 826 -22.89 -40.10 -48.73
CA CYS B 826 -23.39 -38.99 -49.59
C CYS B 826 -23.98 -39.54 -50.90
N ASP B 827 -25.18 -39.07 -51.25
CA ASP B 827 -25.84 -39.18 -52.58
C ASP B 827 -25.92 -37.79 -53.22
N TYR B 828 -25.36 -37.63 -54.43
CA TYR B 828 -25.24 -36.32 -55.11
C TYR B 828 -25.55 -36.46 -56.61
N ASP B 829 -26.10 -35.38 -57.17
CA ASP B 829 -26.24 -35.10 -58.64
C ASP B 829 -25.36 -33.89 -58.94
N PHE B 830 -24.64 -33.89 -60.05
CA PHE B 830 -23.94 -32.67 -60.52
C PHE B 830 -24.37 -32.36 -61.95
N PHE B 831 -24.28 -31.08 -62.28
CA PHE B 831 -24.64 -30.50 -63.58
C PHE B 831 -23.53 -29.51 -63.97
N VAL B 832 -22.81 -29.80 -65.04
CA VAL B 832 -21.54 -29.10 -65.41
C VAL B 832 -21.48 -28.81 -66.91
N GLN B 833 -20.70 -27.78 -67.25
CA GLN B 833 -20.27 -27.45 -68.62
C GLN B 833 -19.09 -28.36 -69.01
N LYS B 834 -18.84 -28.44 -70.33
CA LYS B 834 -17.73 -29.21 -70.97
C LYS B 834 -16.41 -28.94 -70.23
N SER B 835 -16.22 -27.71 -69.74
CA SER B 835 -14.99 -27.22 -69.05
C SER B 835 -14.84 -27.82 -67.64
N GLY B 836 -15.93 -28.33 -67.04
CA GLY B 836 -15.96 -28.80 -65.64
C GLY B 836 -16.57 -27.75 -64.70
N LYS B 837 -16.81 -26.53 -65.20
CA LYS B 837 -17.54 -25.43 -64.53
C LYS B 837 -18.89 -25.96 -64.04
N ILE B 838 -19.13 -25.81 -62.75
CA ILE B 838 -20.33 -26.37 -62.06
C ILE B 838 -21.49 -25.40 -62.26
N SER B 839 -22.59 -25.90 -62.80
CA SER B 839 -23.86 -25.15 -63.01
C SER B 839 -24.74 -25.39 -61.79
N GLY B 840 -24.72 -26.62 -61.26
CA GLY B 840 -25.45 -26.97 -60.03
C GLY B 840 -25.02 -28.28 -59.40
N ILE B 841 -25.31 -28.40 -58.11
CA ILE B 841 -25.12 -29.65 -57.33
C ILE B 841 -26.38 -29.92 -56.51
N VAL B 842 -26.78 -31.18 -56.43
CA VAL B 842 -27.74 -31.65 -55.39
C VAL B 842 -26.99 -32.70 -54.57
N SER B 843 -26.93 -32.49 -53.25
CA SER B 843 -26.20 -33.37 -52.31
C SER B 843 -27.07 -33.67 -51.11
N ARG B 844 -27.33 -34.93 -50.86
CA ARG B 844 -27.90 -35.43 -49.59
C ARG B 844 -26.77 -36.16 -48.85
N PHE B 845 -26.60 -35.90 -47.55
CA PHE B 845 -25.63 -36.67 -46.74
C PHE B 845 -26.25 -37.10 -45.40
N TYR B 846 -25.67 -38.16 -44.90
CA TYR B 846 -26.12 -38.91 -43.71
C TYR B 846 -24.88 -39.16 -42.87
N GLU B 847 -24.94 -38.83 -41.58
CA GLU B 847 -23.83 -39.06 -40.65
C GLU B 847 -24.33 -40.01 -39.55
N ASP B 848 -23.52 -41.01 -39.21
CA ASP B 848 -23.86 -42.10 -38.25
C ASP B 848 -23.47 -41.65 -36.84
N ALA B 849 -24.47 -41.36 -36.01
CA ALA B 849 -24.32 -40.85 -34.63
C ALA B 849 -23.98 -41.98 -33.63
N GLY B 850 -24.16 -43.25 -34.01
CA GLY B 850 -24.41 -44.33 -33.03
C GLY B 850 -25.71 -44.06 -32.30
N TYR B 851 -25.94 -44.58 -31.10
CA TYR B 851 -27.31 -44.61 -30.52
C TYR B 851 -27.76 -43.24 -29.99
N LEU B 852 -26.87 -42.26 -29.89
CA LEU B 852 -27.21 -40.92 -29.35
C LEU B 852 -26.81 -39.85 -30.36
N ALA B 853 -27.60 -38.77 -30.44
CA ALA B 853 -27.42 -37.64 -31.37
C ALA B 853 -26.30 -36.69 -30.92
N ASN B 854 -25.68 -36.90 -29.75
CA ASN B 854 -24.66 -35.97 -29.18
C ASN B 854 -23.43 -35.81 -30.10
N GLU B 855 -22.74 -34.68 -29.94
CA GLU B 855 -21.41 -34.35 -30.54
C GLU B 855 -21.48 -34.45 -32.06
N SER B 856 -22.52 -33.92 -32.69
CA SER B 856 -22.72 -33.97 -34.17
C SER B 856 -21.59 -33.19 -34.86
N PRO B 857 -20.89 -33.78 -35.86
CA PRO B 857 -19.97 -33.00 -36.70
C PRO B 857 -20.59 -32.26 -37.91
N ILE B 858 -21.92 -32.31 -38.06
CA ILE B 858 -22.63 -32.00 -39.33
C ILE B 858 -22.41 -30.52 -39.71
N GLY B 859 -22.36 -29.64 -38.72
CA GLY B 859 -22.13 -28.19 -38.92
C GLY B 859 -20.82 -27.95 -39.63
N HIS B 860 -19.78 -28.72 -39.31
CA HIS B 860 -18.45 -28.62 -39.97
C HIS B 860 -18.51 -29.22 -41.37
N THR B 861 -19.24 -30.31 -41.58
CA THR B 861 -19.45 -30.84 -42.96
C THR B 861 -19.98 -29.72 -43.85
N VAL B 862 -20.97 -28.95 -43.35
CA VAL B 862 -21.61 -27.83 -44.10
C VAL B 862 -20.60 -26.70 -44.31
N LEU B 863 -19.84 -26.32 -43.28
CA LEU B 863 -18.92 -25.16 -43.40
C LEU B 863 -17.94 -25.38 -44.56
N LEU B 864 -17.44 -26.60 -44.81
CA LEU B 864 -16.43 -26.85 -45.87
C LEU B 864 -17.02 -27.49 -47.13
N SER B 865 -18.35 -27.60 -47.23
CA SER B 865 -19.03 -28.24 -48.39
C SER B 865 -18.68 -27.57 -49.74
N LYS B 866 -18.39 -26.27 -49.76
CA LYS B 866 -18.08 -25.51 -51.00
C LYS B 866 -16.55 -25.48 -51.20
N ASN B 867 -15.79 -25.88 -50.20
CA ASN B 867 -14.31 -25.90 -50.27
C ASN B 867 -13.90 -24.52 -50.80
N CYS B 868 -13.16 -24.40 -51.90
CA CYS B 868 -12.70 -23.06 -52.37
C CYS B 868 -13.25 -22.74 -53.79
N TYR B 869 -14.42 -23.30 -54.12
CA TYR B 869 -15.09 -23.15 -55.44
C TYR B 869 -16.22 -22.12 -55.36
N GLU B 870 -16.60 -21.55 -56.52
CA GLU B 870 -17.66 -20.52 -56.61
C GLU B 870 -19.01 -21.17 -56.87
N PHE B 871 -20.03 -20.67 -56.19
CA PHE B 871 -21.44 -21.11 -56.34
C PHE B 871 -22.31 -19.85 -56.31
N SER B 872 -23.52 -19.93 -56.87
CA SER B 872 -24.53 -18.85 -56.98
C SER B 872 -25.92 -19.42 -56.72
N ASP B 873 -26.34 -19.58 -55.46
CA ASP B 873 -27.65 -20.19 -55.13
C ASP B 873 -27.86 -21.47 -55.96
N ASN B 874 -26.81 -22.23 -56.28
CA ASN B 874 -26.88 -23.41 -57.19
C ASN B 874 -26.33 -24.68 -56.52
N TYR B 875 -26.26 -24.73 -55.18
CA TYR B 875 -25.76 -25.87 -54.39
C TYR B 875 -26.85 -26.25 -53.38
N LYS B 876 -27.61 -27.29 -53.67
CA LYS B 876 -28.65 -27.82 -52.77
C LYS B 876 -27.97 -28.85 -51.85
N LEU B 877 -27.95 -28.56 -50.55
CA LEU B 877 -27.30 -29.46 -49.54
C LEU B 877 -28.27 -29.76 -48.39
N ASP B 878 -28.60 -31.04 -48.23
CA ASP B 878 -29.47 -31.55 -47.12
C ASP B 878 -28.67 -32.60 -46.34
N GLY B 879 -28.66 -32.46 -45.01
CA GLY B 879 -27.81 -33.23 -44.09
C GLY B 879 -28.67 -33.91 -43.05
N TYR B 880 -28.43 -35.21 -42.86
CA TYR B 880 -29.22 -36.03 -41.92
C TYR B 880 -28.30 -36.64 -40.86
N LEU B 881 -28.84 -36.71 -39.65
CA LEU B 881 -28.24 -37.39 -38.49
C LEU B 881 -28.95 -38.75 -38.30
N VAL B 882 -28.21 -39.84 -38.31
CA VAL B 882 -28.79 -41.21 -38.25
C VAL B 882 -28.32 -41.88 -36.96
N CYS B 883 -29.26 -42.36 -36.15
CA CYS B 883 -29.00 -43.11 -34.91
C CYS B 883 -28.98 -44.60 -35.25
N THR B 884 -27.86 -45.26 -34.96
CA THR B 884 -27.62 -46.69 -35.22
C THR B 884 -27.47 -47.42 -33.87
N ASP B 885 -27.72 -48.72 -33.87
CA ASP B 885 -27.60 -49.60 -32.68
C ASP B 885 -26.12 -49.89 -32.45
N SER B 886 -25.34 -48.87 -32.05
CA SER B 886 -23.87 -48.90 -31.94
C SER B 886 -23.41 -47.87 -30.92
N PRO B 887 -22.19 -47.99 -30.36
CA PRO B 887 -21.70 -46.97 -29.43
C PRO B 887 -21.86 -45.56 -30.00
N SER B 888 -22.15 -44.59 -29.14
CA SER B 888 -22.25 -43.15 -29.44
C SER B 888 -20.92 -42.67 -30.06
N ASN B 889 -21.01 -42.14 -31.28
CA ASN B 889 -19.79 -41.72 -32.02
C ASN B 889 -19.38 -40.35 -31.50
N THR B 890 -18.13 -39.99 -31.72
CA THR B 890 -17.45 -38.93 -30.96
C THR B 890 -16.49 -38.25 -31.93
N PRO B 891 -16.02 -37.04 -31.58
CA PRO B 891 -15.04 -36.35 -32.40
C PRO B 891 -13.80 -37.23 -32.65
N CYS B 892 -13.33 -37.18 -33.88
CA CYS B 892 -12.04 -37.73 -34.36
C CYS B 892 -11.43 -36.68 -35.29
N ARG B 893 -10.12 -36.49 -35.21
CA ARG B 893 -9.30 -35.47 -35.92
C ARG B 893 -10.05 -34.90 -37.14
N ALA B 894 -10.40 -33.61 -37.04
CA ALA B 894 -11.06 -32.77 -38.06
C ALA B 894 -12.46 -33.33 -38.33
N PRO B 895 -13.32 -33.42 -37.28
CA PRO B 895 -14.64 -34.03 -37.44
C PRO B 895 -15.57 -33.12 -38.27
N GLY B 896 -16.26 -33.69 -39.28
CA GLY B 896 -17.07 -32.91 -40.23
C GLY B 896 -16.25 -32.27 -41.33
N SER B 897 -15.05 -31.77 -41.01
CA SER B 897 -14.14 -31.10 -41.96
C SER B 897 -13.67 -32.13 -42.99
N VAL B 898 -13.24 -33.30 -42.51
CA VAL B 898 -12.88 -34.46 -43.39
C VAL B 898 -14.01 -34.71 -44.40
N GLU B 899 -15.24 -34.90 -43.95
CA GLU B 899 -16.39 -35.27 -44.82
C GLU B 899 -16.77 -34.13 -45.78
N GLY B 900 -16.77 -32.89 -45.31
CA GLY B 900 -17.11 -31.71 -46.11
C GLY B 900 -16.15 -31.56 -47.28
N ILE B 901 -14.85 -31.69 -47.02
CA ILE B 901 -13.80 -31.62 -48.08
C ILE B 901 -13.92 -32.85 -49.00
N ALA B 902 -14.00 -34.04 -48.41
CA ALA B 902 -14.18 -35.30 -49.14
C ALA B 902 -15.37 -35.13 -50.10
N MET B 903 -16.52 -34.65 -49.62
CA MET B 903 -17.75 -34.52 -50.43
C MET B 903 -17.47 -33.64 -51.66
N MET B 904 -16.87 -32.47 -51.46
CA MET B 904 -16.71 -31.48 -52.54
C MET B 904 -15.62 -31.98 -53.49
N GLU B 905 -14.52 -32.49 -52.98
CA GLU B 905 -13.38 -32.92 -53.82
C GLU B 905 -13.75 -34.18 -54.61
N ASN B 906 -14.53 -35.09 -54.02
CA ASN B 906 -15.02 -36.30 -54.73
C ASN B 906 -15.90 -35.88 -55.92
N ILE B 907 -16.73 -34.85 -55.74
CA ILE B 907 -17.65 -34.36 -56.81
C ILE B 907 -16.77 -33.80 -57.95
N ILE B 908 -15.71 -33.05 -57.64
CA ILE B 908 -14.68 -32.55 -58.61
C ILE B 908 -14.09 -33.71 -59.42
N GLU B 909 -13.70 -34.79 -58.74
CA GLU B 909 -13.02 -35.95 -59.37
C GLU B 909 -14.01 -36.69 -60.27
N HIS B 910 -15.26 -36.84 -59.84
CA HIS B 910 -16.34 -37.46 -60.63
C HIS B 910 -16.61 -36.59 -61.87
N ILE B 911 -16.70 -35.28 -61.71
CA ILE B 911 -16.86 -34.28 -62.83
C ILE B 911 -15.73 -34.50 -63.85
N ALA B 912 -14.49 -34.49 -63.39
CA ALA B 912 -13.26 -34.75 -64.18
C ALA B 912 -13.46 -36.00 -65.07
N PHE B 913 -13.99 -37.07 -64.49
CA PHE B 913 -14.10 -38.41 -65.12
C PHE B 913 -15.23 -38.43 -66.16
N GLU B 914 -16.36 -37.76 -65.89
CA GLU B 914 -17.53 -37.65 -66.80
C GLU B 914 -17.23 -36.72 -67.99
N THR B 915 -16.45 -35.65 -67.78
CA THR B 915 -16.18 -34.62 -68.81
C THR B 915 -14.88 -34.95 -69.54
N GLY B 916 -14.06 -35.87 -69.02
CA GLY B 916 -12.72 -36.19 -69.54
C GLY B 916 -11.70 -35.07 -69.31
N VAL B 917 -12.06 -33.98 -68.62
CA VAL B 917 -11.14 -32.85 -68.29
C VAL B 917 -10.19 -33.30 -67.16
N ASP B 918 -8.95 -32.80 -67.16
CA ASP B 918 -7.95 -33.15 -66.10
C ASP B 918 -8.44 -32.61 -64.75
N PRO B 919 -8.39 -33.42 -63.67
CA PRO B 919 -8.86 -32.98 -62.35
C PRO B 919 -8.35 -31.59 -61.91
N ALA B 920 -7.11 -31.22 -62.22
CA ALA B 920 -6.58 -29.87 -61.90
C ALA B 920 -7.36 -28.80 -62.67
N ASP B 921 -7.80 -29.13 -63.90
CA ASP B 921 -8.42 -28.18 -64.85
C ASP B 921 -9.86 -27.96 -64.39
N VAL B 922 -10.52 -28.99 -63.87
CA VAL B 922 -11.89 -28.87 -63.29
C VAL B 922 -11.79 -27.96 -62.07
N ARG B 923 -10.70 -28.08 -61.30
CA ARG B 923 -10.48 -27.20 -60.12
C ARG B 923 -10.28 -25.76 -60.63
N PHE B 924 -9.48 -25.57 -61.68
CA PHE B 924 -9.24 -24.20 -62.22
C PHE B 924 -10.56 -23.55 -62.64
N ALA B 925 -11.40 -24.29 -63.37
CA ALA B 925 -12.69 -23.80 -63.88
C ALA B 925 -13.64 -23.41 -62.74
N ASN B 926 -13.39 -23.86 -61.50
CA ASN B 926 -14.37 -23.62 -60.41
C ASN B 926 -13.79 -22.72 -59.31
N LEU B 927 -12.51 -22.37 -59.35
CA LEU B 927 -11.85 -21.60 -58.25
C LEU B 927 -12.59 -20.28 -58.05
N LEU B 928 -12.88 -19.94 -56.79
CA LEU B 928 -13.32 -18.58 -56.39
C LEU B 928 -12.30 -17.60 -56.95
N PRO B 929 -12.75 -16.40 -57.39
CA PRO B 929 -11.84 -15.40 -57.98
C PRO B 929 -10.92 -14.70 -56.97
N ALA B 930 -9.70 -14.37 -57.39
CA ALA B 930 -8.68 -13.66 -56.57
C ALA B 930 -8.53 -14.34 -55.20
N HIS B 931 -8.49 -15.67 -55.19
CA HIS B 931 -8.38 -16.50 -53.97
C HIS B 931 -6.91 -16.91 -53.79
N LYS B 932 -6.47 -17.09 -52.54
CA LYS B 932 -5.10 -17.55 -52.22
C LYS B 932 -4.79 -18.86 -52.98
N MET B 933 -5.80 -19.71 -53.21
CA MET B 933 -5.63 -21.03 -53.87
C MET B 933 -5.19 -20.80 -55.32
N GLY B 934 -5.74 -19.76 -55.97
CA GLY B 934 -5.38 -19.33 -57.33
C GLY B 934 -3.92 -18.92 -57.42
N ASP B 935 -3.33 -18.42 -56.33
CA ASP B 935 -1.88 -18.12 -56.29
C ASP B 935 -1.08 -19.40 -55.97
N MET B 936 -1.58 -20.27 -55.08
CA MET B 936 -0.82 -21.46 -54.59
C MET B 936 -0.85 -22.56 -55.66
N MET B 937 -1.99 -22.80 -56.29
CA MET B 937 -2.18 -24.05 -57.07
C MET B 937 -1.24 -24.06 -58.27
N PRO B 938 -1.14 -22.98 -59.09
CA PRO B 938 -0.21 -22.98 -60.23
C PRO B 938 1.26 -23.25 -59.86
N ARG B 939 1.73 -22.61 -58.80
CA ARG B 939 3.09 -22.80 -58.24
C ARG B 939 3.25 -24.28 -57.80
N PHE B 940 2.21 -24.88 -57.24
CA PHE B 940 2.27 -26.26 -56.67
C PHE B 940 2.36 -27.26 -57.84
N LEU B 941 1.50 -27.11 -58.84
CA LEU B 941 1.46 -28.01 -60.04
C LEU B 941 2.80 -27.92 -60.79
N GLU B 942 3.39 -26.73 -60.89
CA GLU B 942 4.69 -26.48 -61.57
C GLU B 942 5.80 -27.17 -60.78
N SER B 943 5.94 -26.89 -59.49
CA SER B 943 7.07 -27.39 -58.68
C SER B 943 7.02 -28.93 -58.53
N THR B 944 5.83 -29.55 -58.50
CA THR B 944 5.61 -31.02 -58.34
C THR B 944 5.71 -31.75 -59.70
N LYS B 945 5.80 -30.98 -60.81
CA LYS B 945 5.87 -31.50 -62.20
C LYS B 945 4.63 -32.34 -62.48
N TYR B 946 3.48 -31.83 -62.05
CA TYR B 946 2.16 -32.50 -62.11
C TYR B 946 1.86 -32.97 -63.54
N ARG B 947 1.94 -32.04 -64.50
CA ARG B 947 1.51 -32.28 -65.90
C ARG B 947 2.31 -33.46 -66.47
N GLU B 948 3.63 -33.41 -66.32
CA GLU B 948 4.55 -34.45 -66.80
C GLU B 948 4.22 -35.77 -66.10
N ARG B 949 4.08 -35.77 -64.77
CA ARG B 949 3.97 -37.03 -64.00
C ARG B 949 2.60 -37.64 -64.26
N LYS B 950 1.59 -36.80 -64.49
CA LYS B 950 0.22 -37.25 -64.82
C LYS B 950 0.21 -37.96 -66.19
N ALA B 951 0.93 -37.41 -67.17
CA ALA B 951 1.13 -38.02 -68.52
C ALA B 951 1.99 -39.28 -68.41
N GLU B 952 3.08 -39.28 -67.62
CA GLU B 952 3.93 -40.49 -67.45
C GLU B 952 3.07 -41.68 -66.97
N ALA B 953 2.14 -41.44 -66.04
CA ALA B 953 1.28 -42.48 -65.43
C ALA B 953 0.32 -43.04 -66.48
N ILE B 954 -0.29 -42.18 -67.29
CA ILE B 954 -1.23 -42.64 -68.35
C ILE B 954 -0.45 -43.48 -69.37
N ALA B 955 0.75 -43.03 -69.79
CA ALA B 955 1.63 -43.78 -70.72
C ALA B 955 1.96 -45.14 -70.11
N HIS B 956 2.48 -45.19 -68.86
CA HIS B 956 2.76 -46.47 -68.14
C HIS B 956 1.53 -47.38 -68.17
N ASN B 957 0.32 -46.84 -68.01
CA ASN B 957 -0.91 -47.68 -67.83
C ASN B 957 -1.29 -48.37 -69.14
N LYS B 958 -1.09 -47.70 -70.27
CA LYS B 958 -1.33 -48.22 -71.65
C LYS B 958 -0.43 -49.45 -71.91
N GLU B 959 0.78 -49.47 -71.36
CA GLU B 959 1.83 -50.51 -71.60
C GLU B 959 1.66 -51.74 -70.67
N ASN B 960 0.94 -51.64 -69.55
CA ASN B 960 0.93 -52.72 -68.52
C ASN B 960 -0.50 -53.01 -68.03
N ARG B 961 -0.90 -54.27 -68.13
CA ARG B 961 -2.28 -54.75 -67.84
C ARG B 961 -2.53 -54.79 -66.33
N TRP B 962 -1.52 -55.20 -65.54
CA TRP B 962 -1.63 -55.73 -64.14
C TRP B 962 -0.94 -54.83 -63.09
N HIS B 963 -0.07 -53.92 -63.52
CA HIS B 963 0.61 -52.92 -62.65
C HIS B 963 0.24 -51.54 -63.17
N LYS B 964 -0.69 -50.89 -62.46
CA LYS B 964 -1.28 -49.59 -62.85
C LYS B 964 -0.70 -48.51 -61.94
N ARG B 965 -0.58 -47.30 -62.45
CA ARG B 965 -0.13 -46.08 -61.72
C ARG B 965 -1.30 -45.11 -61.60
N GLY B 966 -1.27 -44.31 -60.53
CA GLY B 966 -2.26 -43.25 -60.27
C GLY B 966 -1.62 -42.02 -59.69
N LEU B 967 -2.20 -40.87 -59.96
CA LEU B 967 -1.81 -39.56 -59.39
C LEU B 967 -3.11 -38.92 -58.89
N GLY B 968 -3.17 -38.54 -57.62
CA GLY B 968 -4.35 -37.95 -56.96
C GLY B 968 -4.04 -36.57 -56.44
N LEU B 969 -4.88 -35.60 -56.80
CA LEU B 969 -4.78 -34.19 -56.34
C LEU B 969 -5.96 -33.92 -55.42
N CYS B 970 -5.68 -33.31 -54.27
CA CYS B 970 -6.70 -32.77 -53.32
C CYS B 970 -6.34 -31.34 -52.95
N ILE B 971 -7.30 -30.43 -52.94
CA ILE B 971 -7.06 -29.05 -52.42
C ILE B 971 -8.08 -28.77 -51.32
N MET B 972 -7.76 -27.86 -50.41
CA MET B 972 -8.67 -27.48 -49.31
C MET B 972 -8.50 -26.02 -48.89
N GLU B 973 -9.59 -25.47 -48.37
CA GLU B 973 -9.60 -24.32 -47.43
C GLU B 973 -10.26 -24.77 -46.13
N TYR B 974 -9.44 -25.07 -45.12
CA TYR B 974 -9.88 -25.51 -43.76
C TYR B 974 -10.20 -24.27 -42.91
N GLN B 975 -11.34 -24.24 -42.23
CA GLN B 975 -11.75 -23.10 -41.37
C GLN B 975 -11.26 -23.36 -39.94
N ILE B 976 -10.49 -22.42 -39.38
CA ILE B 976 -10.03 -22.39 -37.96
C ILE B 976 -10.84 -21.32 -37.20
N GLY B 977 -11.55 -21.75 -36.16
CA GLY B 977 -12.30 -20.87 -35.24
C GLY B 977 -11.95 -21.18 -33.79
N TYR B 978 -12.30 -20.25 -32.89
CA TYR B 978 -11.97 -20.29 -31.46
C TYR B 978 -13.26 -20.50 -30.68
N PHE B 979 -13.11 -21.05 -29.47
CA PHE B 979 -14.25 -21.43 -28.59
C PHE B 979 -13.71 -21.59 -27.17
N GLY B 980 -14.51 -21.18 -26.18
CA GLY B 980 -14.24 -21.32 -24.74
C GLY B 980 -13.14 -20.39 -24.25
N GLN B 981 -12.62 -20.71 -23.05
CA GLN B 981 -11.63 -19.91 -22.29
C GLN B 981 -10.59 -20.91 -21.76
N TYR B 982 -9.34 -20.49 -21.72
CA TYR B 982 -8.17 -21.33 -21.35
C TYR B 982 -7.26 -20.52 -20.43
N PRO B 983 -7.11 -20.91 -19.15
CA PRO B 983 -6.25 -20.18 -18.21
C PRO B 983 -4.78 -20.66 -18.24
N ALA B 984 -3.91 -19.75 -17.80
CA ALA B 984 -2.49 -20.05 -17.58
C ALA B 984 -1.99 -19.25 -16.38
N THR B 985 -1.17 -19.92 -15.55
CA THR B 985 -0.46 -19.31 -14.42
C THR B 985 1.03 -19.37 -14.76
N VAL B 986 1.74 -18.25 -14.60
CA VAL B 986 3.19 -18.18 -14.81
C VAL B 986 3.85 -17.64 -13.55
N ALA B 987 4.95 -18.27 -13.11
CA ALA B 987 5.71 -17.85 -11.93
C ALA B 987 7.20 -17.82 -12.26
N ILE B 988 7.87 -16.77 -11.84
CA ILE B 988 9.36 -16.64 -11.86
C ILE B 988 9.90 -16.85 -10.44
N TYR B 989 10.89 -17.73 -10.28
CA TYR B 989 11.51 -18.03 -8.98
C TYR B 989 12.59 -16.97 -8.75
N HIS B 990 12.59 -16.35 -7.57
CA HIS B 990 13.60 -15.31 -7.21
C HIS B 990 14.97 -15.97 -7.10
N SER B 991 15.03 -17.27 -6.76
CA SER B 991 16.31 -17.96 -6.44
C SER B 991 17.25 -17.93 -7.66
N ASP B 992 16.74 -18.14 -8.88
CA ASP B 992 17.60 -18.33 -10.08
C ASP B 992 16.95 -17.80 -11.36
N GLY B 993 15.76 -17.21 -11.29
CA GLY B 993 15.05 -16.66 -12.47
C GLY B 993 14.42 -17.71 -13.37
N THR B 994 14.39 -18.98 -12.98
CA THR B 994 13.71 -20.03 -13.76
C THR B 994 12.20 -19.77 -13.65
N VAL B 995 11.46 -20.34 -14.59
CA VAL B 995 10.03 -20.03 -14.81
C VAL B 995 9.26 -21.34 -14.82
N VAL B 996 8.09 -21.34 -14.20
CA VAL B 996 7.16 -22.49 -14.29
C VAL B 996 5.82 -21.98 -14.86
N VAL B 997 5.13 -22.84 -15.58
CA VAL B 997 3.79 -22.59 -16.13
C VAL B 997 2.91 -23.79 -15.76
N SER B 998 1.72 -23.51 -15.25
CA SER B 998 0.61 -24.49 -15.11
C SER B 998 -0.63 -23.85 -15.70
N HIS B 999 -1.33 -24.56 -16.57
CA HIS B 999 -2.36 -24.02 -17.49
C HIS B 999 -3.48 -25.04 -17.73
N GLY B 1000 -4.54 -24.61 -18.42
CA GLY B 1000 -5.74 -25.40 -18.70
C GLY B 1000 -5.69 -26.13 -20.03
N GLY B 1001 -4.55 -26.06 -20.75
CA GLY B 1001 -4.32 -26.85 -21.96
C GLY B 1001 -3.89 -28.26 -21.63
N ILE B 1002 -4.16 -29.23 -22.49
CA ILE B 1002 -3.69 -30.63 -22.30
C ILE B 1002 -2.68 -30.97 -23.38
N GLU B 1003 -1.48 -31.37 -22.95
CA GLU B 1003 -0.44 -31.89 -23.84
C GLU B 1003 -0.76 -33.34 -24.18
N MET B 1004 -1.00 -33.61 -25.45
CA MET B 1004 -1.42 -34.94 -25.98
C MET B 1004 -0.45 -35.35 -27.08
N GLY B 1005 0.69 -34.66 -27.19
CA GLY B 1005 1.69 -34.91 -28.22
C GLY B 1005 1.79 -33.79 -29.25
N GLN B 1006 0.80 -32.91 -29.34
CA GLN B 1006 0.70 -31.88 -30.41
C GLN B 1006 1.75 -30.78 -30.23
N GLY B 1007 2.53 -30.79 -29.15
CA GLY B 1007 3.66 -29.85 -29.02
C GLY B 1007 3.22 -28.51 -28.45
N MET B 1008 2.12 -28.54 -27.68
CA MET B 1008 1.54 -27.34 -27.04
C MET B 1008 2.55 -26.77 -26.05
N ASN B 1009 3.17 -27.61 -25.25
CA ASN B 1009 4.17 -27.18 -24.23
C ASN B 1009 5.44 -26.69 -24.91
N THR B 1010 5.82 -27.28 -26.04
CA THR B 1010 6.99 -26.81 -26.82
C THR B 1010 6.75 -25.34 -27.22
N LYS B 1011 5.62 -25.05 -27.83
CA LYS B 1011 5.26 -23.70 -28.30
C LYS B 1011 5.12 -22.73 -27.12
N ILE B 1012 4.44 -23.15 -26.03
CA ILE B 1012 4.27 -22.31 -24.82
C ILE B 1012 5.66 -21.86 -24.33
N SER B 1013 6.61 -22.78 -24.24
CA SER B 1013 7.96 -22.48 -23.69
C SER B 1013 8.68 -21.47 -24.59
N GLN B 1014 8.53 -21.62 -25.91
CA GLN B 1014 9.15 -20.67 -26.86
C GLN B 1014 8.60 -19.27 -26.60
N VAL B 1015 7.27 -19.16 -26.43
CA VAL B 1015 6.54 -17.87 -26.31
C VAL B 1015 6.82 -17.24 -24.96
N ALA B 1016 6.76 -18.03 -23.87
CA ALA B 1016 7.09 -17.53 -22.51
C ALA B 1016 8.54 -17.04 -22.53
N ALA B 1017 9.44 -17.80 -23.15
CA ALA B 1017 10.87 -17.43 -23.17
C ALA B 1017 11.00 -16.12 -23.97
N HIS B 1018 10.43 -16.09 -25.16
CA HIS B 1018 10.47 -14.88 -26.02
C HIS B 1018 9.88 -13.66 -25.26
N THR B 1019 8.72 -13.79 -24.64
CA THR B 1019 8.02 -12.64 -24.02
C THR B 1019 8.87 -12.09 -22.86
N LEU B 1020 9.49 -12.96 -22.06
CA LEU B 1020 10.25 -12.56 -20.83
C LEU B 1020 11.70 -12.20 -21.21
N GLY B 1021 12.19 -12.66 -22.37
CA GLY B 1021 13.56 -12.40 -22.86
C GLY B 1021 14.58 -13.33 -22.20
N ILE B 1022 14.24 -14.60 -21.99
CA ILE B 1022 15.16 -15.59 -21.37
C ILE B 1022 15.23 -16.79 -22.30
N PRO B 1023 16.24 -17.67 -22.15
CA PRO B 1023 16.33 -18.88 -22.96
C PRO B 1023 15.16 -19.83 -22.65
N MET B 1024 14.73 -20.57 -23.67
CA MET B 1024 13.71 -21.65 -23.61
C MET B 1024 14.01 -22.64 -22.49
N GLU B 1025 15.28 -23.04 -22.36
CA GLU B 1025 15.77 -24.07 -21.41
C GLU B 1025 15.39 -23.70 -19.96
N GLN B 1026 15.08 -22.41 -19.69
CA GLN B 1026 14.81 -21.86 -18.34
C GLN B 1026 13.32 -22.00 -17.98
N VAL B 1027 12.49 -22.50 -18.91
CA VAL B 1027 11.02 -22.56 -18.73
C VAL B 1027 10.58 -24.02 -18.54
N ARG B 1028 9.89 -24.33 -17.44
CA ARG B 1028 9.26 -25.65 -17.26
C ARG B 1028 7.71 -25.52 -17.30
N ILE B 1029 7.03 -26.47 -17.94
CA ILE B 1029 5.54 -26.62 -17.85
C ILE B 1029 5.22 -27.74 -16.85
N GLU B 1030 4.41 -27.42 -15.85
CA GLU B 1030 3.95 -28.40 -14.84
C GLU B 1030 2.64 -29.02 -15.31
N ALA B 1031 2.12 -30.00 -14.56
CA ALA B 1031 0.91 -30.77 -14.89
C ALA B 1031 -0.28 -29.79 -14.98
N SER B 1032 -1.21 -30.05 -15.90
CA SER B 1032 -2.54 -29.38 -15.90
C SER B 1032 -3.38 -29.94 -14.74
N ASP B 1033 -4.05 -29.07 -14.00
CA ASP B 1033 -4.95 -29.47 -12.89
C ASP B 1033 -6.15 -28.53 -12.88
N THR B 1034 -7.10 -28.84 -12.00
CA THR B 1034 -8.39 -28.13 -11.84
C THR B 1034 -8.19 -26.96 -10.88
N ILE B 1035 -6.95 -26.57 -10.57
CA ILE B 1035 -6.73 -25.30 -9.81
C ILE B 1035 -6.32 -24.21 -10.80
N ASN B 1036 -5.10 -24.29 -11.33
CA ASN B 1036 -4.59 -23.32 -12.33
C ASN B 1036 -5.27 -23.55 -13.68
N GLY B 1037 -5.90 -24.71 -13.88
CA GLY B 1037 -6.68 -24.99 -15.11
C GLY B 1037 -8.18 -25.00 -14.84
N ALA B 1038 -8.63 -24.41 -13.72
CA ALA B 1038 -10.05 -24.40 -13.31
C ALA B 1038 -10.92 -23.89 -14.47
N ASN B 1039 -11.97 -24.63 -14.79
CA ASN B 1039 -13.07 -24.24 -15.73
C ASN B 1039 -12.65 -24.35 -17.21
N SER B 1040 -11.42 -24.74 -17.51
CA SER B 1040 -10.78 -24.63 -18.85
C SER B 1040 -11.54 -25.51 -19.86
N MET B 1041 -11.70 -25.01 -21.08
CA MET B 1041 -12.44 -25.72 -22.15
C MET B 1041 -11.61 -26.92 -22.61
N VAL B 1042 -12.26 -27.89 -23.24
CA VAL B 1042 -11.57 -29.03 -23.91
C VAL B 1042 -10.45 -28.50 -24.79
N THR B 1043 -9.30 -29.18 -24.77
CA THR B 1043 -8.24 -28.96 -25.79
C THR B 1043 -8.66 -29.69 -27.06
N GLY B 1044 -9.07 -28.90 -28.07
CA GLY B 1044 -9.39 -29.37 -29.43
C GLY B 1044 -9.56 -28.23 -30.42
N GLY B 1045 -10.01 -28.56 -31.64
CA GLY B 1045 -10.24 -27.64 -32.78
C GLY B 1045 -8.95 -27.08 -33.37
N ALA B 1046 -7.79 -27.73 -33.12
CA ALA B 1046 -6.42 -27.42 -33.61
C ALA B 1046 -5.89 -26.06 -33.08
N VAL B 1047 -6.68 -25.33 -32.28
CA VAL B 1047 -6.36 -23.95 -31.78
C VAL B 1047 -5.87 -23.99 -30.34
N GLY B 1048 -5.90 -25.17 -29.70
CA GLY B 1048 -5.43 -25.36 -28.32
C GLY B 1048 -4.09 -24.72 -28.09
N SER B 1049 -3.07 -25.10 -28.87
CA SER B 1049 -1.67 -24.64 -28.75
C SER B 1049 -1.61 -23.11 -28.82
N GLU B 1050 -2.23 -22.48 -29.81
CA GLU B 1050 -2.07 -21.02 -30.01
C GLU B 1050 -2.90 -20.26 -28.96
N THR B 1051 -4.05 -20.80 -28.54
CA THR B 1051 -4.88 -20.19 -27.48
C THR B 1051 -4.07 -20.13 -26.18
N LEU B 1052 -3.49 -21.24 -25.72
CA LEU B 1052 -2.65 -21.25 -24.50
C LEU B 1052 -1.44 -20.33 -24.72
N CYS B 1053 -0.89 -20.25 -25.94
CA CYS B 1053 0.28 -19.37 -26.18
C CYS B 1053 -0.14 -17.93 -25.90
N PHE B 1054 -1.36 -17.56 -26.28
CA PHE B 1054 -1.95 -16.23 -26.04
C PHE B 1054 -2.14 -15.99 -24.54
N ALA B 1055 -2.69 -16.95 -23.79
CA ALA B 1055 -2.86 -16.87 -22.31
C ALA B 1055 -1.52 -16.67 -21.61
N VAL B 1056 -0.51 -17.45 -22.01
CA VAL B 1056 0.84 -17.41 -21.39
C VAL B 1056 1.53 -16.08 -21.73
N ARG B 1057 1.49 -15.67 -23.00
CA ARG B 1057 2.11 -14.39 -23.42
C ARG B 1057 1.53 -13.26 -22.57
N LYS B 1058 0.21 -13.23 -22.40
CA LYS B 1058 -0.49 -12.20 -21.62
C LYS B 1058 -0.05 -12.23 -20.15
N ALA B 1059 0.02 -13.40 -19.52
CA ALA B 1059 0.56 -13.50 -18.15
C ALA B 1059 1.99 -12.95 -18.13
N CYS B 1060 2.81 -13.30 -19.12
CA CYS B 1060 4.24 -12.87 -19.17
C CYS B 1060 4.30 -11.35 -19.41
N GLU B 1061 3.33 -10.75 -20.12
CA GLU B 1061 3.30 -9.29 -20.34
C GLU B 1061 3.02 -8.57 -19.00
N THR B 1062 2.08 -9.10 -18.21
CA THR B 1062 1.85 -8.62 -16.83
C THR B 1062 3.16 -8.64 -16.05
N LEU B 1063 3.92 -9.72 -16.10
CA LEU B 1063 5.20 -9.83 -15.32
C LEU B 1063 6.19 -8.75 -15.80
N ASN B 1064 6.33 -8.57 -17.11
CA ASN B 1064 7.20 -7.50 -17.67
C ASN B 1064 6.74 -6.12 -17.17
N GLU B 1065 5.45 -5.80 -17.21
CA GLU B 1065 4.93 -4.48 -16.74
C GLU B 1065 5.40 -4.26 -15.28
N ARG B 1066 5.31 -5.31 -14.46
CA ARG B 1066 5.77 -5.25 -13.05
C ARG B 1066 7.29 -5.11 -12.97
N LEU B 1067 8.04 -5.77 -13.86
CA LEU B 1067 9.53 -5.70 -13.81
C LEU B 1067 10.07 -4.36 -14.34
N LYS B 1068 9.32 -3.68 -15.21
CA LYS B 1068 9.72 -2.42 -15.91
C LYS B 1068 10.26 -1.39 -14.92
N PRO B 1069 9.50 -0.94 -13.90
CA PRO B 1069 10.00 0.08 -12.98
C PRO B 1069 11.34 -0.31 -12.34
N VAL B 1070 11.49 -1.59 -11.98
CA VAL B 1070 12.71 -2.15 -11.33
C VAL B 1070 13.89 -2.10 -12.32
N ARG B 1071 13.66 -2.54 -13.56
CA ARG B 1071 14.67 -2.50 -14.64
C ARG B 1071 15.12 -1.05 -14.85
N GLU B 1072 14.20 -0.07 -14.92
CA GLU B 1072 14.61 1.35 -15.16
C GLU B 1072 15.37 1.88 -13.92
N GLU B 1073 15.02 1.46 -12.69
CA GLU B 1073 15.58 1.98 -11.40
C GLU B 1073 17.02 1.48 -11.17
N VAL B 1074 17.26 0.16 -11.27
CA VAL B 1074 18.53 -0.51 -10.84
C VAL B 1074 19.40 -0.86 -12.05
N LYS B 1075 18.88 -0.78 -13.27
CA LYS B 1075 19.62 -1.06 -14.53
C LYS B 1075 20.45 -2.34 -14.36
N PRO B 1076 19.80 -3.51 -14.27
CA PRO B 1076 20.49 -4.76 -13.91
C PRO B 1076 21.36 -5.31 -15.05
N GLU B 1077 22.46 -5.98 -14.68
CA GLU B 1077 23.47 -6.58 -15.60
C GLU B 1077 22.88 -7.86 -16.22
N ASN B 1078 21.94 -8.51 -15.53
CA ASN B 1078 21.39 -9.82 -15.99
C ASN B 1078 20.01 -10.06 -15.36
N TRP B 1079 19.28 -11.04 -15.91
CA TRP B 1079 17.90 -11.38 -15.49
C TRP B 1079 17.88 -11.79 -14.02
N GLN B 1080 18.84 -12.58 -13.55
CA GLN B 1080 18.83 -13.12 -12.16
C GLN B 1080 18.85 -11.94 -11.20
N ASP B 1081 19.64 -10.91 -11.52
CA ASP B 1081 19.82 -9.72 -10.66
C ASP B 1081 18.51 -8.92 -10.67
N LEU B 1082 17.86 -8.79 -11.82
CA LEU B 1082 16.55 -8.11 -11.93
C LEU B 1082 15.53 -8.82 -11.02
N ILE B 1083 15.48 -10.15 -11.10
CA ILE B 1083 14.41 -10.95 -10.42
C ILE B 1083 14.62 -10.81 -8.91
N GLN B 1084 15.87 -10.91 -8.46
CA GLN B 1084 16.20 -10.83 -7.02
C GLN B 1084 15.88 -9.42 -6.53
N GLU B 1085 16.13 -8.37 -7.33
CA GLU B 1085 15.78 -6.96 -6.99
C GLU B 1085 14.26 -6.80 -7.00
N ALA B 1086 13.56 -7.48 -7.91
CA ALA B 1086 12.08 -7.49 -7.90
C ALA B 1086 11.63 -8.12 -6.57
N TYR B 1087 12.23 -9.25 -6.18
CA TYR B 1087 11.87 -9.97 -4.93
C TYR B 1087 12.13 -9.09 -3.71
N ASN B 1088 13.25 -8.35 -3.70
CA ASN B 1088 13.62 -7.39 -2.63
C ASN B 1088 12.55 -6.31 -2.45
N ARG B 1089 11.91 -5.88 -3.55
CA ARG B 1089 10.85 -4.84 -3.50
C ARG B 1089 9.45 -5.49 -3.40
N LYS B 1090 9.36 -6.81 -3.24
CA LYS B 1090 8.05 -7.50 -3.07
C LYS B 1090 7.11 -7.29 -4.26
N ILE B 1091 7.69 -7.24 -5.45
CA ILE B 1091 6.98 -7.37 -6.75
C ILE B 1091 6.42 -8.79 -6.82
N ASN B 1092 5.15 -8.95 -7.20
CA ASN B 1092 4.55 -10.30 -7.33
C ASN B 1092 5.04 -10.92 -8.64
N LEU B 1093 5.78 -12.03 -8.57
CA LEU B 1093 6.36 -12.70 -9.75
C LEU B 1093 5.46 -13.88 -10.14
N ILE B 1094 4.22 -13.88 -9.66
CA ILE B 1094 3.18 -14.83 -10.15
C ILE B 1094 2.12 -14.02 -10.88
N ALA B 1095 1.78 -14.41 -12.11
CA ALA B 1095 0.65 -13.82 -12.87
C ALA B 1095 -0.24 -14.94 -13.40
N SER B 1096 -1.55 -14.74 -13.34
CA SER B 1096 -2.58 -15.66 -13.87
C SER B 1096 -3.43 -14.89 -14.89
N ASP B 1097 -3.67 -15.47 -16.05
CA ASP B 1097 -4.54 -14.83 -17.06
C ASP B 1097 -5.20 -15.93 -17.90
N GLN B 1098 -5.86 -15.52 -18.97
CA GLN B 1098 -6.58 -16.45 -19.87
C GLN B 1098 -6.59 -15.92 -21.30
N CYS B 1099 -6.96 -16.81 -22.20
CA CYS B 1099 -7.39 -16.50 -23.57
C CYS B 1099 -8.80 -17.05 -23.75
N LYS B 1100 -9.68 -16.21 -24.26
CA LYS B 1100 -11.11 -16.52 -24.52
C LYS B 1100 -11.40 -16.22 -25.99
N GLN B 1101 -12.41 -16.90 -26.51
CA GLN B 1101 -13.05 -16.67 -27.83
C GLN B 1101 -13.20 -15.17 -28.07
N GLY B 1102 -12.65 -14.68 -29.17
CA GLY B 1102 -12.77 -13.28 -29.58
C GLY B 1102 -11.47 -12.52 -29.36
N ASP B 1103 -10.53 -13.05 -28.57
CA ASP B 1103 -9.18 -12.44 -28.34
C ASP B 1103 -8.37 -12.47 -29.64
N MET B 1104 -8.51 -13.53 -30.42
CA MET B 1104 -7.85 -13.65 -31.75
C MET B 1104 -8.94 -13.80 -32.81
N ASP B 1105 -8.62 -13.35 -34.02
CA ASP B 1105 -9.54 -13.40 -35.18
C ASP B 1105 -9.42 -14.77 -35.85
N PRO B 1106 -10.55 -15.31 -36.38
CA PRO B 1106 -10.54 -16.57 -37.11
C PRO B 1106 -9.88 -16.38 -38.50
N TYR B 1107 -9.63 -17.47 -39.20
CA TYR B 1107 -8.89 -17.53 -40.48
C TYR B 1107 -9.06 -18.92 -41.07
N SER B 1108 -8.57 -19.08 -42.29
CA SER B 1108 -8.61 -20.35 -43.05
C SER B 1108 -7.18 -20.80 -43.31
N VAL B 1109 -7.02 -22.10 -43.56
CA VAL B 1109 -5.72 -22.73 -43.93
C VAL B 1109 -5.89 -23.38 -45.30
N CYS B 1110 -5.17 -22.89 -46.29
CA CYS B 1110 -5.15 -23.50 -47.64
C CYS B 1110 -4.04 -24.56 -47.70
N GLY B 1111 -4.35 -25.67 -48.36
CA GLY B 1111 -3.41 -26.79 -48.54
C GLY B 1111 -3.66 -27.53 -49.84
N LEU B 1112 -2.61 -28.12 -50.37
CA LEU B 1112 -2.71 -28.99 -51.56
C LEU B 1112 -1.89 -30.25 -51.29
N CYS B 1113 -2.35 -31.36 -51.83
CA CYS B 1113 -1.66 -32.65 -51.78
C CYS B 1113 -1.70 -33.31 -53.16
N LEU B 1114 -0.56 -33.86 -53.57
CA LEU B 1114 -0.45 -34.73 -54.78
C LEU B 1114 0.11 -36.07 -54.34
N THR B 1115 -0.56 -37.16 -54.68
CA THR B 1115 -0.17 -38.53 -54.27
C THR B 1115 -0.03 -39.40 -55.50
N GLU B 1116 1.09 -40.10 -55.58
CA GLU B 1116 1.39 -41.12 -56.61
C GLU B 1116 1.31 -42.49 -55.94
N VAL B 1117 0.56 -43.40 -56.52
CA VAL B 1117 0.47 -44.81 -56.07
C VAL B 1117 0.85 -45.71 -57.24
N GLU B 1118 1.23 -46.94 -56.93
CA GLU B 1118 1.26 -48.08 -57.88
C GLU B 1118 0.38 -49.19 -57.33
N LEU B 1119 -0.48 -49.76 -58.17
CA LEU B 1119 -1.51 -50.76 -57.83
C LEU B 1119 -1.18 -52.07 -58.53
N ASP B 1120 -1.03 -53.15 -57.77
CA ASP B 1120 -1.03 -54.52 -58.30
C ASP B 1120 -2.49 -54.91 -58.46
N VAL B 1121 -2.97 -55.01 -59.70
CA VAL B 1121 -4.41 -55.26 -59.99
C VAL B 1121 -4.80 -56.68 -59.55
N LEU B 1122 -3.89 -57.64 -59.52
CA LEU B 1122 -4.22 -59.07 -59.29
C LEU B 1122 -4.44 -59.34 -57.79
N THR B 1123 -3.78 -58.56 -56.92
CA THR B 1123 -3.83 -58.69 -55.42
C THR B 1123 -4.62 -57.55 -54.76
N GLY B 1124 -4.69 -56.35 -55.35
CA GLY B 1124 -5.30 -55.15 -54.75
C GLY B 1124 -4.31 -54.34 -53.92
N ASN B 1125 -3.12 -54.87 -53.70
CA ASN B 1125 -2.05 -54.22 -52.90
C ASN B 1125 -1.55 -53.01 -53.65
N TYR B 1126 -1.11 -51.98 -52.93
CA TYR B 1126 -0.52 -50.78 -53.56
C TYR B 1126 0.66 -50.32 -52.72
N ILE B 1127 1.51 -49.53 -53.36
CA ILE B 1127 2.58 -48.73 -52.72
C ILE B 1127 2.25 -47.27 -53.00
N VAL B 1128 1.96 -46.52 -51.95
CA VAL B 1128 1.95 -45.04 -51.98
C VAL B 1128 3.40 -44.59 -52.20
N GLY B 1129 3.63 -43.89 -53.32
CA GLY B 1129 4.96 -43.42 -53.73
C GLY B 1129 5.22 -42.02 -53.20
N ARG B 1130 5.51 -41.09 -54.11
CA ARG B 1130 5.81 -39.68 -53.76
C ARG B 1130 4.51 -39.00 -53.35
N VAL B 1131 4.54 -38.29 -52.22
CA VAL B 1131 3.43 -37.41 -51.78
C VAL B 1131 4.02 -36.01 -51.62
N ASP B 1132 3.38 -35.00 -52.22
CA ASP B 1132 3.72 -33.56 -52.06
C ASP B 1132 2.59 -32.91 -51.26
N ILE B 1133 2.94 -32.25 -50.16
CA ILE B 1133 1.95 -31.46 -49.34
C ILE B 1133 2.47 -30.02 -49.25
N LEU B 1134 1.64 -29.06 -49.63
CA LEU B 1134 1.88 -27.62 -49.40
C LEU B 1134 0.77 -27.10 -48.49
N GLU B 1135 1.17 -26.52 -47.35
CA GLU B 1135 0.21 -26.00 -46.36
C GLU B 1135 0.67 -24.61 -45.93
N ASP B 1136 -0.29 -23.68 -45.87
CA ASP B 1136 -0.11 -22.35 -45.25
C ASP B 1136 -0.15 -22.53 -43.73
N THR B 1137 1.00 -22.43 -43.08
CA THR B 1137 1.13 -22.42 -41.60
C THR B 1137 1.45 -21.00 -41.13
N GLY B 1138 1.31 -20.00 -41.98
CA GLY B 1138 1.80 -18.64 -41.69
C GLY B 1138 3.28 -18.66 -41.36
N GLU B 1139 3.70 -17.87 -40.38
CA GLU B 1139 5.01 -18.02 -39.71
C GLU B 1139 4.85 -19.05 -38.59
N SER B 1140 5.14 -20.31 -38.91
CA SER B 1140 5.19 -21.46 -37.95
C SER B 1140 5.80 -21.02 -36.61
N LEU B 1141 5.13 -21.29 -35.50
CA LEU B 1141 5.70 -21.02 -34.15
C LEU B 1141 6.87 -21.99 -33.96
N ASN B 1142 6.82 -23.15 -34.62
CA ASN B 1142 7.83 -24.24 -34.47
C ASN B 1142 7.68 -25.19 -35.66
N PRO B 1143 8.51 -25.02 -36.72
CA PRO B 1143 8.42 -25.85 -37.92
C PRO B 1143 8.59 -27.35 -37.66
N ASN B 1144 9.37 -27.73 -36.64
CA ASN B 1144 9.49 -29.15 -36.23
C ASN B 1144 8.14 -29.66 -35.73
N VAL B 1145 7.43 -28.87 -34.92
CA VAL B 1145 6.09 -29.24 -34.37
C VAL B 1145 5.12 -29.35 -35.53
N ASP B 1146 5.13 -28.33 -36.38
CA ASP B 1146 4.09 -28.11 -37.43
C ASP B 1146 4.26 -29.15 -38.52
N ILE B 1147 5.49 -29.46 -38.92
CA ILE B 1147 5.79 -30.58 -39.86
C ILE B 1147 5.26 -31.89 -39.28
N GLY B 1148 5.58 -32.21 -38.03
CA GLY B 1148 5.10 -33.42 -37.31
C GLY B 1148 3.59 -33.51 -37.30
N GLN B 1149 2.91 -32.40 -37.02
CA GLN B 1149 1.43 -32.30 -37.01
C GLN B 1149 0.89 -32.63 -38.41
N ILE B 1150 1.51 -32.11 -39.47
CA ILE B 1150 1.06 -32.33 -40.87
C ILE B 1150 1.33 -33.78 -41.24
N GLU B 1151 2.50 -34.33 -40.86
CA GLU B 1151 2.86 -35.73 -41.17
C GLU B 1151 1.89 -36.69 -40.47
N GLY B 1152 1.57 -36.41 -39.20
CA GLY B 1152 0.66 -37.25 -38.38
C GLY B 1152 -0.77 -37.18 -38.85
N ALA B 1153 -1.28 -35.97 -39.07
CA ALA B 1153 -2.65 -35.76 -39.56
C ALA B 1153 -2.79 -36.44 -40.92
N PHE B 1154 -1.86 -36.19 -41.83
CA PHE B 1154 -1.93 -36.79 -43.19
C PHE B 1154 -1.95 -38.33 -43.06
N MET B 1155 -1.07 -38.91 -42.25
CA MET B 1155 -0.98 -40.38 -42.18
C MET B 1155 -2.24 -40.94 -41.53
N MET B 1156 -2.86 -40.25 -40.58
CA MET B 1156 -4.09 -40.73 -39.94
C MET B 1156 -5.20 -40.77 -41.02
N GLY B 1157 -5.20 -39.77 -41.90
CA GLY B 1157 -6.08 -39.75 -43.08
C GLY B 1157 -5.77 -40.92 -44.00
N LEU B 1158 -4.48 -41.16 -44.30
CA LEU B 1158 -4.03 -42.24 -45.23
C LEU B 1158 -4.57 -43.58 -44.73
N GLY B 1159 -4.53 -43.80 -43.43
CA GLY B 1159 -5.10 -44.98 -42.79
C GLY B 1159 -6.59 -45.08 -43.04
N TYR B 1160 -7.31 -43.98 -42.85
CA TYR B 1160 -8.77 -43.89 -43.11
C TYR B 1160 -9.07 -44.38 -44.53
N TRP B 1161 -8.20 -44.08 -45.51
CA TRP B 1161 -8.47 -44.34 -46.95
C TRP B 1161 -7.81 -45.63 -47.46
N THR B 1162 -7.02 -46.32 -46.64
CA THR B 1162 -6.23 -47.50 -47.07
C THR B 1162 -6.69 -48.76 -46.31
N SER B 1163 -6.24 -48.99 -45.07
CA SER B 1163 -6.26 -50.30 -44.38
C SER B 1163 -7.30 -50.34 -43.25
N GLU B 1164 -7.72 -49.19 -42.74
CA GLU B 1164 -8.56 -49.13 -41.51
C GLU B 1164 -10.01 -49.45 -41.88
N GLN B 1165 -10.63 -50.32 -41.08
CA GLN B 1165 -11.96 -50.85 -41.42
C GLN B 1165 -12.65 -51.30 -40.14
N VAL B 1166 -13.86 -50.80 -39.91
CA VAL B 1166 -14.72 -51.22 -38.77
C VAL B 1166 -15.86 -52.04 -39.35
N ILE B 1167 -16.11 -53.22 -38.79
CA ILE B 1167 -17.21 -54.13 -39.20
C ILE B 1167 -18.06 -54.44 -37.97
N ALA B 1168 -19.36 -54.11 -38.02
CA ALA B 1168 -20.35 -54.50 -36.99
C ALA B 1168 -21.00 -55.84 -37.38
N ASP B 1169 -21.12 -56.79 -36.46
CA ASP B 1169 -21.90 -58.04 -36.71
C ASP B 1169 -23.34 -57.64 -37.06
N PRO B 1170 -23.82 -57.95 -38.28
CA PRO B 1170 -25.15 -57.54 -38.73
C PRO B 1170 -26.32 -58.11 -37.91
N LYS B 1171 -26.12 -59.18 -37.15
CA LYS B 1171 -27.22 -59.81 -36.39
C LYS B 1171 -27.12 -59.44 -34.90
N THR B 1172 -25.91 -59.28 -34.31
CA THR B 1172 -25.77 -59.01 -32.85
C THR B 1172 -25.50 -57.52 -32.58
N GLY B 1173 -24.87 -56.82 -33.53
CA GLY B 1173 -24.49 -55.41 -33.40
C GLY B 1173 -23.11 -55.29 -32.77
N GLU B 1174 -22.48 -56.41 -32.42
CA GLU B 1174 -21.09 -56.44 -31.90
C GLU B 1174 -20.12 -55.82 -32.94
N CYS B 1175 -19.28 -54.89 -32.51
CA CYS B 1175 -18.11 -54.42 -33.26
C CYS B 1175 -17.03 -55.51 -33.26
N LEU B 1176 -16.91 -56.23 -34.38
CA LEU B 1176 -16.05 -57.42 -34.58
C LEU B 1176 -14.59 -57.03 -34.81
N THR B 1177 -14.33 -55.79 -35.19
CA THR B 1177 -12.96 -55.27 -35.42
C THR B 1177 -12.55 -54.53 -34.14
N ASN B 1178 -12.14 -55.27 -33.12
CA ASN B 1178 -12.04 -54.74 -31.73
C ASN B 1178 -10.65 -55.00 -31.14
N ARG B 1179 -9.67 -55.44 -31.94
CA ARG B 1179 -8.28 -55.73 -31.47
C ARG B 1179 -7.29 -55.27 -32.54
N THR B 1180 -5.99 -55.37 -32.28
CA THR B 1180 -4.94 -55.06 -33.28
C THR B 1180 -4.96 -56.17 -34.34
N TRP B 1181 -5.42 -57.38 -33.97
CA TRP B 1181 -5.58 -58.53 -34.91
C TRP B 1181 -6.55 -58.18 -36.04
N THR B 1182 -7.58 -57.38 -35.75
CA THR B 1182 -8.68 -57.11 -36.70
C THR B 1182 -8.85 -55.61 -36.94
N TYR B 1183 -7.87 -54.76 -36.57
CA TYR B 1183 -7.91 -53.30 -36.91
C TYR B 1183 -6.49 -52.81 -37.23
N LYS B 1184 -6.30 -52.22 -38.41
CA LYS B 1184 -4.97 -52.10 -39.06
C LYS B 1184 -4.70 -50.66 -39.53
N PRO B 1185 -4.25 -49.77 -38.62
CA PRO B 1185 -3.75 -48.46 -39.01
C PRO B 1185 -2.39 -48.53 -39.69
N PRO B 1186 -1.94 -47.40 -40.29
CA PRO B 1186 -0.66 -47.38 -41.01
C PRO B 1186 0.50 -47.80 -40.12
N GLY B 1187 1.41 -48.60 -40.69
CA GLY B 1187 2.70 -48.97 -40.10
C GLY B 1187 3.82 -48.21 -40.79
N ALA B 1188 5.05 -48.43 -40.33
CA ALA B 1188 6.25 -47.73 -40.80
C ALA B 1188 6.41 -47.89 -42.32
N LYS B 1189 5.92 -48.99 -42.94
CA LYS B 1189 6.12 -49.24 -44.39
C LYS B 1189 4.83 -48.99 -45.21
N ASP B 1190 3.80 -48.41 -44.60
CA ASP B 1190 2.54 -47.99 -45.27
C ASP B 1190 2.64 -46.50 -45.66
N ILE B 1191 3.67 -45.80 -45.18
CA ILE B 1191 3.80 -44.33 -45.38
C ILE B 1191 4.28 -44.07 -46.81
N PRO B 1192 4.09 -42.85 -47.33
CA PRO B 1192 4.69 -42.48 -48.61
C PRO B 1192 6.18 -42.85 -48.63
N THR B 1193 6.63 -43.34 -49.77
CA THR B 1193 8.05 -43.72 -50.05
C THR B 1193 8.90 -42.44 -50.16
N ASP B 1194 8.31 -41.32 -50.56
CA ASP B 1194 9.01 -40.02 -50.78
C ASP B 1194 8.03 -38.92 -50.35
N LEU B 1195 8.14 -38.48 -49.09
CA LEU B 1195 7.14 -37.59 -48.45
C LEU B 1195 7.73 -36.18 -48.38
N ARG B 1196 7.20 -35.24 -49.15
CA ARG B 1196 7.78 -33.88 -49.24
C ARG B 1196 6.77 -32.88 -48.70
N ILE B 1197 7.14 -32.17 -47.64
CA ILE B 1197 6.26 -31.17 -46.99
C ILE B 1197 6.92 -29.81 -47.17
N GLU B 1198 6.13 -28.88 -47.65
CA GLU B 1198 6.51 -27.45 -47.70
C GLU B 1198 5.51 -26.65 -46.87
N LEU B 1199 6.04 -25.81 -45.97
CA LEU B 1199 5.27 -24.73 -45.30
C LEU B 1199 5.32 -23.48 -46.21
N LEU B 1200 4.16 -23.00 -46.64
CA LEU B 1200 4.09 -21.89 -47.63
C LEU B 1200 4.88 -20.68 -47.09
N PRO B 1201 5.85 -20.16 -47.86
CA PRO B 1201 6.61 -18.99 -47.43
C PRO B 1201 5.91 -17.63 -47.69
N LYS B 1202 6.46 -16.55 -47.12
CA LYS B 1202 6.01 -15.13 -47.29
C LYS B 1202 4.51 -15.01 -47.02
N SER B 1203 3.97 -15.72 -46.03
CA SER B 1203 2.50 -15.83 -45.87
C SER B 1203 2.09 -15.62 -44.41
N PRO B 1204 2.46 -14.49 -43.80
CA PRO B 1204 2.10 -14.25 -42.41
C PRO B 1204 0.58 -14.14 -42.25
N ASN B 1205 0.05 -14.73 -41.19
CA ASN B 1205 -1.38 -14.65 -40.82
C ASN B 1205 -1.63 -13.23 -40.32
N LYS B 1206 -2.69 -12.56 -40.81
CA LYS B 1206 -3.17 -11.26 -40.30
C LYS B 1206 -4.03 -11.50 -39.04
N ALA B 1207 -4.57 -12.71 -38.91
CA ALA B 1207 -5.39 -13.14 -37.78
C ALA B 1207 -4.59 -14.13 -36.93
N GLY B 1208 -5.24 -14.82 -36.01
CA GLY B 1208 -4.61 -15.82 -35.13
C GLY B 1208 -3.58 -15.19 -34.24
N PHE B 1209 -2.46 -15.87 -34.08
CA PHE B 1209 -1.44 -15.62 -33.04
C PHE B 1209 -0.03 -15.51 -33.66
N MET B 1210 0.63 -14.38 -33.45
CA MET B 1210 2.03 -14.13 -33.91
C MET B 1210 2.18 -14.61 -35.37
N ARG B 1211 1.25 -14.25 -36.25
CA ARG B 1211 1.33 -14.48 -37.72
CA ARG B 1211 1.35 -14.48 -37.72
C ARG B 1211 1.32 -15.97 -38.06
N SER B 1212 1.03 -16.85 -37.08
CA SER B 1212 1.08 -18.34 -37.25
C SER B 1212 -0.30 -18.89 -37.60
N LYS B 1213 -0.36 -20.12 -38.09
CA LYS B 1213 -1.64 -20.86 -38.39
C LYS B 1213 -1.57 -22.28 -37.82
N ALA B 1214 -2.71 -22.77 -37.33
CA ALA B 1214 -2.83 -24.08 -36.69
C ALA B 1214 -2.54 -25.16 -37.74
N THR B 1215 -1.94 -26.27 -37.32
CA THR B 1215 -1.57 -27.43 -38.16
C THR B 1215 -2.13 -28.76 -37.64
N GLY B 1216 -2.72 -28.81 -36.44
CA GLY B 1216 -3.08 -30.08 -35.77
C GLY B 1216 -4.04 -30.95 -36.57
N GLU B 1217 -4.94 -30.33 -37.35
CA GLU B 1217 -6.10 -30.98 -38.03
C GLU B 1217 -6.10 -30.86 -39.56
N PRO B 1218 -5.85 -29.70 -40.23
CA PRO B 1218 -6.16 -29.57 -41.67
C PRO B 1218 -5.70 -30.69 -42.62
N ALA B 1219 -4.44 -31.13 -42.52
CA ALA B 1219 -3.81 -32.05 -43.51
C ALA B 1219 -4.54 -33.40 -43.58
N ILE B 1220 -5.38 -33.74 -42.60
CA ILE B 1220 -6.05 -35.07 -42.65
C ILE B 1220 -7.10 -35.04 -43.77
N CYS B 1221 -7.64 -33.85 -44.05
CA CYS B 1221 -8.60 -33.61 -45.15
C CYS B 1221 -7.95 -33.86 -46.52
N LEU B 1222 -6.62 -33.71 -46.64
CA LEU B 1222 -5.85 -33.89 -47.93
C LEU B 1222 -5.61 -35.38 -48.25
N SER B 1223 -5.80 -36.27 -47.28
CA SER B 1223 -5.45 -37.70 -47.39
C SER B 1223 -6.27 -38.38 -48.49
N ILE B 1224 -7.47 -37.89 -48.80
CA ILE B 1224 -8.35 -38.45 -49.87
C ILE B 1224 -7.60 -38.45 -51.22
N ALA B 1225 -6.60 -37.59 -51.41
CA ALA B 1225 -5.69 -37.65 -52.59
C ALA B 1225 -5.24 -39.09 -52.85
N VAL B 1226 -4.97 -39.90 -51.82
CA VAL B 1226 -4.51 -41.30 -52.00
C VAL B 1226 -5.64 -42.08 -52.69
N ALA B 1227 -6.89 -41.89 -52.28
CA ALA B 1227 -8.07 -42.58 -52.85
C ALA B 1227 -8.28 -42.11 -54.30
N PHE B 1228 -8.07 -40.83 -54.58
CA PHE B 1228 -8.17 -40.30 -55.97
C PHE B 1228 -7.12 -40.99 -56.85
N ALA B 1229 -5.92 -41.22 -56.33
CA ALA B 1229 -4.79 -41.86 -57.05
C ALA B 1229 -5.14 -43.32 -57.31
N LEU B 1230 -5.68 -44.03 -56.30
CA LEU B 1230 -6.14 -45.42 -56.47
C LEU B 1230 -7.30 -45.47 -57.49
N GLN B 1231 -8.15 -44.45 -57.51
CA GLN B 1231 -9.32 -44.36 -58.43
C GLN B 1231 -8.82 -44.32 -59.89
N GLN B 1232 -7.72 -43.59 -60.18
CA GLN B 1232 -7.13 -43.51 -61.54
C GLN B 1232 -6.57 -44.88 -61.93
N ALA B 1233 -5.74 -45.49 -61.08
CA ALA B 1233 -5.21 -46.84 -61.35
C ALA B 1233 -6.38 -47.78 -61.66
N LEU B 1234 -7.39 -47.81 -60.78
CA LEU B 1234 -8.52 -48.78 -60.82
C LEU B 1234 -9.28 -48.62 -62.15
N GLN B 1235 -9.48 -47.37 -62.60
CA GLN B 1235 -10.26 -47.07 -63.82
C GLN B 1235 -9.51 -47.60 -65.05
N SER B 1236 -8.17 -47.57 -65.02
CA SER B 1236 -7.30 -48.10 -66.10
C SER B 1236 -7.48 -49.62 -66.20
N ALA B 1237 -7.52 -50.32 -65.07
CA ALA B 1237 -7.76 -51.78 -65.01
C ALA B 1237 -9.17 -52.08 -65.55
N ARG B 1238 -10.15 -51.24 -65.22
CA ARG B 1238 -11.56 -51.43 -65.65
C ARG B 1238 -11.65 -51.32 -67.17
N ASP B 1239 -10.91 -50.37 -67.78
CA ASP B 1239 -10.89 -50.17 -69.26
C ASP B 1239 -10.25 -51.40 -69.92
N ASP B 1240 -9.05 -51.78 -69.50
CA ASP B 1240 -8.37 -53.01 -70.00
C ASP B 1240 -9.29 -54.24 -69.91
N ALA B 1241 -10.07 -54.39 -68.83
CA ALA B 1241 -10.92 -55.58 -68.61
C ALA B 1241 -12.16 -55.53 -69.51
N GLY B 1242 -12.42 -54.38 -70.15
CA GLY B 1242 -13.60 -54.18 -71.01
C GLY B 1242 -14.87 -53.93 -70.22
N VAL B 1243 -14.76 -53.41 -69.00
CA VAL B 1243 -15.91 -52.91 -68.20
C VAL B 1243 -16.44 -51.64 -68.86
N PRO B 1244 -17.76 -51.53 -69.12
CA PRO B 1244 -18.30 -50.27 -69.65
C PRO B 1244 -17.92 -49.14 -68.69
N LYS B 1245 -17.49 -48.01 -69.24
CA LYS B 1245 -16.99 -46.82 -68.51
C LYS B 1245 -18.07 -46.42 -67.50
N SER B 1246 -17.82 -46.61 -66.20
CA SER B 1246 -18.66 -46.02 -65.12
C SER B 1246 -17.81 -45.70 -63.88
N TRP B 1247 -18.26 -44.68 -63.15
CA TRP B 1247 -17.63 -44.22 -61.89
C TRP B 1247 -17.89 -45.26 -60.79
N VAL B 1248 -16.84 -45.64 -60.05
CA VAL B 1248 -16.94 -46.49 -58.84
C VAL B 1248 -17.07 -45.55 -57.64
N THR B 1249 -18.11 -45.73 -56.82
CA THR B 1249 -18.28 -45.03 -55.51
C THR B 1249 -16.93 -45.04 -54.76
N LEU B 1250 -16.41 -43.86 -54.44
CA LEU B 1250 -15.19 -43.74 -53.59
C LEU B 1250 -15.54 -44.24 -52.17
N THR B 1251 -14.72 -45.13 -51.60
CA THR B 1251 -14.92 -45.65 -50.23
C THR B 1251 -13.67 -45.38 -49.37
N ALA B 1252 -13.87 -44.84 -48.15
CA ALA B 1252 -12.93 -44.96 -47.02
C ALA B 1252 -13.35 -46.21 -46.25
N PRO B 1253 -12.57 -47.31 -46.28
CA PRO B 1253 -11.26 -47.36 -46.95
C PRO B 1253 -11.20 -47.92 -48.39
N MET B 1254 -10.13 -47.61 -49.14
CA MET B 1254 -9.79 -48.24 -50.44
C MET B 1254 -8.87 -49.44 -50.19
N THR B 1255 -9.42 -50.50 -49.62
CA THR B 1255 -8.68 -51.74 -49.30
C THR B 1255 -8.34 -52.50 -50.58
N PRO B 1256 -7.26 -53.32 -50.56
CA PRO B 1256 -7.02 -54.33 -51.62
C PRO B 1256 -8.29 -55.09 -52.00
N GLU B 1257 -9.11 -55.46 -51.01
CA GLU B 1257 -10.42 -56.13 -51.23
C GLU B 1257 -11.31 -55.30 -52.17
N HIS B 1258 -11.59 -54.05 -51.80
CA HIS B 1258 -12.41 -53.09 -52.58
C HIS B 1258 -11.87 -52.93 -54.03
N LEU B 1259 -10.57 -52.80 -54.21
CA LEU B 1259 -9.97 -52.50 -55.53
C LEU B 1259 -10.16 -53.72 -56.45
N VAL B 1260 -9.85 -54.93 -55.99
CA VAL B 1260 -9.98 -56.18 -56.78
C VAL B 1260 -11.47 -56.45 -57.07
N LEU B 1261 -12.39 -56.09 -56.16
CA LEU B 1261 -13.85 -56.35 -56.37
C LEU B 1261 -14.42 -55.47 -57.49
N HIS B 1262 -13.74 -54.39 -57.90
CA HIS B 1262 -14.25 -53.40 -58.89
C HIS B 1262 -13.29 -53.27 -60.08
N SER B 1263 -12.28 -54.13 -60.16
CA SER B 1263 -11.22 -54.13 -61.20
C SER B 1263 -11.72 -54.81 -62.48
N GLY B 1264 -12.87 -55.50 -62.40
CA GLY B 1264 -13.48 -56.22 -63.53
C GLY B 1264 -12.65 -57.42 -63.95
N THR B 1265 -11.67 -57.82 -63.14
CA THR B 1265 -10.79 -58.96 -63.46
C THR B 1265 -11.68 -60.21 -63.51
N GLU B 1266 -11.49 -61.00 -64.56
CA GLU B 1266 -12.14 -62.33 -64.74
C GLU B 1266 -11.02 -63.29 -65.11
N PRO B 1267 -10.95 -64.49 -64.50
CA PRO B 1267 -10.07 -65.56 -65.00
C PRO B 1267 -10.21 -65.96 -66.48
N SER B 1268 -10.49 -65.00 -67.38
CA SER B 1268 -10.56 -65.14 -68.86
C SER B 1268 -9.14 -65.30 -69.44
N PHE B 1270 -7.46 -64.59 -67.72
CA PHE B 1270 -5.98 -64.49 -67.66
C PHE B 1270 -5.36 -65.14 -68.90
N LYS B 1271 -4.34 -64.48 -69.46
CA LYS B 1271 -3.60 -64.95 -70.66
C LYS B 1271 -2.11 -64.72 -70.40
N LEU B 1272 -1.24 -65.48 -71.06
CA LEU B 1272 0.23 -65.27 -71.01
C LEU B 1272 0.72 -64.48 -72.23
N ASN B 1273 -0.02 -64.51 -73.35
CA ASN B 1273 0.43 -63.94 -74.65
C ASN B 1273 -0.63 -63.00 -75.23
N ALA C 2 -5.05 67.61 -8.21
CA ALA C 2 -6.28 67.30 -7.39
C ALA C 2 -7.38 66.70 -8.27
N GLY C 3 -7.12 65.52 -8.84
CA GLY C 3 -8.08 64.78 -9.67
C GLY C 3 -9.10 64.02 -8.83
N ARG C 4 -10.23 63.66 -9.44
CA ARG C 4 -11.27 62.81 -8.85
C ARG C 4 -11.57 61.67 -9.85
N ILE C 5 -11.70 60.46 -9.35
CA ILE C 5 -12.16 59.29 -10.16
C ILE C 5 -13.08 58.47 -9.27
N THR C 6 -14.13 57.90 -9.84
CA THR C 6 -15.15 57.09 -9.13
C THR C 6 -14.95 55.62 -9.52
N ILE C 7 -14.76 54.76 -8.53
CA ILE C 7 -14.57 53.29 -8.70
C ILE C 7 -15.65 52.57 -7.88
N ASN C 8 -16.53 51.83 -8.55
CA ASN C 8 -17.57 50.99 -7.91
C ASN C 8 -18.43 51.86 -6.99
N GLY C 9 -18.83 53.05 -7.46
CA GLY C 9 -19.81 53.92 -6.80
C GLY C 9 -19.17 54.86 -5.78
N THR C 10 -17.88 54.71 -5.52
CA THR C 10 -17.13 55.42 -4.45
C THR C 10 -16.13 56.37 -5.12
N SER C 11 -16.18 57.67 -4.83
CA SER C 11 -15.25 58.68 -5.41
C SER C 11 -13.93 58.70 -4.62
N HIS C 12 -12.80 58.69 -5.33
CA HIS C 12 -11.43 58.83 -4.75
C HIS C 12 -10.91 60.21 -5.15
N GLU C 13 -10.18 60.88 -4.26
CA GLU C 13 -9.51 62.18 -4.51
C GLU C 13 -8.05 61.84 -4.79
N VAL C 14 -7.55 62.18 -5.97
CA VAL C 14 -6.26 61.67 -6.56
C VAL C 14 -5.21 62.80 -6.51
N ASN C 15 -4.20 62.69 -5.65
CA ASN C 15 -3.10 63.69 -5.62
C ASN C 15 -2.16 63.42 -6.80
N LEU C 16 -2.40 64.09 -7.93
CA LEU C 16 -1.71 63.84 -9.21
C LEU C 16 -0.20 64.03 -9.07
N SER C 17 0.24 65.08 -8.38
CA SER C 17 1.67 65.46 -8.22
C SER C 17 2.45 64.30 -7.59
N ALA C 18 1.84 63.57 -6.67
CA ALA C 18 2.45 62.44 -5.94
C ALA C 18 2.42 61.14 -6.76
N LEU C 19 1.79 61.11 -7.94
CA LEU C 19 1.72 59.88 -8.78
C LEU C 19 2.62 60.02 -10.00
N PRO C 20 3.10 58.91 -10.59
CA PRO C 20 3.78 58.99 -11.89
C PRO C 20 2.82 59.53 -12.95
N ALA C 21 3.38 60.28 -13.90
CA ALA C 21 2.63 60.94 -15.00
C ALA C 21 1.95 59.88 -15.86
N ASP C 22 2.60 58.72 -16.05
CA ASP C 22 2.21 57.64 -16.97
C ASP C 22 1.57 56.47 -16.20
N ILE C 23 1.06 56.70 -14.98
CA ILE C 23 0.44 55.63 -14.15
C ILE C 23 -0.81 55.09 -14.85
N SER C 24 -0.90 53.77 -14.99
CA SER C 24 -2.07 53.11 -15.61
C SER C 24 -3.25 53.10 -14.63
N LEU C 25 -4.46 53.05 -15.17
CA LEU C 25 -5.72 52.75 -14.47
C LEU C 25 -5.52 51.43 -13.68
N ASN C 26 -4.94 50.39 -14.31
CA ASN C 26 -4.71 49.07 -13.67
C ASN C 26 -3.93 49.28 -12.37
N THR C 27 -2.77 49.93 -12.45
CA THR C 27 -1.92 50.22 -11.28
C THR C 27 -2.75 50.98 -10.24
N PHE C 28 -3.52 52.00 -10.64
CA PHE C 28 -4.30 52.80 -9.66
C PHE C 28 -5.28 51.88 -8.93
N ILE C 29 -6.02 51.08 -9.69
CA ILE C 29 -7.06 50.15 -9.17
C ILE C 29 -6.44 49.15 -8.17
N ARG C 30 -5.34 48.50 -8.53
CA ARG C 30 -4.71 47.46 -7.66
C ARG C 30 -3.98 48.09 -6.45
N GLU C 31 -3.18 49.13 -6.66
CA GLU C 31 -2.22 49.60 -5.63
C GLU C 31 -2.82 50.71 -4.77
N TYR C 32 -3.74 51.54 -5.28
CA TYR C 32 -4.27 52.71 -4.53
C TYR C 32 -5.68 52.41 -4.06
N ALA C 33 -6.57 51.88 -4.90
CA ALA C 33 -7.96 51.54 -4.51
C ALA C 33 -8.00 50.17 -3.80
N GLY C 34 -6.92 49.39 -3.88
CA GLY C 34 -6.76 48.11 -3.15
C GLY C 34 -7.65 47.00 -3.69
N LEU C 35 -8.11 47.10 -4.93
CA LEU C 35 -9.08 46.14 -5.52
C LEU C 35 -8.32 45.22 -6.48
N THR C 36 -8.01 44.00 -6.04
CA THR C 36 -7.07 43.10 -6.76
C THR C 36 -7.80 42.15 -7.71
N GLY C 37 -9.12 42.25 -7.86
CA GLY C 37 -9.91 41.47 -8.84
C GLY C 37 -9.40 41.71 -10.26
N THR C 38 -9.14 42.96 -10.60
CA THR C 38 -8.60 43.35 -11.92
C THR C 38 -7.12 42.94 -11.96
N LYS C 39 -6.79 41.95 -12.79
CA LYS C 39 -5.43 41.34 -12.89
C LYS C 39 -4.62 42.05 -13.97
N PHE C 40 -3.37 41.65 -14.16
CA PHE C 40 -2.59 41.96 -15.39
C PHE C 40 -1.69 40.77 -15.70
N MET C 41 -1.24 40.72 -16.95
CA MET C 41 -0.30 39.70 -17.46
C MET C 41 0.55 40.31 -18.58
N CYS C 42 -0.03 40.53 -19.76
CA CYS C 42 0.70 40.96 -20.99
C CYS C 42 1.03 42.45 -20.92
N GLN C 43 0.12 43.25 -20.39
CA GLN C 43 0.25 44.73 -20.19
C GLN C 43 0.36 45.45 -21.54
N GLU C 44 -0.26 44.90 -22.57
CA GLU C 44 -0.15 45.40 -23.96
C GLU C 44 -1.48 45.19 -24.68
N GLY C 45 -2.59 44.98 -23.96
CA GLY C 45 -3.93 45.01 -24.55
C GLY C 45 -4.33 43.71 -25.25
N GLY C 46 -3.47 42.69 -25.22
CA GLY C 46 -3.66 41.45 -25.99
C GLY C 46 -4.43 40.33 -25.27
N CYS C 47 -4.47 40.27 -23.93
CA CYS C 47 -4.91 39.06 -23.15
C CYS C 47 -6.25 39.26 -22.43
N GLY C 48 -6.51 40.47 -21.93
CA GLY C 48 -7.84 40.88 -21.45
C GLY C 48 -8.06 40.66 -19.95
N VAL C 49 -7.10 40.11 -19.20
CA VAL C 49 -7.29 39.83 -17.74
C VAL C 49 -7.49 41.15 -16.97
N CYS C 50 -7.08 42.30 -17.53
CA CYS C 50 -7.09 43.66 -16.90
C CYS C 50 -8.36 44.46 -17.28
N VAL C 51 -9.28 43.82 -18.00
CA VAL C 51 -10.49 44.53 -18.52
C VAL C 51 -11.37 44.97 -17.35
N CYS C 52 -11.80 46.24 -17.42
CA CYS C 52 -12.86 46.86 -16.60
C CYS C 52 -13.71 47.74 -17.52
N THR C 53 -14.72 48.41 -16.97
CA THR C 53 -15.56 49.37 -17.73
C THR C 53 -15.29 50.79 -17.25
N LEU C 54 -15.43 51.72 -18.19
CA LEU C 54 -15.55 53.17 -17.93
C LEU C 54 -17.00 53.58 -18.21
N THR C 55 -17.50 54.54 -17.44
CA THR C 55 -18.84 55.13 -17.61
C THR C 55 -18.70 56.65 -17.58
N GLY C 56 -19.34 57.32 -18.53
CA GLY C 56 -19.16 58.75 -18.79
C GLY C 56 -20.34 59.31 -19.54
N ILE C 57 -20.55 60.62 -19.46
CA ILE C 57 -21.59 61.36 -20.24
C ILE C 57 -21.04 61.45 -21.66
N HIS C 58 -21.82 61.03 -22.66
CA HIS C 58 -21.57 61.38 -24.07
C HIS C 58 -22.23 62.73 -24.36
N PRO C 59 -21.43 63.80 -24.46
CA PRO C 59 -21.88 65.19 -24.74
C PRO C 59 -22.80 65.18 -25.96
N GLU C 60 -22.44 64.39 -26.98
CA GLU C 60 -23.27 64.07 -28.18
C GLU C 60 -24.74 63.92 -27.76
N THR C 61 -25.06 62.96 -26.87
CA THR C 61 -26.45 62.63 -26.46
C THR C 61 -26.79 63.32 -25.13
N GLY C 62 -25.93 63.23 -24.11
CA GLY C 62 -26.20 63.65 -22.72
C GLY C 62 -26.59 62.48 -21.83
N GLU C 63 -26.80 61.28 -22.41
CA GLU C 63 -27.07 59.99 -21.71
C GLU C 63 -25.75 59.28 -21.35
N LEU C 64 -25.82 58.37 -20.38
CA LEU C 64 -24.67 57.58 -19.86
C LEU C 64 -24.23 56.55 -20.91
N ARG C 65 -22.92 56.43 -21.10
CA ARG C 65 -22.28 55.39 -21.94
C ARG C 65 -21.37 54.55 -21.05
N THR C 66 -21.40 53.23 -21.20
CA THR C 66 -20.45 52.30 -20.53
C THR C 66 -19.73 51.48 -21.59
N TRP C 67 -18.41 51.36 -21.46
CA TRP C 67 -17.58 50.56 -22.39
C TRP C 67 -16.39 49.91 -21.68
N ALA C 68 -15.97 48.75 -22.18
CA ALA C 68 -14.79 48.00 -21.73
C ALA C 68 -13.50 48.68 -22.19
N VAL C 69 -12.48 48.73 -21.32
CA VAL C 69 -11.10 49.16 -21.65
C VAL C 69 -10.11 48.16 -21.05
N ASN C 70 -8.90 48.12 -21.58
CA ASN C 70 -7.74 47.43 -20.98
C ASN C 70 -7.14 48.40 -19.95
N SER C 71 -7.22 48.05 -18.67
CA SER C 71 -6.79 48.94 -17.55
C SER C 71 -5.25 49.07 -17.61
N CYS C 72 -4.59 48.12 -18.25
CA CYS C 72 -3.13 48.17 -18.43
C CYS C 72 -2.74 49.27 -19.45
N LEU C 73 -3.58 49.60 -20.43
CA LEU C 73 -3.23 50.60 -21.48
C LEU C 73 -3.80 51.96 -21.09
N THR C 74 -5.09 52.03 -20.75
CA THR C 74 -5.77 53.30 -20.38
C THR C 74 -4.94 54.00 -19.31
N LEU C 75 -4.53 55.24 -19.55
CA LEU C 75 -3.82 56.09 -18.55
C LEU C 75 -4.85 56.69 -17.60
N LEU C 76 -4.50 56.72 -16.31
CA LEU C 76 -5.39 57.20 -15.20
C LEU C 76 -5.80 58.65 -15.49
N ASN C 77 -4.87 59.49 -15.93
CA ASN C 77 -5.11 60.95 -16.11
C ASN C 77 -6.19 61.20 -17.19
N THR C 78 -6.49 60.25 -18.08
CA THR C 78 -7.58 60.37 -19.09
C THR C 78 -8.93 59.87 -18.51
N CYS C 79 -8.98 59.44 -17.25
CA CYS C 79 -10.21 58.87 -16.62
C CYS C 79 -10.74 59.75 -15.50
N LEU C 80 -10.06 60.85 -15.20
CA LEU C 80 -10.54 61.83 -14.19
C LEU C 80 -12.01 62.12 -14.50
N GLY C 81 -12.87 61.98 -13.48
CA GLY C 81 -14.30 62.28 -13.58
C GLY C 81 -15.14 61.09 -14.03
N LEU C 82 -14.55 60.08 -14.67
CA LEU C 82 -15.31 58.92 -15.19
C LEU C 82 -15.61 57.96 -14.05
N GLU C 83 -16.51 56.99 -14.27
CA GLU C 83 -16.79 55.94 -13.27
C GLU C 83 -16.19 54.62 -13.78
N VAL C 84 -15.17 54.12 -13.07
CA VAL C 84 -14.57 52.77 -13.26
C VAL C 84 -15.49 51.74 -12.58
N THR C 85 -15.82 50.63 -13.26
CA THR C 85 -16.48 49.45 -12.67
C THR C 85 -15.57 48.24 -12.85
N THR C 86 -15.32 47.50 -11.77
CA THR C 86 -14.53 46.23 -11.70
C THR C 86 -15.49 45.13 -11.25
N SER C 87 -15.03 43.88 -11.28
CA SER C 87 -15.87 42.71 -10.94
C SER C 87 -16.42 42.91 -9.53
N GLU C 88 -15.59 43.40 -8.61
CA GLU C 88 -15.99 43.65 -7.19
C GLU C 88 -17.20 44.59 -7.14
N GLY C 89 -17.28 45.60 -8.04
CA GLY C 89 -18.39 46.56 -8.09
C GLY C 89 -19.71 45.95 -8.55
N LEU C 90 -19.70 44.81 -9.22
CA LEU C 90 -20.93 44.17 -9.72
C LEU C 90 -21.60 43.30 -8.66
N GLY C 91 -20.82 42.73 -7.74
CA GLY C 91 -21.35 41.78 -6.75
C GLY C 91 -20.27 41.19 -5.89
N ASN C 92 -20.66 40.64 -4.73
CA ASN C 92 -19.74 39.95 -3.77
C ASN C 92 -20.56 39.04 -2.83
N LYS C 93 -19.90 38.36 -1.91
CA LYS C 93 -20.57 37.42 -0.97
C LYS C 93 -21.66 38.16 -0.19
N ARG C 94 -21.44 39.43 0.16
CA ARG C 94 -22.33 40.17 1.10
C ARG C 94 -23.59 40.68 0.37
N VAL C 95 -23.42 41.55 -0.61
CA VAL C 95 -24.53 42.20 -1.37
C VAL C 95 -25.23 41.19 -2.30
N GLY C 96 -24.66 40.01 -2.53
CA GLY C 96 -25.12 39.02 -3.53
C GLY C 96 -24.36 39.18 -4.84
N TYR C 97 -24.13 38.08 -5.56
CA TYR C 97 -23.32 38.03 -6.79
C TYR C 97 -24.14 38.55 -7.96
N HIS C 98 -23.50 39.19 -8.94
CA HIS C 98 -24.18 39.69 -10.17
C HIS C 98 -24.62 38.47 -10.99
N ALA C 99 -25.70 38.60 -11.78
CA ALA C 99 -26.18 37.56 -12.69
C ALA C 99 -25.04 37.04 -13.61
N ILE C 100 -24.17 37.93 -14.10
CA ILE C 100 -23.04 37.57 -15.00
C ILE C 100 -22.05 36.68 -14.23
N GLN C 101 -21.72 37.06 -12.98
CA GLN C 101 -20.76 36.35 -12.09
C GLN C 101 -21.32 34.96 -11.79
N GLN C 102 -22.62 34.89 -11.51
CA GLN C 102 -23.28 33.63 -11.09
C GLN C 102 -23.46 32.71 -12.30
N ARG C 103 -23.71 33.30 -13.47
CA ARG C 103 -23.90 32.53 -14.73
C ARG C 103 -22.56 31.91 -15.15
N LEU C 104 -21.46 32.65 -15.04
CA LEU C 104 -20.12 32.11 -15.40
C LEU C 104 -19.78 30.93 -14.46
N ALA C 105 -19.98 31.10 -13.16
CA ALA C 105 -19.62 30.07 -12.18
C ALA C 105 -20.55 28.86 -12.32
N LYS C 106 -21.86 29.08 -12.42
CA LYS C 106 -22.84 27.98 -12.31
C LYS C 106 -22.74 27.12 -13.56
N MET C 107 -22.20 27.65 -14.66
CA MET C 107 -22.18 26.94 -15.96
C MET C 107 -20.75 26.51 -16.30
N ASN C 108 -19.90 26.39 -15.29
CA ASN C 108 -18.61 25.63 -15.34
C ASN C 108 -17.63 26.34 -16.28
N GLY C 109 -17.64 27.66 -16.30
CA GLY C 109 -16.83 28.50 -17.21
C GLY C 109 -15.62 29.12 -16.53
N THR C 110 -15.21 28.62 -15.37
CA THR C 110 -14.05 29.17 -14.63
C THR C 110 -13.23 28.02 -14.06
N GLN C 111 -11.91 27.98 -14.32
CA GLN C 111 -11.00 26.93 -13.80
C GLN C 111 -9.96 27.58 -12.89
N CYS C 112 -8.82 28.01 -13.42
CA CYS C 112 -7.80 28.75 -12.61
C CYS C 112 -8.45 30.04 -12.10
N GLY C 113 -9.38 30.61 -12.88
CA GLY C 113 -10.16 31.81 -12.54
C GLY C 113 -9.46 33.13 -12.86
N TYR C 114 -8.20 33.10 -13.31
CA TYR C 114 -7.39 34.35 -13.48
C TYR C 114 -7.98 35.25 -14.57
N CYS C 115 -8.71 34.70 -15.54
CA CYS C 115 -9.34 35.46 -16.64
C CYS C 115 -10.78 35.84 -16.27
N SER C 116 -11.36 35.26 -15.22
CA SER C 116 -12.82 35.36 -14.97
C SER C 116 -13.27 36.79 -14.77
N PRO C 117 -12.58 37.63 -13.96
CA PRO C 117 -13.03 39.02 -13.77
C PRO C 117 -13.05 39.80 -15.11
N GLY C 118 -12.05 39.59 -15.97
CA GLY C 118 -11.98 40.20 -17.31
C GLY C 118 -13.16 39.79 -18.16
N ILE C 119 -13.56 38.51 -18.09
CA ILE C 119 -14.67 37.94 -18.89
C ILE C 119 -15.92 38.65 -18.43
N VAL C 120 -16.12 38.70 -17.12
CA VAL C 120 -17.30 39.35 -16.47
C VAL C 120 -17.38 40.82 -16.93
N MET C 121 -16.30 41.59 -16.85
CA MET C 121 -16.34 43.05 -17.14
C MET C 121 -16.48 43.29 -18.66
N ASN C 122 -15.98 42.38 -19.50
CA ASN C 122 -16.13 42.49 -20.98
C ASN C 122 -17.61 42.25 -21.33
N MET C 123 -18.23 41.26 -20.71
CA MET C 123 -19.67 40.99 -20.93
C MET C 123 -20.49 42.19 -20.41
N TYR C 124 -20.14 42.76 -19.25
CA TYR C 124 -20.88 43.88 -18.62
C TYR C 124 -20.83 45.10 -19.56
N GLY C 125 -19.64 45.53 -20.00
CA GLY C 125 -19.42 46.54 -21.05
C GLY C 125 -20.26 46.27 -22.28
N LEU C 126 -20.20 45.04 -22.80
CA LEU C 126 -20.97 44.68 -24.03
C LEU C 126 -22.44 44.93 -23.75
N LEU C 127 -23.04 44.27 -22.75
CA LEU C 127 -24.50 44.36 -22.47
C LEU C 127 -24.87 45.84 -22.26
N LYS C 128 -24.09 46.58 -21.49
CA LYS C 128 -24.38 48.01 -21.18
C LYS C 128 -24.36 48.85 -22.46
N SER C 129 -23.29 48.72 -23.26
CA SER C 129 -23.11 49.39 -24.57
C SER C 129 -24.33 49.15 -25.46
N LYS C 130 -25.05 48.02 -25.32
CA LYS C 130 -26.15 47.63 -26.25
C LYS C 130 -27.53 47.64 -25.56
N GLY C 131 -27.66 48.40 -24.47
CA GLY C 131 -28.92 48.54 -23.71
C GLY C 131 -29.45 47.20 -23.24
N GLY C 132 -28.54 46.26 -22.95
CA GLY C 132 -28.88 44.90 -22.50
C GLY C 132 -29.44 44.03 -23.60
N LYS C 133 -29.28 44.41 -24.88
CA LYS C 133 -29.86 43.66 -26.03
C LYS C 133 -28.72 43.26 -26.97
N VAL C 134 -28.36 41.99 -26.99
CA VAL C 134 -27.32 41.41 -27.89
C VAL C 134 -27.83 40.08 -28.44
N THR C 135 -27.27 39.65 -29.56
CA THR C 135 -27.50 38.29 -30.15
C THR C 135 -26.38 37.34 -29.69
N MET C 136 -26.65 36.05 -29.82
CA MET C 136 -25.64 35.01 -29.54
C MET C 136 -24.41 35.28 -30.42
N GLU C 137 -24.61 35.66 -31.70
CA GLU C 137 -23.52 35.91 -32.68
C GLU C 137 -22.65 37.10 -32.20
N GLU C 138 -23.24 38.21 -31.73
CA GLU C 138 -22.48 39.37 -31.20
C GLU C 138 -21.70 38.93 -29.95
N VAL C 139 -22.32 38.12 -29.10
CA VAL C 139 -21.67 37.61 -27.86
C VAL C 139 -20.42 36.83 -28.26
N GLU C 140 -20.50 35.85 -29.18
CA GLU C 140 -19.33 35.01 -29.54
C GLU C 140 -18.26 35.80 -30.29
N ASN C 141 -18.61 36.95 -30.84
CA ASN C 141 -17.72 37.83 -31.63
C ASN C 141 -16.99 38.83 -30.70
N SER C 142 -17.41 38.97 -29.44
CA SER C 142 -17.01 40.10 -28.57
C SER C 142 -15.81 39.77 -27.66
N PHE C 143 -15.23 38.56 -27.74
CA PHE C 143 -14.26 38.03 -26.74
C PHE C 143 -12.87 37.75 -27.33
N GLY C 144 -12.57 38.27 -28.52
CA GLY C 144 -11.24 38.13 -29.14
C GLY C 144 -10.11 38.59 -28.23
N GLY C 145 -10.37 39.57 -27.38
CA GLY C 145 -9.37 40.16 -26.48
C GLY C 145 -9.24 39.40 -25.16
N ASN C 146 -10.02 38.34 -24.96
CA ASN C 146 -10.04 37.56 -23.69
C ASN C 146 -9.44 36.19 -23.98
N ILE C 147 -8.17 36.00 -23.60
CA ILE C 147 -7.51 34.69 -23.68
C ILE C 147 -7.82 33.92 -22.39
N CYS C 148 -8.27 32.69 -22.55
CA CYS C 148 -8.44 31.71 -21.45
C CYS C 148 -7.66 30.46 -21.84
N ARG C 149 -6.77 30.00 -20.97
CA ARG C 149 -5.88 28.85 -21.29
C ARG C 149 -6.40 27.55 -20.65
N CYS C 150 -7.50 27.60 -19.90
CA CYS C 150 -8.01 26.47 -19.06
C CYS C 150 -9.26 25.77 -19.65
N THR C 151 -10.25 26.53 -20.14
CA THR C 151 -11.64 26.05 -20.33
C THR C 151 -11.96 25.57 -21.75
N GLY C 152 -11.15 25.94 -22.74
CA GLY C 152 -11.49 25.73 -24.17
C GLY C 152 -12.71 26.56 -24.60
N TYR C 153 -13.13 27.56 -23.80
CA TYR C 153 -14.10 28.66 -24.12
C TYR C 153 -15.55 28.17 -24.18
N ARG C 154 -15.82 26.96 -24.66
CA ARG C 154 -17.20 26.42 -24.85
C ARG C 154 -18.12 26.80 -23.67
N PRO C 155 -17.79 26.51 -22.39
CA PRO C 155 -18.72 26.83 -21.31
C PRO C 155 -18.84 28.34 -21.00
N ILE C 156 -17.79 29.12 -21.27
CA ILE C 156 -17.80 30.61 -21.10
C ILE C 156 -18.82 31.17 -22.09
N LEU C 157 -18.76 30.71 -23.33
CA LEU C 157 -19.65 31.15 -24.44
C LEU C 157 -21.09 30.70 -24.16
N ASP C 158 -21.28 29.46 -23.68
CA ASP C 158 -22.61 29.01 -23.20
C ASP C 158 -23.14 30.05 -22.21
N ALA C 159 -22.35 30.36 -21.18
CA ALA C 159 -22.76 31.24 -20.07
C ALA C 159 -23.15 32.60 -20.66
N MET C 160 -22.28 33.18 -21.48
CA MET C 160 -22.49 34.59 -21.94
C MET C 160 -23.63 34.64 -22.98
N LYS C 161 -23.68 33.70 -23.92
CA LYS C 161 -24.75 33.64 -24.95
C LYS C 161 -26.12 33.53 -24.29
N SER C 162 -26.20 32.95 -23.09
CA SER C 162 -27.47 32.77 -22.34
C SER C 162 -28.16 34.12 -22.08
N PHE C 163 -27.43 35.24 -22.10
CA PHE C 163 -27.98 36.59 -21.87
C PHE C 163 -28.54 37.22 -23.14
N ALA C 164 -28.39 36.56 -24.30
CA ALA C 164 -28.77 37.14 -25.62
C ALA C 164 -30.28 37.04 -25.83
N VAL C 165 -30.84 37.96 -26.62
CA VAL C 165 -32.31 38.01 -26.95
C VAL C 165 -32.74 36.72 -27.67
N ASP C 166 -31.83 36.02 -28.36
CA ASP C 166 -32.12 34.79 -29.14
C ASP C 166 -31.47 33.55 -28.51
N SER C 167 -31.14 33.61 -27.21
CA SER C 167 -30.50 32.50 -26.46
C SER C 167 -31.29 31.21 -26.67
N ASN C 168 -30.59 30.13 -27.07
CA ASN C 168 -31.10 28.74 -27.07
C ASN C 168 -30.37 27.92 -25.99
N ILE C 169 -29.84 28.57 -24.96
CA ILE C 169 -28.95 27.93 -23.95
C ILE C 169 -29.80 27.53 -22.75
N GLN C 170 -29.68 26.28 -22.31
CA GLN C 170 -30.30 25.81 -21.05
C GLN C 170 -29.52 26.38 -19.85
N VAL C 171 -30.20 27.12 -18.97
CA VAL C 171 -29.60 27.82 -17.79
C VAL C 171 -30.07 27.11 -16.54
N PRO C 172 -29.17 26.76 -15.59
CA PRO C 172 -29.56 26.12 -14.34
C PRO C 172 -30.63 26.95 -13.59
N ALA C 173 -31.60 26.29 -12.95
CA ALA C 173 -32.79 26.90 -12.32
C ALA C 173 -32.40 27.88 -11.18
N GLU C 174 -31.21 27.74 -10.58
CA GLU C 174 -30.82 28.53 -9.39
C GLU C 174 -30.10 29.84 -9.81
N CYS C 175 -29.94 30.10 -11.11
CA CYS C 175 -29.31 31.33 -11.64
C CYS C 175 -30.30 32.50 -11.59
N ILE C 176 -29.89 33.64 -11.07
CA ILE C 176 -30.76 34.86 -11.04
C ILE C 176 -30.85 35.48 -12.44
N ASP C 177 -31.90 36.27 -12.64
CA ASP C 177 -32.11 37.13 -13.83
C ASP C 177 -31.24 38.38 -13.67
N ILE C 178 -30.78 38.91 -14.81
CA ILE C 178 -29.97 40.15 -14.86
C ILE C 178 -30.93 41.33 -14.67
N GLU C 179 -30.46 42.41 -14.05
CA GLU C 179 -31.20 43.67 -13.89
C GLU C 179 -31.54 44.22 -15.28
N ASP C 180 -32.49 45.15 -15.37
CA ASP C 180 -32.82 45.92 -16.61
C ASP C 180 -31.65 46.86 -16.95
N LEU C 181 -31.07 46.78 -18.16
CA LEU C 181 -29.90 47.59 -18.58
C LEU C 181 -30.27 48.49 -19.78
N SER C 182 -31.53 48.87 -19.89
CA SER C 182 -32.07 49.91 -20.83
C SER C 182 -31.20 51.17 -20.78
N THR C 183 -31.30 52.00 -21.83
CA THR C 183 -30.69 53.36 -21.92
C THR C 183 -31.80 54.42 -21.78
N LYS C 198 -19.38 64.85 -16.66
CA LYS C 198 -18.81 63.79 -15.79
C LYS C 198 -17.28 63.87 -15.87
N LYS C 199 -16.72 63.92 -17.08
CA LYS C 199 -15.26 63.92 -17.36
C LYS C 199 -14.65 65.24 -16.86
N GLN C 200 -13.67 65.13 -15.96
CA GLN C 200 -12.97 66.26 -15.31
C GLN C 200 -11.80 66.67 -16.21
N GLN C 201 -11.73 67.96 -16.54
CA GLN C 201 -10.69 68.54 -17.43
C GLN C 201 -10.01 69.71 -16.70
N PRO C 202 -9.10 69.42 -15.73
CA PRO C 202 -8.36 70.47 -15.03
C PRO C 202 -7.89 71.57 -15.98
N LYS C 203 -7.73 72.78 -15.46
CA LYS C 203 -7.36 73.98 -16.26
C LYS C 203 -5.84 74.15 -16.17
N GLY C 204 -5.23 74.68 -17.23
CA GLY C 204 -3.77 74.79 -17.40
C GLY C 204 -3.11 73.42 -17.36
N SER C 205 -1.95 73.33 -16.71
CA SER C 205 -1.11 72.12 -16.67
C SER C 205 -0.92 71.65 -15.22
N GLN C 206 -0.84 70.33 -15.05
CA GLN C 206 -0.24 69.70 -13.86
C GLN C 206 1.20 69.36 -14.23
N LEU C 207 2.17 69.89 -13.48
CA LEU C 207 3.62 69.62 -13.67
C LEU C 207 4.06 68.53 -12.68
N TYR C 208 5.09 67.77 -13.05
CA TYR C 208 5.57 66.59 -12.29
C TYR C 208 7.05 66.78 -11.95
N PRO C 209 7.53 66.22 -10.81
CA PRO C 209 8.93 66.37 -10.40
C PRO C 209 9.99 65.93 -11.41
N ASP C 210 9.64 65.03 -12.34
CA ASP C 210 10.55 64.56 -13.42
C ASP C 210 10.45 65.50 -14.64
N GLY C 211 9.64 66.56 -14.58
CA GLY C 211 9.51 67.54 -15.68
C GLY C 211 8.45 67.15 -16.71
N SER C 212 7.62 66.15 -16.42
CA SER C 212 6.42 65.82 -17.23
C SER C 212 5.32 66.82 -16.91
N ARG C 213 4.46 67.12 -17.88
CA ARG C 213 3.29 68.01 -17.74
C ARG C 213 2.10 67.28 -18.36
N TRP C 214 0.95 67.31 -17.68
CA TRP C 214 -0.36 66.92 -18.25
C TRP C 214 -1.20 68.18 -18.52
N SER C 215 -1.95 68.17 -19.61
CA SER C 215 -2.94 69.20 -20.00
C SER C 215 -4.25 68.50 -20.37
N TRP C 216 -5.40 69.14 -20.09
CA TRP C 216 -6.75 68.58 -20.33
C TRP C 216 -7.59 69.52 -21.19
N PRO C 217 -7.16 69.83 -22.43
CA PRO C 217 -7.85 70.82 -23.27
C PRO C 217 -9.31 70.47 -23.54
N VAL C 218 -10.18 71.49 -23.62
CA VAL C 218 -11.63 71.33 -23.93
C VAL C 218 -11.87 71.64 -25.42
N SER C 219 -11.18 72.66 -25.93
CA SER C 219 -11.36 73.26 -27.27
C SER C 219 -10.06 73.08 -28.03
N LEU C 220 -10.11 73.10 -29.36
CA LEU C 220 -8.89 73.08 -30.19
C LEU C 220 -8.00 74.26 -29.79
N GLY C 221 -8.61 75.38 -29.35
CA GLY C 221 -7.91 76.55 -28.77
C GLY C 221 -6.96 76.13 -27.66
N ASP C 222 -7.51 75.48 -26.63
CA ASP C 222 -6.75 74.90 -25.49
C ASP C 222 -5.65 73.96 -26.03
N LEU C 223 -5.98 73.12 -27.01
CA LEU C 223 -5.09 72.06 -27.56
C LEU C 223 -3.82 72.69 -28.11
N PHE C 224 -3.94 73.66 -29.03
CA PHE C 224 -2.75 74.27 -29.69
C PHE C 224 -1.95 75.12 -28.69
N ALA C 225 -2.60 75.72 -27.69
CA ALA C 225 -1.86 76.35 -26.56
C ALA C 225 -0.89 75.32 -25.97
N ALA C 226 -1.44 74.17 -25.53
CA ALA C 226 -0.69 73.06 -24.89
C ALA C 226 0.37 72.54 -25.86
N LEU C 227 -0.03 72.30 -27.10
CA LEU C 227 0.87 71.77 -28.15
C LEU C 227 2.05 72.74 -28.40
N GLN C 228 1.81 74.03 -28.71
CA GLN C 228 2.92 74.91 -29.19
C GLN C 228 3.81 75.24 -27.99
N GLY C 229 3.23 75.29 -26.78
CA GLY C 229 3.96 75.39 -25.50
C GLY C 229 4.93 74.22 -25.31
N ALA C 230 4.48 72.98 -25.53
CA ALA C 230 5.33 71.77 -25.45
C ALA C 230 6.48 71.87 -26.47
N VAL C 231 6.19 72.35 -27.68
CA VAL C 231 7.14 72.34 -28.84
C VAL C 231 8.29 73.31 -28.56
N LYS C 232 7.98 74.53 -28.10
CA LYS C 232 8.97 75.61 -27.90
C LYS C 232 9.81 75.29 -26.66
N GLU C 233 9.25 74.56 -25.69
CA GLU C 233 9.96 74.05 -24.48
C GLU C 233 10.74 72.76 -24.78
N LYS C 234 10.71 72.28 -26.04
CA LYS C 234 11.44 71.09 -26.56
C LYS C 234 11.04 69.81 -25.80
N LEU C 235 9.84 69.78 -25.21
CA LEU C 235 9.26 68.55 -24.61
C LEU C 235 8.80 67.66 -25.76
N PRO C 236 9.26 66.40 -25.85
CA PRO C 236 8.63 65.41 -26.72
C PRO C 236 7.24 65.18 -26.11
N TYR C 237 6.20 65.11 -26.96
CA TYR C 237 4.78 65.18 -26.53
C TYR C 237 4.00 63.98 -27.09
N MET C 238 2.85 63.74 -26.47
CA MET C 238 1.86 62.71 -26.87
C MET C 238 0.46 63.31 -26.82
N LEU C 239 -0.28 63.21 -27.93
CA LEU C 239 -1.74 63.47 -27.97
C LEU C 239 -2.44 62.19 -27.51
N VAL C 240 -2.74 62.10 -26.20
CA VAL C 240 -3.20 60.86 -25.54
C VAL C 240 -4.69 60.68 -25.79
N ALA C 241 -5.09 59.59 -26.44
CA ALA C 241 -6.50 59.15 -26.52
C ALA C 241 -6.63 57.82 -25.74
N GLY C 242 -6.36 56.71 -26.42
CA GLY C 242 -6.54 55.34 -25.89
C GLY C 242 -5.29 54.84 -25.20
N ASN C 243 -4.11 55.35 -25.57
CA ASN C 243 -2.75 54.84 -25.23
C ASN C 243 -2.64 53.35 -25.59
N THR C 244 -3.31 52.89 -26.65
CA THR C 244 -3.21 51.48 -27.16
C THR C 244 -2.00 51.31 -28.10
N ALA C 245 -1.57 52.35 -28.81
CA ALA C 245 -0.40 52.30 -29.73
C ALA C 245 0.80 51.69 -29.00
N HIS C 246 0.96 52.01 -27.72
CA HIS C 246 1.96 51.43 -26.77
C HIS C 246 1.99 49.89 -26.82
N GLY C 247 0.85 49.25 -27.08
CA GLY C 247 0.77 47.78 -27.13
C GLY C 247 1.48 47.21 -28.34
N VAL C 248 1.55 48.02 -29.41
CA VAL C 248 2.17 47.66 -30.70
C VAL C 248 3.65 48.07 -30.67
N TYR C 249 3.93 49.34 -30.36
CA TYR C 249 5.30 49.90 -30.23
C TYR C 249 5.37 50.67 -28.92
N ARG C 250 6.21 50.23 -28.00
CA ARG C 250 6.26 50.80 -26.61
C ARG C 250 6.48 52.31 -26.72
N ARG C 251 5.58 53.08 -26.11
CA ARG C 251 5.70 54.56 -25.92
C ARG C 251 7.13 54.89 -25.50
N SER C 252 7.71 55.93 -26.11
CA SER C 252 9.08 56.45 -25.79
C SER C 252 9.14 56.83 -24.31
N PRO C 253 10.23 56.46 -23.59
CA PRO C 253 10.40 56.86 -22.20
C PRO C 253 10.61 58.37 -21.99
N ASP C 254 11.01 59.12 -23.02
CA ASP C 254 11.30 60.57 -22.91
C ASP C 254 10.16 61.43 -23.52
N ILE C 255 8.95 60.89 -23.62
CA ILE C 255 7.68 61.69 -23.68
C ILE C 255 7.56 62.42 -22.34
N LYS C 256 7.33 63.75 -22.35
CA LYS C 256 7.16 64.60 -21.14
C LYS C 256 5.80 65.31 -21.16
N ALA C 257 5.40 65.90 -22.29
CA ALA C 257 4.12 66.62 -22.45
C ALA C 257 3.00 65.63 -22.81
N PHE C 258 2.09 65.36 -21.87
CA PHE C 258 0.90 64.50 -22.07
C PHE C 258 -0.31 65.39 -22.29
N ILE C 259 -0.85 65.39 -23.50
CA ILE C 259 -2.03 66.22 -23.84
C ILE C 259 -3.21 65.27 -24.02
N ASP C 260 -4.17 65.30 -23.10
CA ASP C 260 -5.39 64.46 -23.20
C ASP C 260 -6.27 65.00 -24.32
N VAL C 261 -6.47 64.22 -25.37
CA VAL C 261 -7.34 64.59 -26.52
C VAL C 261 -8.59 63.71 -26.54
N SER C 262 -8.79 62.82 -25.57
CA SER C 262 -9.99 61.94 -25.54
C SER C 262 -11.22 62.78 -25.19
N GLY C 263 -11.05 63.99 -24.65
CA GLY C 263 -12.13 64.88 -24.18
C GLY C 263 -12.50 65.99 -25.16
N LEU C 264 -11.91 66.06 -26.36
CA LEU C 264 -12.19 67.11 -27.40
C LEU C 264 -13.33 66.69 -28.34
N ALA C 265 -14.52 67.31 -28.22
CA ALA C 265 -15.70 67.02 -29.08
C ALA C 265 -15.42 67.42 -30.55
N GLU C 266 -14.47 68.31 -30.79
CA GLU C 266 -14.14 68.80 -32.15
C GLU C 266 -13.34 67.72 -32.89
N LEU C 267 -12.75 66.73 -32.19
CA LEU C 267 -12.00 65.60 -32.83
C LEU C 267 -12.84 64.32 -32.87
N LYS C 268 -14.12 64.44 -32.56
CA LYS C 268 -15.15 63.38 -32.61
C LYS C 268 -16.27 63.86 -33.55
N GLY C 269 -17.39 63.12 -33.64
CA GLY C 269 -18.52 63.51 -34.51
C GLY C 269 -18.26 63.30 -35.99
N HIS C 270 -19.31 63.45 -36.78
CA HIS C 270 -19.33 63.26 -38.26
C HIS C 270 -20.16 64.35 -38.91
N LYS C 271 -19.88 64.65 -40.18
CA LYS C 271 -20.78 65.47 -41.04
C LYS C 271 -20.87 64.81 -42.42
N LEU C 272 -22.05 64.29 -42.73
CA LEU C 272 -22.52 63.96 -44.10
C LEU C 272 -22.92 65.27 -44.80
N SER C 273 -22.22 65.65 -45.87
CA SER C 273 -22.44 66.91 -46.64
C SER C 273 -23.93 67.11 -46.99
N ALA C 274 -24.33 68.36 -47.26
CA ALA C 274 -25.68 68.74 -47.76
C ALA C 274 -26.13 67.76 -48.87
N ASP C 275 -25.22 67.47 -49.81
CA ASP C 275 -25.36 66.54 -50.98
C ASP C 275 -25.60 65.06 -50.60
N ASN C 276 -24.80 64.51 -49.68
CA ASN C 276 -24.44 63.06 -49.59
C ASN C 276 -23.20 62.82 -50.48
N SER C 277 -22.47 63.89 -50.79
CA SER C 277 -21.21 63.90 -51.58
C SER C 277 -20.05 63.36 -50.72
N SER C 278 -19.98 63.77 -49.45
CA SER C 278 -18.82 63.59 -48.55
C SER C 278 -19.31 63.09 -47.19
N LEU C 279 -18.50 62.28 -46.52
CA LEU C 279 -18.60 61.96 -45.07
C LEU C 279 -17.29 62.37 -44.40
N THR C 280 -17.32 63.35 -43.49
CA THR C 280 -16.16 63.77 -42.67
C THR C 280 -16.29 63.08 -41.30
N LEU C 281 -15.21 62.42 -40.87
CA LEU C 281 -15.11 61.65 -39.60
C LEU C 281 -14.17 62.40 -38.65
N GLY C 282 -14.57 62.59 -37.39
CA GLY C 282 -13.68 63.07 -36.33
C GLY C 282 -12.44 62.19 -36.23
N GLY C 283 -11.25 62.81 -36.14
CA GLY C 283 -9.94 62.13 -36.12
C GLY C 283 -9.79 61.16 -34.96
N ASN C 284 -10.34 61.51 -33.79
CA ASN C 284 -10.23 60.71 -32.55
C ASN C 284 -11.58 60.04 -32.24
N LEU C 285 -12.40 59.80 -33.26
CA LEU C 285 -13.43 58.74 -33.15
C LEU C 285 -12.71 57.46 -32.74
N SER C 286 -13.23 56.76 -31.75
CA SER C 286 -12.81 55.37 -31.41
C SER C 286 -13.12 54.50 -32.63
N LEU C 287 -12.38 53.39 -32.81
CA LEU C 287 -12.71 52.39 -33.84
C LEU C 287 -14.15 51.90 -33.62
N SER C 288 -14.59 51.76 -32.35
CA SER C 288 -15.98 51.36 -31.99
C SER C 288 -17.00 52.40 -32.47
N GLU C 289 -16.70 53.69 -32.33
CA GLU C 289 -17.59 54.83 -32.74
C GLU C 289 -17.72 54.87 -34.28
N THR C 290 -16.59 54.74 -34.99
CA THR C 290 -16.56 54.59 -36.48
C THR C 290 -17.47 53.43 -36.92
N MET C 291 -17.30 52.26 -36.30
CA MET C 291 -18.06 51.05 -36.68
C MET C 291 -19.56 51.34 -36.56
N GLU C 292 -19.96 51.95 -35.44
CA GLU C 292 -21.37 52.29 -35.15
C GLU C 292 -21.84 53.32 -36.20
N LEU C 293 -21.00 54.28 -36.57
CA LEU C 293 -21.30 55.20 -37.70
C LEU C 293 -21.57 54.37 -38.96
N CYS C 294 -20.66 53.45 -39.30
CA CYS C 294 -20.78 52.60 -40.50
C CYS C 294 -22.19 52.00 -40.52
N ARG C 295 -22.70 51.46 -39.40
CA ARG C 295 -24.03 50.79 -39.32
C ARG C 295 -25.15 51.80 -39.59
N GLN C 296 -25.02 53.02 -39.09
CA GLN C 296 -26.01 54.13 -39.24
C GLN C 296 -26.11 54.52 -40.72
N LEU C 297 -25.00 54.57 -41.46
CA LEU C 297 -24.87 55.21 -42.81
C LEU C 297 -24.75 54.19 -43.94
N GLU C 298 -24.72 52.89 -43.67
CA GLU C 298 -24.50 51.85 -44.71
C GLU C 298 -25.74 51.71 -45.62
N ASN C 299 -26.90 52.25 -45.22
CA ASN C 299 -28.16 52.22 -46.03
C ASN C 299 -28.42 53.59 -46.69
N THR C 300 -27.46 54.51 -46.62
CA THR C 300 -27.43 55.79 -47.36
C THR C 300 -26.77 55.53 -48.73
N LYS C 301 -27.45 55.91 -49.81
CA LYS C 301 -26.95 55.83 -51.22
C LYS C 301 -25.63 56.60 -51.29
N GLY C 302 -24.58 55.99 -51.86
CA GLY C 302 -23.21 56.51 -51.87
C GLY C 302 -22.29 55.87 -50.82
N PHE C 303 -22.84 55.26 -49.75
CA PHE C 303 -22.05 54.82 -48.57
C PHE C 303 -22.45 53.39 -48.13
N GLU C 304 -22.84 52.55 -49.09
CA GLU C 304 -23.23 51.13 -48.84
C GLU C 304 -21.96 50.33 -48.55
N TYR C 305 -20.83 50.80 -49.09
CA TYR C 305 -19.49 50.20 -48.91
C TYR C 305 -19.03 50.33 -47.46
N LEU C 306 -19.74 51.10 -46.62
CA LEU C 306 -19.36 51.24 -45.19
C LEU C 306 -19.68 49.94 -44.44
N SER C 307 -20.58 49.10 -44.94
CA SER C 307 -20.78 47.75 -44.34
C SER C 307 -19.45 46.98 -44.39
N GLN C 308 -18.64 47.15 -45.43
CA GLN C 308 -17.32 46.49 -45.56
C GLN C 308 -16.25 47.25 -44.75
N VAL C 309 -16.39 48.56 -44.58
CA VAL C 309 -15.50 49.32 -43.66
C VAL C 309 -15.74 48.79 -42.23
N TRP C 310 -17.01 48.55 -41.89
CA TRP C 310 -17.44 47.93 -40.61
C TRP C 310 -16.72 46.60 -40.43
N GLN C 311 -16.83 45.73 -41.42
CA GLN C 311 -16.27 44.35 -41.40
C GLN C 311 -14.76 44.40 -41.18
N HIS C 312 -14.06 45.30 -41.87
CA HIS C 312 -12.58 45.41 -41.74
C HIS C 312 -12.21 45.96 -40.36
N LEU C 313 -12.97 46.91 -39.83
CA LEU C 313 -12.72 47.41 -38.45
C LEU C 313 -12.97 46.25 -37.45
N ASP C 314 -13.91 45.35 -37.71
CA ASP C 314 -14.26 44.20 -36.83
C ASP C 314 -13.15 43.15 -36.82
N TRP C 315 -12.26 43.18 -37.81
CA TRP C 315 -11.03 42.37 -37.85
C TRP C 315 -9.88 43.05 -37.11
N ILE C 316 -10.02 44.29 -36.66
CA ILE C 316 -8.90 45.04 -36.01
C ILE C 316 -8.97 44.80 -34.50
N ALA C 317 -7.87 44.35 -33.90
CA ALA C 317 -7.65 44.31 -32.46
C ALA C 317 -8.72 43.45 -31.78
N ASN C 318 -9.42 44.05 -30.83
CA ASN C 318 -10.42 43.39 -29.94
C ASN C 318 -11.31 44.53 -29.41
N VAL C 319 -12.37 44.19 -28.67
CA VAL C 319 -13.45 45.14 -28.28
C VAL C 319 -12.86 46.29 -27.46
N PRO C 320 -12.20 46.07 -26.31
CA PRO C 320 -11.67 47.18 -25.53
C PRO C 320 -10.61 48.04 -26.23
N VAL C 321 -9.78 47.47 -27.09
CA VAL C 321 -8.77 48.28 -27.85
C VAL C 321 -9.50 49.15 -28.89
N ARG C 322 -10.53 48.61 -29.54
CA ARG C 322 -11.35 49.37 -30.52
C ARG C 322 -12.19 50.45 -29.79
N ASN C 323 -12.49 50.25 -28.50
CA ASN C 323 -13.31 51.18 -27.68
C ASN C 323 -12.47 52.40 -27.31
N ALA C 324 -11.21 52.17 -26.96
CA ALA C 324 -10.26 53.18 -26.43
C ALA C 324 -9.45 53.78 -27.59
N GLY C 325 -9.08 52.96 -28.57
CA GLY C 325 -8.20 53.38 -29.67
C GLY C 325 -8.96 54.10 -30.76
N THR C 326 -8.29 54.99 -31.48
CA THR C 326 -8.92 55.97 -32.39
C THR C 326 -8.26 55.87 -33.78
N LEU C 327 -8.94 56.37 -34.81
CA LEU C 327 -8.48 56.38 -36.23
C LEU C 327 -7.16 57.16 -36.32
N ALA C 328 -7.09 58.33 -35.70
CA ALA C 328 -5.92 59.24 -35.76
C ALA C 328 -4.72 58.58 -35.09
N GLY C 329 -4.95 57.95 -33.94
CA GLY C 329 -3.89 57.19 -33.21
C GLY C 329 -3.33 56.07 -34.06
N ASN C 330 -4.19 55.35 -34.78
CA ASN C 330 -3.76 54.22 -35.65
C ASN C 330 -2.87 54.78 -36.76
N LEU C 331 -3.34 55.81 -37.47
CA LEU C 331 -2.58 56.42 -38.59
C LEU C 331 -1.24 56.97 -38.11
N SER C 332 -1.16 57.49 -36.89
CA SER C 332 0.11 58.04 -36.35
C SER C 332 1.13 56.90 -36.20
N ILE C 333 0.68 55.65 -36.00
CA ILE C 333 1.60 54.47 -35.99
C ILE C 333 2.15 54.27 -37.43
N LYS C 334 1.29 54.10 -38.42
CA LYS C 334 1.73 54.02 -39.86
C LYS C 334 2.72 55.16 -40.15
N HIS C 335 2.48 56.35 -39.61
CA HIS C 335 3.24 57.58 -39.93
C HIS C 335 4.67 57.44 -39.41
N ALA C 336 4.82 57.00 -38.15
CA ALA C 336 6.12 56.86 -37.45
C ALA C 336 6.86 55.58 -37.90
N HIS C 337 6.09 54.60 -38.40
CA HIS C 337 6.50 53.20 -38.67
C HIS C 337 5.85 52.73 -39.97
N PRO C 338 6.43 53.07 -41.14
CA PRO C 338 5.87 52.64 -42.42
C PRO C 338 5.78 51.12 -42.55
N GLU C 339 6.68 50.37 -41.90
CA GLU C 339 6.69 48.87 -41.89
C GLU C 339 5.41 48.31 -41.26
N PHE C 340 4.66 49.10 -40.49
CA PHE C 340 3.40 48.69 -39.81
C PHE C 340 2.26 48.60 -40.81
N PRO C 341 1.70 47.40 -41.05
CA PRO C 341 0.60 47.24 -42.00
C PRO C 341 -0.75 47.63 -41.37
N SER C 342 -0.94 48.90 -41.05
CA SER C 342 -2.24 49.40 -40.52
C SER C 342 -3.39 48.93 -41.42
N ASP C 343 -4.46 48.43 -40.82
CA ASP C 343 -5.70 48.02 -41.51
C ASP C 343 -6.57 49.26 -41.78
N VAL C 344 -6.51 50.29 -40.92
CA VAL C 344 -7.21 51.58 -41.16
C VAL C 344 -6.57 52.21 -42.41
N PHE C 345 -5.24 52.17 -42.51
CA PHE C 345 -4.46 52.72 -43.64
C PHE C 345 -4.88 52.03 -44.94
N ILE C 346 -4.76 50.71 -45.01
CA ILE C 346 -4.98 49.99 -46.29
C ILE C 346 -6.43 50.25 -46.75
N VAL C 347 -7.38 50.35 -45.82
CA VAL C 347 -8.82 50.60 -46.17
C VAL C 347 -8.99 52.06 -46.69
N LEU C 348 -8.39 53.05 -46.03
CA LEU C 348 -8.62 54.47 -46.39
C LEU C 348 -7.84 54.79 -47.68
N GLU C 349 -6.67 54.18 -47.89
CA GLU C 349 -5.82 54.32 -49.09
C GLU C 349 -6.56 53.75 -50.32
N ALA C 350 -7.20 52.59 -50.21
CA ALA C 350 -8.00 52.02 -51.32
C ALA C 350 -9.21 52.93 -51.60
N LEU C 351 -9.79 53.56 -50.58
CA LEU C 351 -11.01 54.42 -50.76
C LEU C 351 -10.60 55.86 -51.11
N ASP C 352 -9.29 56.13 -51.17
CA ASP C 352 -8.71 57.46 -51.53
C ASP C 352 -9.28 58.50 -50.56
N ALA C 353 -9.21 58.20 -49.26
CA ALA C 353 -9.71 59.10 -48.20
C ALA C 353 -8.72 60.26 -48.03
N GLN C 354 -9.26 61.44 -47.73
CA GLN C 354 -8.47 62.67 -47.47
C GLN C 354 -8.27 62.80 -45.96
N VAL C 355 -7.16 63.42 -45.55
CA VAL C 355 -6.83 63.75 -44.14
C VAL C 355 -6.91 65.27 -43.96
N ILE C 356 -7.76 65.75 -43.05
CA ILE C 356 -7.72 67.18 -42.63
C ILE C 356 -6.61 67.30 -41.58
N VAL C 357 -5.50 67.95 -41.96
CA VAL C 357 -4.34 68.27 -41.08
C VAL C 357 -4.52 69.71 -40.61
N GLN C 358 -4.48 69.94 -39.29
CA GLN C 358 -4.67 71.25 -38.62
C GLN C 358 -3.39 71.61 -37.87
N GLU C 359 -2.81 72.79 -38.14
CA GLU C 359 -1.52 73.22 -37.53
C GLU C 359 -1.74 74.41 -36.57
N ALA C 360 -2.99 74.90 -36.43
CA ALA C 360 -3.43 75.90 -35.42
C ALA C 360 -4.96 76.06 -35.49
N VAL C 361 -5.58 76.82 -34.58
CA VAL C 361 -7.07 77.02 -34.50
C VAL C 361 -7.61 77.52 -35.84
N ASP C 362 -6.80 78.29 -36.57
CA ASP C 362 -7.20 79.09 -37.76
C ASP C 362 -6.52 78.58 -39.05
N LYS C 363 -5.75 77.48 -38.98
CA LYS C 363 -4.87 77.01 -40.09
C LYS C 363 -4.94 75.47 -40.24
N GLN C 364 -5.58 74.98 -41.31
CA GLN C 364 -5.69 73.53 -41.65
C GLN C 364 -5.60 73.33 -43.17
N GLN C 365 -5.35 72.10 -43.63
CA GLN C 365 -5.44 71.70 -45.07
C GLN C 365 -6.02 70.29 -45.17
N THR C 366 -6.85 70.04 -46.19
CA THR C 366 -7.31 68.69 -46.59
C THR C 366 -6.32 68.13 -47.63
N VAL C 367 -5.55 67.10 -47.27
CA VAL C 367 -4.56 66.44 -48.16
C VAL C 367 -4.97 64.99 -48.36
N SER C 368 -4.23 64.30 -49.22
CA SER C 368 -4.32 62.85 -49.48
C SER C 368 -3.62 62.10 -48.33
N LEU C 369 -4.06 60.88 -48.08
CA LEU C 369 -3.42 59.93 -47.13
C LEU C 369 -1.91 59.84 -47.45
N ALA C 370 -1.53 59.58 -48.70
CA ALA C 370 -0.11 59.52 -49.13
C ALA C 370 0.62 60.82 -48.78
N SER C 371 -0.01 61.98 -49.02
CA SER C 371 0.59 63.30 -48.69
C SER C 371 0.77 63.42 -47.16
N TYR C 372 -0.27 63.15 -46.37
CA TYR C 372 -0.17 63.20 -44.88
C TYR C 372 1.01 62.33 -44.42
N LEU C 373 1.22 61.15 -45.03
CA LEU C 373 2.28 60.19 -44.57
C LEU C 373 3.67 60.73 -44.93
N GLY C 374 3.80 61.38 -46.09
CA GLY C 374 5.05 62.00 -46.58
C GLY C 374 5.39 63.30 -45.87
N SER C 375 4.39 64.05 -45.36
CA SER C 375 4.57 65.35 -44.65
C SER C 375 4.87 65.11 -43.16
N SER C 376 5.84 65.84 -42.60
CA SER C 376 6.09 66.00 -41.14
C SER C 376 4.79 66.40 -40.42
N MET C 377 4.59 65.93 -39.18
CA MET C 377 3.37 66.18 -38.36
C MET C 377 3.72 66.87 -37.03
N GLU C 378 4.99 67.22 -36.82
CA GLU C 378 5.46 67.99 -35.62
C GLU C 378 4.58 69.25 -35.48
N GLY C 379 3.92 69.42 -34.34
CA GLY C 379 3.10 70.60 -34.01
C GLY C 379 1.75 70.60 -34.72
N LYS C 380 1.40 69.50 -35.39
CA LYS C 380 0.15 69.38 -36.18
C LYS C 380 -0.69 68.23 -35.63
N ILE C 381 -1.98 68.23 -35.98
CA ILE C 381 -2.93 67.17 -35.57
C ILE C 381 -3.69 66.71 -36.83
N ILE C 382 -4.28 65.51 -36.74
CA ILE C 382 -5.34 65.01 -37.67
C ILE C 382 -6.65 65.48 -37.07
N ARG C 383 -7.40 66.31 -37.81
CA ARG C 383 -8.66 66.97 -37.38
C ARG C 383 -9.81 66.06 -37.78
N GLY C 384 -9.68 65.42 -38.92
CA GLY C 384 -10.70 64.50 -39.45
C GLY C 384 -10.21 63.79 -40.68
N LEU C 385 -11.07 62.91 -41.21
CA LEU C 385 -10.83 62.10 -42.43
C LEU C 385 -12.08 62.24 -43.30
N VAL C 386 -11.90 62.47 -44.61
CA VAL C 386 -13.01 62.75 -45.57
C VAL C 386 -13.16 61.53 -46.49
N LEU C 387 -14.34 60.94 -46.51
CA LEU C 387 -14.69 59.80 -47.40
C LEU C 387 -15.66 60.28 -48.50
N ARG C 388 -15.35 59.92 -49.75
CA ARG C 388 -16.14 60.22 -50.97
C ARG C 388 -17.29 59.20 -51.05
N ALA C 389 -18.46 59.61 -51.55
CA ALA C 389 -19.57 58.69 -51.90
C ALA C 389 -19.15 57.87 -53.12
N TYR C 390 -19.47 56.58 -53.16
CA TYR C 390 -19.20 55.66 -54.29
C TYR C 390 -20.47 54.85 -54.56
N PRO C 391 -21.32 55.22 -55.53
CA PRO C 391 -22.60 54.52 -55.76
C PRO C 391 -22.46 53.00 -55.96
N LYS C 392 -23.37 52.23 -55.35
CA LYS C 392 -23.37 50.74 -55.30
C LYS C 392 -23.31 50.15 -56.73
N GLU C 393 -23.94 50.84 -57.69
CA GLU C 393 -24.23 50.32 -59.06
C GLU C 393 -22.96 50.38 -59.92
N ARG C 394 -21.97 51.21 -59.56
CA ARG C 394 -20.76 51.49 -60.37
C ARG C 394 -19.49 50.97 -59.66
N PHE C 395 -19.44 51.02 -58.33
CA PHE C 395 -18.23 50.69 -57.51
C PHE C 395 -18.42 49.37 -56.77
N ALA C 396 -17.38 48.55 -56.81
CA ALA C 396 -17.20 47.32 -56.01
C ALA C 396 -16.04 47.56 -55.03
N PHE C 397 -16.33 47.46 -53.73
CA PHE C 397 -15.32 47.62 -52.65
C PHE C 397 -15.22 46.33 -51.81
N ASP C 398 -14.02 45.76 -51.76
CA ASP C 398 -13.70 44.57 -50.92
C ASP C 398 -12.37 44.80 -50.22
N SER C 399 -12.18 44.11 -49.09
CA SER C 399 -10.99 44.24 -48.23
C SER C 399 -10.78 42.93 -47.48
N TYR C 400 -9.54 42.63 -47.13
CA TYR C 400 -9.09 41.36 -46.53
C TYR C 400 -8.06 41.64 -45.44
N LYS C 401 -8.20 40.93 -44.34
CA LYS C 401 -7.16 40.84 -43.29
C LYS C 401 -7.01 39.36 -42.95
N ILE C 402 -5.84 38.81 -43.30
CA ILE C 402 -5.54 37.36 -43.17
C ILE C 402 -4.61 37.18 -41.98
N MET C 403 -5.09 36.42 -40.97
CA MET C 403 -4.51 36.29 -39.61
C MET C 403 -4.20 34.82 -39.35
N PRO C 404 -3.21 34.52 -38.49
CA PRO C 404 -2.89 33.15 -38.08
C PRO C 404 -3.88 32.48 -37.09
N ARG C 405 -4.83 33.25 -36.55
CA ARG C 405 -6.02 32.75 -35.80
C ARG C 405 -7.20 33.67 -36.15
N ALA C 406 -8.36 33.44 -35.53
CA ALA C 406 -9.65 34.06 -35.88
C ALA C 406 -9.68 35.55 -35.54
N GLN C 407 -9.16 35.96 -34.38
CA GLN C 407 -9.28 37.36 -33.89
C GLN C 407 -7.99 37.80 -33.18
N ASN C 408 -7.78 39.11 -33.11
CA ASN C 408 -6.83 39.75 -32.18
C ASN C 408 -5.42 39.27 -32.54
N ALA C 409 -5.06 39.38 -33.82
CA ALA C 409 -3.73 39.02 -34.35
C ALA C 409 -3.44 39.91 -35.55
N HIS C 410 -2.20 40.36 -35.74
CA HIS C 410 -1.85 41.22 -36.90
C HIS C 410 -1.89 40.40 -38.20
N ALA C 411 -2.13 41.08 -39.31
CA ALA C 411 -2.19 40.50 -40.67
C ALA C 411 -0.84 39.85 -41.00
N TYR C 412 -0.90 38.72 -41.71
CA TYR C 412 0.14 38.23 -42.63
C TYR C 412 0.25 39.24 -43.78
N VAL C 413 -0.86 39.36 -44.49
CA VAL C 413 -1.11 40.38 -45.55
C VAL C 413 -2.50 40.94 -45.30
N ASN C 414 -2.69 42.24 -45.51
CA ASN C 414 -4.04 42.82 -45.66
C ASN C 414 -4.13 43.50 -47.01
N ALA C 415 -5.36 43.75 -47.45
CA ALA C 415 -5.69 44.20 -48.82
C ALA C 415 -7.07 44.88 -48.83
N ALA C 416 -7.17 45.91 -49.69
CA ALA C 416 -8.42 46.63 -49.99
C ALA C 416 -8.40 46.98 -51.47
N PHE C 417 -9.47 46.60 -52.17
CA PHE C 417 -9.65 46.77 -53.63
C PHE C 417 -10.86 47.66 -53.84
N LEU C 418 -10.70 48.72 -54.64
CA LEU C 418 -11.80 49.56 -55.19
C LEU C 418 -11.69 49.56 -56.72
N VAL C 419 -12.71 49.01 -57.38
CA VAL C 419 -12.80 48.92 -58.86
C VAL C 419 -14.13 49.54 -59.30
N GLU C 420 -14.06 50.57 -60.13
CA GLU C 420 -15.20 51.26 -60.78
C GLU C 420 -15.49 50.58 -62.13
N PHE C 421 -16.76 50.27 -62.41
CA PHE C 421 -17.24 49.66 -63.68
C PHE C 421 -17.90 50.72 -64.56
N THR C 422 -17.68 50.65 -65.88
CA THR C 422 -18.41 51.44 -66.93
C THR C 422 -19.74 50.72 -67.23
N ALA C 423 -20.66 51.41 -67.90
CA ALA C 423 -22.02 50.92 -68.22
C ALA C 423 -21.93 49.70 -69.14
N ASP C 424 -20.82 49.53 -69.87
CA ASP C 424 -20.52 48.34 -70.72
C ASP C 424 -19.54 47.40 -70.00
N ALA C 425 -19.61 47.32 -68.66
CA ALA C 425 -19.02 46.24 -67.81
C ALA C 425 -17.49 46.16 -67.95
N LYS C 426 -16.80 47.32 -68.03
CA LYS C 426 -15.33 47.41 -68.15
C LYS C 426 -14.79 48.33 -67.03
N VAL C 427 -13.48 48.28 -66.76
CA VAL C 427 -12.83 48.94 -65.60
C VAL C 427 -12.52 50.39 -65.95
N LYS C 428 -13.28 51.35 -65.39
CA LYS C 428 -12.94 52.80 -65.48
C LYS C 428 -11.67 53.05 -64.66
N SER C 429 -11.67 52.65 -63.38
CA SER C 429 -10.57 52.88 -62.41
C SER C 429 -10.42 51.68 -61.46
N ALA C 430 -9.21 51.49 -60.94
CA ALA C 430 -8.86 50.43 -59.96
C ALA C 430 -7.83 50.95 -58.95
N ARG C 431 -8.15 50.81 -57.66
CA ARG C 431 -7.21 50.98 -56.53
C ARG C 431 -7.03 49.59 -55.89
N ILE C 432 -5.82 49.03 -56.02
CA ILE C 432 -5.44 47.64 -55.59
C ILE C 432 -4.29 47.75 -54.60
N CYS C 433 -4.62 47.61 -53.31
CA CYS C 433 -3.73 47.96 -52.16
C CYS C 433 -3.45 46.72 -51.32
N PHE C 434 -2.17 46.54 -50.95
CA PHE C 434 -1.61 45.44 -50.13
C PHE C 434 -0.67 46.00 -49.06
N GLY C 435 -0.94 45.60 -47.81
CA GLY C 435 -0.01 45.74 -46.67
C GLY C 435 0.63 44.41 -46.35
N GLY C 436 1.83 44.46 -45.76
CA GLY C 436 2.59 43.28 -45.34
C GLY C 436 3.45 42.72 -46.47
N ILE C 437 3.64 43.49 -47.54
CA ILE C 437 4.60 43.13 -48.62
C ILE C 437 5.99 43.69 -48.28
N HIS C 438 6.16 45.01 -48.40
CA HIS C 438 7.42 45.75 -48.14
C HIS C 438 7.02 47.09 -47.50
N PRO C 439 7.84 47.71 -46.62
CA PRO C 439 7.50 49.00 -46.04
C PRO C 439 7.12 50.10 -47.05
N GLU C 440 7.68 50.08 -48.26
CA GLU C 440 7.50 51.15 -49.28
C GLU C 440 6.40 50.76 -50.27
N PHE C 441 5.74 49.61 -50.10
CA PHE C 441 4.75 49.06 -51.08
C PHE C 441 3.34 49.42 -50.62
N VAL C 442 2.48 49.85 -51.55
CA VAL C 442 1.05 50.14 -51.26
C VAL C 442 0.22 49.67 -52.46
N HIS C 443 0.32 50.37 -53.58
CA HIS C 443 -0.48 50.11 -54.79
C HIS C 443 0.23 49.06 -55.64
N ALA C 444 -0.52 48.14 -56.23
CA ALA C 444 -0.05 47.25 -57.32
C ALA C 444 -0.28 47.97 -58.67
N THR C 445 0.47 49.04 -58.92
CA THR C 445 0.18 50.02 -60.02
C THR C 445 0.04 49.27 -61.35
N ALA C 446 1.00 48.40 -61.66
CA ALA C 446 1.04 47.62 -62.93
C ALA C 446 -0.32 46.95 -63.16
N ILE C 447 -0.97 46.46 -62.10
CA ILE C 447 -2.21 45.65 -62.22
C ILE C 447 -3.41 46.60 -62.36
N GLU C 448 -3.39 47.76 -61.71
CA GLU C 448 -4.43 48.81 -61.92
C GLU C 448 -4.41 49.23 -63.40
N ASN C 449 -3.22 49.51 -63.93
CA ASN C 449 -2.97 50.02 -65.31
C ASN C 449 -3.46 48.99 -66.34
N LEU C 450 -3.13 47.72 -66.11
CA LEU C 450 -3.31 46.59 -67.05
C LEU C 450 -4.80 46.30 -67.28
N ILE C 451 -5.64 46.39 -66.24
CA ILE C 451 -7.08 46.00 -66.34
C ILE C 451 -7.93 47.22 -66.71
N ARG C 452 -7.38 48.44 -66.68
CA ARG C 452 -8.12 49.70 -67.02
C ARG C 452 -8.68 49.57 -68.45
N ASP C 453 -9.97 49.87 -68.61
CA ASP C 453 -10.69 49.93 -69.92
C ASP C 453 -10.86 48.52 -70.48
N LYS C 454 -10.94 47.51 -69.61
CA LYS C 454 -11.06 46.08 -70.03
C LYS C 454 -12.04 45.33 -69.11
N ASN C 455 -12.68 44.29 -69.64
CA ASN C 455 -13.46 43.29 -68.85
C ASN C 455 -12.45 42.44 -68.09
N PRO C 456 -12.33 42.59 -66.74
CA PRO C 456 -11.28 41.91 -65.96
C PRO C 456 -11.54 40.41 -65.74
N PHE C 457 -12.72 39.93 -66.18
CA PHE C 457 -13.21 38.53 -66.10
C PHE C 457 -12.97 37.76 -67.41
N GLU C 458 -12.14 38.25 -68.32
CA GLU C 458 -11.73 37.50 -69.53
C GLU C 458 -10.56 36.62 -69.11
N ASN C 459 -10.57 35.33 -69.49
CA ASN C 459 -9.60 34.29 -69.02
C ASN C 459 -8.15 34.71 -69.31
N GLY C 460 -7.87 35.18 -70.54
CA GLY C 460 -6.54 35.62 -71.01
C GLY C 460 -5.99 36.79 -70.21
N LEU C 461 -6.83 37.79 -69.90
CA LEU C 461 -6.49 38.94 -69.01
C LEU C 461 -6.25 38.43 -67.58
N VAL C 462 -7.15 37.60 -67.04
CA VAL C 462 -7.00 37.00 -65.68
C VAL C 462 -5.59 36.41 -65.58
N GLU C 463 -5.19 35.59 -66.57
CA GLU C 463 -3.91 34.83 -66.59
C GLU C 463 -2.70 35.78 -66.61
N LYS C 464 -2.78 36.89 -67.37
CA LYS C 464 -1.68 37.88 -67.53
C LYS C 464 -1.51 38.65 -66.21
N ALA C 465 -2.62 39.13 -65.64
CA ALA C 465 -2.69 39.88 -64.35
C ALA C 465 -1.95 39.13 -63.23
N PHE C 466 -2.38 37.91 -62.90
CA PHE C 466 -1.65 37.01 -61.96
C PHE C 466 -0.38 36.55 -62.69
N GLY C 467 0.69 36.24 -61.96
CA GLY C 467 1.97 35.93 -62.63
C GLY C 467 2.75 37.20 -62.94
N GLN C 468 2.06 38.26 -63.37
CA GLN C 468 2.67 39.62 -63.41
C GLN C 468 2.62 40.22 -62.00
N LEU C 469 1.47 40.11 -61.32
CA LEU C 469 1.31 40.41 -59.86
C LEU C 469 2.29 39.55 -59.05
N SER C 470 2.32 38.24 -59.27
CA SER C 470 3.24 37.29 -58.61
C SER C 470 4.69 37.80 -58.68
N THR C 471 5.15 38.15 -59.89
CA THR C 471 6.57 38.54 -60.14
C THR C 471 6.84 39.90 -59.47
N LEU C 472 5.89 40.84 -59.51
CA LEU C 472 6.11 42.24 -59.02
C LEU C 472 6.09 42.29 -57.48
N LEU C 473 5.34 41.43 -56.79
CA LEU C 473 5.43 41.30 -55.31
C LEU C 473 6.77 40.65 -54.95
N GLN C 474 7.68 41.43 -54.35
CA GLN C 474 8.97 40.95 -53.81
C GLN C 474 9.00 41.27 -52.31
N PRO C 475 8.32 40.50 -51.44
CA PRO C 475 8.18 40.89 -50.04
C PRO C 475 9.52 40.82 -49.29
N ASP C 476 9.73 41.69 -48.29
CA ASP C 476 10.90 41.69 -47.36
C ASP C 476 10.81 40.49 -46.39
N ALA C 477 11.91 40.18 -45.70
CA ALA C 477 12.10 38.96 -44.88
C ALA C 477 12.65 39.33 -43.49
N VAL C 478 11.82 39.99 -42.68
CA VAL C 478 12.19 40.44 -41.31
C VAL C 478 11.51 39.51 -40.32
N LEU C 479 12.28 38.61 -39.69
CA LEU C 479 11.77 37.75 -38.58
C LEU C 479 11.21 38.67 -37.50
N PRO C 480 10.14 38.29 -36.77
CA PRO C 480 9.48 36.98 -36.92
C PRO C 480 8.32 36.88 -37.93
N ASP C 481 8.37 37.64 -39.02
CA ASP C 481 7.31 37.68 -40.06
C ASP C 481 7.38 36.38 -40.86
N ALA C 482 6.25 35.99 -41.45
CA ALA C 482 6.12 34.79 -42.30
C ALA C 482 7.02 34.93 -43.52
N SER C 483 7.18 33.83 -44.27
CA SER C 483 8.00 33.78 -45.51
C SER C 483 7.42 34.69 -46.61
N PRO C 484 8.30 35.38 -47.38
CA PRO C 484 7.87 36.19 -48.53
C PRO C 484 7.04 35.39 -49.52
N VAL C 485 7.40 34.12 -49.70
CA VAL C 485 6.77 33.21 -50.69
C VAL C 485 5.29 33.05 -50.31
N TYR C 486 5.01 32.90 -49.01
CA TYR C 486 3.62 32.77 -48.50
C TYR C 486 2.88 34.06 -48.81
N ARG C 487 3.49 35.19 -48.47
CA ARG C 487 2.82 36.52 -48.56
C ARG C 487 2.54 36.87 -50.04
N ARG C 488 3.49 36.58 -50.93
CA ARG C 488 3.29 36.70 -52.41
C ARG C 488 2.06 35.90 -52.81
N LYS C 489 2.09 34.58 -52.52
CA LYS C 489 1.01 33.64 -52.88
C LYS C 489 -0.31 34.08 -52.23
N LEU C 490 -0.25 34.64 -51.02
CA LEU C 490 -1.46 35.09 -50.28
C LEU C 490 -2.09 36.30 -50.99
N ALA C 491 -1.34 37.39 -51.16
CA ALA C 491 -1.76 38.61 -51.90
C ALA C 491 -2.42 38.22 -53.23
N CYS C 492 -1.77 37.39 -54.07
CA CYS C 492 -2.35 36.95 -55.37
C CYS C 492 -3.70 36.29 -55.16
N GLY C 493 -3.80 35.33 -54.23
CA GLY C 493 -5.05 34.63 -53.88
C GLY C 493 -6.15 35.61 -53.49
N LEU C 494 -5.81 36.65 -52.73
CA LEU C 494 -6.81 37.64 -52.26
C LEU C 494 -7.40 38.39 -53.45
N PHE C 495 -6.56 38.92 -54.34
CA PHE C 495 -7.08 39.65 -55.54
C PHE C 495 -7.97 38.69 -56.33
N TYR C 496 -7.59 37.42 -56.40
CA TYR C 496 -8.35 36.36 -57.09
C TYR C 496 -9.72 36.13 -56.39
N LYS C 497 -9.76 36.10 -55.05
CA LYS C 497 -11.03 35.94 -54.29
C LYS C 497 -11.96 37.12 -54.62
N PHE C 498 -11.40 38.32 -54.68
CA PHE C 498 -12.11 39.56 -55.07
C PHE C 498 -12.79 39.36 -56.44
N LEU C 499 -12.04 38.93 -57.45
CA LEU C 499 -12.54 38.71 -58.84
C LEU C 499 -13.64 37.65 -58.84
N LEU C 500 -13.42 36.51 -58.18
CA LEU C 500 -14.44 35.44 -58.10
C LEU C 500 -15.71 36.01 -57.46
N LYS C 501 -15.58 36.74 -56.35
CA LYS C 501 -16.73 37.29 -55.58
C LYS C 501 -17.47 38.35 -56.42
N ILE C 502 -16.74 39.30 -57.00
CA ILE C 502 -17.33 40.37 -57.86
C ILE C 502 -18.01 39.72 -59.08
N ALA C 503 -17.34 38.73 -59.70
CA ALA C 503 -17.86 37.99 -60.87
C ALA C 503 -19.26 37.49 -60.57
N ALA C 504 -19.43 36.75 -59.48
CA ALA C 504 -20.70 36.08 -59.10
C ALA C 504 -21.77 37.14 -58.85
N GLN C 505 -21.39 38.30 -58.30
CA GLN C 505 -22.30 39.42 -57.97
C GLN C 505 -22.83 40.06 -59.27
N ARG C 506 -21.96 40.24 -60.27
CA ARG C 506 -22.28 40.83 -61.60
C ARG C 506 -22.76 39.74 -62.56
N LYS C 507 -23.26 38.62 -62.01
CA LYS C 507 -23.98 37.53 -62.75
C LYS C 507 -23.07 36.92 -63.81
N GLN C 508 -21.75 37.04 -63.70
CA GLN C 508 -20.79 36.52 -64.70
C GLN C 508 -20.67 34.99 -64.56
N GLY C 509 -20.43 34.28 -65.66
CA GLY C 509 -20.30 32.82 -65.70
C GLY C 509 -18.99 32.36 -65.08
N LEU C 510 -19.07 31.44 -64.12
CA LEU C 510 -17.91 30.88 -63.39
C LEU C 510 -17.99 29.36 -63.48
N GLY C 511 -16.84 28.69 -63.61
CA GLY C 511 -16.73 27.23 -63.42
C GLY C 511 -17.22 26.87 -62.04
N SER C 512 -18.03 25.81 -61.92
CA SER C 512 -18.69 25.39 -60.66
C SER C 512 -17.61 25.10 -59.60
N ARG C 513 -16.47 24.51 -59.98
CA ARG C 513 -15.36 24.14 -59.04
C ARG C 513 -14.68 25.40 -58.44
N PHE C 514 -14.81 26.58 -59.08
CA PHE C 514 -14.06 27.80 -58.70
C PHE C 514 -14.89 28.75 -57.84
N VAL C 515 -16.23 28.61 -57.87
CA VAL C 515 -17.20 29.61 -57.32
C VAL C 515 -16.86 29.86 -55.85
N THR C 516 -16.80 28.80 -55.03
CA THR C 516 -16.74 28.95 -53.55
C THR C 516 -15.41 29.62 -53.16
N GLY C 517 -14.42 29.66 -54.06
CA GLY C 517 -13.18 30.44 -53.88
C GLY C 517 -13.45 31.91 -53.61
N GLY C 518 -14.63 32.44 -53.98
CA GLY C 518 -14.99 33.86 -53.81
C GLY C 518 -15.63 34.18 -52.47
N SER C 519 -16.00 33.16 -51.68
CA SER C 519 -16.55 33.32 -50.31
C SER C 519 -15.41 33.22 -49.28
N LEU C 520 -15.53 33.95 -48.17
CA LEU C 520 -14.80 33.69 -46.90
C LEU C 520 -15.48 32.49 -46.22
N LEU C 521 -14.74 31.73 -45.43
CA LEU C 521 -15.28 30.54 -44.71
C LEU C 521 -16.42 30.96 -43.78
N LYS C 522 -17.56 30.26 -43.89
CA LYS C 522 -18.79 30.39 -43.07
C LYS C 522 -18.55 29.73 -41.70
N ARG C 523 -18.71 30.47 -40.61
CA ARG C 523 -18.55 29.93 -39.23
C ARG C 523 -19.87 30.08 -38.50
N PRO C 524 -20.61 28.99 -38.25
CA PRO C 524 -21.86 29.11 -37.51
C PRO C 524 -21.60 29.47 -36.04
N VAL C 525 -22.66 29.83 -35.32
CA VAL C 525 -22.57 30.01 -33.85
C VAL C 525 -22.15 28.65 -33.26
N SER C 526 -21.08 28.66 -32.44
CA SER C 526 -20.46 27.44 -31.87
C SER C 526 -21.43 26.85 -30.84
N SER C 527 -21.30 25.55 -30.60
CA SER C 527 -22.00 24.83 -29.53
C SER C 527 -21.17 23.63 -29.07
N GLY C 528 -21.62 23.01 -27.98
CA GLY C 528 -21.05 21.76 -27.44
C GLY C 528 -22.14 20.86 -26.90
N GLN C 529 -21.83 19.58 -26.80
CA GLN C 529 -22.65 18.57 -26.09
C GLN C 529 -21.72 17.75 -25.20
N GLN C 530 -22.23 17.29 -24.06
CA GLN C 530 -21.51 16.47 -23.07
C GLN C 530 -22.39 15.25 -22.76
N SER C 531 -21.81 14.07 -22.79
CA SER C 531 -22.48 12.81 -22.39
C SER C 531 -21.67 12.16 -21.29
N PHE C 532 -22.31 11.82 -20.17
CA PHE C 532 -21.66 11.19 -19.00
C PHE C 532 -22.71 10.61 -18.06
N GLU C 533 -22.29 9.59 -17.30
CA GLU C 533 -23.01 9.01 -16.14
C GLU C 533 -22.69 9.80 -14.87
N THR C 534 -23.60 9.74 -13.90
CA THR C 534 -23.42 10.08 -12.47
C THR C 534 -23.86 8.87 -11.65
N PHE C 535 -23.37 8.77 -10.42
CA PHE C 535 -23.66 7.64 -9.49
C PHE C 535 -24.14 8.23 -8.17
N GLN C 536 -25.46 8.53 -8.11
CA GLN C 536 -26.20 9.21 -7.01
C GLN C 536 -25.95 8.49 -5.68
N GLU C 537 -25.76 7.16 -5.74
CA GLU C 537 -25.39 6.27 -4.60
C GLU C 537 -24.07 6.73 -3.94
N HIS C 538 -23.17 7.38 -4.70
CA HIS C 538 -21.84 7.84 -4.21
C HIS C 538 -21.83 9.35 -3.96
N TYR C 539 -22.98 10.03 -4.14
CA TYR C 539 -23.09 11.51 -4.03
C TYR C 539 -22.61 11.93 -2.64
N PRO C 540 -21.92 13.09 -2.49
CA PRO C 540 -21.59 13.97 -3.61
C PRO C 540 -20.49 13.55 -4.59
N VAL C 541 -19.79 12.43 -4.40
CA VAL C 541 -18.79 11.96 -5.41
C VAL C 541 -19.55 11.47 -6.66
N THR C 542 -18.96 11.77 -7.82
CA THR C 542 -19.48 11.58 -9.21
C THR C 542 -20.49 12.67 -9.60
N LYS C 543 -20.90 13.56 -8.71
CA LYS C 543 -21.88 14.62 -9.06
C LYS C 543 -21.19 15.67 -9.91
N ALA C 544 -21.90 16.23 -10.87
CA ALA C 544 -21.38 17.33 -11.71
C ALA C 544 -21.70 18.62 -10.95
N THR C 545 -20.68 19.29 -10.41
CA THR C 545 -20.82 20.49 -9.54
C THR C 545 -20.05 21.68 -10.14
N GLU C 546 -20.36 22.88 -9.64
CA GLU C 546 -19.55 24.10 -9.88
C GLU C 546 -18.21 23.93 -9.14
N LYS C 547 -17.21 24.73 -9.52
CA LYS C 547 -15.86 24.71 -8.90
C LYS C 547 -15.97 25.22 -7.46
N HIS C 548 -15.18 24.66 -6.56
CA HIS C 548 -15.10 25.08 -5.13
C HIS C 548 -14.91 26.62 -5.06
N GLU C 549 -14.03 27.20 -5.89
CA GLU C 549 -13.67 28.64 -5.88
C GLU C 549 -14.44 29.41 -6.97
N GLY C 550 -15.45 28.81 -7.60
CA GLY C 550 -16.14 29.38 -8.79
C GLY C 550 -16.56 30.84 -8.62
N LEU C 551 -17.44 31.12 -7.65
CA LEU C 551 -18.04 32.47 -7.43
C LEU C 551 -16.97 33.48 -7.01
N ILE C 552 -16.03 33.08 -6.15
CA ILE C 552 -14.99 34.03 -5.67
C ILE C 552 -14.02 34.35 -6.83
N GLN C 553 -13.79 33.40 -7.74
CA GLN C 553 -12.97 33.64 -8.95
C GLN C 553 -13.66 34.68 -9.84
N CYS C 554 -14.97 34.55 -10.04
CA CYS C 554 -15.74 35.41 -11.00
C CYS C 554 -15.92 36.80 -10.41
N SER C 555 -15.97 36.92 -9.08
CA SER C 555 -16.24 38.21 -8.37
C SER C 555 -14.98 39.04 -8.17
N GLY C 556 -13.80 38.43 -8.23
CA GLY C 556 -12.53 39.12 -7.91
C GLY C 556 -12.20 39.05 -6.42
N GLU C 557 -13.00 38.32 -5.63
CA GLU C 557 -12.72 38.08 -4.18
C GLU C 557 -11.52 37.14 -4.02
N ALA C 558 -11.36 36.17 -4.92
CA ALA C 558 -10.27 35.16 -4.85
C ALA C 558 -8.92 35.87 -4.99
N THR C 559 -7.96 35.44 -4.19
CA THR C 559 -6.60 36.03 -4.12
C THR C 559 -5.57 35.06 -4.70
N TYR C 560 -4.62 35.64 -5.42
CA TYR C 560 -3.46 34.95 -6.03
C TYR C 560 -2.23 35.61 -5.38
N SER C 561 -1.03 35.13 -5.68
CA SER C 561 0.17 35.59 -4.96
C SER C 561 0.29 37.13 -5.00
N ASN C 562 0.05 37.78 -6.14
CA ASN C 562 0.29 39.25 -6.26
C ASN C 562 -0.93 40.05 -5.79
N ASP C 563 -1.98 39.36 -5.31
CA ASP C 563 -3.15 40.05 -4.71
C ASP C 563 -2.91 40.34 -3.21
N LEU C 564 -1.76 39.96 -2.65
CA LEU C 564 -1.36 40.39 -1.29
C LEU C 564 -1.38 41.91 -1.24
N PRO C 565 -1.99 42.52 -0.22
CA PRO C 565 -2.09 43.98 -0.16
C PRO C 565 -0.73 44.67 -0.25
N THR C 566 -0.77 45.96 -0.59
CA THR C 566 0.40 46.87 -0.56
C THR C 566 1.03 46.80 0.84
N GLN C 567 2.33 46.57 0.90
CA GLN C 567 3.15 46.50 2.12
C GLN C 567 4.05 47.73 2.16
N HIS C 568 4.16 48.40 3.31
CA HIS C 568 5.04 49.59 3.50
CA HIS C 568 5.02 49.62 3.42
C HIS C 568 6.43 49.26 2.92
N ASN C 569 7.01 50.16 2.13
CA ASN C 569 8.42 50.03 1.71
C ASN C 569 8.57 48.88 0.69
N GLN C 570 7.48 48.44 0.07
CA GLN C 570 7.58 47.32 -0.91
C GLN C 570 8.32 47.85 -2.14
N LEU C 571 9.17 47.00 -2.72
CA LEU C 571 9.86 47.21 -4.02
C LEU C 571 9.47 46.11 -5.01
N TRP C 572 9.74 46.34 -6.29
CA TRP C 572 9.44 45.44 -7.44
C TRP C 572 10.77 45.06 -8.07
N ALA C 573 10.89 43.82 -8.56
CA ALA C 573 12.11 43.30 -9.21
C ALA C 573 11.87 43.05 -10.69
N ALA C 574 12.96 43.08 -11.43
CA ALA C 574 13.04 42.73 -12.87
C ALA C 574 14.46 42.28 -13.15
N PHE C 575 14.61 41.21 -13.92
CA PHE C 575 15.93 40.67 -14.33
C PHE C 575 16.63 41.65 -15.27
N VAL C 576 17.95 41.77 -15.10
CA VAL C 576 18.88 42.25 -16.15
C VAL C 576 19.42 41.01 -16.88
N ILE C 577 19.43 41.05 -18.20
CA ILE C 577 19.76 39.86 -19.04
C ILE C 577 20.98 40.14 -19.92
N ALA C 578 21.79 39.11 -20.10
CA ALA C 578 22.92 39.00 -21.04
C ALA C 578 22.35 38.65 -22.41
N LYS C 579 22.97 39.18 -23.47
CA LYS C 579 22.42 39.12 -24.86
C LYS C 579 23.47 38.57 -25.84
N LYS C 580 24.62 38.09 -25.35
CA LYS C 580 25.78 37.76 -26.19
C LYS C 580 26.22 36.33 -25.85
N VAL C 581 25.65 35.37 -26.56
CA VAL C 581 25.87 33.92 -26.29
C VAL C 581 27.36 33.59 -26.43
N GLY C 582 27.92 32.88 -25.46
CA GLY C 582 29.32 32.44 -25.43
C GLY C 582 30.27 33.50 -24.88
N ALA C 583 29.80 34.73 -24.65
CA ALA C 583 30.61 35.84 -24.11
C ALA C 583 30.67 35.76 -22.58
N LYS C 584 31.64 36.46 -21.99
CA LYS C 584 31.65 36.70 -20.52
C LYS C 584 31.34 38.18 -20.31
N VAL C 585 30.48 38.48 -19.35
CA VAL C 585 30.20 39.89 -18.94
C VAL C 585 31.37 40.32 -18.05
N THR C 586 32.22 41.23 -18.54
CA THR C 586 33.46 41.72 -17.87
C THR C 586 33.14 42.85 -16.88
N LYS C 587 32.28 43.79 -17.28
CA LYS C 587 31.88 44.98 -16.47
C LYS C 587 30.37 45.17 -16.55
N VAL C 588 29.78 45.73 -15.47
CA VAL C 588 28.36 46.17 -15.38
C VAL C 588 28.35 47.63 -14.92
N ASP C 589 27.64 48.49 -15.63
CA ASP C 589 27.44 49.90 -15.24
C ASP C 589 25.96 50.09 -14.92
N THR C 590 25.66 50.30 -13.64
CA THR C 590 24.28 50.39 -13.11
C THR C 590 23.81 51.85 -13.07
N GLN C 591 24.73 52.81 -13.27
CA GLN C 591 24.46 54.25 -13.00
C GLN C 591 23.24 54.71 -13.79
N PRO C 592 23.07 54.35 -15.09
CA PRO C 592 21.94 54.87 -15.87
C PRO C 592 20.57 54.41 -15.34
N ALA C 593 20.52 53.25 -14.68
CA ALA C 593 19.32 52.77 -13.97
C ALA C 593 19.22 53.52 -12.63
N LEU C 594 20.33 53.64 -11.89
CA LEU C 594 20.34 54.31 -10.56
C LEU C 594 19.95 55.79 -10.69
N ASP C 595 20.18 56.43 -11.84
CA ASP C 595 19.85 57.87 -12.07
C ASP C 595 18.34 58.09 -12.08
N LEU C 596 17.55 57.03 -12.26
CA LEU C 596 16.06 57.15 -12.35
C LEU C 596 15.53 57.23 -10.92
N PRO C 597 14.85 58.32 -10.51
CA PRO C 597 14.33 58.39 -9.15
C PRO C 597 13.32 57.25 -8.93
N GLY C 598 13.49 56.51 -7.84
CA GLY C 598 12.66 55.34 -7.48
C GLY C 598 13.37 54.02 -7.69
N VAL C 599 14.52 54.01 -8.39
CA VAL C 599 15.38 52.80 -8.54
C VAL C 599 16.25 52.70 -7.28
N VAL C 600 16.30 51.56 -6.61
CA VAL C 600 16.93 51.48 -5.27
C VAL C 600 18.26 50.71 -5.30
N ALA C 601 18.37 49.61 -6.05
CA ALA C 601 19.57 48.75 -6.00
C ALA C 601 19.64 47.78 -7.19
N TYR C 602 20.85 47.32 -7.46
CA TYR C 602 21.16 46.19 -8.36
C TYR C 602 21.83 45.09 -7.56
N LEU C 603 21.29 43.87 -7.60
CA LEU C 603 21.93 42.67 -7.00
C LEU C 603 22.25 41.69 -8.11
N ASP C 604 23.33 40.93 -7.95
CA ASP C 604 23.77 39.88 -8.90
C ASP C 604 24.46 38.77 -8.10
N ALA C 605 25.21 37.90 -8.78
CA ALA C 605 25.83 36.70 -8.17
C ALA C 605 26.69 37.03 -6.95
N LYS C 606 27.37 38.18 -6.90
CA LYS C 606 28.24 38.57 -5.75
C LYS C 606 27.39 38.73 -4.47
N ASP C 607 26.07 38.96 -4.57
CA ASP C 607 25.18 39.19 -3.40
C ASP C 607 24.59 37.89 -2.82
N ILE C 608 24.79 36.74 -3.48
CA ILE C 608 24.22 35.42 -3.06
C ILE C 608 25.08 34.85 -1.94
N PRO C 609 24.55 34.73 -0.70
CA PRO C 609 25.32 34.19 0.42
C PRO C 609 25.67 32.72 0.19
N GLY C 610 24.73 31.94 -0.33
CA GLY C 610 24.89 30.49 -0.49
C GLY C 610 25.32 30.11 -1.90
N PRO C 611 25.14 28.82 -2.29
CA PRO C 611 25.40 28.38 -3.65
C PRO C 611 24.61 29.23 -4.68
N ASN C 612 25.22 29.52 -5.83
CA ASN C 612 24.56 30.15 -6.99
C ASN C 612 23.90 29.02 -7.80
N TYR C 613 22.77 28.51 -7.31
CA TYR C 613 22.14 27.28 -7.86
C TYR C 613 20.65 27.28 -7.57
N VAL C 614 19.86 27.15 -8.62
CA VAL C 614 18.39 27.02 -8.58
C VAL C 614 18.06 25.54 -8.48
N GLY C 615 17.82 25.08 -7.26
CA GLY C 615 17.39 23.70 -6.98
C GLY C 615 17.59 23.37 -5.52
N PRO C 616 17.37 22.10 -5.13
CA PRO C 616 17.45 21.68 -3.74
C PRO C 616 18.89 21.37 -3.32
N LYS C 617 19.13 21.26 -2.01
CA LYS C 617 20.42 20.79 -1.42
C LYS C 617 20.79 19.42 -1.98
N ILE C 618 19.84 18.49 -2.02
CA ILE C 618 20.10 17.08 -2.45
C ILE C 618 19.33 16.85 -3.74
N ARG C 619 20.09 16.51 -4.79
CA ARG C 619 19.65 16.51 -6.21
C ARG C 619 19.37 15.07 -6.68
N ASP C 620 18.59 14.93 -7.76
CA ASP C 620 18.17 13.64 -8.38
C ASP C 620 18.71 13.55 -9.82
N GLN C 621 18.25 12.54 -10.57
CA GLN C 621 18.75 12.24 -11.94
C GLN C 621 17.80 12.85 -12.96
N PHE C 622 16.57 13.18 -12.55
CA PHE C 622 15.51 13.65 -13.47
C PHE C 622 15.46 15.19 -13.48
N PHE C 623 15.10 15.80 -12.34
CA PHE C 623 14.83 17.26 -12.22
C PHE C 623 16.14 18.05 -12.23
N PHE C 624 17.17 17.58 -11.52
CA PHE C 624 18.33 18.41 -11.12
C PHE C 624 19.69 17.79 -11.43
N PRO C 625 19.88 16.96 -12.48
CA PRO C 625 21.21 16.40 -12.73
C PRO C 625 22.25 17.44 -13.18
N LYS C 626 21.85 18.56 -13.78
CA LYS C 626 22.77 19.62 -14.32
C LYS C 626 22.66 20.93 -13.52
N ASP C 627 23.83 21.52 -13.24
CA ASP C 627 23.99 22.83 -12.54
C ASP C 627 23.24 23.90 -13.32
N GLU C 628 22.51 24.74 -12.58
CA GLU C 628 21.78 25.91 -13.12
C GLU C 628 21.99 27.07 -12.14
N GLU C 629 22.59 28.15 -12.61
CA GLU C 629 22.89 29.35 -11.79
C GLU C 629 21.61 30.17 -11.69
N LEU C 630 21.40 30.85 -10.55
CA LEU C 630 20.38 31.90 -10.42
C LEU C 630 20.77 33.13 -11.25
N PHE C 631 22.03 33.54 -11.18
CA PHE C 631 22.60 34.67 -11.96
C PHE C 631 23.87 34.18 -12.66
N ALA C 632 23.89 34.21 -14.00
CA ALA C 632 25.04 33.80 -14.84
C ALA C 632 26.29 34.53 -14.35
N THR C 633 27.39 33.78 -14.20
CA THR C 633 28.74 34.30 -13.84
C THR C 633 29.81 33.89 -14.85
N GLY C 634 29.53 33.04 -15.84
CA GLY C 634 30.56 32.60 -16.82
C GLY C 634 30.16 32.91 -18.26
N GLU C 635 30.38 31.94 -19.15
CA GLU C 635 29.89 32.03 -20.54
C GLU C 635 28.37 32.11 -20.49
N ILE C 636 27.80 33.05 -21.24
CA ILE C 636 26.32 33.21 -21.38
C ILE C 636 25.83 32.04 -22.26
N LYS C 637 24.92 31.26 -21.70
CA LYS C 637 24.40 30.00 -22.31
C LYS C 637 23.28 30.31 -23.30
N PHE C 638 22.59 31.43 -23.17
CA PHE C 638 21.48 31.80 -24.09
C PHE C 638 21.14 33.28 -23.99
N TYR C 639 20.57 33.81 -25.05
CA TYR C 639 20.06 35.21 -25.09
C TYR C 639 18.94 35.32 -24.05
N GLY C 640 19.14 36.18 -23.06
CA GLY C 640 18.12 36.46 -22.03
C GLY C 640 18.42 35.80 -20.71
N GLN C 641 19.58 35.15 -20.58
CA GLN C 641 20.02 34.57 -19.28
C GLN C 641 20.22 35.71 -18.26
N PRO C 642 19.45 35.71 -17.14
CA PRO C 642 19.62 36.73 -16.12
C PRO C 642 21.01 36.76 -15.48
N VAL C 643 21.54 37.97 -15.29
CA VAL C 643 22.83 38.20 -14.59
C VAL C 643 22.53 38.93 -13.29
N GLY C 644 21.36 39.55 -13.16
CA GLY C 644 20.98 40.21 -11.88
C GLY C 644 19.57 40.75 -11.89
N ILE C 645 19.21 41.47 -10.83
CA ILE C 645 17.89 42.13 -10.68
C ILE C 645 18.07 43.61 -10.30
N ILE C 646 17.20 44.44 -10.87
CA ILE C 646 16.91 45.84 -10.44
C ILE C 646 15.72 45.77 -9.48
N LEU C 647 15.78 46.56 -8.43
CA LEU C 647 14.65 46.82 -7.52
C LEU C 647 14.28 48.30 -7.59
N ALA C 648 13.01 48.58 -7.76
CA ALA C 648 12.48 49.95 -7.82
C ALA C 648 11.10 50.01 -7.20
N ASN C 649 10.59 51.24 -7.02
CA ASN C 649 9.37 51.51 -6.23
C ASN C 649 8.14 51.28 -7.10
N SER C 650 8.31 50.77 -8.31
CA SER C 650 7.16 50.43 -9.17
C SER C 650 7.55 49.33 -10.18
N ASN C 651 6.57 48.54 -10.59
CA ASN C 651 6.78 47.43 -11.55
C ASN C 651 7.34 48.00 -12.87
N SER C 652 6.64 48.97 -13.46
CA SER C 652 7.04 49.72 -14.69
C SER C 652 8.47 50.23 -14.55
N LEU C 653 8.79 50.88 -13.45
CA LEU C 653 10.14 51.48 -13.26
C LEU C 653 11.19 50.35 -13.13
N ALA C 654 10.89 49.26 -12.42
CA ALA C 654 11.85 48.12 -12.26
C ALA C 654 12.24 47.56 -13.63
N ASN C 655 11.25 47.34 -14.49
CA ASN C 655 11.44 46.76 -15.84
C ASN C 655 12.21 47.73 -16.76
N ARG C 656 11.84 49.01 -16.79
CA ARG C 656 12.51 50.04 -17.62
C ARG C 656 13.95 50.20 -17.13
N ALA C 657 14.16 50.31 -15.83
CA ALA C 657 15.48 50.44 -15.20
C ALA C 657 16.36 49.24 -15.61
N ALA C 658 15.80 48.02 -15.65
CA ALA C 658 16.56 46.78 -15.95
C ALA C 658 17.20 46.85 -17.35
N GLU C 659 16.46 47.38 -18.35
CA GLU C 659 16.94 47.57 -19.75
C GLU C 659 18.06 48.63 -19.85
N LEU C 660 18.32 49.43 -18.80
CA LEU C 660 19.25 50.60 -18.87
C LEU C 660 20.63 50.24 -18.31
N VAL C 661 20.78 49.06 -17.70
CA VAL C 661 22.07 48.55 -17.16
C VAL C 661 22.94 48.14 -18.34
N LYS C 662 24.05 48.86 -18.59
CA LYS C 662 25.01 48.59 -19.69
C LYS C 662 25.89 47.43 -19.27
N LEU C 663 25.93 46.38 -20.10
CA LEU C 663 26.83 45.21 -19.92
C LEU C 663 27.98 45.35 -20.91
N THR C 664 29.20 45.03 -20.47
CA THR C 664 30.39 44.90 -21.33
C THR C 664 30.74 43.41 -21.44
N TYR C 665 30.87 42.95 -22.68
CA TYR C 665 31.16 41.55 -23.04
C TYR C 665 32.60 41.48 -23.57
N GLU C 666 33.30 40.40 -23.24
CA GLU C 666 34.49 39.92 -24.00
C GLU C 666 34.13 38.54 -24.56
N GLY C 667 34.54 38.27 -25.80
CA GLY C 667 34.39 36.95 -26.43
C GLY C 667 33.02 36.82 -27.08
N GLY C 668 32.53 35.60 -27.25
CA GLY C 668 31.21 35.34 -27.88
C GLY C 668 31.31 34.23 -28.88
N ALA C 669 30.33 33.32 -28.89
CA ALA C 669 30.25 32.14 -29.79
C ALA C 669 30.47 32.60 -31.24
N GLU C 670 31.42 31.95 -31.92
CA GLU C 670 31.59 31.98 -33.41
C GLU C 670 30.21 31.84 -34.07
N GLU C 671 29.46 30.78 -33.71
CA GLU C 671 28.09 30.49 -34.23
C GLU C 671 27.16 30.12 -33.08
N ILE C 672 25.95 30.65 -33.14
CA ILE C 672 24.91 30.42 -32.11
C ILE C 672 23.91 29.44 -32.73
N LEU C 673 23.55 28.41 -31.97
CA LEU C 673 22.68 27.31 -32.45
C LEU C 673 21.47 27.21 -31.52
N PRO C 674 20.48 28.11 -31.72
CA PRO C 674 19.41 28.33 -30.75
C PRO C 674 18.11 27.52 -30.95
N SER C 675 18.06 26.67 -31.98
CA SER C 675 16.90 25.83 -32.36
C SER C 675 17.34 24.37 -32.58
N LEU C 676 16.39 23.45 -32.57
CA LEU C 676 16.67 22.01 -32.79
C LEU C 676 17.25 21.83 -34.19
N LYS C 677 16.65 22.49 -35.19
CA LYS C 677 17.08 22.41 -36.60
C LYS C 677 18.51 22.94 -36.72
N ALA C 678 18.87 23.96 -35.96
CA ALA C 678 20.18 24.63 -36.12
C ALA C 678 21.26 23.63 -35.74
N VAL C 679 21.05 22.85 -34.67
CA VAL C 679 22.06 21.87 -34.19
C VAL C 679 22.01 20.59 -35.04
N LEU C 680 20.85 20.23 -35.60
CA LEU C 680 20.75 18.98 -36.39
C LEU C 680 21.41 19.18 -37.77
N ASP C 681 21.10 20.27 -38.48
CA ASP C 681 21.79 20.68 -39.74
C ASP C 681 23.30 20.61 -39.58
N LYS C 682 23.85 21.01 -38.42
CA LYS C 682 25.31 20.95 -38.13
C LYS C 682 25.79 19.50 -38.07
N VAL C 683 25.10 18.60 -37.36
CA VAL C 683 25.58 17.20 -37.14
C VAL C 683 25.03 16.27 -38.23
N ASN C 690 28.29 16.02 -32.12
CA ASN C 690 29.55 16.23 -31.36
C ASN C 690 29.33 15.84 -29.89
N LYS C 691 28.62 16.70 -29.14
CA LYS C 691 28.64 16.83 -27.66
C LYS C 691 27.31 17.39 -27.14
N ARG C 692 26.65 18.24 -27.93
CA ARG C 692 25.24 18.68 -27.72
C ARG C 692 24.29 17.48 -27.77
N LEU C 693 24.77 16.31 -28.22
CA LEU C 693 23.94 15.09 -28.44
C LEU C 693 24.24 14.04 -27.38
N GLU C 694 23.19 13.57 -26.74
CA GLU C 694 23.24 12.34 -25.91
C GLU C 694 22.18 11.41 -26.49
N GLN C 695 22.42 10.10 -26.35
CA GLN C 695 21.46 9.04 -26.75
C GLN C 695 21.02 8.32 -25.48
N PRO C 696 20.02 8.80 -24.73
CA PRO C 696 19.46 8.04 -23.61
C PRO C 696 18.66 6.79 -24.04
N ILE C 697 18.18 6.75 -25.29
CA ILE C 697 17.40 5.61 -25.85
C ILE C 697 18.20 4.99 -27.01
N LYS C 698 18.82 3.84 -26.74
CA LYS C 698 19.53 3.02 -27.75
C LYS C 698 18.80 1.69 -27.87
N SER C 699 18.22 1.40 -29.05
CA SER C 699 17.47 0.14 -29.31
C SER C 699 18.42 -1.05 -29.22
N THR C 700 17.91 -2.19 -28.76
CA THR C 700 18.63 -3.49 -28.73
C THR C 700 18.73 -4.00 -30.17
N ILE C 701 17.82 -3.57 -31.06
CA ILE C 701 17.90 -3.80 -32.54
C ILE C 701 18.89 -2.78 -33.11
N ASP C 702 20.10 -3.25 -33.42
CA ASP C 702 21.23 -2.44 -33.96
C ASP C 702 20.94 -2.10 -35.44
N VAL C 703 20.46 -3.09 -36.22
CA VAL C 703 19.94 -2.91 -37.62
C VAL C 703 18.67 -3.74 -37.80
N LEU C 704 17.55 -3.09 -38.14
CA LEU C 704 16.22 -3.74 -38.29
C LEU C 704 16.30 -4.79 -39.39
N GLN C 705 15.89 -6.02 -39.07
CA GLN C 705 16.18 -7.21 -39.91
C GLN C 705 15.17 -7.29 -41.05
N LEU C 706 13.87 -7.13 -40.80
CA LEU C 706 12.86 -7.13 -41.89
C LEU C 706 12.83 -8.51 -42.56
N GLU C 707 12.31 -9.51 -41.89
CA GLU C 707 12.13 -10.85 -42.49
C GLU C 707 10.66 -11.00 -42.90
N GLU C 708 9.75 -10.19 -42.36
CA GLU C 708 8.34 -10.12 -42.85
C GLU C 708 8.32 -9.50 -44.24
N PRO C 709 7.50 -10.02 -45.18
CA PRO C 709 7.33 -9.37 -46.47
C PRO C 709 6.56 -8.05 -46.31
N PHE C 710 6.85 -7.09 -47.19
CA PHE C 710 6.17 -5.78 -47.28
C PHE C 710 5.92 -5.46 -48.75
N ASP C 711 4.86 -4.70 -49.02
CA ASP C 711 4.40 -4.32 -50.37
C ASP C 711 4.76 -2.85 -50.67
N VAL C 712 5.05 -2.07 -49.61
CA VAL C 712 5.13 -0.58 -49.63
C VAL C 712 6.08 -0.15 -48.50
N SER C 713 7.04 0.71 -48.83
CA SER C 713 7.97 1.37 -47.90
C SER C 713 8.03 2.87 -48.21
N SER C 714 8.13 3.69 -47.18
CA SER C 714 8.42 5.13 -47.31
C SER C 714 9.22 5.60 -46.10
N SER C 715 10.05 6.61 -46.27
CA SER C 715 10.66 7.38 -45.15
C SER C 715 9.83 8.65 -44.97
N GLY C 716 9.94 9.30 -43.82
CA GLY C 716 9.20 10.54 -43.56
C GLY C 716 9.72 11.24 -42.34
N GLN C 717 9.09 12.35 -41.99
CA GLN C 717 9.55 13.14 -40.83
C GLN C 717 8.34 13.73 -40.14
N LEU C 718 8.55 14.18 -38.91
CA LEU C 718 7.57 14.85 -38.05
C LEU C 718 8.33 15.96 -37.35
N ASP C 719 7.79 17.17 -37.35
CA ASP C 719 8.38 18.35 -36.68
C ASP C 719 7.34 18.98 -35.76
N MET C 720 7.77 19.31 -34.56
CA MET C 720 6.90 19.93 -33.52
C MET C 720 7.82 20.84 -32.72
N GLY C 721 7.51 22.13 -32.73
CA GLY C 721 8.37 23.14 -32.09
C GLY C 721 8.05 23.29 -30.62
N LEU C 722 8.55 24.39 -30.05
CA LEU C 722 8.34 24.77 -28.63
C LEU C 722 6.89 25.19 -28.46
N GLN C 723 6.39 25.10 -27.24
CA GLN C 723 5.07 25.63 -26.85
C GLN C 723 5.24 26.40 -25.55
N TYR C 724 4.76 27.63 -25.52
CA TYR C 724 4.76 28.46 -24.30
C TYR C 724 3.50 28.11 -23.51
N HIS C 725 3.65 27.92 -22.20
CA HIS C 725 2.56 27.44 -21.32
C HIS C 725 1.39 28.41 -21.45
N TYR C 726 1.70 29.72 -21.50
CA TYR C 726 0.73 30.83 -21.53
C TYR C 726 -0.25 30.69 -20.36
N TYR C 727 0.26 30.37 -19.17
CA TYR C 727 -0.50 30.57 -17.90
C TYR C 727 -0.89 32.06 -17.83
N MET C 728 -2.13 32.35 -17.44
CA MET C 728 -2.70 33.71 -17.51
C MET C 728 -2.20 34.50 -16.31
N GLU C 729 -1.85 33.83 -15.21
CA GLU C 729 -1.13 34.48 -14.09
C GLU C 729 0.36 34.32 -14.35
N PRO C 730 1.13 35.42 -14.56
CA PRO C 730 2.54 35.34 -14.89
C PRO C 730 3.33 34.76 -13.73
N GLN C 731 4.58 34.38 -13.96
CA GLN C 731 5.53 34.01 -12.88
C GLN C 731 5.50 35.11 -11.83
N THR C 732 5.29 34.73 -10.56
CA THR C 732 5.00 35.67 -9.44
C THR C 732 5.49 35.10 -8.11
N THR C 733 6.26 35.90 -7.37
CA THR C 733 6.58 35.62 -5.95
C THR C 733 6.63 36.97 -5.22
N VAL C 734 5.93 37.08 -4.10
CA VAL C 734 6.06 38.21 -3.14
C VAL C 734 6.73 37.66 -1.89
N VAL C 735 7.79 38.33 -1.40
CA VAL C 735 8.52 37.86 -0.19
C VAL C 735 8.50 38.99 0.83
N LEU C 736 8.00 38.71 2.05
CA LEU C 736 8.08 39.64 3.20
C LEU C 736 9.15 39.16 4.17
N PRO C 737 10.05 40.04 4.65
CA PRO C 737 10.83 39.74 5.85
C PRO C 737 9.81 39.72 6.99
N PHE C 738 9.96 38.76 7.89
CA PHE C 738 9.00 38.55 9.00
C PHE C 738 9.71 37.83 10.15
N GLU C 739 9.82 38.49 11.29
CA GLU C 739 10.37 37.93 12.57
C GLU C 739 11.68 37.18 12.29
N GLY C 740 12.60 37.81 11.55
CA GLY C 740 13.95 37.30 11.26
C GLY C 740 13.95 36.16 10.25
N GLY C 741 12.81 35.89 9.61
CA GLY C 741 12.69 34.88 8.55
C GLY C 741 11.99 35.48 7.34
N LEU C 742 11.35 34.65 6.52
CA LEU C 742 10.68 35.08 5.28
C LEU C 742 9.32 34.41 5.20
N GLN C 743 8.29 35.18 4.83
CA GLN C 743 6.98 34.69 4.35
C GLN C 743 7.04 34.79 2.83
N VAL C 744 6.83 33.69 2.13
CA VAL C 744 6.94 33.60 0.65
C VAL C 744 5.55 33.27 0.11
N TYR C 745 4.98 34.17 -0.69
CA TYR C 745 3.77 33.96 -1.51
C TYR C 745 4.20 33.65 -2.94
N ALA C 746 4.39 32.37 -3.25
CA ALA C 746 4.94 31.89 -4.53
C ALA C 746 3.83 31.23 -5.38
N ALA C 747 3.69 31.70 -6.61
CA ALA C 747 2.91 31.03 -7.67
C ALA C 747 3.70 29.83 -8.17
N THR C 748 3.73 28.76 -7.38
CA THR C 748 4.49 27.51 -7.65
C THR C 748 3.56 26.29 -7.60
N GLN C 749 3.91 25.24 -8.36
CA GLN C 749 3.21 23.92 -8.30
C GLN C 749 3.91 23.08 -7.24
N TRP C 750 5.05 23.54 -6.73
CA TRP C 750 5.95 22.74 -5.87
C TRP C 750 6.54 23.60 -4.76
N MET C 751 5.77 23.82 -3.69
CA MET C 751 6.12 24.74 -2.56
C MET C 751 7.44 24.32 -1.92
N ASP C 752 7.66 23.00 -1.82
CA ASP C 752 8.82 22.37 -1.15
C ASP C 752 10.11 22.77 -1.86
N LEU C 753 10.12 22.69 -3.20
CA LEU C 753 11.31 23.07 -3.98
C LEU C 753 11.57 24.58 -3.81
N THR C 754 10.55 25.41 -3.93
CA THR C 754 10.68 26.88 -3.71
C THR C 754 11.35 27.13 -2.35
N GLN C 755 10.88 26.51 -1.27
CA GLN C 755 11.44 26.60 0.11
C GLN C 755 12.89 26.08 0.14
N ASP C 756 13.12 24.91 -0.44
CA ASP C 756 14.45 24.27 -0.47
C ASP C 756 15.41 25.27 -1.11
N THR C 757 15.06 25.78 -2.29
CA THR C 757 15.93 26.69 -3.12
C THR C 757 16.22 27.98 -2.34
N ILE C 758 15.21 28.65 -1.83
CA ILE C 758 15.38 29.95 -1.13
C ILE C 758 16.30 29.75 0.07
N ALA C 759 16.01 28.76 0.93
CA ALA C 759 16.82 28.44 2.12
C ALA C 759 18.27 28.11 1.73
N ASN C 760 18.48 27.39 0.63
CA ASN C 760 19.83 27.01 0.14
C ASN C 760 20.59 28.25 -0.31
N VAL C 761 20.00 29.02 -1.23
CA VAL C 761 20.65 30.21 -1.86
C VAL C 761 20.98 31.24 -0.77
N LEU C 762 20.15 31.36 0.28
CA LEU C 762 20.28 32.39 1.35
C LEU C 762 20.95 31.86 2.63
N ASN C 763 21.36 30.59 2.67
CA ASN C 763 21.94 29.94 3.88
C ASN C 763 21.02 30.16 5.09
N LEU C 764 19.73 29.90 4.90
CA LEU C 764 18.68 30.01 5.96
C LEU C 764 18.23 28.60 6.37
N LYS C 765 17.60 28.52 7.53
CA LYS C 765 16.93 27.28 8.00
C LYS C 765 15.62 27.18 7.24
N SER C 766 15.22 25.98 6.84
CA SER C 766 13.98 25.77 6.06
C SER C 766 12.77 26.22 6.87
N ASN C 767 12.79 26.02 8.18
CA ASN C 767 11.62 26.37 9.01
C ASN C 767 11.43 27.90 9.06
N ASP C 768 12.45 28.71 8.72
CA ASP C 768 12.40 30.21 8.72
C ASP C 768 11.95 30.74 7.34
N VAL C 769 11.72 29.86 6.38
CA VAL C 769 11.21 30.18 5.01
C VAL C 769 9.87 29.46 4.87
N GLN C 770 8.79 30.16 5.20
CA GLN C 770 7.41 29.65 5.13
C GLN C 770 6.79 30.13 3.82
N VAL C 771 6.38 29.17 2.99
CA VAL C 771 5.80 29.40 1.64
C VAL C 771 4.29 29.19 1.79
N LYS C 772 3.47 30.06 1.21
CA LYS C 772 1.99 29.88 1.17
C LYS C 772 1.53 30.07 -0.28
N THR C 773 0.77 29.10 -0.79
CA THR C 773 0.21 29.09 -2.16
C THR C 773 -1.27 28.71 -2.05
N ARG C 774 -2.14 29.70 -2.00
CA ARG C 774 -3.59 29.44 -1.90
C ARG C 774 -4.07 28.86 -3.23
N ARG C 775 -3.62 29.42 -4.35
CA ARG C 775 -4.00 29.00 -5.72
C ARG C 775 -3.05 29.67 -6.72
N ILE C 776 -2.87 29.07 -7.91
CA ILE C 776 -2.12 29.72 -9.01
C ILE C 776 -3.01 29.83 -10.25
N GLY C 777 -2.79 30.88 -11.06
CA GLY C 777 -3.53 31.16 -12.30
C GLY C 777 -2.94 30.38 -13.46
N GLY C 778 -3.06 29.05 -13.42
CA GLY C 778 -2.45 28.14 -14.38
C GLY C 778 -0.97 27.85 -14.08
N GLY C 779 -0.51 26.68 -14.48
CA GLY C 779 0.89 26.26 -14.41
C GLY C 779 1.23 25.41 -15.62
N TYR C 780 0.49 24.32 -15.83
CA TYR C 780 0.70 23.41 -16.98
C TYR C 780 2.15 22.87 -17.00
N GLY C 781 2.82 22.80 -15.85
CA GLY C 781 4.22 22.35 -15.75
C GLY C 781 5.19 23.51 -15.72
N GLY C 782 4.78 24.69 -16.18
CA GLY C 782 5.66 25.87 -16.26
C GLY C 782 6.00 26.46 -14.89
N LYS C 783 5.18 26.20 -13.86
CA LYS C 783 5.41 26.73 -12.48
C LYS C 783 5.82 25.63 -11.50
N ALA C 784 6.31 24.49 -12.01
CA ALA C 784 6.93 23.40 -11.25
C ALA C 784 8.31 23.85 -10.75
N THR C 785 9.20 24.27 -11.65
CA THR C 785 10.61 24.64 -11.29
C THR C 785 11.00 26.04 -11.80
N ARG C 786 10.41 26.53 -12.90
CA ARG C 786 10.82 27.80 -13.54
C ARG C 786 10.35 29.00 -12.70
N CYS C 787 9.45 28.80 -11.72
CA CYS C 787 9.05 29.84 -10.74
C CYS C 787 10.20 30.27 -9.83
N ASN C 788 11.25 29.44 -9.68
CA ASN C 788 12.22 29.60 -8.58
C ASN C 788 13.36 30.56 -8.94
N LEU C 789 13.50 30.93 -10.22
CA LEU C 789 14.40 32.04 -10.64
C LEU C 789 13.84 33.34 -10.06
N ALA C 790 12.58 33.68 -10.32
CA ALA C 790 11.91 34.87 -9.73
C ALA C 790 11.76 34.68 -8.21
N ALA C 791 11.41 33.48 -7.75
CA ALA C 791 11.20 33.25 -6.30
C ALA C 791 12.50 33.56 -5.53
N ALA C 792 13.63 32.98 -5.94
CA ALA C 792 14.92 33.06 -5.22
C ALA C 792 15.53 34.46 -5.36
N ALA C 793 15.35 35.12 -6.50
CA ALA C 793 15.78 36.51 -6.76
C ALA C 793 15.04 37.46 -5.82
N ALA C 794 13.70 37.34 -5.76
CA ALA C 794 12.79 38.09 -4.86
C ALA C 794 13.22 37.93 -3.40
N ALA C 795 13.48 36.69 -2.95
CA ALA C 795 13.86 36.38 -1.54
C ALA C 795 15.27 36.91 -1.27
N LEU C 796 16.19 36.80 -2.23
CA LEU C 796 17.55 37.39 -2.09
C LEU C 796 17.40 38.88 -1.79
N ALA C 797 16.58 39.62 -2.55
CA ALA C 797 16.35 41.07 -2.42
C ALA C 797 15.72 41.37 -1.06
N ALA C 798 14.68 40.62 -0.67
CA ALA C 798 13.94 40.89 0.58
C ALA C 798 14.87 40.66 1.75
N HIS C 799 15.74 39.67 1.66
CA HIS C 799 16.75 39.34 2.69
C HIS C 799 17.81 40.44 2.78
N LYS C 800 18.33 40.87 1.63
CA LYS C 800 19.47 41.82 1.51
C LYS C 800 19.00 43.23 1.92
N LEU C 801 17.88 43.70 1.37
CA LEU C 801 17.32 45.06 1.64
C LEU C 801 16.41 45.07 2.88
N ASN C 802 15.96 43.92 3.37
CA ASN C 802 15.05 43.82 4.55
C ASN C 802 13.78 44.66 4.30
N ARG C 803 13.18 44.50 3.14
CA ARG C 803 11.89 45.12 2.75
C ARG C 803 11.07 44.09 1.99
N PRO C 804 9.73 44.26 1.89
CA PRO C 804 8.91 43.48 1.00
C PRO C 804 9.40 43.65 -0.45
N ILE C 805 9.50 42.54 -1.18
CA ILE C 805 9.89 42.47 -2.61
C ILE C 805 8.81 41.72 -3.39
N ARG C 806 8.28 42.36 -4.41
CA ARG C 806 7.32 41.78 -5.36
C ARG C 806 8.06 41.52 -6.66
N PHE C 807 7.98 40.30 -7.18
CA PHE C 807 8.54 39.94 -8.50
C PHE C 807 7.44 39.32 -9.36
N VAL C 808 6.80 40.16 -10.17
CA VAL C 808 5.83 39.77 -11.23
C VAL C 808 6.55 39.92 -12.56
N GLN C 809 6.96 38.79 -13.12
CA GLN C 809 7.77 38.70 -14.34
C GLN C 809 6.92 39.17 -15.53
N SER C 810 7.47 40.04 -16.39
CA SER C 810 6.74 40.50 -17.61
C SER C 810 6.66 39.30 -18.58
N LEU C 811 5.68 39.30 -19.46
CA LEU C 811 5.52 38.27 -20.51
C LEU C 811 6.82 38.18 -21.34
N GLU C 812 7.37 39.32 -21.74
CA GLU C 812 8.69 39.37 -22.43
C GLU C 812 9.75 38.63 -21.62
N SER C 813 9.88 38.90 -20.33
CA SER C 813 10.90 38.24 -19.46
C SER C 813 10.69 36.72 -19.45
N ILE C 814 9.43 36.27 -19.34
CA ILE C 814 9.06 34.83 -19.21
C ILE C 814 9.47 34.12 -20.51
N MET C 815 9.01 34.66 -21.64
CA MET C 815 9.19 34.06 -22.98
C MET C 815 10.64 34.20 -23.45
N THR C 816 11.39 35.20 -22.98
CA THR C 816 12.81 35.42 -23.35
C THR C 816 13.74 34.52 -22.50
N SER C 817 13.51 34.39 -21.20
CA SER C 817 14.50 33.80 -20.26
C SER C 817 14.10 32.39 -19.78
N LEU C 818 12.82 31.99 -19.85
CA LEU C 818 12.35 30.70 -19.30
C LEU C 818 12.02 29.73 -20.44
N GLY C 819 12.28 28.45 -20.22
CA GLY C 819 12.07 27.38 -21.23
C GLY C 819 10.61 27.09 -21.48
N LYS C 820 10.35 26.09 -22.33
CA LYS C 820 9.02 25.82 -22.91
C LYS C 820 8.90 24.31 -23.08
N ARG C 821 7.76 23.83 -23.57
CA ARG C 821 7.65 22.44 -24.07
C ARG C 821 8.84 22.17 -25.00
N TRP C 822 9.50 21.04 -24.79
CA TRP C 822 10.65 20.60 -25.61
C TRP C 822 10.17 20.37 -27.05
N ALA C 823 10.89 20.93 -28.02
CA ALA C 823 10.76 20.68 -29.47
C ALA C 823 11.13 19.22 -29.77
N PHE C 824 10.54 18.68 -30.83
CA PHE C 824 10.69 17.26 -31.22
C PHE C 824 10.90 17.20 -32.73
N HIS C 825 11.85 16.40 -33.17
CA HIS C 825 11.99 16.02 -34.60
C HIS C 825 12.13 14.51 -34.70
N CYS C 826 11.42 13.90 -35.63
CA CYS C 826 11.49 12.44 -35.88
C CYS C 826 11.84 12.19 -37.34
N ASP C 827 12.82 11.30 -37.60
CA ASP C 827 13.04 10.66 -38.94
C ASP C 827 12.61 9.20 -38.81
N TYR C 828 11.76 8.74 -39.71
CA TYR C 828 11.25 7.35 -39.71
C TYR C 828 11.23 6.78 -41.13
N ASP C 829 11.37 5.47 -41.16
CA ASP C 829 11.13 4.52 -42.29
C ASP C 829 10.04 3.55 -41.87
N PHE C 830 8.98 3.36 -42.66
CA PHE C 830 8.05 2.23 -42.44
C PHE C 830 8.07 1.29 -43.65
N PHE C 831 7.73 0.03 -43.36
CA PHE C 831 7.54 -1.11 -44.30
C PHE C 831 6.24 -1.81 -43.91
N VAL C 832 5.30 -1.86 -44.85
CA VAL C 832 3.92 -2.32 -44.63
C VAL C 832 3.51 -3.22 -45.80
N GLN C 833 2.54 -4.11 -45.55
CA GLN C 833 1.77 -4.86 -46.56
C GLN C 833 0.69 -3.92 -47.08
N LYS C 834 0.01 -4.32 -48.16
CA LYS C 834 -1.01 -3.51 -48.88
C LYS C 834 -2.15 -3.10 -47.94
N SER C 835 -2.41 -3.92 -46.91
CA SER C 835 -3.51 -3.70 -45.92
C SER C 835 -3.18 -2.55 -44.96
N GLY C 836 -1.91 -2.13 -44.86
CA GLY C 836 -1.43 -1.18 -43.84
C GLY C 836 -0.78 -1.88 -42.65
N LYS C 837 -0.84 -3.22 -42.62
CA LYS C 837 -0.21 -4.07 -41.58
C LYS C 837 1.28 -3.78 -41.55
N ILE C 838 1.81 -3.47 -40.38
CA ILE C 838 3.22 -3.04 -40.22
C ILE C 838 4.10 -4.29 -40.19
N SER C 839 5.08 -4.34 -41.10
CA SER C 839 6.17 -5.36 -41.11
C SER C 839 7.41 -4.81 -40.39
N GLY C 840 7.62 -3.49 -40.38
CA GLY C 840 8.78 -2.91 -39.66
C GLY C 840 8.76 -1.39 -39.59
N ILE C 841 9.33 -0.82 -38.53
CA ILE C 841 9.58 0.64 -38.42
C ILE C 841 11.00 0.82 -37.87
N VAL C 842 11.69 1.83 -38.39
CA VAL C 842 12.91 2.44 -37.80
C VAL C 842 12.54 3.91 -37.60
N SER C 843 12.72 4.39 -36.38
CA SER C 843 12.43 5.79 -35.98
C SER C 843 13.63 6.30 -35.19
N ARG C 844 14.12 7.50 -35.53
CA ARG C 844 15.05 8.24 -34.65
C ARG C 844 14.39 9.58 -34.35
N PHE C 845 14.32 9.93 -33.07
CA PHE C 845 13.73 11.20 -32.59
C PHE C 845 14.80 11.97 -31.82
N TYR C 846 14.62 13.28 -31.85
CA TYR C 846 15.47 14.25 -31.13
C TYR C 846 14.54 15.20 -30.37
N GLU C 847 14.92 15.52 -29.13
CA GLU C 847 14.13 16.43 -28.27
C GLU C 847 15.04 17.56 -27.82
N ASP C 848 14.56 18.79 -28.02
CA ASP C 848 15.31 20.04 -27.69
C ASP C 848 15.18 20.35 -26.20
N ALA C 849 16.26 20.20 -25.45
CA ALA C 849 16.35 20.46 -24.00
C ALA C 849 16.57 21.96 -23.71
N GLY C 850 16.86 22.79 -24.70
CA GLY C 850 17.60 24.05 -24.46
C GLY C 850 19.00 23.74 -23.93
N TYR C 851 19.57 24.56 -23.04
CA TYR C 851 21.04 24.55 -22.76
C TYR C 851 21.40 23.55 -21.67
N LEU C 852 20.42 23.05 -20.90
CA LEU C 852 20.60 22.01 -19.85
C LEU C 852 19.75 20.78 -20.17
N ALA C 853 20.22 19.59 -19.78
CA ALA C 853 19.59 18.28 -20.07
C ALA C 853 18.48 17.97 -19.07
N ASN C 854 18.27 18.84 -18.08
CA ASN C 854 17.31 18.65 -16.95
C ASN C 854 15.88 18.47 -17.46
N GLU C 855 15.08 17.72 -16.70
CA GLU C 855 13.60 17.58 -16.92
C GLU C 855 13.31 16.98 -18.30
N SER C 856 13.96 15.87 -18.64
CA SER C 856 13.76 15.19 -19.95
C SER C 856 12.37 14.55 -20.03
N PRO C 857 11.58 14.83 -21.09
CA PRO C 857 10.34 14.12 -21.34
C PRO C 857 10.51 12.79 -22.11
N ILE C 858 11.75 12.43 -22.44
CA ILE C 858 12.11 11.35 -23.41
C ILE C 858 11.56 10.02 -22.91
N GLY C 859 11.59 9.77 -21.60
CA GLY C 859 11.02 8.53 -21.02
C GLY C 859 9.58 8.32 -21.47
N HIS C 860 8.74 9.35 -21.36
CA HIS C 860 7.29 9.27 -21.72
C HIS C 860 7.09 9.15 -23.24
N THR C 861 8.02 9.67 -24.06
CA THR C 861 7.93 9.55 -25.53
C THR C 861 8.05 8.06 -25.89
N VAL C 862 9.05 7.38 -25.33
CA VAL C 862 9.31 5.93 -25.54
C VAL C 862 8.08 5.14 -25.03
N LEU C 863 7.53 5.50 -23.87
CA LEU C 863 6.49 4.70 -23.19
C LEU C 863 5.24 4.62 -24.10
N LEU C 864 4.94 5.68 -24.85
CA LEU C 864 3.70 5.80 -25.65
C LEU C 864 3.99 5.57 -27.14
N SER C 865 5.24 5.29 -27.49
CA SER C 865 5.74 5.22 -28.88
C SER C 865 5.06 4.14 -29.72
N LYS C 866 4.51 3.08 -29.09
CA LYS C 866 3.80 1.95 -29.77
C LYS C 866 2.28 2.16 -29.72
N ASN C 867 1.83 3.13 -28.95
CA ASN C 867 0.39 3.49 -28.81
C ASN C 867 -0.42 2.20 -28.55
N CYS C 868 -1.41 1.87 -29.39
CA CYS C 868 -2.36 0.72 -29.24
C CYS C 868 -2.01 -0.41 -30.20
N TYR C 869 -0.82 -0.42 -30.76
CA TYR C 869 -0.49 -1.26 -31.94
C TYR C 869 0.45 -2.44 -31.60
N GLU C 870 0.35 -3.47 -32.43
CA GLU C 870 1.01 -4.78 -32.24
C GLU C 870 2.35 -4.80 -32.99
N PHE C 871 3.43 -4.96 -32.27
CA PHE C 871 4.79 -5.04 -32.83
C PHE C 871 5.38 -6.36 -32.39
N SER C 872 6.33 -6.87 -33.17
CA SER C 872 7.03 -8.15 -32.86
C SER C 872 8.47 -8.06 -33.38
N ASP C 873 9.40 -7.61 -32.54
CA ASP C 873 10.85 -7.54 -32.88
C ASP C 873 11.10 -6.72 -34.16
N ASN C 874 10.22 -5.75 -34.49
CA ASN C 874 10.26 -5.03 -35.79
C ASN C 874 10.05 -3.52 -35.62
N TYR C 875 10.35 -2.97 -34.45
CA TYR C 875 10.26 -1.52 -34.16
C TYR C 875 11.57 -1.10 -33.53
N LYS C 876 12.51 -0.63 -34.35
CA LYS C 876 13.80 -0.05 -33.88
C LYS C 876 13.58 1.43 -33.56
N LEU C 877 13.77 1.81 -32.30
CA LEU C 877 13.53 3.20 -31.80
C LEU C 877 14.79 3.66 -31.07
N ASP C 878 15.39 4.76 -31.53
CA ASP C 878 16.58 5.41 -30.94
C ASP C 878 16.17 6.85 -30.62
N GLY C 879 16.54 7.34 -29.44
CA GLY C 879 16.09 8.65 -28.89
C GLY C 879 17.25 9.50 -28.41
N TYR C 880 17.38 10.72 -28.93
CA TYR C 880 18.53 11.63 -28.70
C TYR C 880 18.01 12.87 -27.97
N LEU C 881 18.78 13.33 -26.99
CA LEU C 881 18.54 14.57 -26.23
C LEU C 881 19.50 15.60 -26.80
N VAL C 882 19.02 16.79 -27.18
CA VAL C 882 19.81 17.82 -27.92
C VAL C 882 19.82 19.12 -27.11
N CYS C 883 21.00 19.53 -26.66
CA CYS C 883 21.24 20.82 -25.99
C CYS C 883 21.45 21.91 -27.05
N THR C 884 20.56 22.91 -27.05
CA THR C 884 20.60 24.10 -27.93
C THR C 884 20.93 25.34 -27.09
N ASP C 885 21.31 26.43 -27.76
CA ASP C 885 21.61 27.75 -27.14
C ASP C 885 20.30 28.53 -26.97
N SER C 886 19.48 28.11 -25.99
CA SER C 886 18.14 28.65 -25.68
C SER C 886 17.83 28.36 -24.20
N PRO C 887 16.80 29.01 -23.61
CA PRO C 887 16.44 28.72 -22.23
C PRO C 887 16.19 27.22 -21.96
N SER C 888 16.50 26.76 -20.74
CA SER C 888 16.28 25.34 -20.35
C SER C 888 14.78 24.98 -20.45
N ASN C 889 14.41 24.07 -21.34
CA ASN C 889 13.00 23.67 -21.61
C ASN C 889 12.46 22.86 -20.42
N THR C 890 11.15 22.82 -20.25
CA THR C 890 10.54 22.40 -18.96
C THR C 890 9.28 21.64 -19.27
N PRO C 891 8.75 20.85 -18.31
CA PRO C 891 7.53 20.08 -18.55
C PRO C 891 6.41 21.04 -18.96
N CYS C 892 5.67 20.65 -20.00
CA CYS C 892 4.41 21.29 -20.45
C CYS C 892 3.36 20.19 -20.56
N ARG C 893 2.10 20.52 -20.31
CA ARG C 893 0.96 19.58 -20.25
C ARG C 893 1.21 18.32 -21.11
N ALA C 894 1.32 17.16 -20.44
CA ALA C 894 1.61 15.79 -21.00
C ALA C 894 2.96 15.77 -21.71
N PRO C 895 4.06 16.12 -21.00
CA PRO C 895 5.40 16.10 -21.59
C PRO C 895 5.84 14.69 -22.00
N GLY C 896 6.34 14.56 -23.23
CA GLY C 896 6.80 13.25 -23.76
C GLY C 896 5.66 12.47 -24.36
N SER C 897 4.57 12.32 -23.60
CA SER C 897 3.32 11.63 -24.02
C SER C 897 2.78 12.21 -25.33
N VAL C 898 2.67 13.55 -25.50
CA VAL C 898 2.15 14.18 -26.77
C VAL C 898 2.98 13.70 -27.96
N GLU C 899 4.30 13.68 -27.82
CA GLU C 899 5.30 13.31 -28.87
C GLU C 899 5.24 11.82 -29.19
N GLY C 900 5.08 11.00 -28.17
CA GLY C 900 4.97 9.54 -28.36
C GLY C 900 3.76 9.20 -29.19
N ILE C 901 2.60 9.73 -28.82
CA ILE C 901 1.32 9.51 -29.55
C ILE C 901 1.46 10.13 -30.94
N ALA C 902 2.08 11.30 -31.04
CA ALA C 902 2.20 12.04 -32.31
C ALA C 902 3.06 11.24 -33.29
N MET C 903 4.23 10.80 -32.86
CA MET C 903 5.15 9.93 -33.64
C MET C 903 4.38 8.73 -34.23
N MET C 904 3.61 8.00 -33.42
CA MET C 904 3.01 6.70 -33.83
C MET C 904 1.77 6.95 -34.70
N GLU C 905 0.93 7.91 -34.35
CA GLU C 905 -0.29 8.22 -35.14
C GLU C 905 0.12 8.85 -36.48
N ASN C 906 1.18 9.66 -36.49
CA ASN C 906 1.71 10.25 -37.75
C ASN C 906 2.06 9.09 -38.69
N ILE C 907 2.80 8.11 -38.17
CA ILE C 907 3.26 6.94 -38.96
C ILE C 907 2.03 6.22 -39.48
N ILE C 908 1.00 6.05 -38.64
CA ILE C 908 -0.27 5.39 -39.07
C ILE C 908 -0.87 6.15 -40.25
N GLU C 909 -0.93 7.49 -40.18
CA GLU C 909 -1.56 8.34 -41.22
C GLU C 909 -0.74 8.26 -42.51
N HIS C 910 0.58 8.19 -42.40
CA HIS C 910 1.48 8.19 -43.57
C HIS C 910 1.33 6.84 -44.28
N ILE C 911 1.28 5.74 -43.52
CA ILE C 911 1.00 4.39 -44.05
C ILE C 911 -0.32 4.45 -44.82
N ALA C 912 -1.35 5.03 -44.23
CA ALA C 912 -2.68 5.16 -44.89
C ALA C 912 -2.54 5.88 -46.24
N PHE C 913 -1.66 6.88 -46.33
CA PHE C 913 -1.55 7.74 -47.52
C PHE C 913 -0.77 6.99 -48.60
N GLU C 914 0.29 6.26 -48.25
CA GLU C 914 1.08 5.47 -49.25
C GLU C 914 0.27 4.27 -49.74
N THR C 915 -0.57 3.67 -48.91
CA THR C 915 -1.27 2.40 -49.24
C THR C 915 -2.64 2.69 -49.86
N GLY C 916 -3.17 3.89 -49.65
CA GLY C 916 -4.55 4.24 -50.01
C GLY C 916 -5.58 3.51 -49.15
N VAL C 917 -5.18 2.91 -48.03
CA VAL C 917 -6.15 2.33 -47.05
C VAL C 917 -6.71 3.47 -46.18
N ASP C 918 -7.98 3.42 -45.82
CA ASP C 918 -8.59 4.39 -44.89
C ASP C 918 -7.81 4.39 -43.58
N PRO C 919 -7.53 5.58 -42.98
CA PRO C 919 -6.76 5.66 -41.73
C PRO C 919 -7.36 4.81 -40.58
N ALA C 920 -8.69 4.68 -40.48
CA ALA C 920 -9.35 3.78 -39.50
C ALA C 920 -8.91 2.33 -39.77
N ASP C 921 -8.82 1.95 -41.05
CA ASP C 921 -8.56 0.54 -41.46
C ASP C 921 -7.09 0.21 -41.23
N VAL C 922 -6.19 1.20 -41.30
CA VAL C 922 -4.75 0.96 -40.98
C VAL C 922 -4.61 0.65 -39.49
N ARG C 923 -5.40 1.34 -38.67
CA ARG C 923 -5.44 1.17 -37.20
C ARG C 923 -6.07 -0.19 -36.89
N PHE C 924 -7.22 -0.51 -37.47
CA PHE C 924 -7.80 -1.88 -37.33
C PHE C 924 -6.74 -2.95 -37.66
N ALA C 925 -5.98 -2.81 -38.74
CA ALA C 925 -5.01 -3.84 -39.20
C ALA C 925 -3.91 -4.04 -38.16
N ASN C 926 -3.66 -3.06 -37.28
CA ASN C 926 -2.48 -3.03 -36.39
C ASN C 926 -2.87 -3.04 -34.90
N LEU C 927 -4.16 -2.92 -34.54
CA LEU C 927 -4.61 -2.93 -33.11
C LEU C 927 -4.02 -4.13 -32.36
N LEU C 928 -3.62 -3.89 -31.11
CA LEU C 928 -3.38 -4.96 -30.13
C LEU C 928 -4.65 -5.80 -30.01
N PRO C 929 -4.52 -7.13 -29.87
CA PRO C 929 -5.67 -8.01 -29.68
C PRO C 929 -6.13 -7.96 -28.22
N ALA C 930 -7.44 -8.18 -28.02
CA ALA C 930 -8.11 -8.25 -26.70
C ALA C 930 -7.87 -6.94 -25.94
N HIS C 931 -8.08 -5.82 -26.62
CA HIS C 931 -7.71 -4.48 -26.12
C HIS C 931 -8.98 -3.65 -25.97
N LYS C 932 -9.06 -2.85 -24.90
CA LYS C 932 -10.08 -1.80 -24.68
C LYS C 932 -10.35 -1.06 -26.00
N MET C 933 -9.31 -0.66 -26.74
CA MET C 933 -9.45 0.11 -28.00
C MET C 933 -10.23 -0.70 -29.05
N GLY C 934 -10.05 -2.02 -29.06
CA GLY C 934 -10.83 -2.94 -29.91
C GLY C 934 -12.32 -2.84 -29.67
N ASP C 935 -12.75 -2.50 -28.44
CA ASP C 935 -14.19 -2.28 -28.11
C ASP C 935 -14.59 -0.82 -28.40
N MET C 936 -13.76 0.14 -28.00
CA MET C 936 -14.07 1.59 -28.12
C MET C 936 -14.14 2.04 -29.60
N MET C 937 -13.20 1.65 -30.46
CA MET C 937 -13.09 2.25 -31.82
C MET C 937 -14.32 1.97 -32.69
N PRO C 938 -14.87 0.73 -32.81
CA PRO C 938 -16.02 0.49 -33.69
C PRO C 938 -17.28 1.26 -33.29
N ARG C 939 -17.67 1.23 -32.02
CA ARG C 939 -18.75 2.04 -31.41
C ARG C 939 -18.52 3.52 -31.74
N PHE C 940 -17.30 4.04 -31.59
CA PHE C 940 -16.98 5.46 -31.89
C PHE C 940 -17.22 5.74 -33.38
N LEU C 941 -16.75 4.86 -34.28
CA LEU C 941 -16.87 5.10 -35.75
C LEU C 941 -18.36 5.03 -36.12
N GLU C 942 -19.10 4.08 -35.55
CA GLU C 942 -20.59 3.94 -35.70
C GLU C 942 -21.26 5.23 -35.23
N SER C 943 -21.08 5.63 -33.97
CA SER C 943 -21.86 6.74 -33.34
C SER C 943 -21.55 8.07 -34.05
N THR C 944 -20.29 8.33 -34.45
CA THR C 944 -19.85 9.61 -35.08
C THR C 944 -20.21 9.69 -36.57
N LYS C 945 -20.67 8.58 -37.16
CA LYS C 945 -21.00 8.45 -38.61
C LYS C 945 -19.72 8.66 -39.43
N TYR C 946 -18.61 8.08 -38.99
CA TYR C 946 -17.26 8.26 -39.58
C TYR C 946 -17.28 7.96 -41.09
N ARG C 947 -17.78 6.78 -41.48
CA ARG C 947 -17.72 6.29 -42.90
C ARG C 947 -18.45 7.29 -43.80
N GLU C 948 -19.68 7.63 -43.42
CA GLU C 948 -20.57 8.52 -44.23
C GLU C 948 -19.89 9.89 -44.40
N ARG C 949 -19.39 10.46 -43.30
CA ARG C 949 -18.80 11.81 -43.29
C ARG C 949 -17.45 11.81 -44.03
N LYS C 950 -16.72 10.68 -43.99
CA LYS C 950 -15.40 10.58 -44.68
C LYS C 950 -15.65 10.57 -46.19
N ALA C 951 -16.62 9.77 -46.64
CA ALA C 951 -17.07 9.72 -48.04
C ALA C 951 -17.61 11.09 -48.50
N GLU C 952 -18.38 11.80 -47.65
CA GLU C 952 -19.02 13.10 -47.99
C GLU C 952 -17.97 14.20 -48.18
N ALA C 953 -16.86 14.17 -47.43
CA ALA C 953 -15.75 15.14 -47.56
C ALA C 953 -15.00 14.92 -48.89
N ILE C 954 -14.72 13.65 -49.21
CA ILE C 954 -14.03 13.27 -50.47
C ILE C 954 -14.86 13.78 -51.67
N ALA C 955 -16.19 13.60 -51.62
CA ALA C 955 -17.13 14.03 -52.69
C ALA C 955 -17.19 15.56 -52.73
N HIS C 956 -17.29 16.23 -51.58
CA HIS C 956 -17.26 17.72 -51.55
C HIS C 956 -15.98 18.21 -52.23
N ASN C 957 -14.85 17.56 -51.97
CA ASN C 957 -13.52 17.99 -52.47
C ASN C 957 -13.38 17.79 -53.99
N LYS C 958 -14.09 16.80 -54.54
CA LYS C 958 -14.17 16.57 -56.01
C LYS C 958 -14.84 17.78 -56.71
N GLU C 959 -15.83 18.42 -56.07
CA GLU C 959 -16.64 19.50 -56.70
CA GLU C 959 -16.69 19.51 -56.63
C GLU C 959 -16.07 20.90 -56.40
N ASN C 960 -15.04 21.04 -55.58
CA ASN C 960 -14.51 22.40 -55.24
C ASN C 960 -12.99 22.42 -55.27
N ARG C 961 -12.42 23.35 -56.04
CA ARG C 961 -10.96 23.56 -56.14
C ARG C 961 -10.42 24.30 -54.90
N TRP C 962 -11.16 25.24 -54.33
CA TRP C 962 -10.58 26.26 -53.40
C TRP C 962 -11.01 26.11 -51.93
N HIS C 963 -12.12 25.42 -51.67
CA HIS C 963 -12.65 25.10 -50.31
C HIS C 963 -12.61 23.59 -50.13
N LYS C 964 -11.67 23.09 -49.31
CA LYS C 964 -11.40 21.64 -49.10
C LYS C 964 -11.84 21.25 -47.70
N ARG C 965 -12.39 20.04 -47.59
CA ARG C 965 -12.79 19.41 -46.31
C ARG C 965 -11.82 18.27 -45.99
N GLY C 966 -11.64 18.04 -44.69
CA GLY C 966 -10.80 16.98 -44.12
C GLY C 966 -11.37 16.50 -42.81
N LEU C 967 -11.14 15.22 -42.52
CA LEU C 967 -11.59 14.50 -41.31
C LEU C 967 -10.34 13.83 -40.75
N GLY C 968 -10.01 14.09 -39.49
CA GLY C 968 -8.83 13.52 -38.82
C GLY C 968 -9.23 12.65 -37.64
N LEU C 969 -8.70 11.43 -37.62
CA LEU C 969 -8.89 10.42 -36.56
C LEU C 969 -7.58 10.32 -35.77
N CYS C 970 -7.66 10.39 -34.44
CA CYS C 970 -6.53 10.07 -33.55
C CYS C 970 -7.02 9.14 -32.43
N ILE C 971 -6.22 8.17 -32.07
CA ILE C 971 -6.51 7.26 -30.94
C ILE C 971 -5.26 7.20 -30.06
N MET C 972 -5.48 6.90 -28.79
CA MET C 972 -4.39 6.93 -27.80
C MET C 972 -4.71 5.95 -26.68
N GLU C 973 -3.64 5.40 -26.12
CA GLU C 973 -3.57 4.78 -24.79
C GLU C 973 -2.54 5.60 -24.02
N TYR C 974 -3.01 6.46 -23.11
CA TYR C 974 -2.16 7.28 -22.21
C TYR C 974 -1.86 6.46 -20.93
N GLN C 975 -0.62 6.49 -20.43
CA GLN C 975 -0.23 5.80 -19.17
C GLN C 975 -0.30 6.77 -17.98
N ILE C 976 -1.01 6.39 -16.92
CA ILE C 976 -1.12 7.17 -15.65
C ILE C 976 -0.33 6.44 -14.58
N GLY C 977 0.67 7.12 -14.03
CA GLY C 977 1.53 6.60 -12.96
C GLY C 977 1.55 7.55 -11.77
N TYR C 978 1.91 7.04 -10.59
CA TYR C 978 2.05 7.84 -9.35
C TYR C 978 3.53 8.04 -8.99
N PHE C 979 3.77 9.04 -8.13
CA PHE C 979 5.11 9.43 -7.63
C PHE C 979 4.92 10.38 -6.45
N GLY C 980 5.88 10.42 -5.53
CA GLY C 980 6.00 11.32 -4.36
C GLY C 980 5.04 10.97 -3.23
N GLN C 981 4.89 11.91 -2.30
CA GLN C 981 3.97 11.86 -1.16
C GLN C 981 3.26 13.20 -1.02
N TYR C 982 1.98 13.15 -0.70
CA TYR C 982 1.10 14.33 -0.57
C TYR C 982 0.34 14.22 0.75
N PRO C 983 0.57 15.18 1.67
CA PRO C 983 -0.14 15.21 2.96
C PRO C 983 -1.44 15.99 2.90
N ALA C 984 -2.34 15.74 3.84
CA ALA C 984 -3.53 16.59 4.04
C ALA C 984 -3.88 16.60 5.53
N THR C 985 -4.33 17.75 6.02
CA THR C 985 -4.89 17.91 7.38
C THR C 985 -6.39 18.19 7.23
N VAL C 986 -7.22 17.51 8.02
CA VAL C 986 -8.67 17.80 8.07
C VAL C 986 -9.06 18.08 9.50
N ALA C 987 -9.86 19.11 9.73
CA ALA C 987 -10.41 19.41 11.06
C ALA C 987 -11.90 19.62 10.94
N ILE C 988 -12.63 19.17 11.98
CA ILE C 988 -14.07 19.49 12.19
C ILE C 988 -14.18 20.46 13.37
N TYR C 989 -14.91 21.56 13.18
CA TYR C 989 -15.23 22.53 14.26
C TYR C 989 -16.43 22.02 15.06
N HIS C 990 -16.27 21.99 16.37
CA HIS C 990 -17.32 21.57 17.34
C HIS C 990 -18.49 22.56 17.24
N SER C 991 -18.23 23.85 17.05
CA SER C 991 -19.24 24.95 17.01
C SER C 991 -20.42 24.62 16.09
N ASP C 992 -20.19 24.12 14.87
CA ASP C 992 -21.26 23.91 13.86
C ASP C 992 -21.02 22.65 13.00
N GLY C 993 -19.93 21.92 13.19
CA GLY C 993 -19.63 20.69 12.42
C GLY C 993 -19.09 20.98 11.02
N THR C 994 -18.76 22.23 10.68
CA THR C 994 -18.11 22.55 9.39
C THR C 994 -16.67 22.03 9.43
N VAL C 995 -16.08 21.88 8.26
CA VAL C 995 -14.81 21.13 8.06
C VAL C 995 -13.83 22.07 7.33
N VAL C 996 -12.56 22.00 7.70
CA VAL C 996 -11.50 22.72 6.94
C VAL C 996 -10.45 21.70 6.54
N VAL C 997 -9.95 21.83 5.34
CA VAL C 997 -8.86 20.96 4.83
C VAL C 997 -7.66 21.86 4.50
N SER C 998 -6.46 21.45 4.89
CA SER C 998 -5.20 22.13 4.44
C SER C 998 -4.26 21.03 4.01
N HIS C 999 -3.75 21.13 2.78
CA HIS C 999 -3.03 20.00 2.13
C HIS C 999 -1.82 20.48 1.30
N GLY C 1000 -1.03 19.51 0.84
CA GLY C 1000 0.20 19.72 0.04
C GLY C 1000 -0.01 19.73 -1.46
N GLY C 1001 -1.27 19.70 -1.92
CA GLY C 1001 -1.62 19.88 -3.34
C GLY C 1001 -1.77 21.36 -3.67
N ILE C 1002 -1.55 21.72 -4.94
CA ILE C 1002 -1.77 23.09 -5.46
C ILE C 1002 -2.99 23.12 -6.40
N GLU C 1003 -3.99 23.92 -6.06
CA GLU C 1003 -5.12 24.25 -6.96
C GLU C 1003 -4.56 25.22 -8.00
N MET C 1004 -4.47 24.79 -9.24
CA MET C 1004 -4.02 25.64 -10.38
C MET C 1004 -5.16 25.78 -11.38
N GLY C 1005 -6.38 25.33 -11.03
CA GLY C 1005 -7.59 25.42 -11.88
C GLY C 1005 -8.12 24.04 -12.24
N GLN C 1006 -7.37 22.97 -11.99
CA GLN C 1006 -7.72 21.59 -12.43
C GLN C 1006 -8.91 21.05 -11.63
N GLY C 1007 -9.38 21.75 -10.59
CA GLY C 1007 -10.54 21.32 -9.80
C GLY C 1007 -10.15 20.30 -8.73
N MET C 1008 -8.93 20.41 -8.24
CA MET C 1008 -8.41 19.54 -7.17
C MET C 1008 -9.27 19.71 -5.93
N ASN C 1009 -9.65 20.94 -5.59
CA ASN C 1009 -10.35 21.28 -4.32
C ASN C 1009 -11.84 20.95 -4.43
N THR C 1010 -12.46 21.14 -5.60
CA THR C 1010 -13.82 20.66 -5.91
C THR C 1010 -13.90 19.16 -5.59
N LYS C 1011 -13.00 18.38 -6.16
CA LYS C 1011 -12.99 16.91 -5.95
C LYS C 1011 -12.74 16.58 -4.48
N ILE C 1012 -11.82 17.28 -3.86
CA ILE C 1012 -11.44 17.00 -2.44
C ILE C 1012 -12.65 17.24 -1.56
N SER C 1013 -13.40 18.30 -1.82
CA SER C 1013 -14.58 18.71 -1.01
C SER C 1013 -15.68 17.65 -1.14
N GLN C 1014 -15.80 17.03 -2.33
CA GLN C 1014 -16.80 15.95 -2.56
C GLN C 1014 -16.36 14.69 -1.79
N VAL C 1015 -15.09 14.35 -1.84
CA VAL C 1015 -14.58 13.11 -1.19
C VAL C 1015 -14.73 13.30 0.33
N ALA C 1016 -14.33 14.47 0.87
CA ALA C 1016 -14.37 14.73 2.33
C ALA C 1016 -15.82 14.66 2.82
N ALA C 1017 -16.71 15.41 2.16
CA ALA C 1017 -18.15 15.46 2.44
C ALA C 1017 -18.73 14.04 2.36
N HIS C 1018 -18.39 13.24 1.35
CA HIS C 1018 -18.93 11.86 1.17
C HIS C 1018 -18.48 10.97 2.33
N THR C 1019 -17.19 11.00 2.67
CA THR C 1019 -16.60 10.09 3.69
C THR C 1019 -17.19 10.42 5.05
N LEU C 1020 -17.39 11.72 5.36
CA LEU C 1020 -17.93 12.21 6.66
C LEU C 1020 -19.47 12.12 6.68
N GLY C 1021 -20.12 12.04 5.52
CA GLY C 1021 -21.59 11.99 5.38
C GLY C 1021 -22.24 13.33 5.64
N ILE C 1022 -21.64 14.42 5.16
CA ILE C 1022 -22.15 15.81 5.32
C ILE C 1022 -22.23 16.44 3.93
N PRO C 1023 -22.97 17.55 3.76
CA PRO C 1023 -22.97 18.26 2.48
C PRO C 1023 -21.61 18.91 2.17
N MET C 1024 -21.15 18.77 0.92
CA MET C 1024 -20.06 19.52 0.24
C MET C 1024 -19.89 20.93 0.78
N GLU C 1025 -20.99 21.69 0.80
CA GLU C 1025 -21.07 23.14 1.17
C GLU C 1025 -20.54 23.33 2.60
N GLN C 1026 -20.45 22.26 3.39
CA GLN C 1026 -19.94 22.32 4.79
C GLN C 1026 -18.42 22.21 4.79
N VAL C 1027 -17.79 21.92 3.64
CA VAL C 1027 -16.31 21.74 3.56
C VAL C 1027 -15.70 22.99 2.93
N ARG C 1028 -14.59 23.48 3.49
CA ARG C 1028 -13.77 24.60 2.96
C ARG C 1028 -12.31 24.13 2.88
N ILE C 1029 -11.62 24.43 1.76
CA ILE C 1029 -10.16 24.13 1.58
C ILE C 1029 -9.41 25.43 1.85
N GLU C 1030 -8.45 25.38 2.76
CA GLU C 1030 -7.60 26.55 3.12
C GLU C 1030 -6.34 26.54 2.24
N ALA C 1031 -5.56 27.61 2.29
CA ALA C 1031 -4.32 27.79 1.50
C ALA C 1031 -3.38 26.61 1.75
N SER C 1032 -2.65 26.20 0.71
CA SER C 1032 -1.53 25.24 0.87
C SER C 1032 -0.33 26.00 1.48
N ASP C 1033 0.39 25.39 2.41
CA ASP C 1033 1.55 26.03 3.07
C ASP C 1033 2.58 24.95 3.41
N THR C 1034 3.72 25.36 3.96
CA THR C 1034 4.85 24.44 4.27
C THR C 1034 4.74 23.93 5.71
N ILE C 1035 3.56 24.02 6.33
CA ILE C 1035 3.27 23.38 7.66
C ILE C 1035 2.46 22.11 7.39
N ASN C 1036 1.21 22.29 6.96
CA ASN C 1036 0.31 21.18 6.60
C ASN C 1036 0.73 20.55 5.27
N GLY C 1037 1.46 21.28 4.41
CA GLY C 1037 2.00 20.74 3.16
C GLY C 1037 3.50 20.45 3.20
N ALA C 1038 4.14 20.48 4.38
CA ALA C 1038 5.60 20.24 4.48
C ALA C 1038 5.97 19.03 3.62
N ASN C 1039 6.99 19.20 2.77
CA ASN C 1039 7.73 18.13 2.05
C ASN C 1039 6.96 17.63 0.83
N SER C 1040 5.73 18.11 0.58
CA SER C 1040 4.83 17.58 -0.47
C SER C 1040 5.51 17.68 -1.85
N MET C 1041 5.33 16.63 -2.65
CA MET C 1041 5.84 16.55 -4.03
C MET C 1041 5.07 17.55 -4.91
N VAL C 1042 5.67 17.95 -6.03
CA VAL C 1042 5.07 18.82 -7.06
C VAL C 1042 3.70 18.28 -7.43
N THR C 1043 2.70 19.15 -7.58
CA THR C 1043 1.40 18.79 -8.17
C THR C 1043 1.61 18.69 -9.69
N GLY C 1044 1.53 17.46 -10.23
CA GLY C 1044 1.76 17.14 -11.65
C GLY C 1044 1.32 15.72 -12.02
N GLY C 1045 1.50 15.34 -13.29
CA GLY C 1045 1.32 13.97 -13.78
C GLY C 1045 -0.15 13.58 -13.95
N ALA C 1046 -1.08 14.55 -13.80
CA ALA C 1046 -2.56 14.41 -13.90
C ALA C 1046 -3.15 13.68 -12.66
N VAL C 1047 -2.33 13.18 -11.76
CA VAL C 1047 -2.75 12.35 -10.59
C VAL C 1047 -2.92 13.21 -9.33
N GLY C 1048 -2.68 14.52 -9.41
CA GLY C 1048 -2.69 15.40 -8.22
C GLY C 1048 -4.01 15.34 -7.49
N SER C 1049 -5.10 15.53 -8.23
CA SER C 1049 -6.46 15.56 -7.67
C SER C 1049 -6.77 14.24 -6.96
N GLU C 1050 -6.58 13.11 -7.62
CA GLU C 1050 -6.96 11.78 -7.06
C GLU C 1050 -6.03 11.39 -5.91
N THR C 1051 -4.73 11.70 -6.02
CA THR C 1051 -3.74 11.44 -4.95
C THR C 1051 -4.17 12.19 -3.68
N LEU C 1052 -4.52 13.48 -3.79
CA LEU C 1052 -4.94 14.27 -2.60
C LEU C 1052 -6.28 13.72 -2.10
N CYS C 1053 -7.16 13.24 -2.97
CA CYS C 1053 -8.48 12.71 -2.56
C CYS C 1053 -8.24 11.47 -1.68
N PHE C 1054 -7.24 10.66 -2.01
CA PHE C 1054 -6.84 9.46 -1.24
C PHE C 1054 -6.42 9.89 0.18
N ALA C 1055 -5.51 10.87 0.26
CA ALA C 1055 -4.98 11.43 1.53
C ALA C 1055 -6.13 11.95 2.39
N VAL C 1056 -7.03 12.73 1.82
CA VAL C 1056 -8.13 13.35 2.57
C VAL C 1056 -9.14 12.27 3.00
N ARG C 1057 -9.42 11.31 2.12
CA ARG C 1057 -10.33 10.18 2.47
C ARG C 1057 -9.72 9.46 3.67
N LYS C 1058 -8.41 9.22 3.66
CA LYS C 1058 -7.72 8.47 4.74
C LYS C 1058 -7.90 9.20 6.08
N ALA C 1059 -7.68 10.51 6.08
CA ALA C 1059 -7.84 11.40 7.25
C ALA C 1059 -9.31 11.38 7.70
N CYS C 1060 -10.25 11.49 6.77
CA CYS C 1060 -11.69 11.51 7.10
C CYS C 1060 -12.10 10.17 7.73
N GLU C 1061 -11.53 9.05 7.25
CA GLU C 1061 -11.85 7.70 7.75
C GLU C 1061 -11.38 7.56 9.20
N THR C 1062 -10.22 8.13 9.53
CA THR C 1062 -9.67 8.16 10.91
C THR C 1062 -10.64 8.93 11.78
N LEU C 1063 -11.15 10.07 11.29
CA LEU C 1063 -12.17 10.87 12.04
C LEU C 1063 -13.42 10.01 12.25
N ASN C 1064 -13.82 9.25 11.24
CA ASN C 1064 -15.00 8.35 11.36
C ASN C 1064 -14.77 7.28 12.45
N GLU C 1065 -13.57 6.67 12.50
CA GLU C 1065 -13.23 5.63 13.49
C GLU C 1065 -13.36 6.23 14.90
N ARG C 1066 -12.92 7.48 15.10
CA ARG C 1066 -13.00 8.18 16.40
C ARG C 1066 -14.45 8.50 16.77
N LEU C 1067 -15.27 8.89 15.80
CA LEU C 1067 -16.68 9.29 16.03
C LEU C 1067 -17.58 8.07 16.26
N LYS C 1068 -17.16 6.88 15.79
CA LYS C 1068 -18.05 5.67 15.72
C LYS C 1068 -18.60 5.33 17.10
N PRO C 1069 -17.78 5.13 18.16
CA PRO C 1069 -18.33 4.80 19.49
C PRO C 1069 -19.23 5.90 20.09
N VAL C 1070 -19.02 7.16 19.72
CA VAL C 1070 -19.82 8.31 20.21
C VAL C 1070 -21.19 8.23 19.56
N ARG C 1071 -21.24 7.85 18.29
CA ARG C 1071 -22.52 7.76 17.54
C ARG C 1071 -23.38 6.66 18.19
N GLU C 1072 -22.78 5.51 18.49
CA GLU C 1072 -23.49 4.32 19.05
C GLU C 1072 -24.01 4.68 20.46
N GLU C 1073 -23.23 5.42 21.24
CA GLU C 1073 -23.55 5.77 22.65
C GLU C 1073 -24.71 6.80 22.68
N VAL C 1074 -24.56 7.98 22.06
CA VAL C 1074 -25.50 9.13 22.29
C VAL C 1074 -26.62 9.15 21.25
N LYS C 1075 -26.60 8.25 20.26
CA LYS C 1075 -27.61 8.19 19.16
C LYS C 1075 -27.96 9.61 18.75
N PRO C 1076 -27.04 10.36 18.09
CA PRO C 1076 -27.29 11.77 17.78
C PRO C 1076 -28.37 11.91 16.70
N GLU C 1077 -29.20 12.95 16.84
CA GLU C 1077 -30.27 13.34 15.88
C GLU C 1077 -29.63 13.88 14.59
N ASN C 1078 -28.36 14.29 14.63
CA ASN C 1078 -27.72 15.05 13.51
C ASN C 1078 -26.22 15.22 13.78
N TRP C 1079 -25.48 15.61 12.75
CA TRP C 1079 -24.02 15.87 12.75
C TRP C 1079 -23.61 16.86 13.84
N GLN C 1080 -24.28 18.02 13.92
CA GLN C 1080 -23.94 19.10 14.88
C GLN C 1080 -23.91 18.51 16.31
N ASP C 1081 -24.90 17.69 16.67
CA ASP C 1081 -24.98 17.07 18.03
C ASP C 1081 -23.89 16.01 18.20
N LEU C 1082 -23.62 15.19 17.17
CA LEU C 1082 -22.53 14.18 17.21
C LEU C 1082 -21.19 14.89 17.49
N ILE C 1083 -20.92 16.01 16.83
CA ILE C 1083 -19.58 16.68 16.91
C ILE C 1083 -19.43 17.36 18.27
N GLN C 1084 -20.48 18.00 18.78
CA GLN C 1084 -20.45 18.65 20.11
C GLN C 1084 -20.34 17.59 21.21
N GLU C 1085 -20.89 16.40 21.01
CA GLU C 1085 -20.82 15.32 22.01
C GLU C 1085 -19.41 14.72 22.00
N ALA C 1086 -18.79 14.64 20.83
CA ALA C 1086 -17.41 14.16 20.67
C ALA C 1086 -16.46 15.15 21.37
N TYR C 1087 -16.66 16.45 21.14
CA TYR C 1087 -15.93 17.57 21.78
C TYR C 1087 -16.05 17.44 23.31
N ASN C 1088 -17.24 17.18 23.82
CA ASN C 1088 -17.45 16.97 25.28
C ASN C 1088 -16.63 15.79 25.78
N ARG C 1089 -16.39 14.79 24.93
CA ARG C 1089 -15.60 13.58 25.30
C ARG C 1089 -14.12 13.80 24.97
N LYS C 1090 -13.74 15.03 24.55
CA LYS C 1090 -12.37 15.40 24.13
C LYS C 1090 -11.89 14.48 22.99
N ILE C 1091 -12.78 14.02 22.12
CA ILE C 1091 -12.35 13.28 20.90
C ILE C 1091 -11.56 14.26 20.03
N ASN C 1092 -10.45 13.81 19.48
CA ASN C 1092 -9.57 14.62 18.60
C ASN C 1092 -10.24 14.73 17.21
N LEU C 1093 -10.73 15.92 16.84
CA LEU C 1093 -11.43 16.18 15.55
C LEU C 1093 -10.47 16.71 14.47
N ILE C 1094 -9.16 16.54 14.66
CA ILE C 1094 -8.09 16.87 13.68
C ILE C 1094 -7.38 15.57 13.32
N ALA C 1095 -7.25 15.26 12.04
CA ALA C 1095 -6.48 14.11 11.53
C ALA C 1095 -5.58 14.57 10.39
N SER C 1096 -4.33 14.12 10.43
CA SER C 1096 -3.30 14.35 9.39
C SER C 1096 -2.90 13.00 8.83
N ASP C 1097 -2.85 12.88 7.51
CA ASP C 1097 -2.36 11.65 6.86
C ASP C 1097 -1.76 12.04 5.52
N GLN C 1098 -1.49 11.06 4.68
CA GLN C 1098 -0.83 11.30 3.38
C GLN C 1098 -1.29 10.25 2.39
N CYS C 1099 -0.93 10.51 1.13
CA CYS C 1099 -0.92 9.52 0.04
C CYS C 1099 0.50 9.45 -0.53
N LYS C 1100 1.04 8.25 -0.66
CA LYS C 1100 2.40 8.00 -1.19
C LYS C 1100 2.27 7.02 -2.35
N GLN C 1101 3.25 7.05 -3.24
CA GLN C 1101 3.37 6.10 -4.38
C GLN C 1101 3.20 4.67 -3.85
N GLY C 1102 2.31 3.90 -4.48
CA GLY C 1102 2.05 2.49 -4.17
C GLY C 1102 0.73 2.32 -3.46
N ASP C 1103 0.17 3.40 -2.90
CA ASP C 1103 -1.17 3.42 -2.27
C ASP C 1103 -2.27 3.11 -3.30
N MET C 1104 -2.03 3.43 -4.58
CA MET C 1104 -2.96 3.10 -5.68
C MET C 1104 -2.19 2.46 -6.84
N ASP C 1105 -2.88 1.61 -7.60
CA ASP C 1105 -2.29 0.92 -8.76
C ASP C 1105 -2.33 1.84 -9.96
N PRO C 1106 -1.29 1.80 -10.81
CA PRO C 1106 -1.28 2.58 -12.05
C PRO C 1106 -2.29 1.99 -13.04
N TYR C 1107 -2.54 2.72 -14.14
CA TYR C 1107 -3.57 2.38 -15.13
C TYR C 1107 -3.35 3.20 -16.39
N SER C 1108 -4.20 2.98 -17.39
CA SER C 1108 -4.08 3.61 -18.73
C SER C 1108 -5.41 4.26 -19.07
N VAL C 1109 -5.37 5.30 -19.88
CA VAL C 1109 -6.58 6.02 -20.37
C VAL C 1109 -6.62 5.87 -21.89
N CYS C 1110 -7.67 5.23 -22.38
CA CYS C 1110 -7.97 5.15 -23.83
C CYS C 1110 -8.89 6.31 -24.22
N GLY C 1111 -8.61 6.94 -25.36
CA GLY C 1111 -9.45 7.99 -25.95
C GLY C 1111 -9.36 8.01 -27.47
N LEU C 1112 -10.40 8.52 -28.14
CA LEU C 1112 -10.46 8.74 -29.60
C LEU C 1112 -10.93 10.17 -29.85
N CYS C 1113 -10.51 10.74 -30.98
CA CYS C 1113 -10.94 12.06 -31.43
C CYS C 1113 -11.10 12.03 -32.96
N LEU C 1114 -12.26 12.50 -33.42
CA LEU C 1114 -12.56 12.78 -34.84
C LEU C 1114 -12.78 14.30 -35.00
N THR C 1115 -11.96 14.91 -35.84
CA THR C 1115 -11.98 16.36 -36.13
C THR C 1115 -12.35 16.58 -37.60
N GLU C 1116 -13.34 17.44 -37.85
CA GLU C 1116 -13.69 17.95 -39.18
C GLU C 1116 -13.14 19.37 -39.30
N VAL C 1117 -12.49 19.68 -40.42
CA VAL C 1117 -12.09 21.07 -40.79
C VAL C 1117 -12.55 21.39 -42.21
N GLU C 1118 -12.63 22.68 -42.50
CA GLU C 1118 -12.79 23.23 -43.88
C GLU C 1118 -11.64 24.20 -44.13
N LEU C 1119 -10.88 23.99 -45.20
CA LEU C 1119 -9.67 24.78 -45.53
C LEU C 1119 -9.97 25.68 -46.73
N ASP C 1120 -9.63 26.97 -46.61
CA ASP C 1120 -9.55 27.94 -47.72
C ASP C 1120 -8.13 27.83 -48.32
N VAL C 1121 -7.98 27.13 -49.45
CA VAL C 1121 -6.64 26.84 -50.06
C VAL C 1121 -5.95 28.16 -50.41
N LEU C 1122 -6.72 29.17 -50.79
CA LEU C 1122 -6.19 30.50 -51.26
C LEU C 1122 -5.52 31.24 -50.09
N THR C 1123 -6.09 31.23 -48.88
CA THR C 1123 -5.56 32.02 -47.74
C THR C 1123 -4.79 31.12 -46.76
N GLY C 1124 -5.19 29.85 -46.62
CA GLY C 1124 -4.65 28.90 -45.62
C GLY C 1124 -5.46 28.87 -44.33
N ASN C 1125 -6.41 29.80 -44.19
CA ASN C 1125 -7.35 29.84 -43.05
C ASN C 1125 -8.25 28.60 -43.10
N TYR C 1126 -8.58 28.08 -41.93
CA TYR C 1126 -9.42 26.88 -41.75
C TYR C 1126 -10.39 27.18 -40.62
N ILE C 1127 -11.52 26.52 -40.65
CA ILE C 1127 -12.47 26.46 -39.51
C ILE C 1127 -12.56 25.00 -39.06
N VAL C 1128 -12.24 24.76 -37.80
CA VAL C 1128 -12.48 23.47 -37.12
C VAL C 1128 -14.00 23.40 -36.89
N GLY C 1129 -14.65 22.43 -37.53
CA GLY C 1129 -16.09 22.23 -37.42
C GLY C 1129 -16.39 21.30 -36.27
N ARG C 1130 -16.94 20.12 -36.56
CA ARG C 1130 -17.36 19.14 -35.55
C ARG C 1130 -16.12 18.42 -35.01
N VAL C 1131 -16.03 18.32 -33.68
CA VAL C 1131 -14.98 17.51 -33.02
C VAL C 1131 -15.69 16.58 -32.04
N ASP C 1132 -15.45 15.29 -32.19
CA ASP C 1132 -15.98 14.24 -31.28
C ASP C 1132 -14.81 13.71 -30.43
N ILE C 1133 -14.99 13.68 -29.11
CA ILE C 1133 -13.99 13.07 -28.18
C ILE C 1133 -14.71 12.05 -27.31
N LEU C 1134 -14.14 10.86 -27.22
CA LEU C 1134 -14.54 9.77 -26.31
C LEU C 1134 -13.29 9.42 -25.48
N GLU C 1135 -13.41 9.52 -24.16
CA GLU C 1135 -12.32 9.23 -23.20
C GLU C 1135 -12.83 8.32 -22.09
N ASP C 1136 -12.07 7.30 -21.74
CA ASP C 1136 -12.29 6.50 -20.50
C ASP C 1136 -11.86 7.36 -19.29
N THR C 1137 -12.82 7.89 -18.53
CA THR C 1137 -12.57 8.58 -17.24
C THR C 1137 -13.01 7.70 -16.07
N GLY C 1138 -13.14 6.38 -16.28
CA GLY C 1138 -13.69 5.45 -15.27
C GLY C 1138 -15.07 5.92 -14.82
N GLU C 1139 -15.37 5.88 -13.52
CA GLU C 1139 -16.52 6.63 -12.93
C GLU C 1139 -16.00 8.00 -12.48
N SER C 1140 -16.29 9.04 -13.25
CA SER C 1140 -15.75 10.41 -13.05
C SER C 1140 -16.09 10.89 -11.62
N LEU C 1141 -15.09 11.37 -10.87
CA LEU C 1141 -15.32 11.98 -9.54
C LEU C 1141 -16.24 13.21 -9.71
N ASN C 1142 -16.13 13.89 -10.85
CA ASN C 1142 -16.88 15.14 -11.14
C ASN C 1142 -16.89 15.36 -12.65
N PRO C 1143 -17.99 15.00 -13.35
CA PRO C 1143 -18.04 15.18 -14.79
C PRO C 1143 -17.87 16.64 -15.23
N ASN C 1144 -18.22 17.63 -14.41
CA ASN C 1144 -18.00 19.05 -14.79
C ASN C 1144 -16.51 19.36 -14.77
N VAL C 1145 -15.79 18.88 -13.75
CA VAL C 1145 -14.32 19.04 -13.68
C VAL C 1145 -13.66 18.27 -14.84
N ASP C 1146 -14.10 17.05 -15.08
CA ASP C 1146 -13.49 16.13 -16.06
C ASP C 1146 -13.75 16.62 -17.51
N ILE C 1147 -14.97 17.07 -17.84
CA ILE C 1147 -15.29 17.71 -19.16
C ILE C 1147 -14.40 18.94 -19.35
N GLY C 1148 -14.30 19.78 -18.32
CA GLY C 1148 -13.46 20.98 -18.34
C GLY C 1148 -12.01 20.66 -18.67
N GLN C 1149 -11.46 19.63 -18.03
CA GLN C 1149 -10.05 19.20 -18.23
C GLN C 1149 -9.83 18.68 -19.67
N ILE C 1150 -10.74 17.89 -20.21
CA ILE C 1150 -10.65 17.36 -21.59
C ILE C 1150 -10.73 18.53 -22.58
N GLU C 1151 -11.66 19.47 -22.38
CA GLU C 1151 -11.84 20.68 -23.25
C GLU C 1151 -10.56 21.53 -23.20
N GLY C 1152 -10.05 21.82 -22.01
CA GLY C 1152 -8.83 22.62 -21.82
C GLY C 1152 -7.63 21.96 -22.47
N ALA C 1153 -7.39 20.71 -22.14
CA ALA C 1153 -6.25 19.93 -22.67
C ALA C 1153 -6.33 19.87 -24.19
N PHE C 1154 -7.45 19.42 -24.72
CA PHE C 1154 -7.65 19.35 -26.18
C PHE C 1154 -7.36 20.73 -26.80
N MET C 1155 -7.84 21.81 -26.18
CA MET C 1155 -7.73 23.16 -26.77
C MET C 1155 -6.26 23.63 -26.73
N MET C 1156 -5.50 23.18 -25.73
CA MET C 1156 -4.08 23.58 -25.64
C MET C 1156 -3.33 22.89 -26.79
N GLY C 1157 -3.69 21.63 -27.10
CA GLY C 1157 -3.12 20.85 -28.20
C GLY C 1157 -3.56 21.40 -29.53
N LEU C 1158 -4.82 21.81 -29.64
CA LEU C 1158 -5.29 22.48 -30.88
C LEU C 1158 -4.41 23.73 -31.14
N GLY C 1159 -4.06 24.48 -30.11
CA GLY C 1159 -3.17 25.65 -30.26
C GLY C 1159 -1.82 25.22 -30.84
N TYR C 1160 -1.24 24.15 -30.28
CA TYR C 1160 0.06 23.56 -30.70
C TYR C 1160 0.04 23.21 -32.18
N TRP C 1161 -1.10 22.70 -32.67
CA TRP C 1161 -1.23 22.21 -34.06
C TRP C 1161 -1.74 23.30 -35.03
N THR C 1162 -2.12 24.48 -34.56
CA THR C 1162 -2.80 25.50 -35.42
C THR C 1162 -1.96 26.79 -35.49
N SER C 1163 -1.90 27.58 -34.42
CA SER C 1163 -1.51 29.01 -34.47
C SER C 1163 -0.26 29.32 -33.60
N GLU C 1164 0.07 28.48 -32.62
CA GLU C 1164 1.20 28.73 -31.69
C GLU C 1164 2.54 28.41 -32.36
N GLN C 1165 3.53 29.28 -32.18
CA GLN C 1165 4.81 29.21 -32.92
C GLN C 1165 5.85 30.04 -32.16
N VAL C 1166 6.97 29.41 -31.85
CA VAL C 1166 8.13 30.05 -31.18
C VAL C 1166 9.23 30.17 -32.24
N ILE C 1167 9.83 31.35 -32.39
CA ILE C 1167 10.89 31.62 -33.40
C ILE C 1167 12.05 32.26 -32.65
N ALA C 1168 13.22 31.62 -32.71
CA ALA C 1168 14.51 32.13 -32.20
C ALA C 1168 15.23 32.82 -33.36
N ASP C 1169 15.83 33.98 -33.11
CA ASP C 1169 16.65 34.70 -34.12
C ASP C 1169 17.89 33.85 -34.34
N PRO C 1170 18.18 33.41 -35.59
CA PRO C 1170 19.30 32.49 -35.85
C PRO C 1170 20.69 33.10 -35.61
N LYS C 1171 20.81 34.43 -35.61
CA LYS C 1171 22.10 35.16 -35.39
C LYS C 1171 22.34 35.37 -33.90
N THR C 1172 21.32 35.79 -33.13
CA THR C 1172 21.50 36.25 -31.72
C THR C 1172 21.01 35.19 -30.72
N GLY C 1173 20.06 34.36 -31.13
CA GLY C 1173 19.48 33.30 -30.29
C GLY C 1173 18.31 33.82 -29.48
N GLU C 1174 17.89 35.05 -29.75
CA GLU C 1174 16.81 35.75 -29.01
C GLU C 1174 15.48 35.10 -29.40
N CYS C 1175 14.67 34.70 -28.41
CA CYS C 1175 13.27 34.26 -28.64
C CYS C 1175 12.46 35.49 -29.02
N LEU C 1176 12.04 35.57 -30.28
CA LEU C 1176 11.47 36.79 -30.91
C LEU C 1176 9.96 36.83 -30.69
N THR C 1177 9.36 35.66 -30.48
CA THR C 1177 7.91 35.46 -30.25
C THR C 1177 7.73 35.49 -28.75
N ASN C 1178 7.77 36.71 -28.17
CA ASN C 1178 7.95 36.90 -26.72
C ASN C 1178 6.86 37.81 -26.12
N ARG C 1179 5.77 38.09 -26.85
CA ARG C 1179 4.58 38.76 -26.26
C ARG C 1179 3.32 38.35 -27.01
N THR C 1180 2.15 38.80 -26.57
CA THR C 1180 0.85 38.43 -27.18
C THR C 1180 0.80 38.89 -28.64
N TRP C 1181 1.49 39.98 -28.98
CA TRP C 1181 1.53 40.50 -30.38
C TRP C 1181 2.14 39.41 -31.29
N THR C 1182 3.07 38.60 -30.76
CA THR C 1182 3.87 37.65 -31.56
C THR C 1182 3.73 36.20 -31.06
N TYR C 1183 2.79 35.90 -30.16
CA TYR C 1183 2.45 34.50 -29.77
C TYR C 1183 0.93 34.37 -29.54
N LYS C 1184 0.33 33.39 -30.22
CA LYS C 1184 -1.12 33.36 -30.51
C LYS C 1184 -1.73 32.00 -30.15
N PRO C 1185 -2.19 31.80 -28.90
CA PRO C 1185 -2.95 30.60 -28.55
C PRO C 1185 -4.38 30.73 -29.02
N PRO C 1186 -5.18 29.65 -28.94
CA PRO C 1186 -6.57 29.69 -29.38
C PRO C 1186 -7.40 30.75 -28.63
N GLY C 1187 -8.25 31.44 -29.37
CA GLY C 1187 -9.25 32.39 -28.87
C GLY C 1187 -10.63 31.76 -28.98
N ALA C 1188 -11.68 32.47 -28.59
CA ALA C 1188 -13.06 31.96 -28.47
C ALA C 1188 -13.62 31.48 -29.82
N LYS C 1189 -13.08 31.99 -30.93
CA LYS C 1189 -13.59 31.66 -32.28
C LYS C 1189 -12.63 30.72 -33.01
N ASP C 1190 -11.59 30.23 -32.32
CA ASP C 1190 -10.68 29.18 -32.84
C ASP C 1190 -11.12 27.79 -32.37
N ILE C 1191 -12.06 27.69 -31.42
CA ILE C 1191 -12.53 26.37 -30.88
C ILE C 1191 -13.38 25.68 -31.94
N PRO C 1192 -13.61 24.35 -31.86
CA PRO C 1192 -14.57 23.68 -32.73
C PRO C 1192 -15.93 24.36 -32.63
N THR C 1193 -16.65 24.36 -33.75
CA THR C 1193 -18.00 24.94 -33.88
C THR C 1193 -18.98 23.95 -33.25
N ASP C 1194 -18.64 22.67 -33.25
CA ASP C 1194 -19.54 21.60 -32.73
C ASP C 1194 -18.68 20.61 -31.92
N LEU C 1195 -18.58 20.83 -30.60
CA LEU C 1195 -17.62 20.11 -29.71
C LEU C 1195 -18.41 19.11 -28.86
N ARG C 1196 -18.27 17.82 -29.18
CA ARG C 1196 -19.06 16.75 -28.54
C ARG C 1196 -18.11 15.87 -27.74
N ILE C 1197 -18.31 15.81 -26.43
CA ILE C 1197 -17.41 15.06 -25.51
C ILE C 1197 -18.23 14.00 -24.80
N GLU C 1198 -17.72 12.77 -24.78
CA GLU C 1198 -18.39 11.66 -24.08
C GLU C 1198 -17.36 11.02 -23.15
N LEU C 1199 -17.72 10.84 -21.87
CA LEU C 1199 -17.01 9.99 -20.89
C LEU C 1199 -17.60 8.58 -21.03
N LEU C 1200 -16.81 7.62 -21.49
CA LEU C 1200 -17.23 6.22 -21.78
C LEU C 1200 -18.05 5.68 -20.60
N PRO C 1201 -19.30 5.25 -20.81
CA PRO C 1201 -20.09 4.68 -19.72
C PRO C 1201 -19.67 3.24 -19.33
N LYS C 1202 -20.12 2.76 -18.16
CA LYS C 1202 -20.00 1.34 -17.73
C LYS C 1202 -18.53 0.92 -17.83
N SER C 1203 -17.61 1.80 -17.46
CA SER C 1203 -16.15 1.57 -17.58
C SER C 1203 -15.44 1.90 -16.28
N PRO C 1204 -15.77 1.19 -15.16
CA PRO C 1204 -15.11 1.44 -13.88
C PRO C 1204 -13.62 1.03 -13.90
N ASN C 1205 -12.75 1.90 -13.35
CA ASN C 1205 -11.30 1.61 -13.15
C ASN C 1205 -11.15 0.57 -12.02
N LYS C 1206 -10.44 -0.54 -12.29
CA LYS C 1206 -10.12 -1.58 -11.27
C LYS C 1206 -8.89 -1.13 -10.47
N ALA C 1207 -8.14 -0.14 -10.98
CA ALA C 1207 -7.02 0.51 -10.27
C ALA C 1207 -7.47 1.92 -9.88
N GLY C 1208 -6.51 2.77 -9.48
CA GLY C 1208 -6.72 4.20 -9.19
C GLY C 1208 -7.56 4.42 -7.96
N PHE C 1209 -8.39 5.46 -7.98
CA PHE C 1209 -9.18 6.01 -6.84
C PHE C 1209 -10.68 5.98 -7.14
N MET C 1210 -11.45 5.24 -6.34
CA MET C 1210 -12.94 5.20 -6.41
C MET C 1210 -13.36 4.98 -7.87
N ARG C 1211 -12.67 4.11 -8.60
CA ARG C 1211 -13.09 3.65 -9.94
C ARG C 1211 -12.94 4.77 -10.99
N SER C 1212 -12.27 5.87 -10.65
CA SER C 1212 -12.12 7.07 -11.51
C SER C 1212 -10.80 7.01 -12.27
N LYS C 1213 -10.67 7.83 -13.32
CA LYS C 1213 -9.41 7.99 -14.09
C LYS C 1213 -9.10 9.49 -14.30
N ALA C 1214 -7.81 9.81 -14.20
CA ALA C 1214 -7.26 11.18 -14.42
C ALA C 1214 -7.66 11.71 -15.81
N THR C 1215 -7.89 13.02 -15.92
CA THR C 1215 -8.30 13.73 -17.16
C THR C 1215 -7.42 14.97 -17.43
N GLY C 1216 -6.49 15.30 -16.52
CA GLY C 1216 -5.69 16.54 -16.57
C GLY C 1216 -4.90 16.68 -17.86
N GLU C 1217 -4.36 15.57 -18.37
CA GLU C 1217 -3.30 15.54 -19.42
C GLU C 1217 -3.76 14.81 -20.69
N PRO C 1218 -4.41 13.62 -20.62
CA PRO C 1218 -4.55 12.76 -21.81
C PRO C 1218 -5.07 13.42 -23.10
N ALA C 1219 -6.12 14.23 -23.05
CA ALA C 1219 -6.83 14.74 -24.25
C ALA C 1219 -5.94 15.63 -25.13
N ILE C 1220 -4.82 16.15 -24.63
CA ILE C 1220 -3.94 17.04 -25.45
C ILE C 1220 -3.22 16.19 -26.51
N CYS C 1221 -3.08 14.89 -26.29
CA CYS C 1221 -2.46 13.91 -27.23
C CYS C 1221 -3.39 13.61 -28.41
N LEU C 1222 -4.68 13.96 -28.34
CA LEU C 1222 -5.68 13.70 -29.40
C LEU C 1222 -5.76 14.87 -30.41
N SER C 1223 -5.18 16.02 -30.07
CA SER C 1223 -5.35 17.31 -30.79
C SER C 1223 -4.72 17.23 -32.18
N ILE C 1224 -3.73 16.35 -32.36
CA ILE C 1224 -3.08 16.07 -33.66
C ILE C 1224 -4.14 15.63 -34.68
N ALA C 1225 -5.33 15.20 -34.26
CA ALA C 1225 -6.44 14.90 -35.20
C ALA C 1225 -6.73 16.13 -36.07
N VAL C 1226 -6.58 17.35 -35.53
CA VAL C 1226 -6.77 18.63 -36.25
C VAL C 1226 -5.77 18.65 -37.42
N ALA C 1227 -4.54 18.23 -37.18
CA ALA C 1227 -3.47 18.28 -38.20
C ALA C 1227 -3.74 17.21 -39.26
N PHE C 1228 -4.22 16.03 -38.84
CA PHE C 1228 -4.60 14.93 -39.76
C PHE C 1228 -5.74 15.38 -40.67
N ALA C 1229 -6.71 16.13 -40.15
CA ALA C 1229 -7.85 16.67 -40.94
C ALA C 1229 -7.31 17.67 -41.98
N LEU C 1230 -6.43 18.59 -41.57
CA LEU C 1230 -5.91 19.63 -42.49
C LEU C 1230 -5.08 18.93 -43.58
N GLN C 1231 -4.41 17.83 -43.24
CA GLN C 1231 -3.53 17.05 -44.14
C GLN C 1231 -4.40 16.44 -45.26
N GLN C 1232 -5.56 15.85 -44.92
CA GLN C 1232 -6.49 15.35 -45.96
C GLN C 1232 -6.87 16.51 -46.90
N ALA C 1233 -7.28 17.66 -46.37
CA ALA C 1233 -7.74 18.82 -47.16
C ALA C 1233 -6.59 19.33 -48.03
N LEU C 1234 -5.37 19.37 -47.47
CA LEU C 1234 -4.19 19.86 -48.17
C LEU C 1234 -3.86 18.93 -49.37
N GLN C 1235 -3.92 17.61 -49.15
CA GLN C 1235 -3.63 16.60 -50.20
C GLN C 1235 -4.65 16.76 -51.36
N SER C 1236 -5.91 17.05 -51.06
CA SER C 1236 -6.96 17.28 -52.09
C SER C 1236 -6.60 18.52 -52.93
N ALA C 1237 -6.05 19.56 -52.29
CA ALA C 1237 -5.58 20.80 -52.96
C ALA C 1237 -4.34 20.49 -53.81
N ARG C 1238 -3.45 19.59 -53.38
CA ARG C 1238 -2.22 19.22 -54.13
C ARG C 1238 -2.57 18.33 -55.34
N ASP C 1239 -3.55 17.42 -55.22
CA ASP C 1239 -4.05 16.61 -56.36
C ASP C 1239 -4.54 17.55 -57.47
N ASP C 1240 -5.43 18.49 -57.12
CA ASP C 1240 -6.04 19.50 -58.02
C ASP C 1240 -4.94 20.37 -58.65
N ALA C 1241 -3.85 20.62 -57.94
CA ALA C 1241 -2.75 21.48 -58.43
C ALA C 1241 -1.88 20.68 -59.38
N GLY C 1242 -2.12 19.36 -59.50
CA GLY C 1242 -1.28 18.43 -60.28
C GLY C 1242 0.12 18.31 -59.69
N VAL C 1243 0.27 18.52 -58.38
CA VAL C 1243 1.54 18.19 -57.66
C VAL C 1243 1.71 16.67 -57.72
N PRO C 1244 2.90 16.14 -58.06
CA PRO C 1244 3.14 14.71 -57.97
C PRO C 1244 2.78 14.25 -56.55
N LYS C 1245 2.06 13.15 -56.42
CA LYS C 1245 1.55 12.64 -55.12
C LYS C 1245 2.74 12.40 -54.18
N SER C 1246 2.81 13.12 -53.07
CA SER C 1246 3.81 12.87 -51.99
C SER C 1246 3.28 13.38 -50.63
N TRP C 1247 3.77 12.76 -49.56
CA TRP C 1247 3.43 13.10 -48.15
C TRP C 1247 4.08 14.44 -47.80
N VAL C 1248 3.35 15.36 -47.18
CA VAL C 1248 3.94 16.59 -46.61
C VAL C 1248 4.23 16.34 -45.14
N THR C 1249 5.47 16.55 -44.68
CA THR C 1249 5.84 16.50 -43.25
C THR C 1249 4.75 17.22 -42.43
N LEU C 1250 4.26 16.54 -41.40
CA LEU C 1250 3.30 17.10 -40.41
C LEU C 1250 4.10 18.03 -39.52
N THR C 1251 3.60 19.24 -39.26
CA THR C 1251 4.28 20.23 -38.38
C THR C 1251 3.30 20.74 -37.34
N ALA C 1252 3.76 20.80 -36.10
CA ALA C 1252 3.14 21.65 -35.06
C ALA C 1252 3.93 22.97 -35.08
N PRO C 1253 3.35 24.08 -35.60
CA PRO C 1253 1.95 24.16 -36.01
C PRO C 1253 1.60 24.05 -37.50
N MET C 1254 0.33 23.73 -37.80
CA MET C 1254 -0.21 23.68 -39.18
C MET C 1254 -0.84 25.05 -39.51
N THR C 1255 -0.01 26.08 -39.59
CA THR C 1255 -0.38 27.51 -39.85
C THR C 1255 -0.96 27.69 -41.25
N PRO C 1256 -1.79 28.74 -41.46
CA PRO C 1256 -2.19 29.16 -42.81
C PRO C 1256 -0.98 29.28 -43.74
N GLU C 1257 0.14 29.81 -43.22
CA GLU C 1257 1.45 29.91 -43.91
C GLU C 1257 1.89 28.52 -44.38
N HIS C 1258 1.96 27.57 -43.45
CA HIS C 1258 2.46 26.19 -43.75
C HIS C 1258 1.60 25.56 -44.84
N LEU C 1259 0.28 25.78 -44.81
CA LEU C 1259 -0.65 25.08 -45.73
C LEU C 1259 -0.51 25.66 -47.14
N VAL C 1260 -0.52 26.99 -47.28
CA VAL C 1260 -0.37 27.65 -48.60
C VAL C 1260 0.98 27.24 -49.18
N LEU C 1261 2.05 27.24 -48.38
CA LEU C 1261 3.41 26.91 -48.89
C LEU C 1261 3.46 25.50 -49.52
N HIS C 1262 2.57 24.56 -49.19
CA HIS C 1262 2.65 23.16 -49.69
C HIS C 1262 1.37 22.80 -50.47
N SER C 1263 0.55 23.78 -50.84
CA SER C 1263 -0.74 23.52 -51.53
C SER C 1263 -0.50 23.41 -53.04
N GLY C 1264 0.67 23.84 -53.52
CA GLY C 1264 1.02 23.84 -54.97
C GLY C 1264 0.13 24.78 -55.77
N THR C 1265 -0.39 25.81 -55.13
CA THR C 1265 -1.11 26.93 -55.78
C THR C 1265 -0.10 27.69 -56.64
N GLU C 1266 -0.39 27.82 -57.95
CA GLU C 1266 0.33 28.68 -58.93
C GLU C 1266 -0.66 29.69 -59.50
N PRO C 1267 -0.38 31.01 -59.44
CA PRO C 1267 -1.22 32.01 -60.11
C PRO C 1267 -1.79 31.62 -61.50
N SER C 1268 -1.06 30.82 -62.28
CA SER C 1268 -1.53 30.06 -63.48
C SER C 1268 -2.94 29.47 -63.30
N GLN C 1269 -3.19 28.72 -62.23
CA GLN C 1269 -4.47 27.99 -62.00
C GLN C 1269 -5.61 28.97 -61.68
N PHE C 1270 -5.30 30.24 -61.45
CA PHE C 1270 -6.31 31.30 -61.20
C PHE C 1270 -7.03 31.51 -62.51
N LYS C 1271 -8.19 30.87 -62.61
CA LYS C 1271 -9.10 30.89 -63.77
C LYS C 1271 -10.49 31.13 -63.20
N LEU C 1272 -11.34 31.83 -63.94
CA LEU C 1272 -12.76 32.04 -63.55
C LEU C 1272 -13.64 30.94 -64.15
N ASN C 1273 -13.14 30.24 -65.18
CA ASN C 1273 -13.92 29.27 -66.02
C ASN C 1273 -13.04 28.11 -66.48
N ALA D 2 6.60 69.72 1.92
CA ALA D 2 6.48 70.61 3.12
C ALA D 2 7.45 70.12 4.21
N GLY D 3 7.09 69.03 4.90
CA GLY D 3 7.74 68.55 6.13
C GLY D 3 8.76 67.45 5.88
N ARG D 4 9.78 67.36 6.74
CA ARG D 4 10.89 66.38 6.68
C ARG D 4 11.14 65.81 8.09
N ILE D 5 11.07 64.50 8.27
CA ILE D 5 11.46 63.82 9.55
C ILE D 5 12.28 62.58 9.20
N THR D 6 13.30 62.29 10.01
CA THR D 6 14.18 61.10 9.89
C THR D 6 13.78 60.06 10.95
N ILE D 7 13.69 58.80 10.55
CA ILE D 7 13.42 57.68 11.48
C ILE D 7 14.46 56.59 11.20
N ASN D 8 15.26 56.24 12.20
CA ASN D 8 16.24 55.13 12.10
C ASN D 8 17.11 55.35 10.86
N GLY D 9 17.71 56.55 10.73
CA GLY D 9 18.75 56.88 9.73
C GLY D 9 18.20 57.04 8.32
N THR D 10 16.87 57.19 8.17
CA THR D 10 16.17 57.31 6.86
C THR D 10 15.29 58.56 6.93
N SER D 11 15.43 59.46 5.94
CA SER D 11 14.64 60.71 5.83
C SER D 11 13.32 60.43 5.09
N HIS D 12 12.20 60.88 5.66
CA HIS D 12 10.83 60.79 5.11
C HIS D 12 10.38 62.21 4.69
N GLU D 13 9.47 62.29 3.71
CA GLU D 13 8.81 63.55 3.26
C GLU D 13 7.37 63.51 3.77
N VAL D 14 6.88 64.61 4.32
CA VAL D 14 5.64 64.66 5.13
C VAL D 14 4.67 65.67 4.50
N ASN D 15 3.66 65.18 3.76
CA ASN D 15 2.54 66.04 3.32
C ASN D 15 1.71 66.40 4.55
N LEU D 16 2.11 67.47 5.24
CA LEU D 16 1.48 67.99 6.48
C LEU D 16 -0.03 68.21 6.27
N SER D 17 -0.43 68.78 5.14
CA SER D 17 -1.83 69.14 4.83
C SER D 17 -2.73 67.89 4.77
N ALA D 18 -2.20 66.79 4.23
CA ALA D 18 -2.90 65.50 4.08
C ALA D 18 -3.08 64.79 5.43
N LEU D 19 -2.27 65.13 6.45
CA LEU D 19 -2.33 64.48 7.79
C LEU D 19 -3.20 65.31 8.72
N PRO D 20 -3.72 64.73 9.84
CA PRO D 20 -4.35 65.53 10.88
C PRO D 20 -3.33 66.51 11.49
N ALA D 21 -3.84 67.64 11.99
CA ALA D 21 -3.04 68.69 12.69
C ALA D 21 -2.45 68.09 13.98
N ASP D 22 -3.24 67.31 14.74
CA ASP D 22 -2.88 66.75 16.08
C ASP D 22 -2.45 65.29 15.97
N ILE D 23 -1.84 64.87 14.86
CA ILE D 23 -1.27 63.50 14.70
C ILE D 23 -0.13 63.35 15.71
N SER D 24 -0.10 62.21 16.40
CA SER D 24 0.99 61.86 17.34
C SER D 24 2.15 61.27 16.54
N LEU D 25 3.36 61.42 17.05
CA LEU D 25 4.57 60.69 16.61
C LEU D 25 4.27 59.19 16.55
N ASN D 26 3.67 58.64 17.63
CA ASN D 26 3.32 57.20 17.71
C ASN D 26 2.56 56.78 16.44
N THR D 27 1.44 57.47 16.13
CA THR D 27 0.57 57.15 14.97
C THR D 27 1.41 57.25 13.69
N PHE D 28 2.31 58.23 13.58
CA PHE D 28 3.14 58.39 12.36
C PHE D 28 4.13 57.21 12.22
N ILE D 29 4.90 56.89 13.27
CA ILE D 29 5.84 55.72 13.30
C ILE D 29 5.11 54.42 12.84
N ARG D 30 3.96 54.12 13.45
CA ARG D 30 3.25 52.83 13.31
C ARG D 30 2.57 52.72 11.95
N GLU D 31 1.77 53.73 11.57
CA GLU D 31 0.82 53.67 10.41
C GLU D 31 1.46 54.20 9.13
N TYR D 32 2.42 55.13 9.20
CA TYR D 32 3.03 55.79 8.01
C TYR D 32 4.42 55.24 7.75
N ALA D 33 5.31 55.19 8.75
CA ALA D 33 6.64 54.56 8.60
C ALA D 33 6.50 53.02 8.71
N GLY D 34 5.33 52.52 9.10
CA GLY D 34 5.03 51.08 9.25
C GLY D 34 6.06 50.35 10.12
N LEU D 35 6.55 50.97 11.20
CA LEU D 35 7.43 50.31 12.20
C LEU D 35 6.60 50.09 13.48
N THR D 36 6.18 48.84 13.71
CA THR D 36 5.21 48.41 14.74
C THR D 36 5.89 48.00 16.07
N GLY D 37 7.23 48.00 16.12
CA GLY D 37 8.00 47.84 17.35
C GLY D 37 7.50 48.75 18.47
N THR D 38 7.37 50.05 18.20
CA THR D 38 6.84 51.06 19.17
C THR D 38 5.34 50.80 19.42
N LYS D 39 4.94 50.48 20.65
CA LYS D 39 3.55 50.04 20.94
C LYS D 39 2.73 51.21 21.49
N PHE D 40 1.49 50.96 21.90
CA PHE D 40 0.74 51.92 22.74
C PHE D 40 -0.23 51.13 23.61
N MET D 41 -0.68 51.76 24.68
CA MET D 41 -1.74 51.19 25.56
C MET D 41 -2.50 52.36 26.21
N CYS D 42 -1.83 53.15 27.04
CA CYS D 42 -2.49 54.18 27.88
C CYS D 42 -2.73 55.47 27.06
N GLN D 43 -1.82 55.79 26.13
CA GLN D 43 -1.85 57.01 25.27
C GLN D 43 -1.90 58.32 26.08
N GLU D 44 -1.34 58.33 27.30
CA GLU D 44 -1.38 59.49 28.23
C GLU D 44 -0.06 59.68 29.01
N GLY D 45 1.02 59.02 28.60
CA GLY D 45 2.39 59.25 29.13
C GLY D 45 2.74 58.40 30.34
N GLY D 46 1.84 57.52 30.78
CA GLY D 46 1.94 56.85 32.10
C GLY D 46 2.60 55.47 32.09
N CYS D 47 2.62 54.77 30.95
CA CYS D 47 2.87 53.30 30.85
C CYS D 47 4.23 52.97 30.20
N GLY D 48 4.67 53.76 29.20
CA GLY D 48 6.04 53.71 28.62
C GLY D 48 6.21 52.77 27.43
N VAL D 49 5.17 52.06 26.98
CA VAL D 49 5.36 51.03 25.91
C VAL D 49 5.68 51.73 24.57
N CYS D 50 5.34 53.01 24.44
CA CYS D 50 5.43 53.86 23.23
C CYS D 50 6.76 54.66 23.16
N VAL D 51 7.67 54.43 24.09
CA VAL D 51 8.89 55.28 24.24
C VAL D 51 9.83 55.04 23.05
N CYS D 52 10.22 56.13 22.39
CA CYS D 52 11.35 56.19 21.44
C CYS D 52 12.29 57.32 21.87
N THR D 53 13.36 57.60 21.11
CA THR D 53 14.26 58.75 21.35
C THR D 53 14.14 59.80 20.23
N LEU D 54 14.26 61.07 20.61
CA LEU D 54 14.47 62.19 19.67
C LEU D 54 15.93 62.59 19.73
N THR D 55 16.49 62.97 18.58
CA THR D 55 17.86 63.55 18.43
C THR D 55 17.74 64.90 17.70
N GLY D 56 18.27 65.94 18.33
CA GLY D 56 18.44 67.29 17.75
C GLY D 56 19.80 67.83 18.13
N ILE D 57 20.27 68.88 17.46
CA ILE D 57 21.46 69.63 17.95
C ILE D 57 20.91 70.67 18.94
N HIS D 58 21.48 70.72 20.15
CA HIS D 58 21.30 71.82 21.14
C HIS D 58 21.68 73.13 20.47
N PRO D 59 20.71 74.05 20.21
CA PRO D 59 21.03 75.31 19.57
C PRO D 59 21.73 76.23 20.60
N GLU D 60 22.96 76.66 20.28
CA GLU D 60 23.77 77.67 21.04
C GLU D 60 25.24 77.56 20.60
N GLY D 62 26.52 74.17 21.20
CA GLY D 62 26.00 72.85 21.62
C GLY D 62 26.13 71.76 20.55
N GLU D 63 26.13 70.50 21.01
CA GLU D 63 26.41 69.27 20.23
C GLU D 63 25.10 68.52 19.96
N LEU D 64 25.17 67.27 19.49
CA LEU D 64 23.99 66.37 19.36
C LEU D 64 23.54 65.95 20.76
N ARG D 65 22.24 66.07 21.05
CA ARG D 65 21.59 65.54 22.30
C ARG D 65 20.47 64.56 21.91
N THR D 66 20.35 63.47 22.68
CA THR D 66 19.31 62.42 22.51
C THR D 66 18.54 62.26 23.82
N TRP D 67 17.21 62.19 23.73
CA TRP D 67 16.32 62.04 24.90
C TRP D 67 15.15 61.12 24.53
N ALA D 68 14.65 60.36 25.51
CA ALA D 68 13.48 59.47 25.37
C ALA D 68 12.23 60.36 25.42
N VAL D 69 11.25 60.10 24.56
CA VAL D 69 9.90 60.71 24.69
C VAL D 69 8.83 59.62 24.64
N ASN D 70 7.65 59.94 25.18
CA ASN D 70 6.39 59.21 24.96
C ASN D 70 5.87 59.59 23.57
N SER D 71 6.01 58.70 22.59
CA SER D 71 5.54 58.92 21.19
C SER D 71 4.01 59.17 21.20
N CYS D 72 3.26 58.70 22.19
CA CYS D 72 1.79 58.88 22.23
C CYS D 72 1.41 60.34 22.49
N LEU D 73 2.14 61.05 23.35
CA LEU D 73 1.87 62.46 23.71
C LEU D 73 2.58 63.40 22.71
N THR D 74 3.85 63.14 22.43
CA THR D 74 4.67 63.99 21.53
C THR D 74 3.95 64.18 20.19
N LEU D 75 3.71 65.42 19.77
CA LEU D 75 3.06 65.70 18.46
C LEU D 75 4.12 65.63 17.35
N LEU D 76 3.75 65.04 16.20
CA LEU D 76 4.63 64.86 15.02
C LEU D 76 5.19 66.21 14.53
N ASN D 77 4.35 67.25 14.50
CA ASN D 77 4.67 68.59 13.92
C ASN D 77 5.78 69.28 14.73
N THR D 78 6.03 68.87 15.98
CA THR D 78 7.11 69.42 16.84
C THR D 78 8.40 68.62 16.65
N CYS D 79 8.43 67.61 15.80
CA CYS D 79 9.62 66.75 15.55
C CYS D 79 10.14 66.92 14.13
N LEU D 80 9.56 67.80 13.32
CA LEU D 80 10.09 68.13 11.97
C LEU D 80 11.56 68.54 12.12
N GLY D 81 12.47 67.87 11.40
CA GLY D 81 13.92 68.15 11.42
C GLY D 81 14.69 67.28 12.41
N LEU D 82 14.03 66.81 13.47
CA LEU D 82 14.63 65.87 14.47
C LEU D 82 14.72 64.47 13.86
N GLU D 83 15.61 63.63 14.40
CA GLU D 83 15.79 62.19 14.05
C GLU D 83 15.20 61.29 15.15
N VAL D 84 14.18 60.52 14.80
CA VAL D 84 13.49 59.54 15.69
C VAL D 84 14.27 58.23 15.63
N THR D 85 14.53 57.60 16.78
CA THR D 85 15.07 56.22 16.82
C THR D 85 14.03 55.33 17.51
N THR D 86 13.68 54.18 16.90
CA THR D 86 12.84 53.12 17.53
C THR D 86 13.73 51.88 17.73
N SER D 87 13.20 50.80 18.31
CA SER D 87 14.02 49.61 18.66
C SER D 87 14.53 48.93 17.38
N GLU D 88 13.72 48.90 16.32
CA GLU D 88 14.12 48.44 14.96
C GLU D 88 15.37 49.22 14.51
N GLY D 89 15.44 50.51 14.86
CA GLY D 89 16.60 51.38 14.61
C GLY D 89 17.89 50.87 15.22
N LEU D 90 17.83 50.23 16.39
CA LEU D 90 19.02 49.82 17.18
C LEU D 90 19.60 48.50 16.65
N GLY D 91 18.76 47.64 16.07
CA GLY D 91 19.18 46.30 15.63
C GLY D 91 18.04 45.47 15.07
N ASN D 92 18.39 44.45 14.28
CA ASN D 92 17.48 43.39 13.76
C ASN D 92 18.32 42.13 13.48
N LYS D 93 17.73 41.09 12.90
CA LYS D 93 18.43 39.78 12.76
C LYS D 93 19.52 39.86 11.69
N ARG D 94 19.34 40.69 10.65
CA ARG D 94 20.29 40.71 9.51
C ARG D 94 21.47 41.64 9.82
N VAL D 95 21.23 42.87 10.32
CA VAL D 95 22.31 43.83 10.68
C VAL D 95 22.84 43.53 12.09
N GLY D 96 22.38 42.46 12.76
CA GLY D 96 22.80 42.07 14.12
C GLY D 96 22.08 42.89 15.20
N TYR D 97 21.88 42.30 16.38
CA TYR D 97 21.13 42.92 17.50
C TYR D 97 22.04 43.88 18.24
N HIS D 98 21.49 45.03 18.65
CA HIS D 98 22.13 46.00 19.59
C HIS D 98 22.44 45.34 20.96
N ALA D 99 23.45 45.84 21.67
CA ALA D 99 23.89 45.31 22.97
C ALA D 99 22.72 45.33 23.97
N ILE D 100 21.95 46.40 23.98
CA ILE D 100 20.79 46.57 24.91
C ILE D 100 19.76 45.44 24.61
N GLN D 101 19.54 45.12 23.34
CA GLN D 101 18.55 44.08 22.93
C GLN D 101 19.05 42.73 23.45
N GLN D 102 20.34 42.43 23.24
CA GLN D 102 20.97 41.12 23.55
C GLN D 102 20.92 40.90 25.07
N ARG D 103 21.28 41.94 25.82
CA ARG D 103 21.45 41.86 27.29
C ARG D 103 20.07 41.61 27.93
N LEU D 104 19.03 42.29 27.45
CA LEU D 104 17.66 42.17 27.99
C LEU D 104 17.13 40.74 27.73
N ALA D 105 17.34 40.19 26.53
CA ALA D 105 16.90 38.82 26.16
C ALA D 105 17.70 37.77 26.93
N LYS D 106 19.03 37.87 26.88
CA LYS D 106 19.97 36.87 27.45
C LYS D 106 19.82 36.77 28.97
N MET D 107 19.32 37.79 29.65
CA MET D 107 19.24 37.83 31.13
C MET D 107 17.79 37.77 31.57
N ASN D 108 16.92 37.29 30.68
CA ASN D 108 15.57 36.79 31.05
C ASN D 108 14.70 37.98 31.41
N GLY D 109 14.82 39.10 30.70
CA GLY D 109 14.13 40.35 31.04
C GLY D 109 12.92 40.60 30.16
N THR D 110 12.39 39.57 29.48
CA THR D 110 11.28 39.73 28.50
C THR D 110 10.36 38.51 28.56
N GLN D 111 9.09 38.72 28.88
CA GLN D 111 8.13 37.60 28.94
C GLN D 111 7.17 37.78 27.77
N CYS D 112 6.08 38.51 27.96
CA CYS D 112 5.10 38.79 26.88
C CYS D 112 5.78 39.66 25.80
N GLY D 113 6.79 40.45 26.17
CA GLY D 113 7.64 41.22 25.22
C GLY D 113 7.06 42.56 24.81
N TYR D 114 5.83 42.89 25.21
CA TYR D 114 5.13 44.12 24.74
C TYR D 114 5.80 45.40 25.28
N CYS D 115 6.43 45.35 26.45
CA CYS D 115 7.07 46.53 27.12
C CYS D 115 8.54 46.62 26.74
N SER D 116 9.05 45.65 25.98
CA SER D 116 10.51 45.45 25.76
C SER D 116 11.05 46.55 24.84
N PRO D 117 10.40 46.87 23.70
CA PRO D 117 10.87 47.98 22.88
C PRO D 117 10.93 49.29 23.69
N GLY D 118 9.91 49.56 24.51
CA GLY D 118 9.87 50.74 25.39
C GLY D 118 11.06 50.76 26.33
N ILE D 119 11.36 49.61 26.95
CA ILE D 119 12.48 49.44 27.92
C ILE D 119 13.80 49.72 27.19
N VAL D 120 14.02 49.06 26.06
CA VAL D 120 15.26 49.19 25.25
C VAL D 120 15.49 50.67 24.92
N MET D 121 14.43 51.42 24.58
CA MET D 121 14.55 52.80 24.04
C MET D 121 14.73 53.79 25.19
N ASN D 122 14.14 53.52 26.36
CA ASN D 122 14.30 54.36 27.57
C ASN D 122 15.77 54.29 28.01
N MET D 123 16.34 53.09 27.96
CA MET D 123 17.75 52.82 28.31
C MET D 123 18.67 53.51 27.29
N TYR D 124 18.41 53.34 25.99
CA TYR D 124 19.19 53.99 24.91
C TYR D 124 19.19 55.49 25.18
N GLY D 125 18.01 56.05 25.39
CA GLY D 125 17.77 57.45 25.77
C GLY D 125 18.62 57.88 26.96
N LEU D 126 18.67 57.07 28.03
CA LEU D 126 19.43 57.36 29.26
C LEU D 126 20.92 57.41 28.93
N LEU D 127 21.43 56.38 28.23
CA LEU D 127 22.88 56.23 27.93
C LEU D 127 23.34 57.38 27.04
N LYS D 128 22.62 57.65 25.96
CA LYS D 128 22.97 58.77 25.04
C LYS D 128 23.04 60.07 25.84
N SER D 129 22.02 60.40 26.65
CA SER D 129 21.90 61.65 27.45
C SER D 129 23.03 61.78 28.50
N LYS D 130 23.67 60.69 28.92
CA LYS D 130 24.74 60.70 29.96
C LYS D 130 26.09 60.24 29.37
N GLY D 131 26.29 60.39 28.05
CA GLY D 131 27.54 60.05 27.34
C GLY D 131 28.00 58.63 27.61
N GLY D 132 27.06 57.71 27.80
CA GLY D 132 27.32 56.26 27.94
C GLY D 132 27.88 55.89 29.30
N LYS D 133 27.84 56.81 30.27
CA LYS D 133 28.33 56.62 31.66
C LYS D 133 27.14 56.84 32.62
N VAL D 134 26.72 55.77 33.29
CA VAL D 134 25.61 55.80 34.30
C VAL D 134 25.99 54.86 35.46
N THR D 135 25.42 55.11 36.63
CA THR D 135 25.53 54.24 37.83
C THR D 135 24.29 53.34 37.91
N MET D 136 24.40 52.21 38.61
CA MET D 136 23.28 51.28 38.90
C MET D 136 22.13 52.07 39.55
N GLU D 137 22.42 52.96 40.51
CA GLU D 137 21.41 53.80 41.19
C GLU D 137 20.65 54.65 40.17
N GLU D 138 21.34 55.29 39.24
CA GLU D 138 20.71 56.10 38.16
C GLU D 138 19.82 55.18 37.29
N VAL D 139 20.28 53.98 36.98
CA VAL D 139 19.52 53.07 36.08
C VAL D 139 18.21 52.71 36.80
N GLU D 140 18.28 52.28 38.06
CA GLU D 140 17.09 51.83 38.81
C GLU D 140 16.12 53.00 38.99
N ASN D 141 16.61 54.25 38.86
CA ASN D 141 15.79 55.45 39.10
C ASN D 141 15.05 55.88 37.82
N SER D 142 15.42 55.36 36.65
CA SER D 142 15.08 55.94 35.31
C SER D 142 13.90 55.22 34.64
N PHE D 143 13.27 54.23 35.28
CA PHE D 143 12.24 53.36 34.66
C PHE D 143 10.88 53.42 35.38
N GLY D 144 10.62 54.48 36.14
CA GLY D 144 9.29 54.70 36.75
C GLY D 144 8.19 54.79 35.71
N GLY D 145 8.54 55.19 34.47
CA GLY D 145 7.59 55.44 33.36
C GLY D 145 7.31 54.20 32.51
N ASN D 146 8.01 53.09 32.77
CA ASN D 146 7.89 51.79 32.06
C ASN D 146 7.25 50.74 32.98
N ILE D 147 5.97 50.46 32.77
CA ILE D 147 5.24 49.39 33.55
C ILE D 147 5.47 48.06 32.84
N CYS D 148 6.04 47.10 33.54
CA CYS D 148 6.03 45.66 33.15
C CYS D 148 5.11 44.89 34.11
N ARG D 149 4.15 44.13 33.57
CA ARG D 149 3.20 43.31 34.35
C ARG D 149 3.65 41.84 34.45
N CYS D 150 4.77 41.44 33.82
CA CYS D 150 5.18 40.02 33.63
C CYS D 150 6.36 39.62 34.50
N THR D 151 7.45 40.40 34.53
CA THR D 151 8.80 39.97 34.97
C THR D 151 9.06 40.28 36.45
N GLY D 152 8.32 41.21 37.05
CA GLY D 152 8.64 41.73 38.41
C GLY D 152 9.92 42.55 38.42
N TYR D 153 10.38 43.03 37.25
CA TYR D 153 11.43 44.07 37.03
C TYR D 153 12.83 43.57 37.38
N ARG D 154 13.00 42.72 38.39
CA ARG D 154 14.33 42.21 38.83
C ARG D 154 15.23 41.92 37.62
N PRO D 155 14.89 41.02 36.66
CA PRO D 155 15.83 40.66 35.60
C PRO D 155 16.05 41.77 34.57
N ILE D 156 15.06 42.65 34.39
CA ILE D 156 15.19 43.86 33.52
C ILE D 156 16.23 44.77 34.17
N LEU D 157 16.15 44.93 35.49
CA LEU D 157 17.05 45.84 36.24
C LEU D 157 18.45 45.25 36.26
N ASP D 158 18.60 43.92 36.45
CA ASP D 158 19.88 43.20 36.26
C ASP D 158 20.45 43.51 34.87
N ALA D 159 19.62 43.47 33.83
CA ALA D 159 20.09 43.68 32.44
C ALA D 159 20.64 45.11 32.30
N MET D 160 19.82 46.11 32.59
CA MET D 160 20.11 47.53 32.32
C MET D 160 21.22 48.01 33.28
N LYS D 161 21.29 47.47 34.50
CA LYS D 161 22.35 47.83 35.48
C LYS D 161 23.71 47.32 34.99
N SER D 162 23.74 46.24 34.19
CA SER D 162 25.00 45.61 33.74
C SER D 162 25.80 46.55 32.81
N PHE D 163 25.19 47.66 32.34
CA PHE D 163 25.82 48.65 31.44
C PHE D 163 26.48 49.79 32.24
N ALA D 164 26.18 49.89 33.54
CA ALA D 164 26.61 50.99 34.42
C ALA D 164 28.12 50.90 34.67
N VAL D 165 28.77 52.02 34.98
CA VAL D 165 30.23 52.09 35.30
C VAL D 165 30.53 51.35 36.60
N ASP D 166 29.59 51.29 37.56
CA ASP D 166 29.75 50.58 38.87
C ASP D 166 29.00 49.24 38.86
N SER D 167 28.74 48.66 37.68
CA SER D 167 28.01 47.37 37.55
C SER D 167 28.65 46.31 38.43
N ASN D 168 27.83 45.55 39.18
CA ASN D 168 28.27 44.34 39.94
C ASN D 168 27.51 43.09 39.43
N ILE D 169 26.91 43.17 38.24
CA ILE D 169 26.09 42.08 37.62
C ILE D 169 27.00 41.13 36.82
N GLN D 170 26.89 39.82 37.05
CA GLN D 170 27.49 38.76 36.20
C GLN D 170 26.61 38.57 34.95
N VAL D 171 27.17 38.69 33.73
CA VAL D 171 26.41 38.62 32.45
C VAL D 171 26.35 37.17 31.95
N GLN D 201 12.45 76.33 11.92
CA GLN D 201 11.55 75.43 11.14
C GLN D 201 10.55 76.29 10.36
N PRO D 202 9.76 75.71 9.42
CA PRO D 202 8.98 76.49 8.45
C PRO D 202 8.34 77.80 8.95
N LYS D 203 8.73 78.92 8.33
CA LYS D 203 8.19 80.28 8.62
C LYS D 203 6.81 80.40 7.97
N GLY D 204 6.00 81.38 8.41
CA GLY D 204 4.57 81.46 8.08
C GLY D 204 3.84 80.20 8.51
N SER D 205 2.63 79.99 7.98
CA SER D 205 1.65 79.00 8.48
C SER D 205 1.64 77.72 7.63
N GLN D 206 1.02 76.68 8.17
CA GLN D 206 0.49 75.51 7.44
C GLN D 206 -0.98 75.38 7.83
N LEU D 207 -1.90 75.69 6.93
CA LEU D 207 -3.37 75.63 7.17
C LEU D 207 -3.87 74.18 6.96
N TYR D 208 -4.99 73.83 7.61
CA TYR D 208 -5.57 72.46 7.65
C TYR D 208 -7.05 72.52 7.27
N PRO D 209 -7.55 71.60 6.42
CA PRO D 209 -8.98 71.58 6.07
C PRO D 209 -9.89 71.69 7.31
N ASP D 210 -9.47 71.05 8.41
CA ASP D 210 -10.04 71.15 9.79
C ASP D 210 -10.43 72.61 10.11
N GLY D 211 -9.68 73.58 9.56
CA GLY D 211 -9.72 75.00 9.95
C GLY D 211 -8.63 75.31 10.95
N SER D 212 -7.76 74.33 11.23
CA SER D 212 -6.64 74.45 12.21
C SER D 212 -5.42 75.03 11.51
N ARG D 213 -4.38 75.37 12.28
CA ARG D 213 -3.19 76.12 11.81
C ARG D 213 -1.99 75.77 12.71
N TRP D 214 -0.82 75.55 12.11
CA TRP D 214 0.48 75.32 12.83
C TRP D 214 1.48 76.45 12.51
N SER D 215 2.10 77.02 13.55
CA SER D 215 3.18 78.03 13.45
C SER D 215 4.42 77.53 14.19
N TRP D 216 5.60 77.75 13.58
CA TRP D 216 6.93 77.38 14.10
C TRP D 216 7.80 78.62 14.22
N PRO D 217 7.44 79.58 15.12
CA PRO D 217 8.22 80.81 15.30
C PRO D 217 9.64 80.53 15.82
N VAL D 218 10.61 81.35 15.39
CA VAL D 218 12.04 81.25 15.81
C VAL D 218 12.40 82.48 16.67
N SER D 219 11.57 83.51 16.67
CA SER D 219 11.71 84.75 17.49
C SER D 219 10.40 85.02 18.26
N LEU D 220 10.47 85.85 19.30
CA LEU D 220 9.29 86.28 20.09
C LEU D 220 8.40 87.17 19.22
N GLY D 221 8.98 87.81 18.20
CA GLY D 221 8.24 88.53 17.14
C GLY D 221 7.33 87.59 16.38
N ASP D 222 7.91 86.55 15.80
CA ASP D 222 7.15 85.47 15.10
C ASP D 222 6.03 85.00 16.06
N LEU D 223 6.39 84.73 17.33
CA LEU D 223 5.48 84.12 18.34
C LEU D 223 4.24 85.02 18.54
N PHE D 224 4.44 86.32 18.75
CA PHE D 224 3.36 87.29 19.10
C PHE D 224 2.46 87.55 17.88
N ALA D 225 3.04 87.58 16.68
CA ALA D 225 2.32 87.66 15.40
C ALA D 225 1.33 86.50 15.28
N ALA D 226 1.83 85.26 15.37
CA ALA D 226 1.02 84.03 15.35
C ALA D 226 -0.06 84.10 16.44
N LEU D 227 0.37 84.55 17.63
CA LEU D 227 -0.46 84.64 18.86
C LEU D 227 -1.54 85.72 18.68
N GLN D 228 -1.17 86.92 18.21
CA GLN D 228 -2.16 88.02 18.03
C GLN D 228 -2.98 87.70 16.79
N GLY D 229 -2.35 87.07 15.79
CA GLY D 229 -3.02 86.51 14.60
C GLY D 229 -4.16 85.57 14.98
N ALA D 230 -3.98 84.74 16.00
CA ALA D 230 -4.97 83.74 16.47
C ALA D 230 -6.18 84.45 17.09
N VAL D 231 -5.97 85.40 18.01
CA VAL D 231 -7.04 86.11 18.78
C VAL D 231 -7.80 87.08 17.84
N LYS D 232 -7.15 87.55 16.76
CA LYS D 232 -7.79 88.36 15.70
C LYS D 232 -8.87 87.48 15.05
N GLU D 233 -8.53 86.23 14.75
CA GLU D 233 -9.44 85.20 14.16
C GLU D 233 -10.30 84.55 15.26
N LYS D 234 -10.14 84.98 16.52
CA LYS D 234 -10.43 84.22 17.77
C LYS D 234 -10.43 82.71 17.46
N LEU D 235 -9.25 82.18 17.16
CA LEU D 235 -8.94 80.72 17.14
C LEU D 235 -8.47 80.34 18.54
N PRO D 236 -9.14 79.41 19.26
CA PRO D 236 -8.59 78.89 20.51
C PRO D 236 -7.16 78.36 20.26
N TYR D 237 -6.16 78.87 20.97
CA TYR D 237 -4.72 78.60 20.65
C TYR D 237 -4.10 77.69 21.72
N MET D 238 -3.00 77.05 21.33
CA MET D 238 -2.13 76.29 22.26
C MET D 238 -0.68 76.65 21.99
N LEU D 239 0.09 76.91 23.05
CA LEU D 239 1.56 77.11 23.03
C LEU D 239 2.19 75.74 23.31
N VAL D 240 2.47 74.97 22.26
CA VAL D 240 2.83 73.52 22.40
C VAL D 240 4.33 73.40 22.61
N ALA D 241 4.72 72.72 23.69
CA ALA D 241 6.09 72.23 23.97
C ALA D 241 6.10 70.69 23.95
N GLY D 242 5.82 70.04 25.10
CA GLY D 242 5.87 68.58 25.26
C GLY D 242 4.58 67.89 24.86
N ASN D 243 3.45 68.60 24.95
CA ASN D 243 2.06 68.11 24.78
C ASN D 243 1.76 67.02 25.83
N THR D 244 2.35 67.12 27.02
CA THR D 244 2.20 66.16 28.14
C THR D 244 0.98 66.54 29.00
N ALA D 245 0.61 67.82 29.10
CA ALA D 245 -0.57 68.29 29.87
C ALA D 245 -1.80 67.48 29.45
N HIS D 246 -1.85 67.13 28.16
CA HIS D 246 -2.82 66.20 27.55
C HIS D 246 -2.95 64.92 28.40
N GLY D 247 -1.82 64.37 28.86
CA GLY D 247 -1.78 63.19 29.75
C GLY D 247 -2.65 63.35 30.99
N VAL D 248 -2.67 64.56 31.58
CA VAL D 248 -3.37 64.88 32.87
C VAL D 248 -4.79 65.37 32.57
N TYR D 249 -4.91 66.33 31.65
CA TYR D 249 -6.19 66.93 31.23
C TYR D 249 -6.23 66.92 29.70
N ARG D 250 -7.10 66.13 29.11
CA ARG D 250 -7.13 65.96 27.64
C ARG D 250 -7.28 67.36 27.03
N ARG D 251 -6.39 67.70 26.12
CA ARG D 251 -6.44 68.93 25.29
C ARG D 251 -7.84 69.05 24.67
N SER D 252 -8.44 70.23 24.75
CA SER D 252 -9.79 70.52 24.19
C SER D 252 -9.76 70.31 22.66
N PRO D 253 -10.81 69.70 22.04
CA PRO D 253 -10.87 69.59 20.59
C PRO D 253 -11.07 70.96 19.90
N ASP D 254 -11.40 72.00 20.67
CA ASP D 254 -11.66 73.40 20.21
C ASP D 254 -10.37 74.08 19.74
N ILE D 255 -9.19 73.58 20.16
CA ILE D 255 -7.86 74.14 19.77
C ILE D 255 -7.74 74.09 18.25
N LYS D 256 -7.41 75.22 17.63
CA LYS D 256 -7.23 75.35 16.16
C LYS D 256 -5.86 75.97 15.86
N ALA D 257 -5.41 76.94 16.65
CA ALA D 257 -4.06 77.54 16.52
C ALA D 257 -3.08 76.75 17.38
N PHE D 258 -2.22 75.95 16.74
CA PHE D 258 -1.09 75.23 17.40
C PHE D 258 0.17 76.05 17.11
N ILE D 259 0.88 76.48 18.17
CA ILE D 259 2.12 77.31 18.06
C ILE D 259 3.26 76.53 18.70
N ASP D 260 4.18 76.00 17.90
CA ASP D 260 5.38 75.31 18.42
C ASP D 260 6.29 76.36 19.06
N VAL D 261 6.59 76.21 20.35
CA VAL D 261 7.57 77.08 21.08
C VAL D 261 8.85 76.28 21.42
N SER D 262 9.03 75.07 20.86
CA SER D 262 10.11 74.09 21.18
C SER D 262 11.49 74.66 20.88
N GLY D 263 11.62 75.47 19.82
CA GLY D 263 12.90 75.98 19.30
C GLY D 263 13.01 77.48 19.45
N LEU D 264 12.80 77.98 20.67
CA LEU D 264 13.02 79.41 21.06
C LEU D 264 14.07 79.46 22.17
N ALA D 265 15.28 79.94 21.86
CA ALA D 265 16.37 80.16 22.84
C ALA D 265 15.87 81.12 23.94
N GLU D 266 14.96 82.04 23.62
CA GLU D 266 14.48 83.12 24.52
C GLU D 266 13.60 82.53 25.63
N LEU D 267 12.88 81.45 25.33
CA LEU D 267 12.02 80.74 26.30
C LEU D 267 12.78 79.60 26.98
N LYS D 268 13.98 79.25 26.51
CA LYS D 268 14.88 78.24 27.16
C LYS D 268 16.04 78.98 27.81
N GLY D 269 17.09 78.28 28.24
CA GLY D 269 18.29 78.90 28.82
C GLY D 269 18.01 79.55 30.16
N HIS D 270 19.04 80.09 30.82
CA HIS D 270 18.97 80.66 32.19
C HIS D 270 19.90 81.88 32.30
N LYS D 271 20.12 82.35 33.55
CA LYS D 271 20.99 83.52 33.89
C LYS D 271 21.08 83.66 35.42
N LEU D 272 22.16 83.15 36.01
CA LEU D 272 22.74 83.64 37.29
C LEU D 272 23.08 85.12 37.13
N SER D 273 22.45 86.01 37.91
CA SER D 273 22.80 87.46 37.97
C SER D 273 24.28 87.60 38.36
N ALA D 274 24.89 88.74 38.00
CA ALA D 274 26.30 89.10 38.30
C ALA D 274 26.64 88.85 39.78
N ASP D 275 25.77 89.27 40.71
CA ASP D 275 26.01 89.26 42.19
C ASP D 275 25.54 87.94 42.85
N ASN D 276 25.09 86.95 42.06
CA ASN D 276 24.60 85.62 42.55
C ASN D 276 23.38 85.82 43.46
N SER D 277 22.59 86.85 43.18
CA SER D 277 21.43 87.30 44.00
C SER D 277 20.12 86.69 43.45
N SER D 278 20.07 86.45 42.13
CA SER D 278 18.84 86.08 41.39
C SER D 278 19.18 85.09 40.26
N LEU D 279 18.29 84.11 40.05
CA LEU D 279 18.37 83.02 39.04
C LEU D 279 17.08 83.03 38.22
N THR D 280 17.18 83.37 36.93
CA THR D 280 16.05 83.41 35.97
C THR D 280 16.10 82.11 35.15
N LEU D 281 14.97 81.38 35.10
CA LEU D 281 14.78 80.13 34.31
C LEU D 281 13.92 80.47 33.10
N GLY D 282 14.36 80.11 31.90
CA GLY D 282 13.48 80.07 30.71
C GLY D 282 12.21 79.29 31.04
N GLY D 283 11.05 79.80 30.62
CA GLY D 283 9.71 79.27 30.98
C GLY D 283 9.42 77.91 30.34
N ASN D 284 9.95 77.69 29.14
CA ASN D 284 9.83 76.41 28.38
C ASN D 284 11.16 75.65 28.52
N LEU D 285 11.84 75.81 29.67
CA LEU D 285 12.84 74.83 30.14
C LEU D 285 12.10 73.52 30.41
N SER D 286 12.74 72.37 30.12
CA SER D 286 12.16 71.04 30.39
C SER D 286 12.46 70.67 31.85
N LEU D 287 11.63 69.85 32.47
CA LEU D 287 11.85 69.43 33.88
C LEU D 287 13.23 68.75 33.99
N SER D 288 13.63 67.96 32.99
CA SER D 288 14.97 67.30 32.95
C SER D 288 16.07 68.38 32.83
N GLU D 289 15.84 69.39 31.99
CA GLU D 289 16.80 70.51 31.79
C GLU D 289 16.96 71.27 33.10
N THR D 290 15.84 71.66 33.73
CA THR D 290 15.81 72.34 35.06
C THR D 290 16.55 71.49 36.09
N MET D 291 16.45 70.16 36.00
CA MET D 291 17.10 69.24 36.96
C MET D 291 18.62 69.31 36.75
N GLU D 292 19.09 69.30 35.50
CA GLU D 292 20.53 69.42 35.17
C GLU D 292 21.09 70.74 35.69
N LEU D 293 20.32 71.83 35.58
CA LEU D 293 20.68 73.19 36.08
C LEU D 293 20.78 73.21 37.61
N CYS D 294 20.02 72.35 38.31
CA CYS D 294 20.07 72.23 39.80
C CYS D 294 21.41 71.60 40.22
N ARG D 295 21.89 70.59 39.47
CA ARG D 295 23.12 69.82 39.81
C ARG D 295 24.36 70.69 39.53
N GLN D 296 24.24 71.68 38.64
CA GLN D 296 25.32 72.63 38.27
C GLN D 296 25.47 73.71 39.36
N LEU D 297 24.33 74.23 39.87
CA LEU D 297 24.24 75.45 40.74
C LEU D 297 24.05 75.11 42.23
N GLU D 298 23.92 73.83 42.63
CA GLU D 298 23.62 73.48 44.05
C GLU D 298 24.88 73.62 44.91
N ASN D 299 26.04 73.92 44.30
CA ASN D 299 27.36 74.16 44.96
C ASN D 299 27.73 75.65 44.89
N THR D 300 26.85 76.48 44.32
CA THR D 300 26.91 77.95 44.37
C THR D 300 26.28 78.42 45.69
N LYS D 301 26.97 79.29 46.42
CA LYS D 301 26.47 79.91 47.67
C LYS D 301 25.09 80.54 47.38
N GLY D 302 24.10 80.26 48.25
CA GLY D 302 22.74 80.86 48.21
C GLY D 302 21.74 79.98 47.48
N PHE D 303 22.23 79.02 46.68
CA PHE D 303 21.41 78.08 45.86
C PHE D 303 21.75 76.63 46.20
N GLU D 304 22.14 76.36 47.45
CA GLU D 304 22.31 75.00 48.02
C GLU D 304 20.95 74.31 48.00
N TYR D 305 19.87 75.07 48.20
CA TYR D 305 18.46 74.58 48.26
C TYR D 305 18.01 74.00 46.92
N LEU D 306 18.74 74.23 45.81
CA LEU D 306 18.40 73.68 44.48
C LEU D 306 18.63 72.16 44.47
N SER D 307 19.43 71.63 45.39
CA SER D 307 19.62 70.16 45.53
C SER D 307 18.27 69.51 45.89
N GLN D 308 17.48 70.17 46.73
CA GLN D 308 16.13 69.73 47.15
C GLN D 308 15.09 70.05 46.06
N VAL D 309 15.30 71.07 45.23
CA VAL D 309 14.40 71.34 44.07
C VAL D 309 14.60 70.19 43.08
N TRP D 310 15.85 69.76 42.88
CA TRP D 310 16.19 68.59 42.03
C TRP D 310 15.40 67.37 42.53
N GLN D 311 15.53 67.08 43.84
CA GLN D 311 14.85 65.95 44.52
C GLN D 311 13.35 65.99 44.23
N HIS D 312 12.72 67.15 44.39
CA HIS D 312 11.24 67.30 44.21
C HIS D 312 10.91 67.13 42.72
N LEU D 313 11.78 67.59 41.81
CA LEU D 313 11.57 67.40 40.35
C LEU D 313 11.68 65.91 39.99
N ASP D 314 12.57 65.17 40.65
CA ASP D 314 12.78 63.71 40.44
C ASP D 314 11.59 62.88 40.95
N TRP D 315 10.71 63.43 41.79
CA TRP D 315 9.45 62.80 42.24
C TRP D 315 8.30 63.14 41.28
N ILE D 316 8.54 63.94 40.23
CA ILE D 316 7.52 64.35 39.20
C ILE D 316 7.56 63.36 38.03
N ALA D 317 6.39 62.88 37.61
CA ALA D 317 6.16 62.13 36.36
C ALA D 317 7.18 60.98 36.24
N ASN D 318 7.96 60.97 35.15
CA ASN D 318 8.93 59.92 34.77
C ASN D 318 9.91 60.55 33.78
N VAL D 319 10.90 59.80 33.30
CA VAL D 319 12.00 60.37 32.46
C VAL D 319 11.46 61.01 31.19
N PRO D 320 10.69 60.31 30.32
CA PRO D 320 10.24 60.92 29.06
C PRO D 320 9.34 62.16 29.26
N VAL D 321 8.47 62.16 30.28
CA VAL D 321 7.54 63.30 30.53
C VAL D 321 8.35 64.49 31.03
N ARG D 322 9.38 64.27 31.84
CA ARG D 322 10.27 65.35 32.34
C ARG D 322 11.15 65.86 31.18
N ASN D 323 11.41 65.00 30.19
CA ASN D 323 12.25 65.33 29.01
C ASN D 323 11.53 66.31 28.09
N ALA D 324 10.20 66.17 28.00
CA ALA D 324 9.32 66.91 27.07
C ALA D 324 8.52 67.97 27.82
N GLY D 325 8.09 67.67 29.05
CA GLY D 325 7.30 68.60 29.89
C GLY D 325 8.13 69.81 30.30
N THR D 326 7.49 70.96 30.46
CA THR D 326 8.15 72.26 30.76
C THR D 326 7.48 72.94 31.97
N LEU D 327 8.28 73.74 32.69
CA LEU D 327 7.84 74.62 33.80
C LEU D 327 6.57 75.40 33.43
N ALA D 328 6.58 76.15 32.34
CA ALA D 328 5.42 77.00 31.97
C ALA D 328 4.22 76.11 31.65
N GLY D 329 4.46 74.97 30.99
CA GLY D 329 3.42 73.96 30.72
C GLY D 329 2.76 73.53 32.02
N ASN D 330 3.56 73.12 32.99
CA ASN D 330 3.01 72.64 34.28
C ASN D 330 2.14 73.74 34.89
N LEU D 331 2.69 74.96 35.04
CA LEU D 331 2.04 76.12 35.72
C LEU D 331 0.78 76.47 34.95
N SER D 332 0.80 76.36 33.62
CA SER D 332 -0.39 76.64 32.78
C SER D 332 -1.52 75.70 33.18
N ILE D 333 -1.21 74.50 33.70
CA ILE D 333 -2.27 73.53 34.10
C ILE D 333 -2.89 74.05 35.39
N LYS D 334 -2.03 74.48 36.33
CA LYS D 334 -2.47 75.06 37.63
C LYS D 334 -3.36 76.28 37.36
N HIS D 335 -2.95 77.14 36.42
CA HIS D 335 -3.67 78.38 36.09
C HIS D 335 -5.10 78.00 35.65
N ALA D 336 -5.21 77.04 34.73
CA ALA D 336 -6.47 76.59 34.10
C ALA D 336 -7.25 75.70 35.07
N HIS D 337 -6.55 74.93 35.90
CA HIS D 337 -7.14 73.94 36.84
C HIS D 337 -6.55 74.17 38.23
N PRO D 338 -7.13 75.09 39.02
CA PRO D 338 -6.67 75.35 40.39
C PRO D 338 -6.69 74.12 41.33
N GLU D 339 -7.52 73.11 41.04
CA GLU D 339 -7.63 71.88 41.89
C GLU D 339 -6.37 70.99 41.70
N PHE D 340 -5.69 71.09 40.55
CA PHE D 340 -4.45 70.34 40.23
C PHE D 340 -3.39 70.59 41.29
N PRO D 341 -2.94 69.56 42.06
CA PRO D 341 -1.86 69.70 43.04
C PRO D 341 -0.45 69.71 42.42
N SER D 342 -0.20 70.70 41.56
CA SER D 342 1.09 70.90 40.85
C SER D 342 2.25 70.89 41.85
N ASP D 343 3.28 70.12 41.54
CA ASP D 343 4.52 69.95 42.34
C ASP D 343 5.48 71.09 41.99
N VAL D 344 5.40 71.60 40.77
CA VAL D 344 6.23 72.77 40.35
C VAL D 344 5.71 73.96 41.14
N PHE D 345 4.39 74.20 41.08
CA PHE D 345 3.68 75.29 41.78
C PHE D 345 4.07 75.29 43.25
N ILE D 346 3.87 74.16 43.94
CA ILE D 346 4.06 74.08 45.42
C ILE D 346 5.52 74.45 45.74
N VAL D 347 6.50 73.96 44.98
CA VAL D 347 7.95 74.25 45.23
C VAL D 347 8.19 75.75 44.98
N LEU D 348 7.68 76.31 43.89
CA LEU D 348 7.96 77.72 43.50
C LEU D 348 7.20 78.67 44.43
N GLU D 349 5.99 78.31 44.87
CA GLU D 349 5.13 79.16 45.73
C GLU D 349 5.73 79.27 47.14
N ALA D 350 6.52 78.29 47.58
CA ALA D 350 7.16 78.29 48.92
C ALA D 350 8.50 79.02 48.85
N LEU D 351 9.17 79.03 47.69
CA LEU D 351 10.42 79.79 47.46
C LEU D 351 10.10 81.23 47.01
N ASP D 352 8.81 81.58 46.99
CA ASP D 352 8.28 82.87 46.51
C ASP D 352 8.98 83.22 45.20
N ALA D 353 8.90 82.33 44.20
CA ALA D 353 9.37 82.62 42.84
C ALA D 353 8.51 83.74 42.26
N GLN D 354 9.10 84.50 41.32
CA GLN D 354 8.42 85.51 40.47
C GLN D 354 8.27 84.95 39.05
N VAL D 355 7.20 85.35 38.35
CA VAL D 355 6.85 84.92 36.97
C VAL D 355 6.96 86.15 36.04
N ILE D 356 7.87 86.12 35.07
CA ILE D 356 7.98 87.16 34.01
C ILE D 356 6.85 86.93 33.01
N VAL D 357 5.78 87.75 33.05
CA VAL D 357 4.59 87.60 32.16
C VAL D 357 4.70 88.60 31.00
N GLN D 358 5.13 88.10 29.83
CA GLN D 358 5.35 88.88 28.58
C GLN D 358 4.04 88.94 27.78
N GLU D 359 3.61 90.13 27.34
CA GLU D 359 2.35 90.35 26.56
C GLU D 359 2.66 90.92 25.17
N ALA D 360 3.94 91.20 24.88
CA ALA D 360 4.43 91.68 23.57
C ALA D 360 5.97 91.58 23.55
N VAL D 361 6.58 91.87 22.39
CA VAL D 361 8.03 91.67 22.14
C VAL D 361 8.86 92.58 23.08
N ASP D 362 8.31 93.70 23.56
CA ASP D 362 9.06 94.69 24.41
C ASP D 362 8.29 95.05 25.68
N LYS D 363 7.20 94.34 26.02
CA LYS D 363 6.37 94.58 27.23
C LYS D 363 6.37 93.34 28.14
N GLN D 364 7.16 93.35 29.21
CA GLN D 364 7.24 92.26 30.22
C GLN D 364 7.06 92.86 31.62
N GLN D 365 6.33 92.14 32.49
CA GLN D 365 5.98 92.51 33.89
C GLN D 365 6.39 91.34 34.81
N THR D 366 7.20 91.58 35.86
CA THR D 366 7.54 90.57 36.90
C THR D 366 6.52 90.65 38.04
N VAL D 367 5.66 89.63 38.15
CA VAL D 367 4.60 89.50 39.19
C VAL D 367 4.98 88.32 40.08
N SER D 368 4.35 88.19 41.25
CA SER D 368 4.47 87.01 42.14
C SER D 368 3.65 85.86 41.54
N LEU D 369 3.94 84.63 41.94
CA LEU D 369 3.24 83.41 41.42
C LEU D 369 1.72 83.60 41.59
N ALA D 370 1.26 84.05 42.76
CA ALA D 370 -0.18 84.18 43.12
C ALA D 370 -0.88 85.23 42.25
N SER D 371 -0.16 86.29 41.86
CA SER D 371 -0.67 87.38 40.99
C SER D 371 -0.87 86.85 39.56
N TYR D 372 0.08 86.04 39.08
CA TYR D 372 0.03 85.32 37.78
C TYR D 372 -1.27 84.50 37.70
N LEU D 373 -1.53 83.65 38.69
CA LEU D 373 -2.74 82.77 38.76
C LEU D 373 -4.00 83.64 38.87
N GLY D 374 -3.95 84.74 39.62
CA GLY D 374 -5.12 85.60 39.89
C GLY D 374 -5.59 86.36 38.67
N SER D 375 -4.71 86.57 37.68
CA SER D 375 -4.94 87.44 36.49
C SER D 375 -4.92 86.59 35.20
N SER D 376 -5.70 87.00 34.21
CA SER D 376 -5.85 86.38 32.85
C SER D 376 -4.49 86.30 32.15
N MET D 377 -4.38 85.40 31.15
CA MET D 377 -3.13 85.07 30.43
C MET D 377 -3.38 84.97 28.92
N GLU D 378 -4.62 85.21 28.46
CA GLU D 378 -4.97 85.21 27.01
C GLU D 378 -4.00 86.16 26.28
N GLY D 379 -3.36 85.66 25.22
CA GLY D 379 -2.44 86.44 24.35
C GLY D 379 -1.11 86.73 25.03
N LYS D 380 -0.90 86.23 26.24
CA LYS D 380 0.35 86.40 27.02
C LYS D 380 1.07 85.06 27.15
N ILE D 381 2.36 85.11 27.50
CA ILE D 381 3.23 83.92 27.68
C ILE D 381 4.00 84.11 28.99
N ILE D 382 4.44 83.00 29.59
CA ILE D 382 5.50 82.94 30.64
C ILE D 382 6.86 82.95 29.94
N ARG D 383 7.55 84.09 30.01
CA ARG D 383 8.91 84.29 29.46
C ARG D 383 9.93 83.62 30.39
N GLY D 384 9.70 83.68 31.70
CA GLY D 384 10.63 83.06 32.65
C GLY D 384 10.10 83.01 34.07
N LEU D 385 10.84 82.34 34.94
CA LEU D 385 10.58 82.26 36.40
C LEU D 385 11.84 82.74 37.10
N VAL D 386 11.70 83.56 38.15
CA VAL D 386 12.83 84.17 38.90
C VAL D 386 12.85 83.56 40.30
N LEU D 387 13.95 82.91 40.64
CA LEU D 387 14.28 82.39 41.99
C LEU D 387 15.30 83.35 42.61
N ARG D 388 15.08 83.75 43.86
CA ARG D 388 16.05 84.56 44.65
C ARG D 388 16.95 83.60 45.42
N ALA D 389 18.18 84.02 45.73
CA ALA D 389 19.12 83.26 46.58
C ALA D 389 18.57 83.25 48.01
N TYR D 390 18.90 82.18 48.74
CA TYR D 390 18.57 81.97 50.16
C TYR D 390 19.82 81.39 50.81
N PRO D 391 20.58 82.18 51.60
CA PRO D 391 21.80 81.68 52.23
C PRO D 391 21.52 80.44 53.12
N LYS D 392 22.42 79.46 53.06
CA LYS D 392 22.32 78.14 53.75
C LYS D 392 22.19 78.31 55.28
N GLU D 393 22.74 79.40 55.83
CA GLU D 393 22.96 79.60 57.29
C GLU D 393 21.63 79.94 57.99
N ARG D 394 20.82 80.82 57.38
CA ARG D 394 19.59 81.43 57.96
C ARG D 394 18.32 80.85 57.30
N PHE D 395 18.46 80.05 56.24
CA PHE D 395 17.32 79.42 55.51
C PHE D 395 17.46 77.90 55.54
N ALA D 396 16.38 77.25 55.96
CA ALA D 396 16.17 75.79 55.79
C ALA D 396 15.00 75.63 54.82
N PHE D 397 15.24 74.91 53.73
CA PHE D 397 14.20 74.59 52.73
C PHE D 397 14.05 73.07 52.66
N ASP D 398 12.80 72.64 52.50
CA ASP D 398 12.46 71.21 52.42
C ASP D 398 11.05 71.09 51.83
N SER D 399 10.78 69.97 51.14
CA SER D 399 9.53 69.70 50.38
C SER D 399 9.21 68.19 50.38
N TYR D 400 7.95 67.88 50.10
CA TYR D 400 7.39 66.50 50.20
C TYR D 400 6.35 66.26 49.10
N LYS D 401 6.34 65.02 48.61
CA LYS D 401 5.34 64.50 47.66
C LYS D 401 5.09 63.03 48.03
N ILE D 402 3.95 62.79 48.68
CA ILE D 402 3.54 61.46 49.18
C ILE D 402 2.62 60.82 48.13
N MET D 403 3.05 59.66 47.66
CA MET D 403 2.43 58.93 46.54
C MET D 403 2.03 57.54 47.03
N PRO D 404 1.03 56.90 46.38
CA PRO D 404 0.67 55.51 46.64
C PRO D 404 1.69 54.46 46.19
N ARG D 405 2.67 54.82 45.35
CA ARG D 405 3.80 53.93 45.00
C ARG D 405 5.04 54.81 44.90
N ALA D 406 6.17 54.21 44.53
CA ALA D 406 7.50 54.85 44.61
C ALA D 406 7.61 55.98 43.59
N GLN D 407 7.10 55.79 42.37
CA GLN D 407 7.37 56.72 41.23
C GLN D 407 6.15 56.85 40.33
N ASN D 408 6.00 58.00 39.67
CA ASN D 408 5.08 58.21 38.53
C ASN D 408 3.64 58.08 39.02
N ALA D 409 3.32 58.72 40.14
CA ALA D 409 1.96 58.76 40.74
C ALA D 409 1.66 60.19 41.20
N HIS D 410 0.44 60.67 40.97
CA HIS D 410 -0.02 61.98 41.49
C HIS D 410 -0.05 61.91 43.02
N ALA D 411 0.28 63.01 43.69
CA ALA D 411 0.42 63.12 45.17
C ALA D 411 -0.95 63.01 45.83
N TYR D 412 -1.01 62.37 46.99
CA TYR D 412 -2.13 62.52 47.94
C TYR D 412 -2.11 63.95 48.51
N VAL D 413 -0.94 64.30 49.07
CA VAL D 413 -0.56 65.67 49.53
C VAL D 413 0.90 65.89 49.10
N ASN D 414 1.21 67.07 48.57
CA ASN D 414 2.59 67.60 48.47
C ASN D 414 2.69 68.87 49.31
N ALA D 415 3.91 69.28 49.62
CA ALA D 415 4.20 70.36 50.60
C ALA D 415 5.63 70.85 50.41
N ALA D 416 5.83 72.14 50.65
CA ALA D 416 7.15 72.81 50.63
C ALA D 416 7.19 73.81 51.79
N PHE D 417 8.29 73.78 52.53
CA PHE D 417 8.55 74.58 53.74
C PHE D 417 9.83 75.39 53.54
N LEU D 418 9.74 76.71 53.73
CA LEU D 418 10.90 77.65 53.77
C LEU D 418 10.80 78.45 55.08
N VAL D 419 11.81 78.31 55.94
CA VAL D 419 11.83 78.90 57.30
C VAL D 419 13.13 79.69 57.46
N GLU D 420 13.01 81.02 57.62
CA GLU D 420 14.13 81.96 57.85
C GLU D 420 14.38 82.07 59.36
N PHE D 421 15.53 81.59 59.82
CA PHE D 421 15.99 81.70 61.24
C PHE D 421 16.89 82.94 61.41
N THR D 422 16.65 83.74 62.47
CA THR D 422 17.58 84.81 62.96
C THR D 422 18.82 84.15 63.59
N ALA D 423 19.87 84.92 63.89
CA ALA D 423 21.09 84.42 64.58
C ALA D 423 20.77 84.00 66.01
N ASP D 424 19.56 84.35 66.49
CA ASP D 424 19.03 84.09 67.86
C ASP D 424 18.22 82.78 67.90
N ALA D 425 18.19 82.02 66.79
CA ALA D 425 17.57 80.67 66.68
C ALA D 425 16.04 80.76 66.80
N LYS D 426 15.46 81.88 66.36
CA LYS D 426 13.99 82.14 66.21
C LYS D 426 13.70 82.44 64.75
N VAL D 427 12.43 82.38 64.31
CA VAL D 427 12.06 82.50 62.87
C VAL D 427 11.69 83.95 62.56
N LYS D 428 12.35 84.55 61.56
CA LYS D 428 12.06 85.90 61.04
C LYS D 428 10.84 85.82 60.11
N SER D 429 10.75 84.76 59.29
CA SER D 429 9.63 84.49 58.35
C SER D 429 9.50 82.98 58.09
N ALA D 430 8.30 82.53 57.75
CA ALA D 430 8.01 81.12 57.43
C ALA D 430 6.93 81.05 56.34
N ARG D 431 7.16 80.23 55.32
CA ARG D 431 6.18 79.90 54.25
C ARG D 431 5.89 78.39 54.35
N ILE D 432 4.63 78.04 54.66
CA ILE D 432 4.18 76.65 54.97
C ILE D 432 3.08 76.30 53.98
N CYS D 433 3.43 75.59 52.90
CA CYS D 433 2.54 75.36 51.73
C CYS D 433 2.18 73.87 51.59
N PHE D 434 0.95 73.61 51.19
CA PHE D 434 0.34 72.27 50.98
C PHE D 434 -0.48 72.28 49.69
N GLY D 435 -0.23 71.27 48.85
CA GLY D 435 -1.15 70.85 47.78
C GLY D 435 -1.94 69.62 48.21
N GLY D 436 -3.08 69.39 47.57
CA GLY D 436 -3.90 68.18 47.78
C GLY D 436 -4.85 68.33 48.94
N ILE D 437 -5.10 69.55 49.42
CA ILE D 437 -6.00 69.79 50.59
C ILE D 437 -7.36 70.29 50.07
N HIS D 438 -7.35 71.47 49.45
CA HIS D 438 -8.52 72.22 48.96
C HIS D 438 -8.03 73.06 47.78
N PRO D 439 -8.82 73.25 46.69
CA PRO D 439 -8.36 74.04 45.54
C PRO D 439 -7.92 75.47 45.86
N GLU D 440 -8.50 76.09 46.89
CA GLU D 440 -8.24 77.50 47.30
C GLU D 440 -7.20 77.55 48.43
N PHE D 441 -6.73 76.40 48.92
CA PHE D 441 -5.72 76.30 50.01
C PHE D 441 -4.32 76.24 49.41
N VAL D 442 -3.41 77.03 49.98
CA VAL D 442 -1.97 77.07 49.59
C VAL D 442 -1.13 77.18 50.86
N HIS D 443 -1.24 78.33 51.55
CA HIS D 443 -0.45 78.68 52.76
C HIS D 443 -1.26 78.29 54.01
N ALA D 444 -0.57 77.75 55.03
CA ALA D 444 -1.10 77.51 56.39
C ALA D 444 -0.83 78.76 57.25
N THR D 445 -1.38 79.92 56.84
CA THR D 445 -0.94 81.28 57.29
C THR D 445 -1.03 81.38 58.82
N ALA D 446 -2.12 80.89 59.45
CA ALA D 446 -2.31 80.91 60.93
C ALA D 446 -1.09 80.35 61.67
N ILE D 447 -0.36 79.38 61.12
CA ILE D 447 0.86 78.76 61.73
C ILE D 447 2.11 79.57 61.34
N GLU D 448 2.17 80.12 60.12
CA GLU D 448 3.25 81.07 59.73
C GLU D 448 3.32 82.16 60.82
N ASN D 449 2.18 82.83 61.06
CA ASN D 449 1.99 83.94 62.05
C ASN D 449 2.33 83.47 63.46
N LEU D 450 1.90 82.25 63.82
CA LEU D 450 2.01 81.68 65.18
C LEU D 450 3.48 81.56 65.58
N ILE D 451 4.31 80.96 64.72
CA ILE D 451 5.72 80.59 65.09
C ILE D 451 6.66 81.77 64.83
N ARG D 452 6.16 82.89 64.29
CA ARG D 452 7.02 84.05 63.95
C ARG D 452 7.49 84.75 65.24
N ASP D 453 8.82 85.00 65.31
CA ASP D 453 9.54 85.59 66.47
C ASP D 453 9.41 84.64 67.65
N LYS D 454 9.46 83.32 67.39
CA LYS D 454 9.50 82.26 68.43
C LYS D 454 10.59 81.22 68.07
N ASN D 455 11.04 80.46 69.05
CA ASN D 455 11.78 79.18 68.87
C ASN D 455 10.75 78.15 68.40
N PRO D 456 10.88 77.53 67.21
CA PRO D 456 9.88 76.59 66.72
C PRO D 456 9.90 75.26 67.49
N PHE D 457 11.04 74.91 68.13
CA PHE D 457 11.29 73.60 68.77
C PHE D 457 10.86 73.61 70.24
N GLU D 458 10.27 74.72 70.71
CA GLU D 458 9.76 74.87 72.09
C GLU D 458 8.47 74.05 72.23
N ASN D 459 8.42 73.15 73.21
CA ASN D 459 7.45 72.01 73.30
C ASN D 459 6.01 72.53 73.47
N GLY D 460 5.83 73.71 74.07
CA GLY D 460 4.51 74.38 74.18
C GLY D 460 4.05 74.94 72.85
N LEU D 461 4.98 75.46 72.05
CA LEU D 461 4.70 76.03 70.70
C LEU D 461 4.36 74.91 69.71
N VAL D 462 5.16 73.84 69.70
CA VAL D 462 4.95 72.59 68.90
C VAL D 462 3.49 72.12 69.08
N GLU D 463 3.04 71.92 70.32
CA GLU D 463 1.70 71.35 70.66
C GLU D 463 0.61 72.26 70.12
N LYS D 464 0.72 73.57 70.37
CA LYS D 464 -0.25 74.59 69.89
C LYS D 464 -0.23 74.62 68.36
N ALA D 465 0.98 74.60 67.76
CA ALA D 465 1.20 74.63 66.29
C ALA D 465 0.38 73.52 65.60
N PHE D 466 0.48 72.29 66.10
CA PHE D 466 -0.14 71.08 65.52
C PHE D 466 -1.63 71.01 65.88
N GLY D 467 -2.01 71.54 67.05
CA GLY D 467 -3.42 71.70 67.44
C GLY D 467 -4.17 72.49 66.38
N GLN D 468 -3.65 73.66 65.99
CA GLN D 468 -4.30 74.62 65.06
C GLN D 468 -4.13 74.14 63.62
N LEU D 469 -2.98 73.53 63.28
CA LEU D 469 -2.70 73.05 61.90
C LEU D 469 -3.71 71.95 61.56
N SER D 470 -3.86 70.95 62.42
CA SER D 470 -4.87 69.89 62.24
C SER D 470 -6.21 70.54 61.92
N THR D 471 -6.65 71.53 62.71
CA THR D 471 -8.02 72.13 62.67
C THR D 471 -8.26 72.98 61.42
N LEU D 472 -7.29 73.74 60.93
CA LEU D 472 -7.52 74.68 59.80
C LEU D 472 -7.46 73.94 58.45
N LEU D 473 -6.74 72.80 58.38
CA LEU D 473 -6.79 71.86 57.23
C LEU D 473 -8.20 71.27 57.13
N GLN D 474 -8.97 71.73 56.14
CA GLN D 474 -10.37 71.28 55.88
C GLN D 474 -10.45 70.66 54.49
N PRO D 475 -9.82 69.48 54.23
CA PRO D 475 -9.73 68.94 52.87
C PRO D 475 -11.11 68.61 52.29
N ASP D 476 -11.29 68.87 51.00
CA ASP D 476 -12.51 68.51 50.23
C ASP D 476 -12.55 66.97 50.07
N ALA D 477 -13.61 66.43 49.48
CA ALA D 477 -13.85 64.97 49.36
C ALA D 477 -14.36 64.62 47.95
N VAL D 478 -13.50 64.81 46.95
CA VAL D 478 -13.79 64.52 45.52
C VAL D 478 -13.15 63.18 45.15
N LEU D 479 -13.98 62.16 44.94
CA LEU D 479 -13.52 60.85 44.42
C LEU D 479 -13.04 61.06 42.98
N PRO D 480 -11.92 60.42 42.58
CA PRO D 480 -11.28 59.36 43.36
C PRO D 480 -10.07 59.77 44.23
N ASP D 481 -10.09 60.92 44.90
CA ASP D 481 -9.02 61.31 45.85
C ASP D 481 -9.15 60.45 47.12
N ALA D 482 -8.10 60.39 47.94
CA ALA D 482 -8.07 59.67 49.23
C ALA D 482 -8.98 60.38 50.24
N SER D 483 -9.20 59.78 51.41
CA SER D 483 -9.95 60.33 52.56
C SER D 483 -9.47 61.75 52.94
N PRO D 484 -10.40 62.70 53.25
CA PRO D 484 -10.03 63.98 53.86
C PRO D 484 -9.30 63.79 55.20
N VAL D 485 -9.65 62.74 55.95
CA VAL D 485 -9.00 62.41 57.25
C VAL D 485 -7.52 62.13 57.00
N TYR D 486 -7.19 61.22 56.08
CA TYR D 486 -5.80 60.79 55.80
C TYR D 486 -4.95 62.00 55.41
N ARG D 487 -5.51 62.85 54.54
CA ARG D 487 -4.75 63.98 53.94
C ARG D 487 -4.46 65.04 55.03
N ARG D 488 -5.45 65.36 55.87
CA ARG D 488 -5.29 66.20 57.08
C ARG D 488 -4.14 65.65 57.93
N LYS D 489 -4.24 64.39 58.33
CA LYS D 489 -3.23 63.70 59.18
C LYS D 489 -1.87 63.66 58.49
N LEU D 490 -1.85 63.49 57.16
CA LEU D 490 -0.59 63.37 56.40
C LEU D 490 0.09 64.74 56.34
N ALA D 491 -0.65 65.82 56.13
CA ALA D 491 -0.12 67.21 56.08
C ALA D 491 0.57 67.56 57.41
N CYS D 492 -0.14 67.35 58.53
CA CYS D 492 0.40 67.52 59.91
C CYS D 492 1.70 66.72 60.06
N GLY D 493 1.71 65.46 59.63
CA GLY D 493 2.87 64.56 59.76
C GLY D 493 4.06 65.09 58.99
N LEU D 494 3.82 65.81 57.89
CA LEU D 494 4.92 66.29 57.01
C LEU D 494 5.61 67.48 57.68
N PHE D 495 4.83 68.45 58.19
CA PHE D 495 5.38 69.63 58.90
C PHE D 495 6.05 69.16 60.21
N TYR D 496 5.58 68.05 60.79
CA TYR D 496 6.24 67.41 61.96
C TYR D 496 7.55 66.72 61.52
N LYS D 497 7.61 66.15 60.31
CA LYS D 497 8.84 65.50 59.78
C LYS D 497 9.89 66.58 59.50
N PHE D 498 9.45 67.69 58.94
CA PHE D 498 10.26 68.90 58.68
C PHE D 498 10.93 69.36 59.97
N LEU D 499 10.17 69.58 61.05
CA LEU D 499 10.72 70.10 62.34
C LEU D 499 11.69 69.07 62.92
N LEU D 500 11.40 67.78 62.76
CA LEU D 500 12.29 66.70 63.27
C LEU D 500 13.60 66.70 62.47
N LYS D 501 13.55 66.98 61.17
CA LYS D 501 14.76 66.97 60.31
C LYS D 501 15.60 68.20 60.62
N ILE D 502 14.93 69.37 60.72
CA ILE D 502 15.52 70.73 60.86
C ILE D 502 16.12 70.86 62.26
N ALA D 503 15.42 70.39 63.29
CA ALA D 503 15.95 70.30 64.67
C ALA D 503 17.34 69.63 64.67
N ALA D 504 17.50 68.48 64.02
CA ALA D 504 18.79 67.73 63.93
C ALA D 504 19.83 68.58 63.18
N GLN D 505 19.40 69.29 62.12
CA GLN D 505 20.25 70.14 61.24
C GLN D 505 20.69 71.43 61.96
N ARG D 506 20.06 71.77 63.09
CA ARG D 506 20.26 73.07 63.79
C ARG D 506 20.59 72.82 65.26
N LYS D 507 21.24 71.70 65.57
CA LYS D 507 21.93 71.44 66.88
C LYS D 507 20.96 70.81 67.89
N GLN D 508 19.66 71.12 67.80
CA GLN D 508 18.66 70.95 68.91
C GLN D 508 18.54 69.48 69.32
N GLY D 509 18.12 69.24 70.57
CA GLY D 509 17.97 67.91 71.20
C GLY D 509 16.63 67.28 70.91
N LEU D 510 16.64 65.99 70.52
CA LEU D 510 15.45 65.16 70.24
C LEU D 510 15.53 63.90 71.10
N GLY D 511 14.40 63.43 71.64
CA GLY D 511 14.27 62.06 72.17
C GLY D 511 14.65 61.02 71.12
N SER D 512 15.33 59.94 71.53
CA SER D 512 15.92 58.92 70.61
C SER D 512 14.82 58.20 69.82
N ARG D 513 13.58 58.15 70.33
CA ARG D 513 12.43 57.44 69.68
C ARG D 513 11.79 58.30 68.57
N PHE D 514 12.05 59.62 68.54
CA PHE D 514 11.32 60.58 67.66
C PHE D 514 12.18 60.91 66.44
N VAL D 515 13.48 60.57 66.47
CA VAL D 515 14.52 61.18 65.58
C VAL D 515 14.33 60.68 64.14
N THR D 516 14.46 59.37 63.86
CA THR D 516 14.28 58.77 62.51
C THR D 516 12.96 59.26 61.88
N GLY D 517 11.98 59.68 62.68
CA GLY D 517 10.76 60.37 62.19
C GLY D 517 11.04 61.51 61.22
N GLY D 518 12.20 62.17 61.31
CA GLY D 518 12.59 63.29 60.42
C GLY D 518 13.23 62.83 59.13
N SER D 519 13.53 61.53 59.03
CA SER D 519 14.20 60.86 57.87
C SER D 519 13.15 60.29 56.92
N LEU D 520 13.46 60.30 55.61
CA LEU D 520 12.77 59.49 54.58
C LEU D 520 13.34 58.06 54.65
N LEU D 521 12.47 57.09 54.41
CA LEU D 521 12.86 55.68 54.17
C LEU D 521 13.89 55.67 53.03
N LYS D 522 15.06 55.06 53.24
CA LYS D 522 16.13 55.02 52.21
C LYS D 522 16.17 53.61 51.61
N ARG D 523 16.20 53.54 50.28
CA ARG D 523 16.09 52.30 49.49
C ARG D 523 17.47 51.99 48.92
N PRO D 524 18.12 50.87 49.30
CA PRO D 524 19.34 50.45 48.62
C PRO D 524 19.10 50.08 47.14
N VAL D 525 20.16 50.02 46.34
CA VAL D 525 20.15 49.41 44.98
C VAL D 525 19.66 47.97 45.13
N SER D 526 18.52 47.65 44.48
CA SER D 526 17.86 46.32 44.54
C SER D 526 18.77 45.25 43.91
N SER D 527 18.59 44.02 44.34
CA SER D 527 19.29 42.82 43.85
C SER D 527 18.34 41.63 43.96
N GLY D 528 18.66 40.55 43.24
CA GLY D 528 17.93 39.29 43.34
C GLY D 528 18.90 38.14 43.46
N GLN D 529 18.41 36.98 43.88
CA GLN D 529 19.17 35.72 44.02
C GLN D 529 18.25 34.56 43.58
N GLN D 530 18.75 33.64 42.77
CA GLN D 530 17.98 32.45 42.32
C GLN D 530 18.81 31.19 42.61
N SER D 531 18.22 30.18 43.26
CA SER D 531 18.81 28.84 43.46
C SER D 531 17.91 27.76 42.86
N PHE D 532 18.50 26.81 42.14
CA PHE D 532 17.76 25.72 41.45
C PHE D 532 18.74 24.62 41.01
N GLU D 533 18.24 23.40 40.86
CA GLU D 533 18.95 22.27 40.23
C GLU D 533 18.65 22.32 38.73
N THR D 534 19.55 21.78 37.90
CA THR D 534 19.25 21.28 36.53
C THR D 534 19.73 19.82 36.44
N PHE D 535 19.29 19.12 35.40
CA PHE D 535 19.47 17.66 35.22
C PHE D 535 19.99 17.42 33.79
N GLN D 536 21.31 17.36 33.62
CA GLN D 536 22.00 17.25 32.31
C GLN D 536 21.46 16.05 31.49
N GLU D 537 21.10 14.95 32.15
CA GLU D 537 20.63 13.71 31.46
C GLU D 537 19.37 14.02 30.63
N HIS D 538 18.59 15.05 31.01
CA HIS D 538 17.32 15.45 30.34
C HIS D 538 17.53 16.57 29.32
N TYR D 539 18.71 17.21 29.27
CA TYR D 539 18.99 18.39 28.41
C TYR D 539 18.56 18.09 26.99
N PRO D 540 17.98 19.06 26.24
CA PRO D 540 17.78 20.43 26.71
C PRO D 540 16.66 20.69 27.74
N VAL D 541 15.88 19.68 28.11
CA VAL D 541 14.84 19.84 29.18
C VAL D 541 15.53 20.03 30.54
N THR D 542 14.98 20.95 31.35
CA THR D 542 15.44 21.43 32.70
C THR D 542 16.61 22.42 32.59
N LYS D 543 17.19 22.64 31.41
CA LYS D 543 18.21 23.69 31.18
C LYS D 543 17.53 25.08 31.29
N ALA D 544 18.22 26.03 31.91
CA ALA D 544 17.83 27.46 31.97
C ALA D 544 18.29 28.12 30.68
N THR D 545 17.36 28.52 29.81
CA THR D 545 17.64 29.06 28.45
C THR D 545 16.96 30.41 28.31
N GLU D 546 17.32 31.19 27.29
CA GLU D 546 16.58 32.43 26.96
C GLU D 546 15.21 32.06 26.39
N LYS D 547 14.29 33.03 26.36
CA LYS D 547 12.92 32.87 25.79
C LYS D 547 13.02 32.64 24.27
N HIS D 548 12.18 31.73 23.75
CA HIS D 548 12.10 31.40 22.30
C HIS D 548 12.08 32.67 21.44
N GLU D 549 11.26 33.65 21.86
CA GLU D 549 10.94 34.91 21.11
C GLU D 549 11.68 36.11 21.71
N GLY D 550 12.67 35.88 22.58
CA GLY D 550 13.36 36.93 23.35
C GLY D 550 13.87 38.05 22.46
N LEU D 551 14.74 37.74 21.50
CA LEU D 551 15.44 38.79 20.72
C LEU D 551 14.41 39.58 19.90
N ILE D 552 13.47 38.88 19.27
CA ILE D 552 12.49 39.54 18.36
C ILE D 552 11.59 40.42 19.22
N GLN D 553 11.35 40.04 20.48
CA GLN D 553 10.51 40.83 21.42
C GLN D 553 11.24 42.16 21.73
N CYS D 554 12.53 42.08 22.02
CA CYS D 554 13.39 43.23 22.40
C CYS D 554 13.62 44.15 21.18
N SER D 555 13.71 43.59 19.96
CA SER D 555 14.04 44.30 18.71
C SER D 555 12.80 44.94 18.06
N GLY D 556 11.60 44.53 18.48
CA GLY D 556 10.33 44.97 17.88
C GLY D 556 10.07 44.27 16.56
N GLU D 557 10.83 43.20 16.27
CA GLU D 557 10.51 42.29 15.15
C GLU D 557 9.23 41.51 15.48
N ALA D 558 8.98 41.17 16.75
CA ALA D 558 7.80 40.36 17.13
C ALA D 558 6.53 41.12 16.73
N THR D 559 5.56 40.42 16.12
CA THR D 559 4.22 40.97 15.77
C THR D 559 3.14 40.49 16.74
N TYR D 560 2.30 41.42 17.17
CA TYR D 560 1.06 41.20 17.95
C TYR D 560 -0.10 41.56 17.02
N SER D 561 -1.33 41.29 17.45
CA SER D 561 -2.54 41.41 16.62
C SER D 561 -2.54 42.78 15.88
N ASN D 562 -2.36 43.89 16.59
CA ASN D 562 -2.44 45.25 15.98
C ASN D 562 -1.16 45.60 15.19
N ASP D 563 -0.14 44.74 15.19
CA ASP D 563 1.08 44.94 14.36
C ASP D 563 0.81 44.53 12.90
N LEU D 564 -0.35 43.95 12.61
CA LEU D 564 -0.77 43.70 11.21
C LEU D 564 -0.64 45.00 10.43
N PRO D 565 0.03 45.01 9.24
CA PRO D 565 0.29 46.27 8.53
C PRO D 565 -0.99 47.00 8.14
N THR D 566 -0.89 48.32 7.91
CA THR D 566 -2.02 49.16 7.44
C THR D 566 -2.72 48.43 6.29
N GLN D 567 -4.04 48.24 6.38
CA GLN D 567 -4.85 47.58 5.34
C GLN D 567 -5.65 48.69 4.64
N HIS D 568 -5.85 48.58 3.33
CA HIS D 568 -6.55 49.63 2.54
C HIS D 568 -8.02 49.67 2.96
N ASN D 569 -8.55 50.89 3.16
CA ASN D 569 -9.95 51.23 3.53
C ASN D 569 -10.22 50.94 5.01
N GLN D 570 -9.18 50.69 5.81
CA GLN D 570 -9.34 50.28 7.24
C GLN D 570 -9.98 51.41 8.04
N LEU D 571 -10.90 51.03 8.91
CA LEU D 571 -11.53 51.90 9.94
C LEU D 571 -11.17 51.35 11.31
N TRP D 572 -11.23 52.21 12.32
CA TRP D 572 -11.02 51.92 13.76
C TRP D 572 -12.38 51.93 14.44
N ALA D 573 -12.56 51.12 15.50
CA ALA D 573 -13.82 50.96 16.26
C ALA D 573 -13.67 51.53 17.66
N ALA D 574 -14.76 52.00 18.23
CA ALA D 574 -14.84 52.51 19.62
C ALA D 574 -16.27 52.34 20.15
N PHE D 575 -16.40 51.79 21.35
CA PHE D 575 -17.71 51.63 22.02
C PHE D 575 -18.30 53.01 22.32
N VAL D 576 -19.60 53.16 22.00
CA VAL D 576 -20.54 54.13 22.63
C VAL D 576 -21.14 53.47 23.87
N ILE D 577 -21.16 54.17 25.01
CA ILE D 577 -21.56 53.54 26.31
C ILE D 577 -22.81 54.21 26.88
N ALA D 578 -23.66 53.41 27.53
CA ALA D 578 -24.77 53.85 28.40
C ALA D 578 -24.22 54.17 29.78
N LYS D 579 -24.76 55.20 30.44
CA LYS D 579 -24.24 55.77 31.72
C LYS D 579 -25.31 55.84 32.81
N LYS D 580 -26.55 55.47 32.52
CA LYS D 580 -27.66 55.60 33.50
C LYS D 580 -28.15 54.19 33.85
N VAL D 581 -27.59 53.60 34.92
CA VAL D 581 -27.96 52.25 35.42
C VAL D 581 -29.47 52.19 35.67
N GLY D 582 -30.11 51.10 35.25
CA GLY D 582 -31.55 50.82 35.50
C GLY D 582 -32.45 51.51 34.49
N ALA D 583 -31.91 52.41 33.67
CA ALA D 583 -32.67 53.15 32.64
C ALA D 583 -32.66 52.36 31.34
N LYS D 584 -33.45 52.81 30.35
CA LYS D 584 -33.50 52.28 28.97
C LYS D 584 -33.14 53.44 28.04
N VAL D 585 -32.37 53.16 26.98
CA VAL D 585 -32.07 54.13 25.89
C VAL D 585 -33.29 54.15 24.95
N THR D 586 -33.91 55.32 24.77
CA THR D 586 -35.12 55.53 23.93
C THR D 586 -34.73 56.20 22.59
N LYS D 587 -33.71 57.05 22.56
CA LYS D 587 -33.25 57.74 21.33
C LYS D 587 -31.71 57.79 21.27
N VAL D 588 -31.16 57.70 20.06
CA VAL D 588 -29.69 57.78 19.78
C VAL D 588 -29.48 58.83 18.70
N ASP D 589 -28.81 59.92 19.07
CA ASP D 589 -28.43 61.01 18.13
C ASP D 589 -26.96 60.83 17.75
N THR D 590 -26.70 60.30 16.56
CA THR D 590 -25.33 60.05 16.02
C THR D 590 -24.78 61.28 15.29
N GLN D 591 -25.61 62.31 15.04
CA GLN D 591 -25.32 63.42 14.09
C GLN D 591 -24.06 64.15 14.49
N PRO D 592 -23.88 64.52 15.78
CA PRO D 592 -22.62 65.12 16.23
C PRO D 592 -21.39 64.30 15.78
N ALA D 593 -21.49 62.96 15.85
CA ALA D 593 -20.38 62.03 15.53
C ALA D 593 -20.16 62.01 14.01
N LEU D 594 -21.22 61.73 13.26
CA LEU D 594 -21.22 61.66 11.77
C LEU D 594 -20.86 63.00 11.13
N ASP D 595 -21.05 64.13 11.82
CA ASP D 595 -20.75 65.50 11.30
C ASP D 595 -19.24 65.73 11.22
N LEU D 596 -18.45 64.90 11.90
CA LEU D 596 -16.97 64.96 11.85
C LEU D 596 -16.51 64.25 10.57
N PRO D 597 -15.63 64.87 9.76
CA PRO D 597 -15.08 64.21 8.59
C PRO D 597 -14.14 63.08 9.03
N GLY D 598 -14.36 61.86 8.51
CA GLY D 598 -13.60 60.64 8.85
C GLY D 598 -14.43 59.66 9.67
N VAL D 599 -15.55 60.10 10.25
CA VAL D 599 -16.51 59.20 10.96
C VAL D 599 -17.47 58.62 9.94
N VAL D 600 -17.52 57.30 9.87
CA VAL D 600 -18.09 56.58 8.69
C VAL D 600 -19.44 55.99 9.06
N ALA D 601 -19.63 55.49 10.28
CA ALA D 601 -20.87 54.78 10.65
C ALA D 601 -20.96 54.52 12.15
N TYR D 602 -22.19 54.31 12.61
CA TYR D 602 -22.57 53.82 13.94
C TYR D 602 -23.32 52.49 13.72
N LEU D 603 -22.89 51.44 14.40
CA LEU D 603 -23.57 50.12 14.44
C LEU D 603 -24.03 49.86 15.88
N ASP D 604 -25.11 49.11 16.04
CA ASP D 604 -25.69 48.70 17.35
C ASP D 604 -26.50 47.42 17.17
N ALA D 605 -27.30 47.06 18.17
CA ALA D 605 -27.97 45.75 18.29
C ALA D 605 -28.89 45.51 17.09
N LYS D 606 -29.38 46.58 16.44
CA LYS D 606 -30.23 46.54 15.22
C LYS D 606 -29.48 45.89 14.05
N ASP D 607 -28.14 45.90 14.07
CA ASP D 607 -27.28 45.46 12.93
C ASP D 607 -26.87 44.00 13.08
N ILE D 608 -27.09 43.38 14.25
CA ILE D 608 -26.64 41.99 14.53
C ILE D 608 -27.54 41.00 13.79
N PRO D 609 -26.99 40.22 12.82
CA PRO D 609 -27.80 39.21 12.12
C PRO D 609 -28.27 38.08 13.05
N GLY D 610 -27.38 37.62 13.94
CA GLY D 610 -27.60 36.42 14.77
C GLY D 610 -28.11 36.80 16.14
N PRO D 611 -27.92 35.93 17.16
CA PRO D 611 -28.17 36.31 18.55
C PRO D 611 -27.28 37.49 18.99
N ASN D 612 -27.88 38.42 19.74
CA ASN D 612 -27.17 39.50 20.46
C ASN D 612 -26.59 38.87 21.73
N TYR D 613 -25.53 38.05 21.57
CA TYR D 613 -25.00 37.14 22.62
C TYR D 613 -23.48 37.02 22.48
N VAL D 614 -22.76 37.30 23.56
CA VAL D 614 -21.29 37.12 23.65
C VAL D 614 -21.04 35.75 24.27
N GLY D 615 -20.66 34.76 23.46
CA GLY D 615 -20.42 33.37 23.91
C GLY D 615 -20.74 32.38 22.80
N PRO D 616 -20.62 31.07 23.11
CA PRO D 616 -20.73 30.03 22.09
C PRO D 616 -22.18 29.64 21.81
N LYS D 617 -22.39 28.94 20.69
CA LYS D 617 -23.71 28.34 20.34
C LYS D 617 -24.18 27.44 21.47
N ILE D 618 -23.34 26.52 21.97
CA ILE D 618 -23.66 25.57 23.07
C ILE D 618 -22.92 25.99 24.35
N ARG D 619 -23.70 26.28 25.39
CA ARG D 619 -23.24 26.91 26.67
C ARG D 619 -23.09 25.83 27.75
N ASP D 620 -22.35 26.16 28.81
CA ASP D 620 -22.01 25.28 29.95
C ASP D 620 -22.55 25.93 31.23
N GLN D 621 -22.13 25.44 32.41
CA GLN D 621 -22.62 25.88 33.74
C GLN D 621 -21.62 26.82 34.44
N PHE D 622 -20.37 26.82 33.98
CA PHE D 622 -19.25 27.60 34.56
C PHE D 622 -19.13 28.94 33.81
N PHE D 623 -18.75 28.88 32.54
CA PHE D 623 -18.36 30.09 31.76
C PHE D 623 -19.59 30.90 31.36
N PHE D 624 -20.68 30.24 30.92
CA PHE D 624 -21.80 30.91 30.19
C PHE D 624 -23.19 30.53 30.71
N PRO D 625 -23.44 30.34 32.04
CA PRO D 625 -24.80 30.12 32.51
C PRO D 625 -25.73 31.31 32.25
N LYS D 626 -25.17 32.54 32.22
CA LYS D 626 -26.01 33.77 32.18
C LYS D 626 -25.82 34.53 30.85
N ASP D 627 -26.92 35.01 30.29
CA ASP D 627 -26.96 35.74 28.99
C ASP D 627 -26.17 37.04 29.16
N GLU D 628 -25.33 37.34 28.19
CA GLU D 628 -24.58 38.60 28.06
C GLU D 628 -24.79 39.14 26.65
N GLU D 629 -25.31 40.37 26.54
CA GLU D 629 -25.52 41.07 25.25
C GLU D 629 -24.17 41.67 24.80
N LEU D 630 -23.94 41.66 23.48
CA LEU D 630 -22.82 42.36 22.83
C LEU D 630 -23.08 43.86 22.94
N PHE D 631 -24.30 44.27 22.57
CA PHE D 631 -24.82 45.66 22.72
C PHE D 631 -26.13 45.60 23.51
N ALA D 632 -26.28 46.45 24.52
CA ALA D 632 -27.45 46.47 25.44
C ALA D 632 -28.72 46.99 24.73
N THR D 633 -29.85 46.34 25.00
CA THR D 633 -31.15 46.64 24.34
C THR D 633 -32.25 46.93 25.37
N GLY D 634 -32.00 46.69 26.67
CA GLY D 634 -33.02 46.89 27.73
C GLY D 634 -32.51 47.78 28.85
N GLU D 635 -32.84 47.44 30.09
CA GLU D 635 -32.29 48.13 31.29
C GLU D 635 -30.76 48.05 31.23
N ILE D 636 -30.11 49.21 31.38
CA ILE D 636 -28.62 49.35 31.42
C ILE D 636 -28.16 48.75 32.74
N LYS D 637 -27.21 47.80 32.69
CA LYS D 637 -26.85 46.92 33.81
C LYS D 637 -25.67 47.54 34.58
N PHE D 638 -24.89 48.41 33.96
CA PHE D 638 -23.71 49.02 34.61
C PHE D 638 -23.29 50.25 33.84
N TYR D 639 -22.71 51.20 34.56
CA TYR D 639 -22.14 52.42 33.96
C TYR D 639 -21.01 51.97 33.03
N GLY D 640 -21.15 52.28 31.75
CA GLY D 640 -20.15 51.99 30.72
C GLY D 640 -20.53 50.79 29.87
N GLN D 641 -21.78 50.31 29.95
CA GLN D 641 -22.25 49.17 29.15
C GLN D 641 -22.37 49.58 27.67
N PRO D 642 -21.62 48.95 26.73
CA PRO D 642 -21.72 49.34 25.32
C PRO D 642 -23.11 49.16 24.73
N VAL D 643 -23.56 50.13 23.92
CA VAL D 643 -24.86 50.08 23.18
C VAL D 643 -24.58 50.01 21.67
N GLY D 644 -23.34 50.23 21.25
CA GLY D 644 -22.94 50.15 19.83
C GLY D 644 -21.50 50.60 19.64
N ILE D 645 -21.07 50.69 18.38
CA ILE D 645 -19.69 51.15 18.00
C ILE D 645 -19.80 52.28 16.97
N ILE D 646 -18.90 53.24 17.10
CA ILE D 646 -18.53 54.19 16.02
C ILE D 646 -17.36 53.58 15.27
N LEU D 647 -17.36 53.76 13.97
CA LEU D 647 -16.21 53.40 13.10
C LEU D 647 -15.77 54.67 12.39
N ALA D 648 -14.47 54.95 12.41
CA ALA D 648 -13.91 56.18 11.82
C ALA D 648 -12.49 55.90 11.32
N ASN D 649 -11.90 56.86 10.61
CA ASN D 649 -10.71 56.65 9.75
C ASN D 649 -9.44 56.76 10.57
N SER D 650 -9.53 57.00 11.89
CA SER D 650 -8.38 56.98 12.84
C SER D 650 -8.83 56.50 14.23
N ASN D 651 -7.90 56.00 15.04
CA ASN D 651 -8.20 55.48 16.40
C ASN D 651 -8.68 56.62 17.30
N SER D 652 -8.00 57.77 17.23
CA SER D 652 -8.30 58.99 18.00
C SER D 652 -9.71 59.47 17.66
N LEU D 653 -10.01 59.66 16.38
CA LEU D 653 -11.35 60.15 15.92
C LEU D 653 -12.47 59.18 16.31
N ALA D 654 -12.28 57.88 16.14
CA ALA D 654 -13.32 56.88 16.52
C ALA D 654 -13.67 57.11 17.99
N ASN D 655 -12.66 57.31 18.82
CA ASN D 655 -12.79 57.46 20.28
C ASN D 655 -13.45 58.79 20.61
N ARG D 656 -13.03 59.92 20.01
CA ARG D 656 -13.70 61.23 20.28
C ARG D 656 -15.17 61.17 19.85
N ALA D 657 -15.43 60.65 18.65
CA ALA D 657 -16.76 60.57 18.02
C ALA D 657 -17.69 59.70 18.87
N ALA D 658 -17.16 58.63 19.46
CA ALA D 658 -17.90 57.73 20.36
C ALA D 658 -18.49 58.55 21.52
N GLU D 659 -17.72 59.49 22.05
CA GLU D 659 -18.09 60.34 23.21
C GLU D 659 -19.16 61.37 22.82
N LEU D 660 -19.30 61.70 21.54
CA LEU D 660 -20.21 62.78 21.04
C LEU D 660 -21.62 62.26 20.74
N VAL D 661 -21.79 60.95 20.53
CA VAL D 661 -23.11 60.29 20.29
C VAL D 661 -23.95 60.50 21.55
N LYS D 662 -25.11 61.17 21.45
CA LYS D 662 -25.97 61.52 22.61
C LYS D 662 -27.09 60.49 22.75
N LEU D 663 -27.37 60.06 23.97
CA LEU D 663 -28.44 59.07 24.27
C LEU D 663 -29.52 59.77 25.10
N THR D 664 -30.79 59.51 24.80
CA THR D 664 -31.91 59.89 25.69
C THR D 664 -32.28 58.65 26.50
N TYR D 665 -32.49 58.81 27.80
CA TYR D 665 -32.84 57.73 28.76
C TYR D 665 -34.29 57.91 29.22
N GLU D 666 -34.96 56.81 29.59
CA GLU D 666 -36.29 56.82 30.26
C GLU D 666 -36.18 55.93 31.51
N GLY D 667 -36.50 56.51 32.67
CA GLY D 667 -36.44 55.82 33.98
C GLY D 667 -35.02 55.76 34.51
N GLY D 668 -34.77 54.83 35.42
CA GLY D 668 -33.50 54.76 36.18
C GLY D 668 -33.69 53.95 37.44
N ALA D 669 -32.62 53.35 37.96
CA ALA D 669 -32.64 52.57 39.21
C ALA D 669 -32.79 53.54 40.39
N GLU D 670 -33.69 53.20 41.33
CA GLU D 670 -33.92 53.99 42.57
C GLU D 670 -32.59 54.12 43.31
N GLU D 671 -31.92 52.99 43.55
CA GLU D 671 -30.55 52.92 44.13
C GLU D 671 -29.64 52.09 43.23
N ILE D 672 -28.43 52.61 42.99
CA ILE D 672 -27.33 51.93 42.25
C ILE D 672 -26.36 51.37 43.30
N LEU D 673 -26.04 50.08 43.23
CA LEU D 673 -25.15 49.40 44.20
C LEU D 673 -23.96 48.80 43.44
N PRO D 674 -22.96 49.65 43.10
CA PRO D 674 -21.89 49.27 42.19
C PRO D 674 -20.67 48.59 42.84
N SER D 675 -20.77 48.20 44.11
CA SER D 675 -19.63 47.58 44.85
C SER D 675 -20.16 46.53 45.81
N LEU D 676 -19.28 45.63 46.28
CA LEU D 676 -19.67 44.51 47.16
C LEU D 676 -20.16 45.09 48.50
N LYS D 677 -19.43 46.05 49.05
CA LYS D 677 -19.81 46.75 50.30
C LYS D 677 -21.20 47.38 50.13
N ALA D 678 -21.47 48.07 49.02
CA ALA D 678 -22.77 48.74 48.78
C ALA D 678 -23.89 47.71 48.87
N VAL D 679 -23.69 46.52 48.30
CA VAL D 679 -24.74 45.47 48.29
C VAL D 679 -24.83 44.83 49.67
N LEU D 680 -23.71 44.50 50.32
CA LEU D 680 -23.73 43.87 51.65
C LEU D 680 -24.28 44.86 52.71
N ASP D 681 -24.01 46.17 52.58
CA ASP D 681 -24.53 47.24 53.46
C ASP D 681 -26.07 47.27 53.45
N LYS D 682 -26.72 46.89 52.35
CA LYS D 682 -28.21 46.89 52.23
C LYS D 682 -28.76 45.45 52.32
N VAL D 683 -28.21 44.56 53.14
CA VAL D 683 -28.68 43.15 53.27
C VAL D 683 -28.89 42.79 54.74
N ASN D 690 -33.83 38.79 48.17
CA ASN D 690 -32.39 39.13 48.16
C ASN D 690 -31.75 38.55 46.89
N LYS D 691 -32.21 38.99 45.72
CA LYS D 691 -31.98 38.29 44.40
C LYS D 691 -30.56 38.55 43.88
N ARG D 692 -29.83 39.49 44.49
CA ARG D 692 -28.38 39.75 44.22
C ARG D 692 -27.48 38.71 44.89
N LEU D 693 -27.93 38.05 45.97
CA LEU D 693 -27.16 37.00 46.71
C LEU D 693 -27.63 35.59 46.34
N GLU D 694 -26.70 34.73 45.90
CA GLU D 694 -26.92 33.27 45.76
C GLU D 694 -25.94 32.59 46.72
N GLN D 695 -26.23 31.36 47.13
CA GLN D 695 -25.37 30.63 48.08
C GLN D 695 -24.99 29.28 47.48
N PRO D 696 -24.04 29.27 46.53
CA PRO D 696 -23.56 28.03 45.96
C PRO D 696 -22.88 27.12 47.00
N ILE D 697 -22.43 27.69 48.14
CA ILE D 697 -21.72 26.93 49.20
C ILE D 697 -22.51 27.04 50.52
N LYS D 698 -23.19 25.96 50.89
CA LYS D 698 -23.96 25.86 52.14
C LYS D 698 -23.40 24.69 52.96
N SER D 699 -22.72 25.00 54.06
CA SER D 699 -22.29 23.97 55.01
C SER D 699 -23.52 23.16 55.45
N THR D 700 -23.31 21.90 55.74
CA THR D 700 -24.29 20.99 56.34
C THR D 700 -24.34 21.29 57.86
N ILE D 701 -23.38 22.07 58.36
CA ILE D 701 -23.31 22.58 59.75
C ILE D 701 -24.08 23.90 59.84
N ASP D 702 -25.18 23.92 60.59
CA ASP D 702 -26.02 25.13 60.85
C ASP D 702 -25.37 25.99 61.93
N VAL D 703 -25.10 25.43 63.10
CA VAL D 703 -24.30 26.12 64.16
C VAL D 703 -23.13 25.21 64.54
N LEU D 704 -21.90 25.74 64.52
CA LEU D 704 -20.72 24.92 64.85
C LEU D 704 -20.81 24.49 66.32
N GLN D 705 -20.68 23.19 66.60
CA GLN D 705 -20.54 22.66 67.98
C GLN D 705 -19.15 22.04 68.09
N LEU D 706 -18.31 22.56 68.99
CA LEU D 706 -16.90 22.11 69.14
C LEU D 706 -16.86 20.80 69.91
N GLU D 707 -15.99 19.88 69.50
CA GLU D 707 -15.73 18.58 70.17
C GLU D 707 -14.50 18.75 71.06
N GLU D 708 -13.65 19.73 70.74
CA GLU D 708 -12.37 20.00 71.44
C GLU D 708 -12.55 21.25 72.29
N PRO D 709 -11.79 21.41 73.40
CA PRO D 709 -11.85 22.64 74.19
C PRO D 709 -11.10 23.77 73.47
N PHE D 710 -11.30 24.98 73.94
CA PHE D 710 -10.65 26.20 73.42
C PHE D 710 -10.48 27.17 74.59
N ASP D 711 -9.40 27.96 74.56
CA ASP D 711 -9.08 28.99 75.56
C ASP D 711 -9.43 30.36 74.96
N VAL D 712 -9.15 30.60 73.68
CA VAL D 712 -9.30 31.93 73.03
C VAL D 712 -10.32 31.83 71.88
N SER D 713 -11.17 32.86 71.76
CA SER D 713 -12.07 33.03 70.60
C SER D 713 -12.12 34.52 70.21
N SER D 714 -12.36 34.80 68.94
CA SER D 714 -12.44 36.17 68.38
C SER D 714 -13.15 36.14 67.04
N SER D 715 -13.56 37.32 66.57
CA SER D 715 -14.25 37.57 65.29
C SER D 715 -13.35 38.50 64.50
N GLY D 716 -13.31 38.31 63.18
CA GLY D 716 -12.59 39.18 62.26
C GLY D 716 -13.31 39.29 60.94
N GLN D 717 -12.74 40.14 60.09
CA GLN D 717 -13.11 40.34 58.68
C GLN D 717 -11.84 40.30 57.83
N LEU D 718 -12.02 40.02 56.54
CA LEU D 718 -11.00 40.14 55.47
C LEU D 718 -11.68 40.78 54.26
N ASP D 719 -11.07 41.83 53.70
CA ASP D 719 -11.61 42.65 52.60
C ASP D 719 -10.57 42.76 51.50
N MET D 720 -10.90 42.27 50.30
CA MET D 720 -10.00 42.28 49.12
C MET D 720 -10.80 42.78 47.92
N GLY D 721 -10.35 43.88 47.32
CA GLY D 721 -11.11 44.61 46.28
C GLY D 721 -10.90 43.99 44.91
N LEU D 722 -11.32 44.72 43.86
CA LEU D 722 -11.11 44.36 42.44
C LEU D 722 -9.62 44.54 42.08
N GLN D 723 -9.16 43.78 41.07
CA GLN D 723 -7.81 43.99 40.47
C GLN D 723 -7.96 44.05 38.95
N TYR D 724 -7.42 45.11 38.34
CA TYR D 724 -7.36 45.20 36.87
C TYR D 724 -6.13 44.38 36.41
N HIS D 725 -6.30 43.59 35.36
CA HIS D 725 -5.27 42.67 34.82
C HIS D 725 -4.04 43.49 34.43
N TYR D 726 -4.26 44.66 33.82
CA TYR D 726 -3.19 45.57 33.32
C TYR D 726 -2.22 44.77 32.44
N TYR D 727 -2.76 43.91 31.57
CA TYR D 727 -2.03 43.44 30.35
C TYR D 727 -1.55 44.68 29.60
N MET D 728 -0.33 44.61 29.05
CA MET D 728 0.33 45.82 28.49
C MET D 728 -0.09 46.00 27.04
N GLU D 729 -0.47 44.92 26.35
CA GLU D 729 -1.21 44.98 25.07
C GLU D 729 -2.69 45.14 25.41
N PRO D 730 -3.35 46.23 24.97
CA PRO D 730 -4.76 46.42 25.28
C PRO D 730 -5.62 45.37 24.57
N GLN D 731 -6.84 45.16 25.04
CA GLN D 731 -7.85 44.35 24.31
C GLN D 731 -7.78 44.77 22.82
N THR D 732 -7.56 43.81 21.92
CA THR D 732 -7.26 44.06 20.48
C THR D 732 -7.85 42.96 19.57
N THR D 733 -8.65 43.35 18.57
CA THR D 733 -8.98 42.49 17.41
C THR D 733 -8.93 43.30 16.11
N VAL D 734 -8.25 42.75 15.10
CA VAL D 734 -8.26 43.25 13.68
C VAL D 734 -8.93 42.18 12.81
N VAL D 735 -10.01 42.53 12.11
CA VAL D 735 -10.77 41.61 11.22
C VAL D 735 -10.61 42.08 9.77
N LEU D 736 -10.24 41.14 8.87
CA LEU D 736 -10.21 41.39 7.41
C LEU D 736 -11.32 40.56 6.78
N PRO D 737 -12.18 41.19 5.95
CA PRO D 737 -13.02 40.44 5.03
C PRO D 737 -12.06 39.79 4.01
N PHE D 738 -12.32 38.52 3.64
CA PHE D 738 -11.37 37.71 2.84
C PHE D 738 -12.10 36.53 2.21
N GLU D 739 -12.19 36.54 0.89
CA GLU D 739 -12.72 35.45 0.04
C GLU D 739 -14.08 35.04 0.60
N GLY D 740 -14.91 36.04 0.92
CA GLY D 740 -16.30 35.87 1.38
C GLY D 740 -16.40 35.31 2.79
N GLY D 741 -15.31 35.33 3.55
CA GLY D 741 -15.30 35.04 4.99
C GLY D 741 -14.55 36.13 5.76
N LEU D 742 -14.07 35.79 6.95
CA LEU D 742 -13.32 36.75 7.80
C LEU D 742 -12.01 36.09 8.21
N GLN D 743 -10.91 36.87 8.17
CA GLN D 743 -9.64 36.55 8.88
C GLN D 743 -9.61 37.42 10.13
N VAL D 744 -9.51 36.79 11.30
CA VAL D 744 -9.62 37.48 12.62
C VAL D 744 -8.24 37.42 13.28
N TYR D 745 -7.62 38.57 13.55
CA TYR D 745 -6.38 38.64 14.35
C TYR D 745 -6.77 39.17 15.73
N ALA D 746 -6.90 38.26 16.69
CA ALA D 746 -7.50 38.53 18.02
C ALA D 746 -6.46 38.24 19.11
N ALA D 747 -6.30 39.17 20.04
CA ALA D 747 -5.53 39.00 21.28
C ALA D 747 -6.41 38.22 22.28
N THR D 748 -6.47 36.91 22.12
CA THR D 748 -7.34 35.99 22.91
C THR D 748 -6.48 34.86 23.49
N GLN D 749 -6.85 34.37 24.66
CA GLN D 749 -6.32 33.12 25.26
C GLN D 749 -7.12 31.92 24.75
N TRP D 750 -8.20 32.18 24.00
CA TRP D 750 -9.17 31.14 23.59
C TRP D 750 -9.67 31.41 22.16
N MET D 751 -8.89 31.03 21.15
CA MET D 751 -9.26 31.29 19.72
C MET D 751 -10.59 30.63 19.39
N ASP D 752 -10.84 29.44 19.93
CA ASP D 752 -12.08 28.67 19.63
C ASP D 752 -13.32 29.48 20.04
N LEU D 753 -13.31 30.09 21.23
CA LEU D 753 -14.48 30.88 21.71
C LEU D 753 -14.66 32.10 20.80
N THR D 754 -13.60 32.85 20.50
CA THR D 754 -13.67 34.04 19.59
C THR D 754 -14.32 33.65 18.27
N GLN D 755 -13.89 32.54 17.68
CA GLN D 755 -14.40 31.99 16.40
C GLN D 755 -15.89 31.66 16.58
N ASP D 756 -16.21 30.91 17.63
CA ASP D 756 -17.59 30.45 17.93
C ASP D 756 -18.48 31.69 18.05
N THR D 757 -18.12 32.65 18.91
CA THR D 757 -18.88 33.89 19.13
C THR D 757 -19.10 34.62 17.79
N ILE D 758 -18.05 34.87 17.00
CA ILE D 758 -18.18 35.67 15.73
C ILE D 758 -19.12 34.95 14.76
N ALA D 759 -18.95 33.66 14.56
CA ALA D 759 -19.80 32.84 13.66
C ALA D 759 -21.24 32.90 14.15
N ASN D 760 -21.48 32.80 15.45
CA ASN D 760 -22.86 32.81 16.00
C ASN D 760 -23.51 34.18 15.76
N VAL D 761 -22.83 35.26 16.14
CA VAL D 761 -23.34 36.65 16.12
C VAL D 761 -23.65 37.08 14.67
N LEU D 762 -22.86 36.61 13.69
CA LEU D 762 -22.96 37.01 12.26
C LEU D 762 -23.60 35.91 11.40
N ASN D 763 -24.13 34.84 12.00
CA ASN D 763 -24.73 33.69 11.28
C ASN D 763 -23.81 33.21 10.16
N LEU D 764 -22.51 33.02 10.43
CA LEU D 764 -21.54 32.53 9.43
C LEU D 764 -21.20 31.08 9.77
N LYS D 765 -20.54 30.40 8.85
CA LYS D 765 -19.93 29.07 9.07
C LYS D 765 -18.58 29.25 9.78
N SER D 766 -18.33 28.46 10.82
CA SER D 766 -17.08 28.49 11.60
C SER D 766 -15.87 28.39 10.67
N ASN D 767 -15.93 27.54 9.65
CA ASN D 767 -14.78 27.29 8.73
C ASN D 767 -14.45 28.56 7.91
N ASP D 768 -15.36 29.53 7.87
CA ASP D 768 -15.23 30.82 7.14
C ASP D 768 -14.75 31.91 8.09
N VAL D 769 -14.63 31.60 9.38
CA VAL D 769 -14.11 32.55 10.41
C VAL D 769 -12.80 31.96 10.93
N GLN D 770 -11.69 32.37 10.33
CA GLN D 770 -10.35 31.83 10.65
C GLN D 770 -9.64 32.81 11.58
N VAL D 771 -9.27 32.36 12.78
CA VAL D 771 -8.59 33.22 13.79
C VAL D 771 -7.11 32.86 13.77
N LYS D 772 -6.24 33.88 13.88
CA LYS D 772 -4.78 33.71 14.02
C LYS D 772 -4.34 34.53 15.23
N THR D 773 -3.60 33.87 16.13
CA THR D 773 -3.04 34.46 17.36
C THR D 773 -1.60 33.97 17.45
N ARG D 774 -0.65 34.75 16.94
CA ARG D 774 0.79 34.42 17.05
C ARG D 774 1.16 34.49 18.53
N ARG D 775 0.71 35.53 19.22
CA ARG D 775 1.03 35.81 20.65
C ARG D 775 0.19 36.97 21.15
N ILE D 776 0.03 37.08 22.46
CA ILE D 776 -0.63 38.26 23.11
C ILE D 776 0.36 38.88 24.13
N GLY D 777 0.29 40.20 24.31
CA GLY D 777 1.06 40.93 25.34
C GLY D 777 0.35 40.83 26.70
N GLY D 778 0.45 39.69 27.36
CA GLY D 778 -0.22 39.44 28.64
C GLY D 778 -1.70 39.12 28.49
N GLY D 779 -2.21 38.28 29.37
CA GLY D 779 -3.65 38.00 29.47
C GLY D 779 -4.11 37.91 30.90
N TYR D 780 -3.51 36.99 31.66
CA TYR D 780 -3.72 36.86 33.13
C TYR D 780 -5.18 36.46 33.38
N GLY D 781 -5.85 35.94 32.33
CA GLY D 781 -7.28 35.56 32.35
C GLY D 781 -8.15 36.65 31.76
N GLY D 782 -7.66 37.87 31.61
CA GLY D 782 -8.46 39.01 31.10
C GLY D 782 -8.78 38.90 29.62
N LYS D 783 -8.03 38.08 28.88
CA LYS D 783 -8.26 37.86 27.43
C LYS D 783 -8.79 36.44 27.20
N ALA D 784 -9.41 35.84 28.20
CA ALA D 784 -10.03 34.51 28.09
C ALA D 784 -11.42 34.67 27.46
N THR D 785 -12.24 35.59 27.98
CA THR D 785 -13.58 35.86 27.41
C THR D 785 -13.82 37.35 27.14
N ARG D 786 -13.19 38.28 27.85
CA ARG D 786 -13.60 39.71 27.73
C ARG D 786 -13.09 40.31 26.42
N CYS D 787 -12.23 39.61 25.69
CA CYS D 787 -11.70 40.01 24.35
C CYS D 787 -12.83 39.98 23.30
N ASN D 788 -13.91 39.24 23.58
CA ASN D 788 -14.93 38.88 22.58
C ASN D 788 -15.96 39.99 22.40
N LEU D 789 -16.00 41.00 23.28
CA LEU D 789 -16.85 42.18 23.04
C LEU D 789 -16.24 42.98 21.88
N ALA D 790 -14.95 43.27 21.94
CA ALA D 790 -14.27 44.02 20.86
C ALA D 790 -14.18 43.13 19.60
N ALA D 791 -13.96 41.82 19.75
CA ALA D 791 -13.76 40.93 18.58
C ALA D 791 -15.07 40.80 17.80
N ALA D 792 -16.18 40.51 18.48
CA ALA D 792 -17.54 40.41 17.88
C ALA D 792 -17.91 41.74 17.22
N ALA D 793 -17.64 42.87 17.88
CA ALA D 793 -17.96 44.24 17.41
C ALA D 793 -17.19 44.53 16.12
N ALA D 794 -15.88 44.25 16.09
CA ALA D 794 -14.98 44.49 14.94
C ALA D 794 -15.44 43.63 13.74
N ALA D 795 -15.73 42.35 13.99
CA ALA D 795 -16.19 41.38 12.97
C ALA D 795 -17.53 41.83 12.37
N LEU D 796 -18.47 42.29 13.21
CA LEU D 796 -19.78 42.84 12.79
C LEU D 796 -19.56 43.99 11.80
N ALA D 797 -18.66 44.93 12.14
CA ALA D 797 -18.31 46.10 11.31
C ALA D 797 -17.63 45.62 10.02
N ALA D 798 -16.70 44.66 10.12
CA ALA D 798 -15.97 44.10 8.95
C ALA D 798 -16.96 43.38 8.01
N HIS D 799 -17.95 42.68 8.56
CA HIS D 799 -19.01 42.00 7.75
C HIS D 799 -19.89 43.07 7.08
N LYS D 800 -20.39 44.04 7.85
CA LYS D 800 -21.41 45.05 7.43
C LYS D 800 -20.80 46.00 6.40
N LEU D 801 -19.64 46.58 6.70
CA LEU D 801 -19.03 47.65 5.87
C LEU D 801 -18.10 47.06 4.81
N ASN D 802 -17.86 45.74 4.86
CA ASN D 802 -16.97 44.97 3.95
C ASN D 802 -15.63 45.71 3.77
N ARG D 803 -15.01 46.07 4.89
CA ARG D 803 -13.70 46.76 4.98
C ARG D 803 -12.92 46.15 6.14
N PRO D 804 -11.58 46.30 6.18
CA PRO D 804 -10.83 45.91 7.37
C PRO D 804 -11.21 46.81 8.55
N ILE D 805 -11.35 46.21 9.72
CA ILE D 805 -11.73 46.93 10.97
C ILE D 805 -10.70 46.61 12.06
N ARG D 806 -10.16 47.65 12.67
CA ARG D 806 -9.26 47.56 13.83
C ARG D 806 -10.06 48.02 15.05
N PHE D 807 -10.00 47.24 16.13
CA PHE D 807 -10.56 47.59 17.45
C PHE D 807 -9.46 47.37 18.47
N VAL D 808 -8.76 48.45 18.80
CA VAL D 808 -7.80 48.51 19.94
C VAL D 808 -8.49 49.34 21.04
N GLN D 809 -8.99 48.64 22.05
CA GLN D 809 -9.75 49.28 23.14
C GLN D 809 -8.84 50.24 23.90
N SER D 810 -9.34 51.43 24.18
CA SER D 810 -8.63 52.42 25.04
C SER D 810 -8.61 51.85 26.45
N LEU D 811 -7.63 52.27 27.25
CA LEU D 811 -7.53 51.82 28.67
C LEU D 811 -8.79 52.27 29.42
N GLU D 812 -9.27 53.50 29.17
CA GLU D 812 -10.53 54.04 29.77
C GLU D 812 -11.71 53.11 29.43
N SER D 813 -11.79 52.66 28.17
CA SER D 813 -12.86 51.75 27.68
C SER D 813 -12.75 50.39 28.39
N ILE D 814 -11.54 49.88 28.59
CA ILE D 814 -11.28 48.55 29.19
C ILE D 814 -11.68 48.58 30.67
N MET D 815 -11.27 49.61 31.42
CA MET D 815 -11.43 49.66 32.90
C MET D 815 -12.85 50.11 33.30
N THR D 816 -13.55 50.84 32.42
CA THR D 816 -14.96 51.26 32.62
C THR D 816 -15.91 50.12 32.22
N SER D 817 -15.70 49.49 31.07
CA SER D 817 -16.68 48.57 30.45
C SER D 817 -16.42 47.10 30.79
N LEU D 818 -15.18 46.70 31.07
CA LEU D 818 -14.80 45.26 31.24
C LEU D 818 -14.51 44.92 32.70
N GLY D 819 -14.80 43.67 33.08
CA GLY D 819 -14.70 43.19 34.46
C GLY D 819 -13.27 42.96 34.94
N LYS D 820 -13.14 42.58 36.20
CA LYS D 820 -11.86 42.53 36.92
C LYS D 820 -11.84 41.28 37.81
N ARG D 821 -10.73 41.05 38.49
CA ARG D 821 -10.66 40.10 39.61
C ARG D 821 -11.85 40.38 40.53
N TRP D 822 -12.63 39.34 40.83
CA TRP D 822 -13.76 39.38 41.77
C TRP D 822 -13.24 39.87 43.13
N ALA D 823 -13.92 40.87 43.70
CA ALA D 823 -13.72 41.31 45.09
C ALA D 823 -14.18 40.19 46.02
N PHE D 824 -13.63 40.17 47.22
CA PHE D 824 -13.87 39.14 48.24
C PHE D 824 -14.05 39.85 49.57
N HIS D 825 -15.06 39.44 50.34
CA HIS D 825 -15.21 39.81 51.76
C HIS D 825 -15.46 38.53 52.56
N CYS D 826 -14.77 38.38 53.68
CA CYS D 826 -14.91 37.25 54.63
C CYS D 826 -15.19 37.77 56.05
N ASP D 827 -16.24 37.23 56.68
CA ASP D 827 -16.56 37.38 58.12
C ASP D 827 -16.33 36.00 58.73
N TYR D 828 -15.52 35.95 59.80
CA TYR D 828 -15.12 34.66 60.41
C TYR D 828 -15.07 34.80 61.93
N ASP D 829 -15.19 33.66 62.61
CA ASP D 829 -14.92 33.45 64.05
C ASP D 829 -13.91 32.31 64.15
N PHE D 830 -12.95 32.39 65.08
CA PHE D 830 -12.09 31.24 65.39
C PHE D 830 -12.17 30.89 66.88
N PHE D 831 -12.00 29.60 67.17
CA PHE D 831 -11.90 29.01 68.52
C PHE D 831 -10.60 28.23 68.56
N VAL D 832 -9.67 28.64 69.43
CA VAL D 832 -8.29 28.08 69.48
C VAL D 832 -7.86 27.81 70.91
N GLN D 833 -6.89 26.91 71.04
CA GLN D 833 -6.12 26.66 72.29
C GLN D 833 -5.01 27.71 72.37
N LYS D 834 -4.37 27.80 73.55
CA LYS D 834 -3.28 28.75 73.91
C LYS D 834 -2.11 28.56 72.94
N SER D 835 -1.91 27.33 72.46
CA SER D 835 -0.84 26.95 71.52
C SER D 835 -1.07 27.58 70.12
N GLY D 836 -2.28 28.03 69.80
CA GLY D 836 -2.71 28.42 68.45
C GLY D 836 -3.49 27.31 67.73
N LYS D 837 -3.54 26.10 68.30
CA LYS D 837 -4.24 24.92 67.74
C LYS D 837 -5.72 25.28 67.56
N ILE D 838 -6.20 25.20 66.33
CA ILE D 838 -7.60 25.54 65.97
C ILE D 838 -8.53 24.45 66.50
N SER D 839 -9.51 24.85 67.32
CA SER D 839 -10.63 24.01 67.79
C SER D 839 -11.80 24.16 66.82
N GLY D 840 -12.02 25.36 66.27
CA GLY D 840 -13.09 25.56 65.28
C GLY D 840 -12.95 26.82 64.46
N ILE D 841 -13.57 26.84 63.28
CA ILE D 841 -13.72 28.06 62.43
C ILE D 841 -15.14 28.11 61.88
N VAL D 842 -15.76 29.27 61.96
CA VAL D 842 -16.98 29.70 61.21
C VAL D 842 -16.52 30.80 60.24
N SER D 843 -16.68 30.59 58.94
CA SER D 843 -16.32 31.57 57.89
C SER D 843 -17.50 31.74 56.94
N ARG D 844 -17.94 33.00 56.78
CA ARG D 844 -18.85 33.42 55.67
C ARG D 844 -18.01 34.23 54.68
N PHE D 845 -18.04 33.89 53.39
CA PHE D 845 -17.37 34.72 52.36
C PHE D 845 -18.37 35.08 51.27
N TYR D 846 -18.17 36.27 50.70
CA TYR D 846 -18.92 36.88 49.57
C TYR D 846 -17.94 37.22 48.46
N GLU D 847 -18.31 36.96 47.20
CA GLU D 847 -17.48 37.32 46.02
C GLU D 847 -18.34 38.10 45.04
N ASP D 848 -17.80 39.23 44.55
CA ASP D 848 -18.49 40.20 43.67
C ASP D 848 -18.36 39.72 42.21
N ALA D 849 -19.47 39.24 41.64
CA ALA D 849 -19.51 38.73 40.26
C ALA D 849 -19.54 39.87 39.24
N GLY D 850 -19.82 41.11 39.66
CA GLY D 850 -20.37 42.15 38.75
C GLY D 850 -21.82 41.83 38.44
N TYR D 851 -22.34 42.21 37.27
CA TYR D 851 -23.81 42.14 37.02
C TYR D 851 -24.24 40.70 36.71
N LEU D 852 -23.33 39.82 36.32
CA LEU D 852 -23.64 38.42 35.85
C LEU D 852 -22.89 37.41 36.70
N ALA D 853 -23.54 36.31 37.05
CA ALA D 853 -22.97 35.20 37.86
C ALA D 853 -21.89 34.41 37.11
N ASN D 854 -21.57 34.73 35.85
CA ASN D 854 -20.66 33.91 35.00
C ASN D 854 -19.25 33.88 35.60
N GLU D 855 -18.52 32.78 35.39
CA GLU D 855 -17.04 32.64 35.63
C GLU D 855 -16.74 32.76 37.12
N SER D 856 -17.54 32.10 37.97
CA SER D 856 -17.37 32.09 39.43
C SER D 856 -16.07 31.41 39.80
N PRO D 857 -15.23 32.05 40.66
CA PRO D 857 -14.04 31.43 41.23
C PRO D 857 -14.27 30.68 42.57
N ILE D 858 -15.51 30.65 43.06
CA ILE D 858 -15.85 30.18 44.43
C ILE D 858 -15.36 28.74 44.64
N GLY D 859 -15.40 27.88 43.61
CA GLY D 859 -14.92 26.49 43.69
C GLY D 859 -13.47 26.44 44.18
N HIS D 860 -12.63 27.32 43.64
CA HIS D 860 -11.18 27.34 43.98
C HIS D 860 -10.99 27.93 45.38
N THR D 861 -11.79 28.92 45.77
CA THR D 861 -11.79 29.45 47.15
C THR D 861 -12.01 28.31 48.14
N VAL D 862 -13.06 27.52 47.92
CA VAL D 862 -13.46 26.41 48.84
C VAL D 862 -12.33 25.39 48.92
N LEU D 863 -11.72 25.08 47.78
CA LEU D 863 -10.74 23.99 47.58
C LEU D 863 -9.47 24.23 48.39
N LEU D 864 -9.05 25.49 48.53
CA LEU D 864 -7.80 25.91 49.23
C LEU D 864 -8.11 26.51 50.62
N SER D 865 -9.38 26.48 51.05
CA SER D 865 -9.89 27.11 52.30
C SER D 865 -9.20 26.54 53.54
N LYS D 866 -8.69 25.31 53.48
CA LYS D 866 -8.03 24.68 54.65
C LYS D 866 -6.51 24.78 54.51
N ASN D 867 -6.03 25.24 53.35
CA ASN D 867 -4.60 25.36 53.02
C ASN D 867 -3.92 24.05 53.41
N CYS D 868 -2.91 24.02 54.27
CA CYS D 868 -2.25 22.74 54.62
C CYS D 868 -2.42 22.43 56.11
N TYR D 869 -3.56 22.82 56.70
CA TYR D 869 -3.84 22.66 58.14
C TYR D 869 -4.80 21.49 58.39
N GLU D 870 -4.71 20.93 59.59
CA GLU D 870 -5.53 19.77 60.04
C GLU D 870 -6.88 20.27 60.58
N PHE D 871 -7.96 19.64 60.13
CA PHE D 871 -9.33 19.88 60.61
C PHE D 871 -10.04 18.53 60.79
N SER D 872 -11.10 18.55 61.59
CA SER D 872 -11.92 17.36 61.92
C SER D 872 -13.36 17.81 62.19
N ASP D 873 -14.09 18.03 61.11
CA ASP D 873 -15.55 18.32 61.10
C ASP D 873 -15.84 19.63 61.86
N ASN D 874 -14.87 20.53 61.96
CA ASN D 874 -14.98 21.69 62.87
C ASN D 874 -14.79 22.99 62.08
N TYR D 875 -15.05 22.95 60.77
CA TYR D 875 -14.87 24.11 59.85
C TYR D 875 -16.18 24.30 59.09
N LYS D 876 -16.98 25.26 59.57
CA LYS D 876 -18.24 25.67 58.94
C LYS D 876 -17.93 26.78 57.94
N LEU D 877 -18.12 26.50 56.64
CA LEU D 877 -17.77 27.41 55.53
C LEU D 877 -19.03 27.66 54.68
N ASP D 878 -19.46 28.91 54.58
CA ASP D 878 -20.62 29.32 53.75
C ASP D 878 -20.15 30.36 52.73
N GLY D 879 -20.60 30.22 51.49
CA GLY D 879 -20.04 31.01 50.38
C GLY D 879 -21.16 31.56 49.55
N TYR D 880 -21.06 32.83 49.21
CA TYR D 880 -22.14 33.60 48.57
C TYR D 880 -21.56 34.27 47.31
N LEU D 881 -22.37 34.29 46.26
CA LEU D 881 -22.03 34.98 45.00
C LEU D 881 -22.90 36.23 44.96
N VAL D 882 -22.31 37.40 44.72
CA VAL D 882 -23.01 38.70 44.84
C VAL D 882 -22.97 39.44 43.51
N CYS D 883 -24.13 39.70 42.93
CA CYS D 883 -24.27 40.56 41.73
C CYS D 883 -24.37 42.03 42.14
N THR D 884 -23.48 42.86 41.60
CA THR D 884 -23.37 44.32 41.84
C THR D 884 -23.60 45.07 40.52
N ASP D 885 -23.86 46.36 40.59
CA ASP D 885 -24.10 47.18 39.37
C ASP D 885 -22.73 47.61 38.83
N SER D 886 -22.03 46.65 38.21
CA SER D 886 -20.65 46.83 37.69
C SER D 886 -20.41 45.82 36.57
N PRO D 887 -19.34 46.01 35.76
CA PRO D 887 -19.03 45.12 34.65
C PRO D 887 -18.84 43.69 35.15
N SER D 888 -19.17 42.71 34.31
CA SER D 888 -19.13 41.27 34.69
C SER D 888 -17.68 40.89 35.00
N ASN D 889 -17.41 40.54 36.25
CA ASN D 889 -16.05 40.24 36.73
C ASN D 889 -15.59 38.90 36.15
N THR D 890 -14.29 38.69 36.09
CA THR D 890 -13.67 37.68 35.20
C THR D 890 -12.43 37.10 35.84
N PRO D 891 -11.99 35.91 35.42
CA PRO D 891 -10.75 35.33 35.95
C PRO D 891 -9.55 36.31 35.84
N CYS D 892 -8.75 36.27 36.89
CA CYS D 892 -7.47 37.01 37.01
C CYS D 892 -6.49 36.14 37.78
N ARG D 893 -5.28 35.97 37.26
CA ARG D 893 -4.22 35.07 37.78
C ARG D 893 -4.60 34.47 39.14
N ALA D 894 -4.92 33.17 39.13
CA ALA D 894 -5.24 32.33 40.30
C ALA D 894 -6.59 32.75 40.87
N PRO D 895 -7.65 32.74 40.04
CA PRO D 895 -8.98 33.09 40.52
C PRO D 895 -9.43 32.15 41.64
N GLY D 896 -9.83 32.71 42.77
CA GLY D 896 -10.38 31.92 43.88
C GLY D 896 -9.30 31.38 44.78
N SER D 897 -8.21 30.87 44.22
CA SER D 897 -7.04 30.33 44.96
C SER D 897 -6.45 31.45 45.84
N VAL D 898 -6.28 32.66 45.29
CA VAL D 898 -5.76 33.82 46.06
C VAL D 898 -6.62 34.00 47.32
N GLU D 899 -7.96 33.97 47.17
CA GLU D 899 -8.94 34.28 48.25
C GLU D 899 -8.95 33.14 49.27
N GLY D 900 -8.89 31.89 48.80
CA GLY D 900 -8.82 30.69 49.64
C GLY D 900 -7.63 30.72 50.59
N ILE D 901 -6.43 30.94 50.06
CA ILE D 901 -5.17 30.95 50.86
C ILE D 901 -5.22 32.17 51.77
N ALA D 902 -5.67 33.31 51.24
CA ALA D 902 -5.79 34.58 51.98
C ALA D 902 -6.65 34.38 53.22
N MET D 903 -7.84 33.80 53.03
CA MET D 903 -8.84 33.64 54.10
C MET D 903 -8.22 32.82 55.23
N MET D 904 -7.54 31.73 54.87
CA MET D 904 -7.01 30.75 55.85
C MET D 904 -5.76 31.35 56.51
N GLU D 905 -4.87 31.98 55.73
CA GLU D 905 -3.59 32.50 56.26
C GLU D 905 -3.86 33.70 57.17
N ASN D 906 -4.78 34.60 56.77
CA ASN D 906 -5.29 35.72 57.60
C ASN D 906 -5.86 35.19 58.92
N ILE D 907 -6.65 34.11 58.91
CA ILE D 907 -7.19 33.54 60.19
C ILE D 907 -5.99 33.12 61.04
N ILE D 908 -5.00 32.45 60.44
CA ILE D 908 -3.74 32.03 61.12
C ILE D 908 -3.11 33.27 61.78
N GLU D 909 -2.93 34.37 61.06
CA GLU D 909 -2.24 35.57 61.60
C GLU D 909 -3.08 36.18 62.72
N HIS D 910 -4.40 36.20 62.57
CA HIS D 910 -5.35 36.69 63.60
C HIS D 910 -5.23 35.84 64.86
N ILE D 911 -5.08 34.53 64.71
CA ILE D 911 -4.90 33.57 65.85
C ILE D 911 -3.61 33.95 66.58
N ALA D 912 -2.51 34.18 65.83
CA ALA D 912 -1.17 34.54 66.35
C ALA D 912 -1.29 35.79 67.23
N PHE D 913 -1.90 36.85 66.68
CA PHE D 913 -2.16 38.14 67.36
C PHE D 913 -2.94 37.92 68.65
N GLU D 914 -4.00 37.10 68.62
CA GLU D 914 -4.95 37.02 69.75
C GLU D 914 -4.30 36.22 70.86
N THR D 915 -3.57 35.18 70.52
CA THR D 915 -2.98 34.22 71.48
C THR D 915 -1.57 34.65 71.91
N GLY D 916 -0.94 35.60 71.23
CA GLY D 916 0.44 36.04 71.50
C GLY D 916 1.48 35.02 71.06
N VAL D 917 1.09 33.97 70.34
CA VAL D 917 2.00 32.94 69.75
C VAL D 917 2.60 33.51 68.46
N ASP D 918 3.86 33.19 68.15
CA ASP D 918 4.50 33.63 66.87
C ASP D 918 3.72 33.02 65.70
N PRO D 919 3.55 33.74 64.57
CA PRO D 919 2.80 33.21 63.43
C PRO D 919 3.34 31.87 62.87
N ALA D 920 4.67 31.67 62.88
CA ALA D 920 5.33 30.39 62.54
C ALA D 920 4.79 29.27 63.43
N ASP D 921 4.64 29.56 64.71
CA ASP D 921 4.35 28.55 65.75
C ASP D 921 2.87 28.16 65.68
N VAL D 922 1.98 29.11 65.39
CA VAL D 922 0.55 28.81 65.11
C VAL D 922 0.47 27.85 63.92
N ARG D 923 1.26 28.07 62.87
CA ARG D 923 1.30 27.20 61.68
C ARG D 923 1.80 25.79 62.06
N PHE D 924 2.88 25.67 62.83
CA PHE D 924 3.40 24.36 63.29
C PHE D 924 2.32 23.63 64.11
N ALA D 925 1.61 24.35 64.97
CA ALA D 925 0.59 23.76 65.86
C ALA D 925 -0.61 23.25 65.05
N ASN D 926 -0.78 23.62 63.77
CA ASN D 926 -1.99 23.29 62.98
C ASN D 926 -1.66 22.45 61.73
N LEU D 927 -0.38 22.17 61.45
CA LEU D 927 0.07 21.47 60.21
C LEU D 927 -0.55 20.07 60.14
N LEU D 928 -1.01 19.69 58.95
CA LEU D 928 -1.36 18.28 58.62
C LEU D 928 -0.15 17.41 58.96
N PRO D 929 -0.31 16.28 59.67
CA PRO D 929 0.83 15.42 59.98
C PRO D 929 1.39 14.76 58.71
N ALA D 930 2.67 14.39 58.75
CA ALA D 930 3.46 13.73 57.68
C ALA D 930 3.18 14.41 56.34
N HIS D 931 3.15 15.74 56.33
CA HIS D 931 2.88 16.57 55.14
C HIS D 931 4.21 17.13 54.62
N LYS D 932 4.26 17.36 53.31
CA LYS D 932 5.43 17.99 52.63
C LYS D 932 5.81 19.30 53.34
N MET D 933 4.83 20.14 53.67
CA MET D 933 5.05 21.44 54.36
C MET D 933 5.87 21.24 55.64
N GLY D 934 5.65 20.14 56.36
CA GLY D 934 6.37 19.80 57.62
C GLY D 934 7.86 19.58 57.40
N ASP D 935 8.26 19.19 56.19
CA ASP D 935 9.68 18.96 55.80
C ASP D 935 10.27 20.30 55.35
N MET D 936 9.49 21.06 54.57
CA MET D 936 9.93 22.32 53.91
C MET D 936 10.04 23.45 54.93
N MET D 937 9.06 23.57 55.85
CA MET D 937 8.89 24.80 56.67
C MET D 937 10.07 24.95 57.64
N PRO D 938 10.48 23.92 58.42
CA PRO D 938 11.67 24.04 59.26
C PRO D 938 12.93 24.54 58.51
N ARG D 939 13.34 23.90 57.42
CA ARG D 939 14.58 24.28 56.66
C ARG D 939 14.47 25.72 56.14
N PHE D 940 13.26 26.18 55.81
CA PHE D 940 13.00 27.54 55.32
C PHE D 940 13.20 28.54 56.46
N LEU D 941 12.66 28.25 57.64
CA LEU D 941 12.78 29.18 58.79
C LEU D 941 14.28 29.29 59.17
N GLU D 942 15.04 28.19 59.09
CA GLU D 942 16.47 28.18 59.48
C GLU D 942 17.29 28.90 58.40
N SER D 943 17.13 28.52 57.13
CA SER D 943 17.91 29.09 56.00
C SER D 943 17.69 30.60 55.93
N THR D 944 16.49 31.10 56.27
CA THR D 944 16.13 32.54 56.14
C THR D 944 16.46 33.31 57.43
N LYS D 945 16.82 32.60 58.50
CA LYS D 945 17.07 33.20 59.84
C LYS D 945 15.82 33.99 60.26
N TYR D 946 14.66 33.33 60.20
CA TYR D 946 13.34 33.92 60.57
C TYR D 946 13.36 34.38 62.03
N ARG D 947 13.87 33.52 62.93
CA ARG D 947 13.80 33.73 64.41
C ARG D 947 14.61 34.98 64.79
N GLU D 948 15.87 35.05 64.38
CA GLU D 948 16.81 36.16 64.71
C GLU D 948 16.25 37.44 64.08
N ARG D 949 15.78 37.37 62.84
CA ARG D 949 15.25 38.55 62.10
C ARG D 949 13.91 38.97 62.73
N LYS D 950 13.06 38.02 63.14
CA LYS D 950 11.78 38.36 63.80
C LYS D 950 12.09 39.20 65.06
N ALA D 951 13.00 38.70 65.91
CA ALA D 951 13.52 39.37 67.13
C ALA D 951 14.06 40.78 66.82
N GLU D 952 14.86 40.94 65.76
CA GLU D 952 15.49 42.21 65.35
C GLU D 952 14.41 43.26 65.06
N ALA D 953 13.35 42.88 64.33
CA ALA D 953 12.25 43.82 64.00
C ALA D 953 11.62 44.30 65.32
N ILE D 954 11.42 43.39 66.27
CA ILE D 954 10.69 43.67 67.54
C ILE D 954 11.54 44.63 68.38
N ALA D 955 12.84 44.35 68.50
CA ALA D 955 13.83 45.17 69.25
C ALA D 955 13.94 46.55 68.61
N HIS D 956 14.12 46.62 67.29
CA HIS D 956 14.21 47.89 66.52
C HIS D 956 12.96 48.74 66.77
N ASN D 957 11.76 48.14 66.71
CA ASN D 957 10.47 48.85 66.86
C ASN D 957 10.32 49.41 68.29
N LYS D 958 10.91 48.76 69.30
CA LYS D 958 10.83 49.26 70.71
C LYS D 958 11.61 50.58 70.81
N GLU D 959 12.63 50.78 69.97
CA GLU D 959 13.53 51.97 69.99
C GLU D 959 13.02 53.10 69.09
N ASN D 960 12.12 52.84 68.12
CA ASN D 960 11.66 53.87 67.16
C ASN D 960 10.13 53.99 67.18
N ARG D 961 9.63 55.22 67.23
CA ARG D 961 8.19 55.56 67.33
C ARG D 961 7.55 55.68 65.94
N TRP D 962 8.30 56.19 64.95
CA TRP D 962 7.75 56.65 63.65
C TRP D 962 8.21 55.80 62.46
N HIS D 963 9.27 54.99 62.60
CA HIS D 963 9.75 54.05 61.55
C HIS D 963 9.66 52.64 62.13
N LYS D 964 8.65 51.84 61.71
CA LYS D 964 8.40 50.47 62.25
C LYS D 964 8.76 49.41 61.19
N ARG D 965 9.38 48.32 61.64
CA ARG D 965 9.71 47.16 60.77
C ARG D 965 8.75 46.02 61.09
N GLY D 966 8.50 45.16 60.10
CA GLY D 966 7.53 44.04 60.17
C GLY D 966 7.98 42.90 59.27
N LEU D 967 7.65 41.68 59.68
CA LEU D 967 8.07 40.44 58.98
C LEU D 967 6.80 39.61 58.79
N GLY D 968 6.54 39.18 57.55
CA GLY D 968 5.33 38.44 57.17
C GLY D 968 5.68 37.07 56.63
N LEU D 969 5.08 36.04 57.22
CA LEU D 969 5.18 34.63 56.76
C LEU D 969 3.86 34.19 56.10
N CYS D 970 3.90 33.71 54.87
CA CYS D 970 2.76 33.02 54.19
C CYS D 970 3.16 31.63 53.67
N ILE D 971 2.32 30.63 53.86
CA ILE D 971 2.58 29.27 53.30
C ILE D 971 1.34 28.88 52.50
N MET D 972 1.49 27.97 51.52
CA MET D 972 0.39 27.55 50.65
C MET D 972 0.61 26.11 50.18
N GLU D 973 -0.50 25.39 50.01
CA GLU D 973 -0.58 24.18 49.17
C GLU D 973 -1.52 24.52 48.01
N TYR D 974 -0.97 24.88 46.85
CA TYR D 974 -1.77 25.25 45.66
C TYR D 974 -2.14 23.97 44.88
N GLN D 975 -3.40 23.83 44.43
CA GLN D 975 -3.85 22.63 43.67
C GLN D 975 -3.78 22.89 42.16
N ILE D 976 -3.13 21.99 41.43
CA ILE D 976 -2.96 22.04 39.95
C ILE D 976 -3.83 20.92 39.40
N GLY D 977 -4.76 21.30 38.50
CA GLY D 977 -5.71 20.43 37.78
C GLY D 977 -5.69 20.65 36.27
N TYR D 978 -6.11 19.61 35.52
CA TYR D 978 -6.23 19.64 34.06
C TYR D 978 -7.70 19.77 33.65
N PHE D 979 -7.93 20.38 32.49
CA PHE D 979 -9.26 20.53 31.83
C PHE D 979 -8.99 20.67 30.33
N GLY D 980 -9.92 20.22 29.49
CA GLY D 980 -9.91 20.54 28.05
C GLY D 980 -8.99 19.64 27.24
N GLN D 981 -8.82 19.99 25.96
CA GLN D 981 -7.98 19.29 24.96
C GLN D 981 -7.20 20.37 24.21
N TYR D 982 -5.93 20.10 23.92
CA TYR D 982 -4.99 21.01 23.23
C TYR D 982 -4.32 20.20 22.13
N PRO D 983 -4.49 20.57 20.85
CA PRO D 983 -3.76 19.94 19.74
C PRO D 983 -2.39 20.56 19.46
N ALA D 984 -1.58 19.84 18.72
CA ALA D 984 -0.29 20.26 18.16
C ALA D 984 0.00 19.48 16.87
N THR D 985 0.64 20.14 15.92
CA THR D 985 1.19 19.56 14.68
C THR D 985 2.70 19.80 14.69
N VAL D 986 3.45 18.77 14.34
CA VAL D 986 4.94 18.85 14.21
C VAL D 986 5.29 18.35 12.82
N ALA D 987 6.12 19.10 12.09
CA ALA D 987 6.70 18.67 10.82
C ALA D 987 8.21 18.84 10.86
N ILE D 988 8.90 17.90 10.22
CA ILE D 988 10.37 17.89 10.00
C ILE D 988 10.56 18.11 8.50
N TYR D 989 11.32 19.12 8.11
CA TYR D 989 11.64 19.40 6.68
C TYR D 989 12.75 18.46 6.23
N HIS D 990 12.57 17.80 5.10
CA HIS D 990 13.57 16.87 4.52
C HIS D 990 14.80 17.68 4.15
N SER D 991 14.63 18.94 3.77
CA SER D 991 15.68 19.76 3.14
C SER D 991 16.86 19.97 4.12
N ASP D 992 16.60 20.26 5.40
CA ASP D 992 17.69 20.50 6.39
C ASP D 992 17.39 19.88 7.75
N GLY D 993 16.28 19.15 7.91
CA GLY D 993 15.93 18.46 9.17
C GLY D 993 15.45 19.43 10.25
N THR D 994 15.16 20.67 9.90
CA THR D 994 14.60 21.62 10.90
C THR D 994 13.13 21.27 11.12
N VAL D 995 12.57 21.78 12.20
CA VAL D 995 11.24 21.35 12.72
C VAL D 995 10.36 22.59 12.91
N VAL D 996 9.09 22.46 12.56
CA VAL D 996 8.11 23.53 12.83
C VAL D 996 7.01 22.93 13.72
N VAL D 997 6.48 23.73 14.65
CA VAL D 997 5.30 23.35 15.46
C VAL D 997 4.25 24.45 15.31
N SER D 998 2.99 24.03 15.13
CA SER D 998 1.80 24.89 15.20
C SER D 998 0.78 24.19 16.09
N HIS D 999 0.25 24.87 17.11
CA HIS D 999 -0.51 24.22 18.21
C HIS D 999 -1.65 25.10 18.73
N GLY D 1000 -2.48 24.54 19.62
CA GLY D 1000 -3.70 25.17 20.14
C GLY D 1000 -3.46 25.97 21.40
N GLY D 1001 -2.23 26.04 21.88
CA GLY D 1001 -1.82 26.88 23.04
C GLY D 1001 -1.49 28.30 22.62
N ILE D 1002 -1.66 29.27 23.54
CA ILE D 1002 -1.43 30.71 23.27
C ILE D 1002 -0.23 31.17 24.10
N GLU D 1003 0.84 31.60 23.43
CA GLU D 1003 2.03 32.26 24.04
C GLU D 1003 1.61 33.69 24.47
N MET D 1004 1.47 33.91 25.77
CA MET D 1004 1.10 35.24 26.33
C MET D 1004 2.25 35.73 27.21
N GLY D 1005 3.45 35.20 27.02
CA GLY D 1005 4.67 35.62 27.75
C GLY D 1005 5.15 34.56 28.75
N GLN D 1006 4.32 33.54 29.03
CA GLN D 1006 4.57 32.52 30.09
C GLN D 1006 5.68 31.54 29.66
N GLY D 1007 6.18 31.61 28.42
CA GLY D 1007 7.30 30.77 27.96
C GLY D 1007 6.86 29.35 27.64
N MET D 1008 5.61 29.18 27.23
CA MET D 1008 5.03 27.92 26.66
C MET D 1008 5.89 27.44 25.48
N ASN D 1009 6.17 28.34 24.54
CA ASN D 1009 6.94 28.06 23.30
C ASN D 1009 8.40 27.70 23.66
N THR D 1010 8.95 28.33 24.68
CA THR D 1010 10.32 27.98 25.13
C THR D 1010 10.33 26.52 25.56
N LYS D 1011 9.39 26.11 26.42
CA LYS D 1011 9.33 24.74 26.99
C LYS D 1011 9.08 23.72 25.88
N ILE D 1012 8.21 24.06 24.94
CA ILE D 1012 7.83 23.17 23.81
C ILE D 1012 9.09 22.89 22.97
N SER D 1013 9.85 23.93 22.63
CA SER D 1013 11.11 23.80 21.85
C SER D 1013 12.05 22.82 22.57
N GLN D 1014 12.15 22.89 23.90
CA GLN D 1014 13.05 21.99 24.67
C GLN D 1014 12.51 20.57 24.57
N VAL D 1015 11.19 20.36 24.69
CA VAL D 1015 10.56 19.01 24.69
C VAL D 1015 10.69 18.37 23.30
N ALA D 1016 10.34 19.10 22.23
CA ALA D 1016 10.48 18.63 20.83
C ALA D 1016 11.95 18.27 20.57
N ALA D 1017 12.88 19.16 20.90
CA ALA D 1017 14.32 18.95 20.68
C ALA D 1017 14.77 17.69 21.44
N HIS D 1018 14.37 17.55 22.70
CA HIS D 1018 14.75 16.39 23.55
C HIS D 1018 14.17 15.10 22.95
N THR D 1019 12.90 15.11 22.55
CA THR D 1019 12.22 13.88 22.08
C THR D 1019 12.88 13.39 20.77
N LEU D 1020 13.21 14.30 19.85
CA LEU D 1020 13.73 13.97 18.49
C LEU D 1020 15.26 13.76 18.54
N GLY D 1021 15.93 14.39 19.52
CA GLY D 1021 17.39 14.28 19.73
C GLY D 1021 18.16 15.22 18.83
N ILE D 1022 17.70 16.48 18.73
CA ILE D 1022 18.27 17.57 17.89
C ILE D 1022 18.43 18.80 18.77
N PRO D 1023 19.23 19.81 18.36
CA PRO D 1023 19.31 21.05 19.12
C PRO D 1023 17.99 21.84 19.08
N MET D 1024 17.64 22.46 20.20
CA MET D 1024 16.39 23.23 20.34
C MET D 1024 16.45 24.46 19.41
N GLU D 1025 17.64 24.93 19.03
CA GLU D 1025 17.82 26.02 18.03
C GLU D 1025 17.21 25.62 16.67
N GLN D 1026 17.04 24.32 16.38
CA GLN D 1026 16.51 23.78 15.10
C GLN D 1026 14.97 23.70 15.14
N VAL D 1027 14.32 24.18 16.21
CA VAL D 1027 12.85 24.09 16.41
C VAL D 1027 12.27 25.49 16.33
N ARG D 1028 11.23 25.66 15.50
CA ARG D 1028 10.48 26.92 15.36
C ARG D 1028 9.01 26.69 15.67
N ILE D 1029 8.41 27.57 16.48
CA ILE D 1029 6.94 27.59 16.71
C ILE D 1029 6.32 28.70 15.84
N GLU D 1030 5.31 28.31 15.06
CA GLU D 1030 4.51 29.20 14.20
C GLU D 1030 3.30 29.70 14.98
N ALA D 1031 2.57 30.68 14.42
CA ALA D 1031 1.33 31.20 15.01
C ALA D 1031 0.38 30.04 15.32
N SER D 1032 -0.38 30.22 16.39
CA SER D 1032 -1.59 29.43 16.72
C SER D 1032 -2.72 29.87 15.78
N ASP D 1033 -3.49 28.91 15.26
CA ASP D 1033 -4.59 29.23 14.31
C ASP D 1033 -5.73 28.22 14.50
N THR D 1034 -6.87 28.48 13.88
CA THR D 1034 -8.11 27.66 14.03
C THR D 1034 -8.06 26.47 13.06
N ILE D 1035 -6.91 26.13 12.51
CA ILE D 1035 -6.72 24.88 11.72
C ILE D 1035 -5.94 23.87 12.59
N ASN D 1036 -4.67 24.11 12.87
CA ASN D 1036 -3.86 23.19 13.70
C ASN D 1036 -4.23 23.38 15.17
N GLY D 1037 -4.91 24.49 15.48
CA GLY D 1037 -5.42 24.81 16.83
C GLY D 1037 -6.90 24.57 16.93
N ALA D 1038 -7.51 23.93 15.94
CA ALA D 1038 -8.99 23.78 15.90
C ALA D 1038 -9.45 23.21 17.25
N ASN D 1039 -10.47 23.85 17.82
CA ASN D 1039 -11.29 23.35 18.97
C ASN D 1039 -10.58 23.57 20.30
N SER D 1040 -9.35 24.09 20.29
CA SER D 1040 -8.48 24.09 21.50
C SER D 1040 -9.16 24.86 22.64
N MET D 1041 -9.06 24.31 23.85
CA MET D 1041 -9.58 24.93 25.08
C MET D 1041 -8.75 26.18 25.39
N VAL D 1042 -9.27 27.03 26.27
CA VAL D 1042 -8.60 28.28 26.71
C VAL D 1042 -7.22 27.91 27.30
N THR D 1043 -6.18 28.66 26.95
CA THR D 1043 -4.88 28.63 27.69
C THR D 1043 -5.12 29.32 29.05
N GLY D 1044 -5.06 28.53 30.13
CA GLY D 1044 -5.21 29.00 31.53
C GLY D 1044 -4.93 27.92 32.57
N GLY D 1045 -5.09 28.25 33.86
CA GLY D 1045 -4.93 27.32 34.99
C GLY D 1045 -3.48 26.90 35.20
N ALA D 1046 -2.50 27.63 34.64
CA ALA D 1046 -1.03 27.42 34.80
C ALA D 1046 -0.56 26.09 34.20
N VAL D 1047 -1.45 25.32 33.55
CA VAL D 1047 -1.14 23.96 33.02
C VAL D 1047 -0.97 24.00 31.51
N GLY D 1048 -1.24 25.15 30.87
CA GLY D 1048 -1.14 25.30 29.42
C GLY D 1048 0.17 24.76 28.90
N SER D 1049 1.29 25.22 29.46
CA SER D 1049 2.66 24.92 29.00
C SER D 1049 2.88 23.40 29.04
N GLU D 1050 2.58 22.75 30.17
CA GLU D 1050 2.88 21.29 30.32
C GLU D 1050 1.91 20.44 29.47
N THR D 1051 0.67 20.89 29.25
CA THR D 1051 -0.35 20.17 28.44
C THR D 1051 0.11 20.15 26.97
N LEU D 1052 0.59 21.29 26.47
CA LEU D 1052 1.07 21.42 25.08
C LEU D 1052 2.37 20.65 24.94
N CYS D 1053 3.23 20.69 25.95
CA CYS D 1053 4.47 19.85 25.94
C CYS D 1053 4.07 18.38 25.81
N PHE D 1054 3.03 17.96 26.53
CA PHE D 1054 2.57 16.55 26.44
C PHE D 1054 2.21 16.24 24.98
N ALA D 1055 1.33 17.06 24.40
CA ALA D 1055 0.82 16.91 23.01
C ALA D 1055 1.99 16.91 22.02
N VAL D 1056 2.90 17.87 22.15
CA VAL D 1056 4.07 18.02 21.23
C VAL D 1056 4.95 16.79 21.39
N ARG D 1057 5.19 16.32 22.60
CA ARG D 1057 6.03 15.10 22.80
C ARG D 1057 5.36 13.90 22.10
N LYS D 1058 4.04 13.79 22.24
CA LYS D 1058 3.25 12.68 21.65
C LYS D 1058 3.48 12.67 20.12
N ALA D 1059 3.39 13.82 19.45
CA ALA D 1059 3.62 13.93 17.99
C ALA D 1059 5.06 13.50 17.65
N CYS D 1060 6.03 14.05 18.37
CA CYS D 1060 7.46 13.74 18.16
C CYS D 1060 7.72 12.24 18.31
N GLU D 1061 7.05 11.59 19.28
CA GLU D 1061 7.21 10.12 19.53
C GLU D 1061 6.68 9.36 18.32
N THR D 1062 5.57 9.80 17.75
CA THR D 1062 5.02 9.20 16.51
C THR D 1062 6.09 9.34 15.41
N LEU D 1063 6.69 10.51 15.28
CA LEU D 1063 7.73 10.75 14.24
C LEU D 1063 8.90 9.79 14.52
N ASN D 1064 9.31 9.65 15.78
CA ASN D 1064 10.37 8.70 16.19
C ASN D 1064 10.04 7.28 15.70
N GLU D 1065 8.84 6.76 15.97
CA GLU D 1065 8.46 5.37 15.57
C GLU D 1065 8.65 5.21 14.05
N ARG D 1066 8.26 6.22 13.28
CA ARG D 1066 8.29 6.16 11.80
C ARG D 1066 9.75 6.12 11.32
N LEU D 1067 10.61 6.92 11.94
CA LEU D 1067 12.04 7.04 11.56
C LEU D 1067 12.83 5.78 11.96
N LYS D 1068 12.37 5.01 12.94
CA LYS D 1068 13.16 3.93 13.59
C LYS D 1068 13.61 2.87 12.58
N PRO D 1069 12.71 2.34 11.71
CA PRO D 1069 13.13 1.38 10.70
C PRO D 1069 14.21 1.93 9.75
N VAL D 1070 14.16 3.24 9.48
CA VAL D 1070 15.11 3.93 8.57
C VAL D 1070 16.49 4.01 9.24
N ARG D 1071 16.52 4.39 10.52
CA ARG D 1071 17.78 4.44 11.30
C ARG D 1071 18.41 3.04 11.29
N GLU D 1072 17.64 1.98 11.57
CA GLU D 1072 18.13 0.58 11.64
C GLU D 1072 18.65 0.13 10.26
N GLU D 1073 17.91 0.38 9.18
CA GLU D 1073 18.31 -0.03 7.80
C GLU D 1073 19.56 0.74 7.33
N VAL D 1074 19.58 2.08 7.38
CA VAL D 1074 20.63 2.90 6.68
C VAL D 1074 21.75 3.32 7.65
N LYS D 1075 21.57 3.16 8.97
CA LYS D 1075 22.60 3.50 10.00
C LYS D 1075 23.24 4.84 9.68
N PRO D 1076 22.47 5.95 9.75
CA PRO D 1076 22.92 7.23 9.19
C PRO D 1076 23.87 7.93 10.17
N GLU D 1077 24.76 8.76 9.65
CA GLU D 1077 25.85 9.39 10.43
C GLU D 1077 25.31 10.64 11.14
N ASN D 1078 24.16 11.16 10.70
CA ASN D 1078 23.57 12.39 11.28
C ASN D 1078 22.08 12.46 10.92
N TRP D 1079 21.37 13.34 11.62
CA TRP D 1079 19.93 13.67 11.49
C TRP D 1079 19.52 14.09 10.07
N GLN D 1080 20.32 14.93 9.40
CA GLN D 1080 20.07 15.40 8.02
C GLN D 1080 20.00 14.17 7.09
N ASP D 1081 20.92 13.22 7.22
CA ASP D 1081 20.93 12.01 6.34
C ASP D 1081 19.72 11.13 6.69
N LEU D 1082 19.35 10.98 7.96
CA LEU D 1082 18.23 10.12 8.40
C LEU D 1082 16.94 10.65 7.76
N ILE D 1083 16.70 11.95 7.86
CA ILE D 1083 15.45 12.62 7.40
C ILE D 1083 15.38 12.55 5.87
N GLN D 1084 16.47 12.85 5.17
CA GLN D 1084 16.49 12.77 3.69
C GLN D 1084 16.21 11.32 3.28
N GLU D 1085 16.79 10.34 3.99
CA GLU D 1085 16.52 8.90 3.70
C GLU D 1085 15.05 8.58 3.97
N ALA D 1086 14.43 9.13 5.03
CA ALA D 1086 12.99 8.89 5.35
C ALA D 1086 12.11 9.54 4.26
N TYR D 1087 12.48 10.73 3.80
CA TYR D 1087 11.85 11.42 2.64
C TYR D 1087 11.96 10.55 1.38
N ASN D 1088 13.11 9.92 1.12
CA ASN D 1088 13.29 9.04 -0.07
C ASN D 1088 12.40 7.80 0.03
N ARG D 1089 12.00 7.40 1.25
CA ARG D 1089 11.08 6.25 1.47
C ARG D 1089 9.62 6.70 1.63
N LYS D 1090 9.31 7.99 1.46
CA LYS D 1090 7.93 8.55 1.57
C LYS D 1090 7.40 8.31 2.99
N ILE D 1091 8.30 8.26 3.98
CA ILE D 1091 7.88 8.36 5.40
C ILE D 1091 7.23 9.72 5.59
N ASN D 1092 6.11 9.73 6.30
CA ASN D 1092 5.37 10.98 6.62
C ASN D 1092 6.08 11.69 7.78
N LEU D 1093 6.59 12.90 7.55
CA LEU D 1093 7.36 13.67 8.57
C LEU D 1093 6.49 14.74 9.21
N ILE D 1094 5.18 14.57 9.07
CA ILE D 1094 4.13 15.41 9.70
C ILE D 1094 3.36 14.50 10.63
N ALA D 1095 3.15 14.93 11.88
CA ALA D 1095 2.31 14.25 12.88
C ALA D 1095 1.51 15.29 13.67
N SER D 1096 0.22 15.00 13.84
CA SER D 1096 -0.73 15.82 14.63
C SER D 1096 -1.20 15.00 15.83
N ASP D 1097 -1.15 15.55 17.04
CA ASP D 1097 -1.73 14.86 18.22
C ASP D 1097 -2.40 15.87 19.15
N GLN D 1098 -2.77 15.41 20.35
CA GLN D 1098 -3.39 16.27 21.39
C GLN D 1098 -3.01 15.79 22.80
N CYS D 1099 -3.24 16.66 23.76
CA CYS D 1099 -3.35 16.34 25.19
C CYS D 1099 -4.76 16.69 25.65
N LYS D 1100 -5.40 15.77 26.36
CA LYS D 1100 -6.75 15.92 26.98
C LYS D 1100 -6.65 15.67 28.49
N GLN D 1101 -7.61 16.20 29.26
CA GLN D 1101 -7.78 15.92 30.71
C GLN D 1101 -7.79 14.41 30.96
N GLY D 1102 -6.96 13.94 31.90
CA GLY D 1102 -6.80 12.53 32.29
C GLY D 1102 -5.47 11.98 31.79
N ASP D 1103 -4.87 12.61 30.78
CA ASP D 1103 -3.53 12.18 30.27
C ASP D 1103 -2.50 12.25 31.40
N MET D 1104 -2.56 13.29 32.24
CA MET D 1104 -1.65 13.50 33.38
C MET D 1104 -2.45 13.56 34.70
N ASP D 1105 -1.79 13.20 35.79
CA ASP D 1105 -2.40 13.17 37.15
C ASP D 1105 -2.31 14.56 37.77
N PRO D 1106 -3.38 15.01 38.47
CA PRO D 1106 -3.35 16.29 39.20
C PRO D 1106 -2.33 16.22 40.35
N TYR D 1107 -1.95 17.39 40.87
CA TYR D 1107 -0.96 17.48 41.98
C TYR D 1107 -1.12 18.81 42.70
N SER D 1108 -0.33 19.01 43.75
CA SER D 1108 -0.27 20.26 44.54
C SER D 1108 1.13 20.87 44.44
N VAL D 1109 1.22 22.16 44.72
CA VAL D 1109 2.49 22.93 44.76
C VAL D 1109 2.57 23.58 46.13
N CYS D 1110 3.55 23.20 46.95
CA CYS D 1110 3.83 23.86 48.25
C CYS D 1110 4.80 25.03 48.00
N GLY D 1111 4.60 26.15 48.67
CA GLY D 1111 5.48 27.31 48.59
C GLY D 1111 5.51 28.01 49.93
N LEU D 1112 6.58 28.76 50.20
CA LEU D 1112 6.68 29.59 51.42
C LEU D 1112 7.25 30.96 51.02
N CYS D 1113 6.82 31.99 51.73
CA CYS D 1113 7.32 33.36 51.53
C CYS D 1113 7.54 34.05 52.88
N LEU D 1114 8.68 34.71 53.03
CA LEU D 1114 9.00 35.60 54.16
C LEU D 1114 9.27 36.97 53.57
N THR D 1115 8.51 37.98 53.97
CA THR D 1115 8.60 39.38 53.45
C THR D 1115 8.91 40.32 54.62
N GLU D 1116 9.85 41.22 54.41
CA GLU D 1116 10.32 42.20 55.44
C GLU D 1116 9.91 43.58 54.94
N VAL D 1117 9.28 44.39 55.78
CA VAL D 1117 8.92 45.79 55.43
C VAL D 1117 9.46 46.74 56.50
N GLU D 1118 9.66 47.97 56.09
CA GLU D 1118 9.86 49.15 56.96
C GLU D 1118 8.76 50.15 56.62
N LEU D 1119 8.09 50.69 57.63
CA LEU D 1119 6.91 51.59 57.49
C LEU D 1119 7.26 52.96 58.06
N ASP D 1120 6.98 54.02 57.30
CA ASP D 1120 6.95 55.42 57.80
C ASP D 1120 5.55 55.70 58.34
N VAL D 1121 5.39 55.63 59.66
CA VAL D 1121 4.06 55.81 60.32
C VAL D 1121 3.46 57.17 59.96
N LEU D 1122 4.27 58.19 59.71
CA LEU D 1122 3.75 59.58 59.54
C LEU D 1122 3.16 59.78 58.15
N THR D 1123 3.71 59.11 57.13
CA THR D 1123 3.28 59.19 55.70
C THR D 1123 2.38 58.00 55.34
N GLY D 1124 2.78 56.79 55.75
CA GLY D 1124 2.11 55.52 55.42
C GLY D 1124 2.87 54.80 54.33
N ASN D 1125 3.87 55.48 53.75
CA ASN D 1125 4.82 54.88 52.79
C ASN D 1125 5.58 53.75 53.50
N TYR D 1126 6.03 52.76 52.73
CA TYR D 1126 6.83 51.62 53.22
C TYR D 1126 7.79 51.22 52.12
N ILE D 1127 8.84 50.50 52.46
CA ILE D 1127 9.74 49.86 51.47
C ILE D 1127 9.72 48.37 51.76
N VAL D 1128 9.32 47.57 50.77
CA VAL D 1128 9.50 46.09 50.86
C VAL D 1128 11.00 45.84 50.71
N GLY D 1129 11.61 45.27 51.75
CA GLY D 1129 13.02 44.89 51.78
C GLY D 1129 13.22 43.48 51.27
N ARG D 1130 13.81 42.63 52.09
CA ARG D 1130 14.13 41.26 51.66
C ARG D 1130 12.84 40.43 51.63
N VAL D 1131 12.56 39.78 50.49
CA VAL D 1131 11.54 38.70 50.31
C VAL D 1131 12.27 37.39 50.00
N ASP D 1132 11.93 36.33 50.73
CA ASP D 1132 12.37 34.93 50.48
C ASP D 1132 11.18 34.09 49.99
N ILE D 1133 11.33 33.45 48.82
CA ILE D 1133 10.33 32.53 48.22
C ILE D 1133 11.00 31.17 48.01
N LEU D 1134 10.44 30.12 48.61
CA LEU D 1134 10.73 28.69 48.33
C LEU D 1134 9.50 28.10 47.63
N GLU D 1135 9.66 27.41 46.50
CA GLU D 1135 8.53 26.76 45.80
C GLU D 1135 8.99 25.43 45.22
N ASP D 1136 8.11 24.43 45.33
CA ASP D 1136 8.26 23.09 44.71
C ASP D 1136 7.80 23.23 43.25
N THR D 1137 8.77 23.30 42.32
CA THR D 1137 8.53 23.31 40.86
C THR D 1137 8.91 21.94 40.29
N GLY D 1138 9.03 20.92 41.14
CA GLY D 1138 9.66 19.62 40.79
C GLY D 1138 11.00 19.85 40.14
N GLU D 1139 11.36 19.02 39.15
CA GLU D 1139 12.41 19.31 38.15
C GLU D 1139 11.85 20.31 37.14
N SER D 1140 12.20 21.58 37.29
CA SER D 1140 11.77 22.70 36.39
C SER D 1140 12.12 22.33 34.95
N LEU D 1141 11.16 22.40 34.02
CA LEU D 1141 11.41 22.26 32.57
C LEU D 1141 12.42 23.32 32.13
N ASN D 1142 12.34 24.49 32.75
CA ASN D 1142 13.17 25.68 32.42
C ASN D 1142 13.20 26.62 33.62
N PRO D 1143 14.28 26.56 34.44
CA PRO D 1143 14.39 27.41 35.61
C PRO D 1143 14.25 28.92 35.30
N ASN D 1144 14.78 29.40 34.19
CA ASN D 1144 14.65 30.82 33.78
C ASN D 1144 13.17 31.16 33.63
N VAL D 1145 12.41 30.30 32.95
CA VAL D 1145 10.95 30.53 32.74
C VAL D 1145 10.25 30.50 34.11
N ASP D 1146 10.58 29.50 34.93
CA ASP D 1146 9.85 29.23 36.19
C ASP D 1146 10.18 30.30 37.24
N ILE D 1147 11.42 30.81 37.26
CA ILE D 1147 11.79 31.99 38.11
C ILE D 1147 10.97 33.18 37.64
N GLY D 1148 10.94 33.40 36.32
CA GLY D 1148 10.16 34.52 35.75
C GLY D 1148 8.71 34.48 36.19
N GLN D 1149 8.10 33.30 36.14
CA GLN D 1149 6.67 33.11 36.45
C GLN D 1149 6.44 33.43 37.94
N ILE D 1150 7.26 32.86 38.83
CA ILE D 1150 7.20 33.13 40.30
C ILE D 1150 7.36 34.63 40.54
N GLU D 1151 8.39 35.25 39.97
CA GLU D 1151 8.71 36.67 40.23
C GLU D 1151 7.51 37.51 39.79
N GLY D 1152 7.00 37.22 38.61
CA GLY D 1152 5.86 37.96 38.02
C GLY D 1152 4.58 37.75 38.81
N ALA D 1153 4.26 36.49 39.12
CA ALA D 1153 3.05 36.15 39.92
C ALA D 1153 3.16 36.84 41.29
N PHE D 1154 4.32 36.75 41.93
CA PHE D 1154 4.51 37.35 43.28
C PHE D 1154 4.21 38.85 43.16
N MET D 1155 4.74 39.49 42.13
CA MET D 1155 4.69 40.98 42.01
C MET D 1155 3.26 41.43 41.68
N MET D 1156 2.50 40.63 40.95
CA MET D 1156 1.08 40.97 40.67
C MET D 1156 0.33 40.99 42.00
N GLY D 1157 0.61 40.03 42.88
CA GLY D 1157 -0.01 39.96 44.22
C GLY D 1157 0.45 41.12 45.11
N LEU D 1158 1.75 41.41 45.12
CA LEU D 1158 2.32 42.57 45.85
C LEU D 1158 1.51 43.80 45.47
N GLY D 1159 1.30 43.99 44.17
CA GLY D 1159 0.51 45.13 43.64
C GLY D 1159 -0.87 45.13 44.26
N TYR D 1160 -1.49 43.96 44.35
CA TYR D 1160 -2.86 43.80 44.88
C TYR D 1160 -2.92 44.26 46.35
N TRP D 1161 -1.86 43.98 47.12
CA TRP D 1161 -1.80 44.23 48.59
C TRP D 1161 -1.15 45.57 48.93
N THR D 1162 -0.75 46.38 47.96
CA THR D 1162 0.02 47.62 48.22
C THR D 1162 -0.70 48.83 47.60
N SER D 1163 -0.62 49.01 46.28
CA SER D 1163 -0.98 50.27 45.59
C SER D 1163 -2.19 50.12 44.66
N GLU D 1164 -2.52 48.92 44.21
CA GLU D 1164 -3.62 48.76 43.22
C GLU D 1164 -4.93 48.98 43.96
N GLN D 1165 -5.80 49.83 43.41
CA GLN D 1165 -7.09 50.20 44.03
C GLN D 1165 -8.10 50.61 42.96
N VAL D 1166 -9.29 50.02 42.99
CA VAL D 1166 -10.43 50.33 42.06
C VAL D 1166 -11.53 50.95 42.89
N ILE D 1167 -12.10 52.06 42.42
CA ILE D 1167 -13.20 52.78 43.12
C ILE D 1167 -14.35 53.04 42.14
N ALA D 1168 -15.55 52.61 42.49
CA ALA D 1168 -16.81 52.95 41.82
C ALA D 1168 -17.38 54.23 42.46
N ASP D 1169 -17.76 55.22 41.64
CA ASP D 1169 -18.64 56.33 42.07
C ASP D 1169 -19.88 55.71 42.70
N PRO D 1170 -20.18 55.88 44.01
CA PRO D 1170 -21.27 55.15 44.65
C PRO D 1170 -22.67 55.61 44.21
N LYS D 1171 -22.74 56.73 43.47
CA LYS D 1171 -23.99 57.42 43.04
C LYS D 1171 -24.31 57.07 41.56
N THR D 1172 -23.31 57.07 40.66
CA THR D 1172 -23.47 56.74 39.21
C THR D 1172 -23.10 55.28 38.92
N GLY D 1173 -22.09 54.75 39.62
CA GLY D 1173 -21.55 53.40 39.43
C GLY D 1173 -20.39 53.38 38.45
N GLU D 1174 -19.99 54.53 37.92
CA GLU D 1174 -18.82 54.63 37.01
C GLU D 1174 -17.58 54.10 37.74
N CYS D 1175 -16.74 53.33 37.05
CA CYS D 1175 -15.39 52.94 37.54
C CYS D 1175 -14.44 54.14 37.34
N LEU D 1176 -14.28 54.96 38.37
CA LEU D 1176 -13.51 56.23 38.33
C LEU D 1176 -12.02 55.93 38.13
N THR D 1177 -11.53 54.77 38.57
CA THR D 1177 -10.08 54.41 38.48
C THR D 1177 -9.84 53.69 37.16
N ASN D 1178 -9.73 54.46 36.07
CA ASN D 1178 -9.92 53.95 34.69
C ASN D 1178 -8.75 54.35 33.78
N ARG D 1179 -7.58 54.67 34.33
CA ARG D 1179 -6.41 55.03 33.50
C ARG D 1179 -5.13 54.94 34.35
N THR D 1180 -3.97 55.15 33.74
CA THR D 1180 -2.69 55.02 34.45
C THR D 1180 -2.63 56.12 35.52
N TRP D 1181 -3.32 57.25 35.29
CA TRP D 1181 -3.36 58.40 36.25
C TRP D 1181 -3.97 57.97 37.58
N THR D 1182 -4.93 57.04 37.55
CA THR D 1182 -5.75 56.66 38.74
C THR D 1182 -5.60 55.17 39.06
N TYR D 1183 -4.72 54.41 38.39
CA TYR D 1183 -4.44 52.98 38.69
C TYR D 1183 -2.94 52.71 38.68
N LYS D 1184 -2.44 52.13 39.77
CA LYS D 1184 -1.01 52.14 40.16
C LYS D 1184 -0.51 50.73 40.46
N PRO D 1185 -0.17 49.94 39.41
CA PRO D 1185 0.49 48.66 39.59
C PRO D 1185 1.92 48.87 40.03
N PRO D 1186 2.60 47.81 40.51
CA PRO D 1186 4.00 47.91 40.88
C PRO D 1186 4.91 48.39 39.75
N GLY D 1187 5.79 49.35 40.09
CA GLY D 1187 6.89 49.92 39.27
C GLY D 1187 8.22 49.33 39.71
N ALA D 1188 9.30 49.66 38.99
CA ALA D 1188 10.65 49.07 39.15
C ALA D 1188 11.17 49.29 40.57
N LYS D 1189 10.74 50.35 41.26
CA LYS D 1189 11.26 50.67 42.62
C LYS D 1189 10.27 50.21 43.70
N ASP D 1190 9.15 49.55 43.33
CA ASP D 1190 8.15 49.03 44.29
C ASP D 1190 8.43 47.57 44.61
N ILE D 1191 9.42 46.96 43.96
CA ILE D 1191 9.75 45.51 44.09
C ILE D 1191 10.62 45.32 45.32
N PRO D 1192 10.68 44.10 45.92
CA PRO D 1192 11.61 43.83 47.01
C PRO D 1192 13.06 44.24 46.68
N THR D 1193 13.73 44.92 47.61
CA THR D 1193 15.14 45.38 47.48
C THR D 1193 16.05 44.15 47.45
N ASP D 1194 15.58 43.06 48.05
CA ASP D 1194 16.36 41.79 48.14
C ASP D 1194 15.41 40.62 47.86
N LEU D 1195 15.30 40.24 46.58
CA LEU D 1195 14.33 39.19 46.12
C LEU D 1195 15.09 37.88 45.89
N ARG D 1196 14.85 36.89 46.76
CA ARG D 1196 15.55 35.58 46.79
C ARG D 1196 14.56 34.46 46.53
N ILE D 1197 14.72 33.77 45.39
CA ILE D 1197 13.81 32.67 44.92
C ILE D 1197 14.57 31.35 44.96
N GLU D 1198 14.03 30.36 45.65
CA GLU D 1198 14.57 28.99 45.61
C GLU D 1198 13.51 28.02 45.04
N LEU D 1199 13.91 27.27 44.01
CA LEU D 1199 13.16 26.09 43.50
C LEU D 1199 13.60 24.86 44.31
N LEU D 1200 12.67 24.23 45.02
CA LEU D 1200 12.96 23.10 45.95
C LEU D 1200 13.74 22.01 45.22
N PRO D 1201 14.96 21.66 45.70
CA PRO D 1201 15.72 20.54 45.13
C PRO D 1201 15.16 19.17 45.54
N LYS D 1202 15.57 18.13 44.80
CA LYS D 1202 15.35 16.69 45.11
C LYS D 1202 13.86 16.43 45.35
N SER D 1203 12.99 17.02 44.52
CA SER D 1203 11.52 16.90 44.69
C SER D 1203 10.86 16.60 43.36
N PRO D 1204 11.18 15.46 42.70
CA PRO D 1204 10.57 15.12 41.41
C PRO D 1204 9.06 14.83 41.53
N ASN D 1205 8.23 15.39 40.63
CA ASN D 1205 6.76 15.21 40.62
C ASN D 1205 6.45 13.79 40.13
N LYS D 1206 5.75 12.99 40.93
CA LYS D 1206 5.27 11.64 40.51
C LYS D 1206 4.14 11.82 39.48
N ALA D 1207 3.50 12.99 39.44
CA ALA D 1207 2.36 13.33 38.55
C ALA D 1207 2.83 14.37 37.53
N GLY D 1208 1.92 14.91 36.73
CA GLY D 1208 2.23 16.01 35.80
C GLY D 1208 3.10 15.53 34.64
N PHE D 1209 3.94 16.42 34.11
CA PHE D 1209 4.78 16.21 32.92
C PHE D 1209 6.25 16.25 33.33
N MET D 1210 6.98 15.19 33.00
CA MET D 1210 8.46 15.05 33.11
C MET D 1210 8.92 15.49 34.51
N ARG D 1211 8.22 15.06 35.56
CA ARG D 1211 8.60 15.30 36.98
CA ARG D 1211 8.59 15.30 36.99
C ARG D 1211 8.56 16.81 37.31
N SER D 1212 7.98 17.64 36.44
CA SER D 1212 7.86 19.12 36.59
C SER D 1212 6.56 19.50 37.30
N LYS D 1213 6.54 20.68 37.93
CA LYS D 1213 5.29 21.33 38.42
C LYS D 1213 5.13 22.75 37.83
N ALA D 1214 3.88 23.20 37.76
CA ALA D 1214 3.45 24.50 37.19
C ALA D 1214 3.83 25.63 38.15
N THR D 1215 4.13 26.79 37.57
CA THR D 1215 4.65 27.99 38.27
C THR D 1215 3.84 29.24 37.88
N GLY D 1216 2.93 29.13 36.92
CA GLY D 1216 2.29 30.30 36.30
C GLY D 1216 1.44 31.08 37.28
N GLU D 1217 0.84 30.40 38.26
CA GLU D 1217 -0.16 31.02 39.16
C GLU D 1217 0.27 30.97 40.64
N PRO D 1218 0.72 29.83 41.22
CA PRO D 1218 0.80 29.67 42.68
C PRO D 1218 1.39 30.85 43.49
N ALA D 1219 2.47 31.49 43.03
CA ALA D 1219 3.27 32.44 43.85
C ALA D 1219 2.47 33.70 44.16
N ILE D 1220 1.43 34.03 43.38
CA ILE D 1220 0.60 35.24 43.68
C ILE D 1220 -0.17 35.01 45.00
N CYS D 1221 -0.39 33.77 45.41
CA CYS D 1221 -1.10 33.45 46.67
C CYS D 1221 -0.22 33.77 47.88
N LEU D 1222 1.10 33.89 47.69
CA LEU D 1222 2.08 34.15 48.78
C LEU D 1222 2.19 35.65 49.06
N SER D 1223 1.79 36.50 48.11
CA SER D 1223 2.00 37.96 48.12
C SER D 1223 1.40 38.60 49.38
N ILE D 1224 0.36 37.99 49.97
CA ILE D 1224 -0.26 38.44 51.24
C ILE D 1224 0.80 38.59 52.37
N ALA D 1225 1.97 37.94 52.27
CA ALA D 1225 3.11 38.10 53.23
C ALA D 1225 3.47 39.58 53.39
N VAL D 1226 3.38 40.37 52.31
CA VAL D 1226 3.59 41.83 52.38
C VAL D 1226 2.60 42.43 53.38
N ALA D 1227 1.32 42.09 53.26
CA ALA D 1227 0.23 42.65 54.09
C ALA D 1227 0.44 42.30 55.57
N PHE D 1228 0.85 41.06 55.86
CA PHE D 1228 1.12 40.54 57.24
C PHE D 1228 2.34 41.25 57.84
N ALA D 1229 3.38 41.52 57.04
CA ALA D 1229 4.55 42.36 57.42
C ALA D 1229 4.07 43.76 57.83
N LEU D 1230 3.32 44.42 56.95
CA LEU D 1230 2.81 45.79 57.19
C LEU D 1230 1.95 45.80 58.46
N GLN D 1231 1.27 44.69 58.73
CA GLN D 1231 0.34 44.53 59.88
C GLN D 1231 1.13 44.49 61.20
N GLN D 1232 2.24 43.75 61.26
CA GLN D 1232 3.14 43.71 62.44
C GLN D 1232 3.60 45.15 62.76
N ALA D 1233 3.98 45.90 61.72
CA ALA D 1233 4.46 47.30 61.81
C ALA D 1233 3.32 48.21 62.28
N LEU D 1234 2.14 48.09 61.67
CA LEU D 1234 0.94 48.89 62.02
C LEU D 1234 0.55 48.66 63.49
N GLN D 1235 0.73 47.43 64.01
CA GLN D 1235 0.33 47.06 65.39
C GLN D 1235 1.32 47.66 66.39
N SER D 1236 2.62 47.70 66.05
CA SER D 1236 3.66 48.35 66.89
C SER D 1236 3.34 49.84 67.05
N ALA D 1237 3.03 50.52 65.94
CA ALA D 1237 2.63 51.95 65.91
C ALA D 1237 1.37 52.16 66.77
N ARG D 1238 0.41 51.23 66.73
CA ARG D 1238 -0.86 51.35 67.49
C ARG D 1238 -0.59 51.26 69.00
N ASP D 1239 0.28 50.33 69.43
CA ASP D 1239 0.71 50.16 70.84
C ASP D 1239 1.30 51.49 71.32
N ASP D 1240 2.26 52.05 70.58
CA ASP D 1240 2.91 53.37 70.84
C ASP D 1240 1.86 54.48 70.91
N ALA D 1241 0.80 54.44 70.09
CA ALA D 1241 -0.25 55.48 70.08
C ALA D 1241 -1.19 55.36 71.29
N GLY D 1242 -1.10 54.27 72.05
CA GLY D 1242 -1.99 53.96 73.20
C GLY D 1242 -3.36 53.45 72.75
N VAL D 1243 -3.52 53.08 71.49
CA VAL D 1243 -4.76 52.42 70.98
C VAL D 1243 -4.94 51.14 71.78
N PRO D 1244 -6.12 50.87 72.37
CA PRO D 1244 -6.34 49.58 73.02
C PRO D 1244 -6.09 48.48 71.97
N LYS D 1245 -5.38 47.42 72.37
CA LYS D 1245 -4.97 46.29 71.50
C LYS D 1245 -6.21 45.74 70.78
N SER D 1246 -6.23 45.87 69.45
CA SER D 1246 -7.37 45.50 68.58
C SER D 1246 -6.83 45.09 67.19
N TRP D 1247 -7.35 43.99 66.63
CA TRP D 1247 -6.97 43.51 65.28
C TRP D 1247 -7.51 44.50 64.24
N VAL D 1248 -6.72 44.84 63.23
CA VAL D 1248 -7.20 45.73 62.14
C VAL D 1248 -7.51 44.82 60.94
N THR D 1249 -8.74 44.89 60.41
CA THR D 1249 -9.14 44.13 59.20
C THR D 1249 -8.02 44.29 58.16
N LEU D 1250 -7.46 43.19 57.67
CA LEU D 1250 -6.50 43.17 56.55
C LEU D 1250 -7.23 43.54 55.26
N THR D 1251 -6.64 44.41 54.44
CA THR D 1251 -7.26 44.92 53.17
C THR D 1251 -6.24 44.80 52.02
N ALA D 1252 -6.68 44.21 50.90
CA ALA D 1252 -6.05 44.39 49.58
C ALA D 1252 -6.76 45.57 48.93
N PRO D 1253 -6.14 46.77 48.84
CA PRO D 1253 -4.73 46.99 49.19
C PRO D 1253 -4.43 47.63 50.55
N MET D 1254 -3.21 47.43 51.05
CA MET D 1254 -2.63 48.08 52.25
C MET D 1254 -1.91 49.35 51.78
N THR D 1255 -2.68 50.37 51.43
CA THR D 1255 -2.16 51.66 50.91
C THR D 1255 -1.63 52.48 52.09
N PRO D 1256 -0.67 53.40 51.84
CA PRO D 1256 -0.26 54.39 52.84
C PRO D 1256 -1.45 55.01 53.59
N GLU D 1257 -2.52 55.36 52.86
CA GLU D 1257 -3.79 55.92 53.38
C GLU D 1257 -4.40 54.98 54.43
N HIS D 1258 -4.51 53.70 54.11
CA HIS D 1258 -5.06 52.64 55.01
C HIS D 1258 -4.21 52.55 56.28
N LEU D 1259 -2.89 52.61 56.14
CA LEU D 1259 -1.94 52.37 57.25
C LEU D 1259 -1.99 53.57 58.22
N VAL D 1260 -1.95 54.80 57.71
CA VAL D 1260 -2.09 56.02 58.56
C VAL D 1260 -3.47 56.03 59.24
N LEU D 1261 -4.54 55.78 58.51
CA LEU D 1261 -5.93 55.82 59.05
C LEU D 1261 -6.11 54.86 60.22
N HIS D 1262 -5.25 53.85 60.40
CA HIS D 1262 -5.42 52.81 61.46
C HIS D 1262 -4.20 52.75 62.39
N SER D 1263 -3.23 53.65 62.23
CA SER D 1263 -1.98 53.72 63.04
C SER D 1263 -2.23 54.38 64.41
N GLY D 1264 -3.38 55.05 64.58
CA GLY D 1264 -3.81 55.70 65.83
C GLY D 1264 -3.17 57.06 66.04
N THR D 1265 -2.44 57.58 65.04
CA THR D 1265 -1.63 58.83 65.14
C THR D 1265 -2.56 60.02 65.34
N GLU D 1266 -2.25 60.86 66.34
CA GLU D 1266 -2.98 62.10 66.72
C GLU D 1266 -1.92 63.20 66.87
N PRO D 1267 -2.04 64.36 66.18
CA PRO D 1267 -1.07 65.46 66.31
C PRO D 1267 -0.69 66.00 67.71
N SER D 1268 -1.32 65.55 68.81
CA SER D 1268 -0.78 65.72 70.20
C SER D 1268 0.52 64.89 70.37
N GLN D 1269 0.62 63.74 69.70
CA GLN D 1269 1.78 62.81 69.85
C GLN D 1269 3.05 63.38 69.20
N PHE D 1270 2.92 64.44 68.41
CA PHE D 1270 4.04 65.09 67.69
C PHE D 1270 4.87 65.88 68.70
N LYS D 1271 5.74 65.17 69.41
CA LYS D 1271 6.71 65.71 70.38
C LYS D 1271 8.12 65.61 69.78
N LEU D 1272 9.01 66.56 70.13
CA LEU D 1272 10.47 66.52 69.82
C LEU D 1272 11.24 65.81 70.96
N ASN D 1273 10.66 65.75 72.16
CA ASN D 1273 11.28 65.23 73.41
C ASN D 1273 10.29 64.33 74.16
#